data_4WL2
#
_entry.id   4WL2
#
_cell.length_a   118.447
_cell.length_b   150.206
_cell.length_c   185.630
_cell.angle_alpha   90.00
_cell.angle_beta   90.00
_cell.angle_gamma   90.00
#
_symmetry.space_group_name_H-M   'P 21 21 21'
#
loop_
_entity.id
_entity.type
_entity.pdbx_description
1 polymer 'Putative exported choloylglycine hydrolase'
2 water water
#
_entity_poly.entity_id   1
_entity_poly.type   'polypeptide(L)'
_entity_poly.pdbx_seq_one_letter_code
;CTRFVYLDPHNPDYPITARSMDWADDTETNLWIFPQELKRSGGAGQYSLEWTSKYGSVIASAFDGRKGMASTTDGVNEKG
LAANVLWLAESEYPKTKPTAKKPGLSVAAWAQYVLDNFATVDEAVKSLQQEKFILVTKQVEGQKRLATLHLSLSDSSGDS
AIIEYIDGKQVIHHSKNYQVMTNSPTFDQQLTLNAYWDQIGGNVMLPGTNRAADRFVRASFYVKNVNPNKLIPGVAEKGK
IEKDKADLATAFSIIRNASVPYGYSLPDMPNIASTRWRTVVDHKSLQYFFESAVSPNIFWVDLKKINFAPRGGSAAKLDL
GPNQSTIYSGQASGHFKPAQPFEFAGLLEHHHHHH
;
_entity_poly.pdbx_strand_id   A,B,C,D,E,F,G,H
#
# COMPACT_ATOMS: atom_id res chain seq x y z
N CYS A 1 24.11 23.19 -17.17
CA CYS A 1 23.95 24.33 -16.27
C CYS A 1 23.81 23.89 -14.83
N THR A 2 24.23 24.80 -13.96
CA THR A 2 24.13 24.61 -12.54
C THR A 2 23.57 25.87 -11.92
N ARG A 3 22.68 25.68 -10.95
CA ARG A 3 22.16 26.78 -10.18
C ARG A 3 22.09 26.42 -8.73
N PHE A 4 22.34 27.42 -7.88
CA PHE A 4 22.07 27.21 -6.49
C PHE A 4 21.65 28.46 -5.77
N VAL A 5 21.07 28.27 -4.60
CA VAL A 5 20.81 29.34 -3.70
C VAL A 5 21.68 29.09 -2.46
N TYR A 6 22.50 30.06 -2.10
CA TYR A 6 23.39 29.96 -0.94
C TYR A 6 22.84 30.73 0.25
N LEU A 7 22.76 30.06 1.40
CA LEU A 7 22.24 30.62 2.67
C LEU A 7 23.28 30.41 3.75
N ASP A 8 23.76 31.51 4.34
CA ASP A 8 24.77 31.50 5.40
C ASP A 8 24.05 31.53 6.73
N PRO A 9 24.25 30.50 7.56
CA PRO A 9 23.60 30.47 8.88
C PRO A 9 24.01 31.68 9.75
N HIS A 10 25.23 32.18 9.59
CA HIS A 10 25.72 33.30 10.37
C HIS A 10 25.42 34.65 9.73
N ASN A 11 24.68 34.66 8.62
CA ASN A 11 24.26 35.89 8.01
C ASN A 11 22.87 35.69 7.38
N PRO A 12 21.86 35.51 8.23
CA PRO A 12 20.51 35.22 7.78
C PRO A 12 19.85 36.38 7.03
N ASP A 13 18.75 36.06 6.35
CA ASP A 13 17.99 36.99 5.50
C ASP A 13 18.88 37.69 4.49
N TYR A 14 19.74 36.89 3.87
CA TYR A 14 20.63 37.36 2.81
C TYR A 14 20.95 36.23 1.80
N PRO A 15 19.93 35.71 1.13
CA PRO A 15 20.12 34.70 0.09
C PRO A 15 20.77 35.21 -1.18
N ILE A 16 21.54 34.35 -1.81
CA ILE A 16 22.26 34.64 -3.03
C ILE A 16 22.07 33.50 -4.00
N THR A 17 21.61 33.82 -5.20
CA THR A 17 21.40 32.82 -6.22
C THR A 17 22.55 32.89 -7.18
N ALA A 18 23.03 31.76 -7.66
CA ALA A 18 24.11 31.75 -8.63
C ALA A 18 23.80 30.72 -9.69
N ARG A 19 24.20 31.02 -10.92
CA ARG A 19 23.96 30.11 -12.00
C ARG A 19 25.06 30.12 -13.00
N SER A 20 25.27 28.97 -13.63
CA SER A 20 26.24 28.88 -14.71
C SER A 20 25.44 28.57 -15.99
N MET A 21 25.81 29.15 -17.11
CA MET A 21 25.23 28.79 -18.40
C MET A 21 26.24 27.95 -19.16
N ASP A 22 25.83 26.72 -19.49
CA ASP A 22 26.70 25.77 -20.19
C ASP A 22 26.18 25.46 -21.63
N TRP A 23 27.01 25.75 -22.62
CA TRP A 23 26.66 25.64 -24.04
C TRP A 23 27.93 25.60 -24.87
N ALA A 24 27.93 24.79 -25.90
CA ALA A 24 29.14 24.58 -26.70
C ALA A 24 29.47 25.76 -27.64
N ASP A 25 28.51 26.66 -27.88
CA ASP A 25 28.68 27.76 -28.86
C ASP A 25 28.39 29.12 -28.21
N ASP A 26 28.84 30.20 -28.85
CA ASP A 26 28.52 31.55 -28.39
C ASP A 26 26.99 31.68 -28.28
N THR A 27 26.51 32.22 -27.16
CA THR A 27 25.08 32.45 -26.99
C THR A 27 24.70 33.87 -27.31
N GLU A 28 25.67 34.71 -27.63
CA GLU A 28 25.36 36.05 -28.11
C GLU A 28 24.48 36.73 -27.08
N THR A 29 24.86 36.52 -25.81
CA THR A 29 24.09 37.06 -24.73
C THR A 29 24.38 38.59 -24.53
N ASN A 30 23.31 39.30 -24.20
CA ASN A 30 23.36 40.71 -23.79
C ASN A 30 22.44 40.83 -22.58
N LEU A 31 22.50 41.97 -21.90
CA LEU A 31 21.62 42.24 -20.81
C LEU A 31 20.55 43.23 -21.26
N TRP A 32 19.40 43.16 -20.61
CA TRP A 32 18.28 44.01 -20.98
C TRP A 32 17.60 44.50 -19.74
N ILE A 33 17.20 45.77 -19.78
CA ILE A 33 16.26 46.31 -18.81
C ILE A 33 14.91 46.32 -19.48
N PHE A 34 13.93 45.73 -18.81
CA PHE A 34 12.55 45.71 -19.32
C PHE A 34 11.66 46.42 -18.31
N PRO A 35 11.13 47.59 -18.68
CA PRO A 35 10.31 48.33 -17.74
C PRO A 35 8.94 47.73 -17.53
N GLN A 36 8.23 48.32 -16.56
CA GLN A 36 6.87 47.93 -16.25
C GLN A 36 5.96 48.22 -17.42
N GLU A 37 4.91 47.41 -17.53
CA GLU A 37 3.79 47.63 -18.46
C GLU A 37 4.10 47.35 -19.92
N LEU A 38 5.09 46.52 -20.19
CA LEU A 38 5.30 46.10 -21.56
C LEU A 38 4.19 45.13 -21.92
N LYS A 39 3.63 45.31 -23.11
CA LYS A 39 2.59 44.41 -23.60
C LYS A 39 3.27 43.29 -24.35
N ARG A 40 2.99 42.05 -23.97
CA ARG A 40 3.71 40.92 -24.54
C ARG A 40 2.78 39.81 -25.01
N SER A 41 3.24 39.10 -26.02
CA SER A 41 2.52 38.03 -26.63
C SER A 41 3.35 36.75 -26.47
N GLY A 42 2.70 35.64 -26.19
CA GLY A 42 3.36 34.37 -25.95
C GLY A 42 4.16 33.73 -27.10
N GLY A 43 4.00 34.22 -28.33
CA GLY A 43 4.77 33.68 -29.46
C GLY A 43 4.40 32.25 -29.85
N ALA A 44 3.14 31.89 -29.69
CA ALA A 44 2.65 30.52 -29.94
C ALA A 44 1.41 30.65 -30.80
N GLY A 45 1.37 30.00 -31.97
CA GLY A 45 0.15 29.78 -32.75
C GLY A 45 -0.65 31.04 -32.94
N GLN A 46 -1.96 30.90 -33.12
CA GLN A 46 -2.93 31.97 -33.29
C GLN A 46 -3.49 32.26 -31.90
N TYR A 47 -3.38 31.28 -31.02
CA TYR A 47 -3.75 31.39 -29.60
C TYR A 47 -2.52 31.56 -28.71
N SER A 48 -1.86 32.69 -28.82
CA SER A 48 -0.74 32.97 -27.98
C SER A 48 -1.20 33.71 -26.69
N LEU A 49 -0.63 33.34 -25.54
CA LEU A 49 -0.96 33.97 -24.26
C LEU A 49 -0.54 35.44 -24.29
N GLU A 50 -1.30 36.28 -23.60
CA GLU A 50 -1.01 37.71 -23.64
C GLU A 50 -0.97 38.27 -22.24
N TRP A 51 -0.07 39.20 -22.00
CA TRP A 51 -0.01 39.86 -20.71
C TRP A 51 0.70 41.18 -20.81
N THR A 52 0.52 41.97 -19.77
CA THR A 52 1.17 43.23 -19.61
C THR A 52 2.04 43.15 -18.35
N SER A 53 3.34 43.38 -18.48
CA SER A 53 4.26 43.15 -17.38
C SER A 53 3.92 44.06 -16.21
N LYS A 54 3.98 43.51 -15.02
CA LYS A 54 3.66 44.23 -13.81
C LYS A 54 4.93 44.72 -13.16
N TYR A 55 5.99 43.92 -13.24
CA TYR A 55 7.29 44.26 -12.63
C TYR A 55 8.42 44.34 -13.65
N GLY A 56 9.30 45.29 -13.41
CA GLY A 56 10.44 45.47 -14.28
C GLY A 56 11.52 44.48 -13.92
N SER A 57 12.39 44.20 -14.88
CA SER A 57 13.37 43.16 -14.72
C SER A 57 14.67 43.56 -15.40
N VAL A 58 15.75 42.95 -14.94
CA VAL A 58 16.99 42.94 -15.68
C VAL A 58 17.21 41.47 -16.06
N ILE A 59 17.50 41.18 -17.31
CA ILE A 59 17.63 39.79 -17.77
C ILE A 59 18.81 39.59 -18.66
N ALA A 60 19.18 38.33 -18.85
CA ALA A 60 20.24 37.97 -19.75
C ALA A 60 19.60 37.18 -20.88
N SER A 61 19.89 37.62 -22.10
CA SER A 61 19.26 37.11 -23.26
C SER A 61 20.16 36.10 -23.91
N ALA A 62 19.63 35.37 -24.87
CA ALA A 62 20.44 34.57 -25.78
C ALA A 62 19.94 34.78 -27.22
N PHE A 63 20.86 34.94 -28.15
CA PHE A 63 20.54 35.08 -29.57
C PHE A 63 19.47 36.13 -29.82
N ASP A 64 19.54 37.25 -29.12
CA ASP A 64 18.47 38.22 -29.19
C ASP A 64 18.34 38.93 -30.54
N GLY A 65 19.39 38.84 -31.35
CA GLY A 65 19.34 39.37 -32.71
C GLY A 65 18.85 38.39 -33.77
N ARG A 66 18.33 37.23 -33.39
CA ARG A 66 17.86 36.24 -34.36
C ARG A 66 16.40 35.84 -34.11
N LYS A 67 15.54 36.16 -35.08
CA LYS A 67 14.12 35.86 -35.02
C LYS A 67 13.86 34.44 -34.56
N GLY A 68 14.64 33.53 -35.12
CA GLY A 68 14.46 32.14 -34.86
C GLY A 68 14.72 31.65 -33.44
N MET A 69 15.54 32.37 -32.67
CA MET A 69 16.08 31.80 -31.42
C MET A 69 16.11 32.67 -30.19
N ALA A 70 15.57 33.87 -30.26
CA ALA A 70 15.80 34.82 -29.20
C ALA A 70 15.06 34.39 -27.95
N SER A 71 15.75 34.37 -26.81
CA SER A 71 15.10 34.07 -25.54
C SER A 71 15.63 34.87 -24.36
N THR A 72 14.80 34.95 -23.32
CA THR A 72 15.27 35.31 -22.00
C THR A 72 15.72 34.01 -21.31
N THR A 73 16.98 33.97 -20.86
CA THR A 73 17.55 32.79 -20.17
C THR A 73 17.71 32.90 -18.68
N ASP A 74 17.69 34.11 -18.15
CA ASP A 74 18.10 34.33 -16.79
C ASP A 74 17.72 35.73 -16.42
N GLY A 75 17.39 35.97 -15.17
CA GLY A 75 17.11 37.33 -14.76
C GLY A 75 16.61 37.50 -13.35
N VAL A 76 16.47 38.74 -12.94
CA VAL A 76 15.85 39.07 -11.68
C VAL A 76 14.95 40.28 -11.88
N ASN A 77 13.82 40.31 -11.19
CA ASN A 77 12.92 41.45 -11.24
C ASN A 77 13.00 42.34 -10.01
N GLU A 78 12.31 43.47 -10.05
CA GLU A 78 12.45 44.49 -9.01
C GLU A 78 11.93 44.07 -7.64
N LYS A 79 11.27 42.91 -7.54
CA LYS A 79 10.84 42.38 -6.25
C LYS A 79 11.79 41.32 -5.65
N GLY A 80 12.85 40.98 -6.36
CA GLY A 80 13.80 40.00 -5.90
C GLY A 80 13.53 38.58 -6.37
N LEU A 81 12.51 38.40 -7.20
CA LEU A 81 12.30 37.09 -7.82
C LEU A 81 13.32 36.88 -8.91
N ALA A 82 14.05 35.77 -8.83
CA ALA A 82 15.00 35.42 -9.87
C ALA A 82 14.54 34.20 -10.64
N ALA A 83 14.85 34.14 -11.93
CA ALA A 83 14.48 32.99 -12.74
C ALA A 83 15.62 32.55 -13.59
N ASN A 84 15.80 31.24 -13.74
CA ASN A 84 16.81 30.71 -14.62
C ASN A 84 16.25 29.60 -15.49
N VAL A 85 16.60 29.66 -16.76
CA VAL A 85 16.21 28.66 -17.69
C VAL A 85 17.42 27.80 -17.91
N LEU A 86 17.36 26.58 -17.41
CA LEU A 86 18.51 25.67 -17.51
C LEU A 86 18.45 24.86 -18.79
N TRP A 87 19.47 24.97 -19.62
CA TRP A 87 19.48 24.33 -20.91
C TRP A 87 20.02 22.89 -20.84
N LEU A 88 19.86 22.17 -21.95
CA LEU A 88 20.22 20.73 -22.04
C LEU A 88 19.52 19.88 -20.97
N ALA A 89 18.23 20.12 -20.77
CA ALA A 89 17.43 19.30 -19.87
C ALA A 89 16.87 18.11 -20.62
N GLU A 90 16.13 17.24 -19.93
CA GLU A 90 15.46 16.10 -20.58
C GLU A 90 13.98 16.31 -20.29
N SER A 91 13.39 17.32 -20.91
CA SER A 91 11.97 17.59 -20.74
C SER A 91 11.22 17.11 -21.99
N GLU A 92 9.97 16.70 -21.79
CA GLU A 92 9.06 16.43 -22.88
C GLU A 92 7.87 17.33 -22.64
N TYR A 93 7.66 18.30 -23.51
CA TYR A 93 6.59 19.28 -23.34
C TYR A 93 5.22 18.73 -23.77
N PRO A 94 4.13 19.41 -23.37
CA PRO A 94 2.80 18.84 -23.66
C PRO A 94 2.55 18.56 -25.15
N LYS A 95 1.77 17.51 -25.41
CA LYS A 95 1.32 17.17 -26.77
C LYS A 95 0.15 18.10 -27.11
N THR A 96 -0.70 18.35 -26.11
CA THR A 96 -1.94 19.11 -26.25
C THR A 96 -1.68 20.44 -26.97
N LYS A 97 -2.56 20.81 -27.89
CA LYS A 97 -2.39 22.01 -28.70
C LYS A 97 -2.94 23.21 -27.97
N PRO A 98 -2.37 24.40 -28.21
CA PRO A 98 -2.93 25.61 -27.60
C PRO A 98 -4.32 25.95 -28.13
N THR A 99 -5.19 26.36 -27.22
CA THR A 99 -6.58 26.71 -27.50
C THR A 99 -6.88 28.08 -26.90
N ALA A 100 -7.89 28.76 -27.40
CA ALA A 100 -8.14 30.12 -26.94
C ALA A 100 -8.34 30.19 -25.42
N LYS A 101 -9.01 29.19 -24.85
CA LYS A 101 -9.20 29.13 -23.41
C LYS A 101 -7.87 28.85 -22.72
N LYS A 102 -7.08 27.95 -23.28
CA LYS A 102 -5.74 27.63 -22.78
C LYS A 102 -4.64 27.90 -23.81
N PRO A 103 -4.20 29.16 -23.90
CA PRO A 103 -3.32 29.57 -24.96
C PRO A 103 -1.85 29.17 -24.77
N GLY A 104 -1.08 29.36 -25.82
CA GLY A 104 0.30 28.93 -25.83
C GLY A 104 1.30 29.97 -25.33
N LEU A 105 2.36 29.49 -24.68
CA LEU A 105 3.48 30.33 -24.28
C LEU A 105 4.76 29.69 -24.78
N SER A 106 5.50 30.43 -25.61
CA SER A 106 6.78 29.91 -26.10
C SER A 106 7.77 29.70 -24.98
N VAL A 107 8.57 28.66 -25.11
CA VAL A 107 9.62 28.39 -24.13
C VAL A 107 10.56 29.57 -23.97
N ALA A 108 10.78 30.28 -25.07
CA ALA A 108 11.71 31.39 -25.09
C ALA A 108 11.29 32.50 -24.15
N ALA A 109 10.00 32.57 -23.83
CA ALA A 109 9.48 33.66 -23.01
C ALA A 109 9.06 33.18 -21.63
N TRP A 110 9.27 31.90 -21.39
CA TRP A 110 8.82 31.28 -20.17
C TRP A 110 9.32 32.02 -18.91
N ALA A 111 10.62 32.24 -18.79
CA ALA A 111 11.19 32.95 -17.63
C ALA A 111 10.75 34.39 -17.57
N GLN A 112 10.65 35.02 -18.73
CA GLN A 112 10.22 36.41 -18.80
C GLN A 112 8.81 36.58 -18.27
N TYR A 113 7.95 35.65 -18.66
CA TYR A 113 6.59 35.68 -18.21
C TYR A 113 6.57 35.68 -16.69
N VAL A 114 7.36 34.79 -16.09
CA VAL A 114 7.37 34.68 -14.63
C VAL A 114 7.92 35.95 -13.96
N LEU A 115 9.06 36.43 -14.44
CA LEU A 115 9.66 37.65 -13.91
C LEU A 115 8.73 38.85 -14.08
N ASP A 116 7.98 38.88 -15.17
CA ASP A 116 7.07 39.99 -15.44
C ASP A 116 5.88 40.06 -14.48
N ASN A 117 5.45 38.91 -13.95
CA ASN A 117 4.14 38.85 -13.30
C ASN A 117 4.11 38.58 -11.80
N PHE A 118 5.18 38.03 -11.26
CA PHE A 118 5.10 37.57 -9.89
C PHE A 118 6.22 38.14 -9.06
N ALA A 119 5.95 38.30 -7.78
CA ALA A 119 6.91 38.90 -6.86
C ALA A 119 7.67 37.88 -6.01
N THR A 120 7.12 36.69 -5.86
CA THR A 120 7.75 35.66 -5.04
C THR A 120 7.61 34.30 -5.68
N VAL A 121 8.41 33.34 -5.20
CA VAL A 121 8.36 32.00 -5.75
C VAL A 121 6.97 31.43 -5.51
N ASP A 122 6.48 31.63 -4.30
CA ASP A 122 5.18 31.15 -3.88
C ASP A 122 4.05 31.63 -4.80
N GLU A 123 4.01 32.94 -5.03
CA GLU A 123 3.07 33.57 -5.96
C GLU A 123 3.13 32.89 -7.32
N ALA A 124 4.34 32.71 -7.82
CA ALA A 124 4.56 32.14 -9.13
C ALA A 124 4.13 30.69 -9.19
N VAL A 125 4.41 29.94 -8.13
CA VAL A 125 4.03 28.53 -8.07
C VAL A 125 2.51 28.42 -8.08
N LYS A 126 1.83 29.22 -7.26
CA LYS A 126 0.35 29.20 -7.20
C LYS A 126 -0.23 29.43 -8.59
N SER A 127 0.31 30.38 -9.32
CA SER A 127 -0.22 30.70 -10.65
C SER A 127 0.13 29.62 -11.68
N LEU A 128 1.32 29.06 -11.58
CA LEU A 128 1.72 28.04 -12.54
C LEU A 128 0.94 26.74 -12.35
N GLN A 129 0.58 26.45 -11.10
CA GLN A 129 -0.22 25.27 -10.78
C GLN A 129 -1.57 25.29 -11.48
N GLN A 130 -2.13 26.48 -11.71
CA GLN A 130 -3.41 26.59 -12.43
C GLN A 130 -3.32 26.28 -13.91
N GLU A 131 -2.13 26.04 -14.41
CA GLU A 131 -1.98 25.62 -15.79
C GLU A 131 -2.77 26.50 -16.74
N LYS A 132 -2.56 27.81 -16.63
CA LYS A 132 -3.27 28.79 -17.47
C LYS A 132 -2.81 28.81 -18.94
N PHE A 133 -1.79 28.04 -19.29
CA PHE A 133 -1.23 28.10 -20.64
C PHE A 133 -0.54 26.80 -20.95
N ILE A 134 -0.25 26.61 -22.22
CA ILE A 134 0.46 25.45 -22.67
C ILE A 134 1.81 25.94 -23.11
N LEU A 135 2.86 25.30 -22.63
CA LEU A 135 4.21 25.63 -23.05
C LEU A 135 4.47 24.97 -24.41
N VAL A 136 4.99 25.73 -25.36
CA VAL A 136 5.30 25.18 -26.66
C VAL A 136 6.72 25.49 -27.07
N THR A 137 7.24 24.68 -27.97
CA THR A 137 8.54 24.90 -28.59
C THR A 137 8.41 24.75 -30.07
N LYS A 138 9.45 25.13 -30.79
CA LYS A 138 9.38 25.30 -32.22
C LYS A 138 9.73 24.01 -32.96
N GLN A 139 9.52 24.05 -34.28
CA GLN A 139 10.13 23.10 -35.22
C GLN A 139 11.20 23.96 -35.95
N VAL A 140 12.44 23.45 -36.07
CA VAL A 140 13.65 24.28 -36.39
C VAL A 140 14.50 23.59 -37.49
N GLU A 141 15.39 24.35 -38.13
CA GLU A 141 16.30 23.78 -39.17
C GLU A 141 17.25 22.71 -38.62
N GLY A 142 17.51 21.65 -39.39
CA GLY A 142 18.25 20.49 -38.87
C GLY A 142 19.71 20.75 -38.53
N GLN A 143 20.29 19.85 -37.75
CA GLN A 143 21.76 19.75 -37.53
C GLN A 143 22.23 20.73 -36.42
N LYS A 144 21.94 20.42 -35.15
CA LYS A 144 21.33 19.12 -34.77
C LYS A 144 19.80 19.19 -34.59
N ARG A 145 19.32 19.14 -33.33
CA ARG A 145 17.93 19.45 -32.89
C ARG A 145 17.91 20.79 -32.12
N LEU A 146 17.82 20.82 -30.78
CA LEU A 146 17.92 22.10 -30.04
C LEU A 146 18.21 21.84 -28.53
N ALA A 147 17.49 22.61 -27.73
CA ALA A 147 17.53 22.64 -26.29
C ALA A 147 16.15 22.35 -25.70
N THR A 148 16.14 21.39 -24.80
CA THR A 148 15.08 21.25 -23.86
C THR A 148 15.60 21.98 -22.65
N LEU A 149 14.70 22.34 -21.77
CA LEU A 149 15.04 23.17 -20.63
C LEU A 149 14.03 23.07 -19.53
N HIS A 150 14.45 23.44 -18.33
CA HIS A 150 13.50 23.66 -17.25
C HIS A 150 13.80 24.95 -16.48
N LEU A 151 12.89 25.30 -15.60
CA LEU A 151 12.86 26.63 -15.03
C LEU A 151 13.05 26.49 -13.55
N SER A 152 14.07 27.17 -13.05
CA SER A 152 14.29 27.29 -11.62
C SER A 152 14.01 28.72 -11.16
N LEU A 153 13.48 28.84 -9.95
CA LEU A 153 13.06 30.15 -9.37
C LEU A 153 13.55 30.33 -7.95
N SER A 154 13.81 31.59 -7.58
CA SER A 154 14.22 31.91 -6.21
C SER A 154 13.82 33.32 -5.79
N ASP A 155 13.84 33.55 -4.48
CA ASP A 155 13.20 34.70 -3.76
C ASP A 155 14.17 35.47 -2.92
N SER A 156 13.74 36.64 -2.50
CA SER A 156 14.42 37.36 -1.41
C SER A 156 14.19 36.69 -0.04
N SER A 157 13.14 35.88 0.06
CA SER A 157 12.91 35.09 1.27
C SER A 157 13.76 33.82 1.31
N GLY A 158 14.52 33.56 0.25
CA GLY A 158 15.30 32.30 0.17
C GLY A 158 14.54 31.06 -0.32
N ASP A 159 13.31 31.26 -0.73
CA ASP A 159 12.49 30.18 -1.23
C ASP A 159 13.02 29.75 -2.60
N SER A 160 12.74 28.50 -2.99
CA SER A 160 13.17 27.93 -4.28
C SER A 160 12.09 27.06 -4.88
N ALA A 161 12.07 26.98 -6.20
CA ALA A 161 11.18 26.07 -6.89
C ALA A 161 11.75 25.72 -8.23
N ILE A 162 11.35 24.57 -8.76
CA ILE A 162 11.73 24.17 -10.10
C ILE A 162 10.51 23.60 -10.80
N ILE A 163 10.42 23.90 -12.09
CA ILE A 163 9.28 23.48 -12.88
C ILE A 163 9.81 22.75 -14.08
N GLU A 164 9.34 21.52 -14.28
CA GLU A 164 9.75 20.72 -15.42
C GLU A 164 8.53 20.18 -16.15
N TYR A 165 8.77 19.69 -17.35
CA TYR A 165 7.78 18.98 -18.12
C TYR A 165 8.28 17.57 -18.40
N ILE A 166 7.63 16.60 -17.74
CA ILE A 166 7.98 15.21 -17.84
C ILE A 166 6.76 14.47 -18.36
N ASP A 167 6.96 13.66 -19.41
CA ASP A 167 5.86 12.98 -20.09
C ASP A 167 4.72 13.96 -20.41
N GLY A 168 5.08 15.14 -20.91
CA GLY A 168 4.08 16.15 -21.28
C GLY A 168 3.35 16.82 -20.12
N LYS A 169 3.65 16.43 -18.88
CA LYS A 169 2.98 16.99 -17.72
C LYS A 169 3.87 17.93 -16.91
N GLN A 170 3.24 18.97 -16.38
CA GLN A 170 3.94 19.96 -15.57
C GLN A 170 4.21 19.41 -14.17
N VAL A 171 5.48 19.37 -13.78
CA VAL A 171 5.88 18.87 -12.48
C VAL A 171 6.61 19.98 -11.74
N ILE A 172 6.11 20.30 -10.55
CA ILE A 172 6.66 21.36 -9.74
C ILE A 172 7.17 20.84 -8.39
N HIS A 173 8.42 21.17 -8.08
CA HIS A 173 8.96 20.96 -6.75
C HIS A 173 9.23 22.33 -6.13
N HIS A 174 8.66 22.58 -4.96
CA HIS A 174 8.71 23.88 -4.32
C HIS A 174 9.07 23.73 -2.84
N SER A 175 10.26 24.21 -2.48
CA SER A 175 10.70 24.16 -1.11
C SER A 175 11.99 24.94 -0.93
N LYS A 176 12.08 25.62 0.20
CA LYS A 176 13.29 26.32 0.59
C LYS A 176 14.49 25.35 0.71
N ASN A 177 14.20 24.06 0.86
CA ASN A 177 15.27 23.06 0.92
C ASN A 177 15.90 22.72 -0.40
N TYR A 178 15.27 23.10 -1.52
CA TYR A 178 15.81 22.77 -2.84
C TYR A 178 16.81 23.81 -3.29
N GLN A 179 17.97 23.79 -2.63
CA GLN A 179 18.99 24.79 -2.84
C GLN A 179 19.78 24.61 -4.11
N VAL A 180 19.87 23.39 -4.62
CA VAL A 180 20.71 23.09 -5.76
C VAL A 180 19.93 22.42 -6.86
N MET A 181 20.16 22.85 -8.09
CA MET A 181 19.48 22.34 -9.28
C MET A 181 20.42 22.33 -10.45
N THR A 182 20.46 21.21 -11.15
CA THR A 182 21.27 21.07 -12.34
C THR A 182 20.33 20.81 -13.48
N ASN A 183 20.86 20.85 -14.70
CA ASN A 183 20.04 20.68 -15.90
C ASN A 183 19.57 19.26 -16.10
N SER A 184 20.29 18.32 -15.51
CA SER A 184 20.01 16.91 -15.64
C SER A 184 20.47 16.25 -14.38
N PRO A 185 19.91 15.11 -14.07
CA PRO A 185 18.75 14.40 -14.56
C PRO A 185 17.48 15.10 -14.05
N THR A 186 16.34 14.45 -14.12
CA THR A 186 15.13 15.09 -13.60
C THR A 186 15.26 15.36 -12.11
N PHE A 187 14.49 16.33 -11.62
CA PHE A 187 14.70 16.76 -10.26
C PHE A 187 14.39 15.69 -9.23
N ASP A 188 13.43 14.82 -9.51
CA ASP A 188 13.15 13.67 -8.61
C ASP A 188 14.41 12.84 -8.40
N GLN A 189 15.16 12.64 -9.47
CA GLN A 189 16.40 11.90 -9.39
C GLN A 189 17.45 12.74 -8.70
N GLN A 190 17.50 14.04 -9.03
CA GLN A 190 18.48 14.94 -8.36
C GLN A 190 18.43 14.86 -6.84
N LEU A 191 17.21 14.78 -6.33
CA LEU A 191 16.96 14.70 -4.90
C LEU A 191 17.59 13.54 -4.16
N THR A 192 18.06 12.52 -4.86
CA THR A 192 18.60 11.32 -4.23
C THR A 192 20.12 11.24 -4.43
N LEU A 193 20.68 12.15 -5.22
CA LEU A 193 22.10 12.06 -5.63
C LEU A 193 23.12 12.28 -4.52
N ASN A 194 22.75 13.09 -3.54
CA ASN A 194 23.62 13.35 -2.40
C ASN A 194 23.77 12.24 -1.37
N ALA A 195 22.77 11.38 -1.29
CA ALA A 195 22.67 10.46 -0.15
C ALA A 195 24.00 9.73 0.08
N TYR A 196 24.56 9.12 -0.97
CA TYR A 196 25.79 8.34 -0.79
C TYR A 196 26.88 9.24 -0.21
N TRP A 197 27.02 10.41 -0.82
CA TRP A 197 28.06 11.35 -0.43
C TRP A 197 27.84 11.95 0.98
N ASP A 198 26.61 12.06 1.43
CA ASP A 198 26.34 12.48 2.81
C ASP A 198 26.79 11.43 3.79
N GLN A 199 26.59 10.17 3.43
CA GLN A 199 27.00 9.03 4.26
C GLN A 199 28.48 9.04 4.56
N ILE A 200 29.31 9.14 3.54
CA ILE A 200 30.73 9.36 3.73
C ILE A 200 30.91 10.87 3.81
N GLY A 201 32.02 11.40 4.24
CA GLY A 201 32.09 12.88 4.19
C GLY A 201 32.26 13.46 2.80
N GLY A 202 31.78 14.68 2.56
CA GLY A 202 32.24 15.46 1.40
C GLY A 202 33.68 15.96 1.56
N ASN A 203 34.13 16.07 2.81
CA ASN A 203 35.54 16.32 3.12
C ASN A 203 36.41 15.12 2.85
N VAL A 204 35.77 13.96 2.78
CA VAL A 204 36.47 12.72 2.55
C VAL A 204 36.69 12.54 1.05
N MET A 205 35.61 12.62 0.29
CA MET A 205 35.75 12.59 -1.15
C MET A 205 34.55 13.23 -1.81
N LEU A 206 34.79 13.77 -3.01
CA LEU A 206 33.76 14.21 -3.91
C LEU A 206 34.10 13.80 -5.32
N PRO A 207 33.07 13.61 -6.17
CA PRO A 207 33.30 13.36 -7.56
C PRO A 207 33.68 14.65 -8.29
N GLY A 208 34.67 14.60 -9.16
CA GLY A 208 35.18 15.81 -9.78
C GLY A 208 35.04 16.01 -11.28
N THR A 209 34.04 15.42 -11.93
CA THR A 209 34.05 15.46 -13.44
C THR A 209 33.39 16.37 -14.44
N ASN A 210 32.50 17.22 -14.09
CA ASN A 210 31.67 17.83 -15.17
C ASN A 210 30.31 17.25 -15.42
N ARG A 211 30.14 15.98 -15.09
CA ARG A 211 28.85 15.35 -15.16
C ARG A 211 27.89 16.16 -14.35
N ALA A 212 26.64 16.26 -14.79
CA ALA A 212 25.64 16.96 -14.00
C ALA A 212 25.54 16.38 -12.61
N ALA A 213 25.60 15.06 -12.49
CA ALA A 213 25.51 14.50 -11.14
C ALA A 213 26.65 14.97 -10.25
N ASP A 214 27.85 15.05 -10.80
CA ASP A 214 29.00 15.48 -10.02
C ASP A 214 28.88 16.95 -9.59
N ARG A 215 28.42 17.79 -10.50
CA ARG A 215 28.30 19.22 -10.25
C ARG A 215 27.27 19.40 -9.17
N PHE A 216 26.18 18.65 -9.25
CA PHE A 216 25.11 18.75 -8.26
C PHE A 216 25.68 18.41 -6.89
N VAL A 217 26.47 17.34 -6.83
CA VAL A 217 26.97 16.81 -5.58
C VAL A 217 27.97 17.78 -4.95
N ARG A 218 28.86 18.31 -5.79
CA ARG A 218 29.87 19.25 -5.33
C ARG A 218 29.22 20.50 -4.77
N ALA A 219 28.27 21.02 -5.52
CA ALA A 219 27.65 22.26 -5.16
C ALA A 219 26.82 22.08 -3.91
N SER A 220 26.14 20.94 -3.80
CA SER A 220 25.33 20.65 -2.59
C SER A 220 26.25 20.60 -1.38
N PHE A 221 27.42 20.02 -1.53
CA PHE A 221 28.30 19.91 -0.38
C PHE A 221 28.79 21.27 0.06
N TYR A 222 29.32 22.06 -0.87
CA TYR A 222 29.90 23.34 -0.50
C TYR A 222 28.86 24.30 0.04
N VAL A 223 27.67 24.25 -0.51
CA VAL A 223 26.61 25.15 -0.08
C VAL A 223 26.20 24.88 1.36
N LYS A 224 26.28 23.63 1.82
CA LYS A 224 25.92 23.30 3.20
C LYS A 224 27.09 23.39 4.14
N ASN A 225 28.32 23.32 3.65
CA ASN A 225 29.46 23.19 4.54
C ASN A 225 30.43 24.36 4.59
N VAL A 226 30.24 25.38 3.79
CA VAL A 226 31.15 26.49 3.76
C VAL A 226 30.54 27.65 4.50
N ASN A 227 31.14 28.08 5.62
CA ASN A 227 30.69 29.33 6.30
C ASN A 227 31.82 30.31 6.41
N PRO A 228 31.80 31.36 5.59
CA PRO A 228 32.88 32.35 5.59
C PRO A 228 32.76 33.33 6.75
N ASN A 229 31.64 33.28 7.47
CA ASN A 229 31.36 34.17 8.59
C ASN A 229 31.34 33.42 9.94
N LYS A 230 32.04 32.29 10.02
CA LYS A 230 32.27 31.59 11.29
C LYS A 230 32.91 32.54 12.29
N LEU A 231 32.52 32.45 13.56
CA LEU A 231 33.21 33.20 14.61
C LEU A 231 34.56 32.55 14.90
N ILE A 232 35.60 33.36 14.92
CA ILE A 232 37.00 32.91 15.15
C ILE A 232 37.50 33.52 16.47
N PRO A 233 38.07 32.71 17.39
CA PRO A 233 38.69 33.25 18.64
C PRO A 233 39.71 34.34 18.36
N GLY A 234 39.52 35.54 18.92
CA GLY A 234 40.52 36.61 18.79
C GLY A 234 40.29 37.60 17.65
N VAL A 235 39.16 37.51 16.94
CA VAL A 235 38.87 38.30 15.73
C VAL A 235 37.43 38.82 15.78
N ALA A 236 37.28 40.14 15.69
CA ALA A 236 35.98 40.75 15.82
C ALA A 236 35.00 40.10 14.86
N GLU A 237 33.77 39.85 15.31
CA GLU A 237 32.70 39.48 14.38
C GLU A 237 32.65 40.59 13.33
N LYS A 238 32.45 40.24 12.06
CA LYS A 238 32.42 41.28 11.02
C LYS A 238 31.12 42.03 11.07
N GLY A 239 31.13 43.21 10.46
CA GLY A 239 29.91 43.98 10.24
C GLY A 239 29.06 43.38 9.16
N LYS A 240 27.77 43.73 9.18
CA LYS A 240 26.82 43.28 8.17
C LYS A 240 27.38 43.38 6.73
N ILE A 241 28.01 44.50 6.40
CA ILE A 241 28.42 44.69 5.01
C ILE A 241 29.53 43.70 4.66
N GLU A 242 30.46 43.50 5.58
CA GLU A 242 31.56 42.59 5.32
C GLU A 242 31.06 41.14 5.22
N LYS A 243 30.01 40.83 5.96
CA LYS A 243 29.46 39.50 5.95
C LYS A 243 28.76 39.23 4.64
N ASP A 244 28.04 40.23 4.18
CA ASP A 244 27.39 40.19 2.87
C ASP A 244 28.39 39.95 1.77
N LYS A 245 29.45 40.73 1.77
CA LYS A 245 30.49 40.58 0.73
C LYS A 245 31.14 39.19 0.75
N ALA A 246 31.29 38.63 1.94
CA ALA A 246 31.95 37.33 2.11
C ALA A 246 31.05 36.22 1.57
N ASP A 247 29.77 36.34 1.87
CA ASP A 247 28.80 35.47 1.25
C ASP A 247 28.83 35.53 -0.28
N LEU A 248 28.95 36.74 -0.81
CA LEU A 248 29.02 36.92 -2.26
C LEU A 248 30.24 36.20 -2.83
N ALA A 249 31.38 36.35 -2.16
CA ALA A 249 32.60 35.65 -2.59
C ALA A 249 32.45 34.12 -2.55
N THR A 250 31.75 33.62 -1.52
CA THR A 250 31.54 32.22 -1.35
C THR A 250 30.70 31.68 -2.47
N ALA A 251 29.56 32.33 -2.72
CA ALA A 251 28.69 31.97 -3.84
C ALA A 251 29.45 31.97 -5.17
N PHE A 252 30.21 33.02 -5.44
CA PHE A 252 30.97 33.03 -6.68
C PHE A 252 31.92 31.85 -6.75
N SER A 253 32.56 31.52 -5.63
CA SER A 253 33.62 30.49 -5.73
C SER A 253 32.99 29.10 -5.98
N ILE A 254 31.79 28.90 -5.45
CA ILE A 254 31.13 27.61 -5.57
C ILE A 254 30.62 27.43 -7.01
N ILE A 255 30.00 28.46 -7.57
CA ILE A 255 29.54 28.35 -8.95
C ILE A 255 30.70 28.22 -9.92
N ARG A 256 31.81 28.84 -9.58
CA ARG A 256 33.01 28.61 -10.39
C ARG A 256 33.51 27.16 -10.30
N ASN A 257 33.47 26.60 -9.10
CA ASN A 257 33.86 25.22 -8.86
C ASN A 257 32.97 24.24 -9.63
N ALA A 258 31.69 24.56 -9.80
CA ALA A 258 30.75 23.71 -10.55
C ALA A 258 30.75 24.00 -12.03
N SER A 259 31.56 24.93 -12.48
CA SER A 259 31.58 25.24 -13.90
C SER A 259 32.35 24.19 -14.66
N VAL A 260 32.14 24.18 -15.95
CA VAL A 260 32.78 23.27 -16.86
C VAL A 260 33.84 24.07 -17.62
N PRO A 261 35.10 23.65 -17.52
CA PRO A 261 36.16 24.31 -18.22
C PRO A 261 35.86 24.58 -19.68
N TYR A 262 36.33 25.71 -20.15
CA TYR A 262 36.07 26.19 -21.49
C TYR A 262 36.86 25.41 -22.54
N GLY A 263 36.12 24.79 -23.46
CA GLY A 263 36.68 23.96 -24.50
C GLY A 263 36.47 22.48 -24.25
N TYR A 264 36.03 22.11 -23.06
CA TYR A 264 35.87 20.73 -22.74
C TYR A 264 34.66 20.23 -23.48
N SER A 265 34.76 19.03 -24.04
CA SER A 265 33.60 18.34 -24.61
C SER A 265 33.83 16.83 -24.61
N LEU A 266 32.75 16.10 -24.47
CA LEU A 266 32.79 14.65 -24.47
C LEU A 266 31.73 14.13 -25.44
N PRO A 267 32.16 13.55 -26.58
CA PRO A 267 31.20 13.07 -27.60
C PRO A 267 30.08 12.16 -27.06
N ASP A 268 30.45 11.21 -26.20
CA ASP A 268 29.44 10.36 -25.54
C ASP A 268 28.38 11.10 -24.73
N MET A 269 28.72 12.26 -24.17
CA MET A 269 27.77 13.03 -23.34
C MET A 269 27.65 14.45 -23.87
N PRO A 270 26.76 14.63 -24.85
CA PRO A 270 26.54 15.94 -25.46
C PRO A 270 25.85 16.95 -24.54
N ASN A 271 25.31 16.50 -23.40
CA ASN A 271 24.68 17.42 -22.43
C ASN A 271 25.67 18.08 -21.42
N ILE A 272 26.97 17.87 -21.66
CA ILE A 272 28.04 18.57 -20.95
C ILE A 272 28.66 19.56 -21.91
N ALA A 273 28.77 20.82 -21.48
CA ALA A 273 29.37 21.86 -22.32
C ALA A 273 30.06 22.94 -21.50
N SER A 274 30.99 23.60 -22.16
CA SER A 274 31.67 24.77 -21.60
C SER A 274 30.73 25.72 -20.90
N THR A 275 31.08 26.10 -19.67
CA THR A 275 30.39 27.25 -19.07
C THR A 275 30.87 28.52 -19.73
N ARG A 276 29.92 29.30 -20.21
CA ARG A 276 30.23 30.52 -20.96
C ARG A 276 30.07 31.76 -20.10
N TRP A 277 29.15 31.70 -19.15
CA TRP A 277 29.00 32.78 -18.23
C TRP A 277 28.28 32.35 -16.99
N ARG A 278 28.31 33.24 -16.01
CA ARG A 278 27.72 33.01 -14.71
C ARG A 278 26.98 34.26 -14.29
N THR A 279 25.84 34.09 -13.64
CA THR A 279 25.22 35.20 -12.99
C THR A 279 25.07 34.92 -11.50
N VAL A 280 25.04 36.00 -10.73
CA VAL A 280 24.85 35.92 -9.29
C VAL A 280 23.89 37.01 -8.88
N VAL A 281 22.86 36.61 -8.15
CA VAL A 281 21.81 37.54 -7.70
C VAL A 281 21.90 37.75 -6.21
N ASP A 282 22.14 38.99 -5.80
CA ASP A 282 22.02 39.35 -4.43
C ASP A 282 20.64 39.92 -4.29
N HIS A 283 19.75 39.11 -3.75
CA HIS A 283 18.35 39.48 -3.66
C HIS A 283 18.05 40.72 -2.81
N LYS A 284 18.65 40.81 -1.64
CA LYS A 284 18.37 41.93 -0.75
C LYS A 284 18.80 43.22 -1.33
N SER A 285 20.00 43.28 -1.89
CA SER A 285 20.52 44.52 -2.48
C SER A 285 19.98 44.72 -3.89
N LEU A 286 19.24 43.74 -4.41
CA LEU A 286 18.77 43.70 -5.80
C LEU A 286 19.87 43.98 -6.79
N GLN A 287 20.97 43.26 -6.65
CA GLN A 287 22.12 43.43 -7.54
C GLN A 287 22.32 42.18 -8.37
N TYR A 288 22.44 42.36 -9.69
CA TYR A 288 22.56 41.28 -10.65
C TYR A 288 23.94 41.30 -11.24
N PHE A 289 24.75 40.31 -10.90
CA PHE A 289 26.11 40.23 -11.39
C PHE A 289 26.17 39.36 -12.63
N PHE A 290 27.04 39.74 -13.56
CA PHE A 290 27.32 38.98 -14.75
C PHE A 290 28.80 38.87 -14.96
N GLU A 291 29.23 37.66 -15.32
CA GLU A 291 30.61 37.28 -15.38
C GLU A 291 30.74 36.44 -16.63
N SER A 292 31.61 36.86 -17.56
CA SER A 292 31.85 36.06 -18.72
C SER A 292 32.93 35.07 -18.40
N ALA A 293 32.80 33.85 -18.89
CA ALA A 293 33.89 32.88 -18.81
C ALA A 293 34.70 32.83 -20.09
N VAL A 294 34.30 33.61 -21.09
CA VAL A 294 34.93 33.60 -22.40
C VAL A 294 35.85 34.79 -22.55
N SER A 295 35.42 35.90 -21.99
CA SER A 295 36.18 37.13 -22.02
C SER A 295 36.33 37.62 -20.58
N PRO A 296 37.41 38.36 -20.29
CA PRO A 296 37.49 39.01 -18.97
C PRO A 296 36.46 40.12 -18.84
N ASN A 297 35.45 39.88 -18.03
CA ASN A 297 34.34 40.80 -17.91
C ASN A 297 33.53 40.38 -16.70
N ILE A 298 33.60 41.18 -15.64
CA ILE A 298 32.70 41.02 -14.50
C ILE A 298 32.20 42.39 -14.03
N PHE A 299 30.90 42.49 -13.79
CA PHE A 299 30.29 43.75 -13.40
C PHE A 299 28.93 43.43 -12.84
N TRP A 300 28.23 44.42 -12.33
CA TRP A 300 26.88 44.17 -11.86
C TRP A 300 25.93 45.30 -12.22
N VAL A 301 24.64 45.04 -11.99
CA VAL A 301 23.59 45.97 -12.27
C VAL A 301 22.72 46.11 -11.04
N ASP A 302 22.61 47.34 -10.54
CA ASP A 302 21.89 47.63 -9.32
C ASP A 302 20.50 48.06 -9.68
N LEU A 303 19.53 47.19 -9.45
CA LEU A 303 18.13 47.48 -9.78
C LEU A 303 17.57 48.65 -8.96
N LYS A 304 18.15 48.95 -7.82
CA LYS A 304 17.73 50.16 -7.10
C LYS A 304 18.09 51.45 -7.82
N LYS A 305 18.98 51.40 -8.80
CA LYS A 305 19.41 52.61 -9.45
C LYS A 305 18.73 52.78 -10.80
N ILE A 306 17.74 51.93 -11.08
CA ILE A 306 17.10 51.93 -12.36
C ILE A 306 15.67 52.35 -12.12
N ASN A 307 15.16 53.20 -13.01
CA ASN A 307 13.76 53.54 -13.02
C ASN A 307 12.98 52.62 -13.96
N PHE A 308 12.10 51.83 -13.36
CA PHE A 308 11.39 50.79 -14.11
C PHE A 308 10.03 51.26 -14.59
N ALA A 309 9.75 52.56 -14.42
CA ALA A 309 8.50 53.13 -14.92
C ALA A 309 8.43 53.00 -16.43
N PRO A 310 7.20 52.93 -16.98
CA PRO A 310 6.99 52.68 -18.41
C PRO A 310 7.67 53.70 -19.30
N ARG A 311 8.13 53.27 -20.47
CA ARG A 311 8.86 54.13 -21.40
C ARG A 311 8.22 54.07 -22.77
N GLY A 312 6.89 54.09 -22.78
CA GLY A 312 6.12 54.02 -24.00
C GLY A 312 6.43 52.81 -24.85
N GLY A 313 6.70 51.67 -24.21
CA GLY A 313 6.94 50.42 -24.91
C GLY A 313 8.36 50.14 -25.34
N SER A 314 9.26 51.06 -25.03
CA SER A 314 10.69 50.80 -25.31
C SER A 314 11.36 50.19 -24.07
N ALA A 315 12.62 49.79 -24.23
CA ALA A 315 13.36 49.06 -23.24
C ALA A 315 14.78 49.51 -23.37
N ALA A 316 15.71 48.82 -22.70
CA ALA A 316 17.11 49.18 -22.80
C ALA A 316 17.98 47.94 -22.82
N LYS A 317 19.14 48.08 -23.43
CA LYS A 317 20.02 46.98 -23.71
C LYS A 317 21.46 47.34 -23.44
N LEU A 318 22.16 46.40 -22.81
CA LEU A 318 23.56 46.50 -22.54
C LEU A 318 24.24 45.56 -23.48
N ASP A 319 24.87 46.11 -24.50
CA ASP A 319 25.49 45.32 -25.52
C ASP A 319 26.81 44.80 -25.03
N LEU A 320 26.91 43.49 -24.95
CA LEU A 320 28.12 42.85 -24.46
C LEU A 320 29.12 42.52 -25.56
N GLY A 321 28.70 42.73 -26.80
CA GLY A 321 29.59 42.49 -27.94
C GLY A 321 29.91 41.03 -28.26
N PRO A 322 30.76 40.83 -29.28
CA PRO A 322 31.09 39.47 -29.67
C PRO A 322 31.77 38.76 -28.52
N ASN A 323 31.32 37.53 -28.24
CA ASN A 323 31.87 36.73 -27.14
C ASN A 323 31.84 37.41 -25.77
N GLN A 324 30.89 38.32 -25.61
CA GLN A 324 30.74 39.08 -24.39
C GLN A 324 32.04 39.79 -23.95
N SER A 325 32.78 40.27 -24.96
CA SER A 325 34.07 40.90 -24.75
C SER A 325 34.00 42.39 -24.49
N THR A 326 32.83 42.99 -24.59
CA THR A 326 32.77 44.43 -24.41
C THR A 326 32.78 44.70 -22.91
N ILE A 327 33.87 45.28 -22.46
CA ILE A 327 34.13 45.41 -21.02
C ILE A 327 33.33 46.47 -20.30
N TYR A 328 32.67 46.06 -19.23
CA TYR A 328 32.06 46.99 -18.29
C TYR A 328 32.55 46.63 -16.92
N SER A 329 32.61 47.63 -16.06
CA SER A 329 33.16 47.48 -14.74
C SER A 329 32.29 48.19 -13.74
N GLY A 330 32.17 47.64 -12.54
CA GLY A 330 31.38 48.28 -11.51
C GLY A 330 29.91 48.23 -11.83
N GLN A 331 29.16 49.17 -11.29
CA GLN A 331 27.73 49.24 -11.56
C GLN A 331 27.51 49.76 -12.93
N ALA A 332 26.79 49.01 -13.73
CA ALA A 332 26.71 49.28 -15.14
C ALA A 332 25.38 49.78 -15.67
N SER A 333 24.42 50.11 -14.82
CA SER A 333 23.09 50.46 -15.33
C SER A 333 23.15 51.67 -16.25
N GLY A 334 24.10 52.56 -16.02
CA GLY A 334 24.28 53.73 -16.85
C GLY A 334 24.69 53.45 -18.27
N HIS A 335 25.25 52.28 -18.54
CA HIS A 335 25.70 51.96 -19.88
C HIS A 335 24.63 51.31 -20.73
N PHE A 336 23.47 51.03 -20.16
CA PHE A 336 22.35 50.51 -20.95
C PHE A 336 21.84 51.58 -21.89
N LYS A 337 21.48 51.18 -23.10
CA LYS A 337 21.00 52.14 -24.13
C LYS A 337 19.61 51.76 -24.63
N PRO A 338 18.77 52.76 -24.94
CA PRO A 338 17.42 52.49 -25.40
C PRO A 338 17.38 51.53 -26.57
N ALA A 339 16.37 50.67 -26.59
CA ALA A 339 16.14 49.77 -27.70
C ALA A 339 14.78 49.11 -27.57
N GLN A 340 14.27 48.64 -28.70
CA GLN A 340 12.96 48.00 -28.72
C GLN A 340 13.15 46.57 -28.26
N PRO A 341 12.19 46.05 -27.51
CA PRO A 341 12.29 44.67 -27.05
C PRO A 341 12.41 43.72 -28.21
N PHE A 342 13.36 42.81 -28.16
CA PHE A 342 13.55 41.82 -29.20
C PHE A 342 12.34 40.93 -29.19
N GLU A 343 12.11 40.26 -30.31
CA GLU A 343 10.95 39.38 -30.44
C GLU A 343 11.34 37.99 -29.97
N PHE A 344 10.49 37.36 -29.19
CA PHE A 344 10.75 36.00 -28.72
C PHE A 344 10.57 34.99 -29.84
N ALA A 345 11.45 34.02 -29.91
CA ALA A 345 11.29 32.92 -30.85
C ALA A 345 10.00 32.17 -30.60
N GLY A 346 9.44 31.60 -31.66
CA GLY A 346 8.22 30.77 -31.59
C GLY A 346 7.55 30.49 -32.94
N LEU A 347 6.32 29.92 -32.87
CA LEU A 347 5.71 28.92 -33.83
C LEU A 347 6.72 27.83 -34.29
N CYS B 1 44.05 -11.19 -14.11
CA CYS B 1 44.68 -11.86 -12.98
C CYS B 1 45.30 -10.86 -12.05
N THR B 2 45.40 -11.30 -10.83
CA THR B 2 46.04 -10.54 -9.78
C THR B 2 46.96 -11.45 -9.00
N ARG B 3 48.16 -10.94 -8.67
CA ARG B 3 49.07 -11.69 -7.81
C ARG B 3 49.67 -10.77 -6.80
N PHE B 4 49.93 -11.31 -5.61
CA PHE B 4 50.71 -10.56 -4.65
C PHE B 4 51.50 -11.40 -3.71
N VAL B 5 52.46 -10.77 -3.05
CA VAL B 5 53.21 -11.40 -1.99
C VAL B 5 52.91 -10.63 -0.74
N TYR B 6 52.42 -11.32 0.28
CA TYR B 6 52.07 -10.72 1.55
C TYR B 6 53.14 -10.96 2.62
N LEU B 7 53.59 -9.89 3.28
CA LEU B 7 54.62 -9.91 4.31
C LEU B 7 54.09 -9.21 5.54
N ASP B 8 54.03 -9.94 6.66
CA ASP B 8 53.52 -9.46 7.94
C ASP B 8 54.72 -9.00 8.76
N PRO B 9 54.76 -7.72 9.14
CA PRO B 9 55.87 -7.21 9.96
C PRO B 9 55.97 -7.95 11.31
N HIS B 10 54.85 -8.38 11.88
CA HIS B 10 54.84 -9.10 13.16
C HIS B 10 55.01 -10.62 13.02
N ASN B 11 55.27 -11.10 11.81
CA ASN B 11 55.57 -12.50 11.58
C ASN B 11 56.52 -12.63 10.42
N PRO B 12 57.75 -12.13 10.61
CA PRO B 12 58.77 -12.12 9.56
C PRO B 12 59.18 -13.51 9.11
N ASP B 13 59.85 -13.55 7.96
CA ASP B 13 60.36 -14.76 7.30
C ASP B 13 59.26 -15.78 7.10
N TYR B 14 58.11 -15.27 6.65
CA TYR B 14 56.94 -16.09 6.36
C TYR B 14 56.11 -15.46 5.23
N PRO B 15 56.70 -15.34 4.04
CA PRO B 15 56.01 -14.79 2.89
C PRO B 15 54.97 -15.74 2.32
N ILE B 16 53.93 -15.17 1.77
CA ILE B 16 52.85 -15.87 1.22
C ILE B 16 52.48 -15.22 -0.12
N THR B 17 52.40 -16.04 -1.16
CA THR B 17 52.06 -15.57 -2.46
C THR B 17 50.63 -15.98 -2.70
N ALA B 18 49.87 -15.10 -3.33
CA ALA B 18 48.51 -15.44 -3.72
C ALA B 18 48.24 -14.97 -5.14
N ARG B 19 47.42 -15.71 -5.87
CA ARG B 19 47.10 -15.35 -7.23
C ARG B 19 45.70 -15.73 -7.59
N SER B 20 45.10 -14.91 -8.45
CA SER B 20 43.79 -15.20 -8.96
C SER B 20 43.93 -15.48 -10.47
N MET B 21 43.18 -16.42 -10.99
CA MET B 21 43.17 -16.70 -12.43
C MET B 21 41.86 -16.21 -12.98
N ASP B 22 41.96 -15.27 -13.94
CA ASP B 22 40.77 -14.64 -14.50
C ASP B 22 40.64 -15.03 -15.99
N TRP B 23 39.54 -15.67 -16.32
CA TRP B 23 39.29 -16.13 -17.67
C TRP B 23 37.79 -16.38 -17.84
N ALA B 24 37.28 -16.07 -19.03
CA ALA B 24 35.84 -16.11 -19.27
C ALA B 24 35.29 -17.54 -19.41
N ASP B 25 36.15 -18.53 -19.62
CA ASP B 25 35.73 -19.92 -19.89
C ASP B 25 36.41 -20.89 -18.95
N ASP B 26 35.87 -22.10 -18.84
CA ASP B 26 36.50 -23.17 -18.06
C ASP B 26 37.95 -23.36 -18.54
N THR B 27 38.90 -23.40 -17.62
CA THR B 27 40.29 -23.64 -17.99
C THR B 27 40.68 -25.10 -17.87
N GLU B 28 39.76 -25.94 -17.40
CA GLU B 28 40.00 -27.38 -17.34
C GLU B 28 41.28 -27.66 -16.58
N THR B 29 41.42 -26.93 -15.49
CA THR B 29 42.62 -26.97 -14.70
C THR B 29 42.67 -28.24 -13.83
N ASN B 30 43.86 -28.81 -13.71
CA ASN B 30 44.16 -29.88 -12.77
C ASN B 30 45.49 -29.56 -12.11
N LEU B 31 45.84 -30.31 -11.08
CA LEU B 31 47.14 -30.18 -10.44
C LEU B 31 48.05 -31.34 -10.81
N TRP B 32 49.35 -31.09 -10.80
CA TRP B 32 50.32 -32.04 -11.26
C TRP B 32 51.53 -32.01 -10.36
N ILE B 33 52.01 -33.19 -10.03
CA ILE B 33 53.33 -33.33 -9.46
C ILE B 33 54.28 -33.70 -10.58
N PHE B 34 55.36 -32.96 -10.69
CA PHE B 34 56.41 -33.24 -11.67
C PHE B 34 57.72 -33.52 -10.94
N PRO B 35 58.22 -34.76 -11.03
CA PRO B 35 59.41 -35.11 -10.29
C PRO B 35 60.65 -34.56 -10.91
N GLN B 36 61.75 -34.71 -10.18
CA GLN B 36 63.08 -34.33 -10.67
C GLN B 36 63.46 -35.15 -11.90
N GLU B 37 64.26 -34.53 -12.77
CA GLU B 37 64.92 -35.19 -13.89
C GLU B 37 64.00 -35.54 -15.05
N LEU B 38 62.87 -34.86 -15.18
CA LEU B 38 62.09 -35.00 -16.38
C LEU B 38 62.83 -34.34 -17.53
N LYS B 39 62.87 -35.01 -18.67
CA LYS B 39 63.50 -34.44 -19.85
C LYS B 39 62.43 -33.70 -20.63
N ARG B 40 62.70 -32.44 -20.96
CA ARG B 40 61.68 -31.62 -21.58
C ARG B 40 62.21 -30.91 -22.78
N SER B 41 61.27 -30.66 -23.68
CA SER B 41 61.54 -29.93 -24.92
C SER B 41 60.69 -28.66 -24.95
N GLY B 42 61.26 -27.57 -25.44
CA GLY B 42 60.57 -26.28 -25.48
C GLY B 42 59.28 -26.15 -26.29
N GLY B 43 58.97 -27.10 -27.15
CA GLY B 43 57.77 -27.01 -27.99
C GLY B 43 57.76 -25.89 -29.03
N ALA B 44 58.92 -25.59 -29.61
CA ALA B 44 59.05 -24.48 -30.57
C ALA B 44 59.53 -24.95 -31.95
N GLY B 45 59.06 -26.13 -32.34
CA GLY B 45 59.40 -26.74 -33.63
C GLY B 45 60.83 -27.20 -33.72
N GLN B 46 61.58 -26.66 -34.66
CA GLN B 46 62.82 -27.29 -35.09
C GLN B 46 63.92 -27.16 -34.02
N TYR B 47 64.10 -25.91 -33.60
CA TYR B 47 65.08 -25.53 -32.60
C TYR B 47 64.40 -25.23 -31.27
N SER B 48 63.88 -26.28 -30.63
CA SER B 48 63.28 -26.14 -29.31
C SER B 48 64.35 -26.24 -28.24
N LEU B 49 64.24 -25.39 -27.22
CA LEU B 49 65.12 -25.45 -26.08
C LEU B 49 64.92 -26.76 -25.32
N GLU B 50 65.98 -27.29 -24.74
CA GLU B 50 65.90 -28.58 -24.08
C GLU B 50 66.51 -28.51 -22.71
N TRP B 51 65.91 -29.22 -21.76
CA TRP B 51 66.47 -29.26 -20.42
C TRP B 51 65.94 -30.46 -19.67
N THR B 52 66.63 -30.76 -18.58
CA THR B 52 66.26 -31.83 -17.68
C THR B 52 66.00 -31.18 -16.32
N SER B 53 64.79 -31.37 -15.80
CA SER B 53 64.38 -30.63 -14.61
C SER B 53 65.29 -30.99 -13.45
N LYS B 54 65.68 -29.98 -12.70
CA LYS B 54 66.55 -30.14 -11.54
C LYS B 54 65.73 -30.21 -10.26
N TYR B 55 64.63 -29.46 -10.20
CA TYR B 55 63.73 -29.46 -9.05
C TYR B 55 62.28 -29.92 -9.37
N GLY B 56 61.71 -30.64 -8.43
CA GLY B 56 60.33 -31.08 -8.57
C GLY B 56 59.38 -29.95 -8.23
N SER B 57 58.15 -30.05 -8.73
CA SER B 57 57.21 -28.97 -8.61
C SER B 57 55.81 -29.51 -8.48
N VAL B 58 54.92 -28.69 -7.92
CA VAL B 58 53.50 -28.92 -7.97
C VAL B 58 52.96 -27.73 -8.74
N ILE B 59 52.11 -27.98 -9.72
CA ILE B 59 51.68 -26.91 -10.60
C ILE B 59 50.21 -27.02 -10.92
N ALA B 60 49.65 -25.92 -11.42
CA ALA B 60 48.28 -25.92 -11.88
C ALA B 60 48.30 -25.71 -13.38
N SER B 61 47.60 -26.60 -14.07
CA SER B 61 47.64 -26.67 -15.51
C SER B 61 46.43 -25.98 -16.06
N ALA B 62 46.44 -25.74 -17.37
CA ALA B 62 45.21 -25.35 -18.07
C ALA B 62 45.12 -26.17 -19.35
N PHE B 63 43.92 -26.65 -19.66
CA PHE B 63 43.66 -27.38 -20.90
C PHE B 63 44.65 -28.53 -21.14
N ASP B 64 45.02 -29.25 -20.09
CA ASP B 64 46.11 -30.23 -20.20
C ASP B 64 45.73 -31.43 -21.05
N GLY B 65 44.45 -31.62 -21.32
CA GLY B 65 43.98 -32.65 -22.24
C GLY B 65 43.82 -32.21 -23.69
N ARG B 66 44.34 -31.04 -24.07
CA ARG B 66 44.26 -30.59 -25.49
C ARG B 66 45.63 -30.23 -26.05
N LYS B 67 46.04 -30.97 -27.07
CA LYS B 67 47.30 -30.76 -27.78
C LYS B 67 47.55 -29.29 -28.08
N GLY B 68 46.50 -28.64 -28.55
CA GLY B 68 46.58 -27.27 -28.97
C GLY B 68 46.86 -26.24 -27.91
N MET B 69 46.52 -26.52 -26.64
CA MET B 69 46.48 -25.47 -25.61
C MET B 69 47.08 -25.77 -24.24
N ALA B 70 47.70 -26.92 -24.05
CA ALA B 70 48.06 -27.31 -22.70
C ALA B 70 49.22 -26.44 -22.15
N SER B 71 49.06 -25.91 -20.93
CA SER B 71 50.12 -25.12 -20.29
C SER B 71 50.21 -25.33 -18.77
N THR B 72 51.39 -25.04 -18.24
CA THR B 72 51.55 -24.77 -16.85
C THR B 72 51.29 -23.28 -16.58
N THR B 73 50.31 -22.97 -15.73
CA THR B 73 49.89 -21.58 -15.44
C THR B 73 50.36 -21.03 -14.09
N ASP B 74 50.75 -21.91 -13.19
CA ASP B 74 50.99 -21.52 -11.83
C ASP B 74 51.66 -22.68 -11.13
N GLY B 75 52.52 -22.40 -10.16
CA GLY B 75 53.09 -23.49 -9.41
C GLY B 75 54.13 -23.10 -8.42
N VAL B 76 54.60 -24.07 -7.67
CA VAL B 76 55.71 -23.86 -6.75
C VAL B 76 56.59 -25.09 -6.79
N ASN B 77 57.89 -24.89 -6.70
CA ASN B 77 58.83 -26.00 -6.67
C ASN B 77 59.35 -26.31 -5.25
N GLU B 78 60.13 -27.37 -5.13
CA GLU B 78 60.53 -27.87 -3.80
C GLU B 78 61.48 -26.94 -3.06
N LYS B 79 61.98 -25.90 -3.74
CA LYS B 79 62.85 -24.91 -3.09
C LYS B 79 62.11 -23.64 -2.62
N GLY B 80 60.81 -23.57 -2.90
CA GLY B 80 60.02 -22.41 -2.50
C GLY B 80 59.89 -21.34 -3.58
N LEU B 81 60.44 -21.59 -4.77
CA LEU B 81 60.22 -20.69 -5.86
C LEU B 81 58.83 -20.89 -6.39
N ALA B 82 58.07 -19.80 -6.47
CA ALA B 82 56.74 -19.84 -7.07
C ALA B 82 56.70 -19.09 -8.38
N ALA B 83 55.88 -19.54 -9.32
CA ALA B 83 55.76 -18.85 -10.60
C ALA B 83 54.32 -18.74 -10.99
N ASN B 84 53.96 -17.60 -11.56
CA ASN B 84 52.60 -17.41 -12.08
C ASN B 84 52.62 -16.81 -13.45
N VAL B 85 51.81 -17.38 -14.31
CA VAL B 85 51.66 -16.87 -15.64
C VAL B 85 50.35 -16.11 -15.65
N LEU B 86 50.48 -14.80 -15.77
CA LEU B 86 49.31 -13.96 -15.74
C LEU B 86 48.74 -13.76 -17.14
N TRP B 87 47.48 -14.11 -17.33
CA TRP B 87 46.84 -14.05 -18.62
C TRP B 87 46.23 -12.69 -18.92
N LEU B 88 45.86 -12.50 -20.20
CA LEU B 88 45.32 -11.21 -20.72
C LEU B 88 46.28 -10.05 -20.50
N ALA B 89 47.55 -10.29 -20.77
CA ALA B 89 48.54 -9.21 -20.67
C ALA B 89 48.62 -8.47 -22.01
N GLU B 90 49.48 -7.47 -22.08
CA GLU B 90 49.67 -6.72 -23.31
C GLU B 90 51.13 -6.86 -23.64
N SER B 91 51.51 -8.07 -24.01
CA SER B 91 52.88 -8.34 -24.38
C SER B 91 52.98 -8.45 -25.91
N GLU B 92 54.13 -8.08 -26.46
CA GLU B 92 54.46 -8.36 -27.86
C GLU B 92 55.78 -9.10 -27.84
N TYR B 93 55.74 -10.37 -28.21
CA TYR B 93 56.89 -11.25 -28.08
C TYR B 93 57.90 -11.01 -29.19
N PRO B 94 59.13 -11.51 -29.04
CA PRO B 94 60.15 -11.23 -30.06
C PRO B 94 59.73 -11.60 -31.48
N LYS B 95 60.17 -10.81 -32.45
CA LYS B 95 59.89 -11.22 -33.82
C LYS B 95 60.99 -12.16 -34.34
N THR B 96 62.20 -12.03 -33.80
CA THR B 96 63.34 -12.89 -34.17
C THR B 96 62.97 -14.37 -34.07
N LYS B 97 63.42 -15.16 -35.06
CA LYS B 97 63.04 -16.58 -35.14
C LYS B 97 64.03 -17.41 -34.31
N PRO B 98 63.56 -18.53 -33.74
CA PRO B 98 64.48 -19.39 -32.99
C PRO B 98 65.57 -20.01 -33.88
N THR B 99 66.79 -20.06 -33.34
CA THR B 99 67.97 -20.59 -34.00
C THR B 99 68.65 -21.60 -33.09
N ALA B 100 69.44 -22.50 -33.65
CA ALA B 100 70.03 -23.56 -32.84
C ALA B 100 70.85 -23.01 -31.67
N LYS B 101 71.55 -21.90 -31.90
CA LYS B 101 72.31 -21.25 -30.83
C LYS B 101 71.36 -20.61 -29.82
N LYS B 102 70.30 -19.96 -30.31
CA LYS B 102 69.25 -19.36 -29.46
C LYS B 102 67.86 -19.98 -29.69
N PRO B 103 67.60 -21.13 -29.04
CA PRO B 103 66.40 -21.93 -29.40
C PRO B 103 65.11 -21.43 -28.77
N GLY B 104 64.00 -21.99 -29.21
CA GLY B 104 62.69 -21.51 -28.83
C GLY B 104 62.11 -22.17 -27.60
N LEU B 105 61.36 -21.39 -26.83
CA LEU B 105 60.64 -21.89 -25.67
C LEU B 105 59.20 -21.46 -25.76
N SER B 106 58.29 -22.42 -25.86
CA SER B 106 56.87 -22.08 -25.93
C SER B 106 56.41 -21.38 -24.68
N VAL B 107 55.47 -20.48 -24.88
CA VAL B 107 54.91 -19.70 -23.81
C VAL B 107 54.22 -20.62 -22.79
N ALA B 108 53.67 -21.72 -23.29
CA ALA B 108 53.00 -22.72 -22.47
C ALA B 108 53.90 -23.37 -21.43
N ALA B 109 55.20 -23.37 -21.68
CA ALA B 109 56.15 -24.03 -20.77
C ALA B 109 57.04 -23.05 -20.02
N TRP B 110 56.77 -21.78 -20.24
CA TRP B 110 57.61 -20.73 -19.70
C TRP B 110 57.77 -20.86 -18.17
N ALA B 111 56.66 -20.92 -17.45
CA ALA B 111 56.74 -21.04 -15.98
C ALA B 111 57.35 -22.37 -15.54
N GLN B 112 57.03 -23.44 -16.26
CA GLN B 112 57.57 -24.76 -15.95
C GLN B 112 59.07 -24.79 -16.06
N TYR B 113 59.57 -24.15 -17.09
CA TYR B 113 61.01 -24.04 -17.28
C TYR B 113 61.62 -23.41 -16.05
N VAL B 114 61.05 -22.31 -15.59
CA VAL B 114 61.62 -21.60 -14.45
C VAL B 114 61.56 -22.44 -13.15
N LEU B 115 60.39 -22.99 -12.86
CA LEU B 115 60.22 -23.84 -11.71
C LEU B 115 61.15 -25.05 -11.75
N ASP B 116 61.39 -25.58 -12.96
CA ASP B 116 62.23 -26.78 -13.11
C ASP B 116 63.71 -26.53 -12.79
N ASN B 117 64.17 -25.29 -12.98
CA ASN B 117 65.61 -25.04 -13.03
C ASN B 117 66.22 -24.17 -11.97
N PHE B 118 65.41 -23.35 -11.32
CA PHE B 118 65.96 -22.36 -10.41
C PHE B 118 65.35 -22.48 -9.02
N ALA B 119 66.13 -22.11 -8.01
CA ALA B 119 65.73 -22.24 -6.62
C ALA B 119 65.27 -20.93 -6.02
N THR B 120 65.66 -19.81 -6.61
CA THR B 120 65.29 -18.51 -6.09
C THR B 120 64.98 -17.54 -7.24
N VAL B 121 64.36 -16.43 -6.89
CA VAL B 121 64.01 -15.43 -7.88
C VAL B 121 65.30 -14.88 -8.51
N ASP B 122 66.26 -14.59 -7.65
CA ASP B 122 67.55 -14.08 -8.06
C ASP B 122 68.25 -14.97 -9.07
N GLU B 123 68.34 -16.25 -8.74
CA GLU B 123 68.92 -17.25 -9.63
C GLU B 123 68.24 -17.20 -10.98
N ALA B 124 66.92 -17.18 -10.96
CA ALA B 124 66.10 -17.19 -12.18
C ALA B 124 66.29 -15.91 -12.99
N VAL B 125 66.39 -14.78 -12.30
CA VAL B 125 66.56 -13.51 -12.96
C VAL B 125 67.91 -13.50 -13.66
N LYS B 126 68.97 -13.94 -12.98
CA LYS B 126 70.30 -13.98 -13.58
C LYS B 126 70.32 -14.80 -14.85
N SER B 127 69.64 -15.95 -14.83
CA SER B 127 69.61 -16.81 -16.02
C SER B 127 68.74 -16.26 -17.14
N LEU B 128 67.63 -15.64 -16.78
CA LEU B 128 66.76 -15.08 -17.79
C LEU B 128 67.42 -13.87 -18.50
N GLN B 129 68.21 -13.11 -17.74
CA GLN B 129 68.91 -11.94 -18.29
C GLN B 129 69.84 -12.30 -19.42
N GLN B 130 70.40 -13.51 -19.38
CA GLN B 130 71.26 -13.99 -20.46
C GLN B 130 70.54 -14.32 -21.76
N GLU B 131 69.23 -14.25 -21.77
CA GLU B 131 68.47 -14.42 -22.99
C GLU B 131 68.88 -15.67 -23.75
N LYS B 132 68.91 -16.80 -23.06
CA LYS B 132 69.34 -18.08 -23.63
C LYS B 132 68.34 -18.69 -24.61
N PHE B 133 67.18 -18.07 -24.77
CA PHE B 133 66.14 -18.65 -25.62
C PHE B 133 65.22 -17.54 -26.12
N ILE B 134 64.43 -17.88 -27.11
CA ILE B 134 63.44 -16.97 -27.63
C ILE B 134 62.09 -17.52 -27.20
N LEU B 135 61.27 -16.67 -26.62
CA LEU B 135 59.93 -17.07 -26.25
C LEU B 135 59.03 -17.01 -27.49
N VAL B 136 58.25 -18.05 -27.73
CA VAL B 136 57.37 -18.08 -28.89
C VAL B 136 55.95 -18.44 -28.51
N THR B 137 55.00 -18.06 -29.35
CA THR B 137 53.59 -18.43 -29.21
C THR B 137 53.00 -18.78 -30.58
N LYS B 138 51.73 -19.25 -30.64
CA LYS B 138 50.74 -18.96 -31.78
C LYS B 138 49.53 -19.91 -31.81
N GLN B 139 48.39 -19.46 -32.37
CA GLN B 139 47.15 -20.28 -32.48
C GLN B 139 46.30 -19.91 -33.74
N VAL B 140 45.65 -20.87 -34.41
CA VAL B 140 44.98 -20.59 -35.76
C VAL B 140 43.74 -19.64 -35.95
N GLU B 141 42.65 -19.73 -35.19
CA GLU B 141 42.43 -20.72 -34.14
C GLU B 141 40.94 -21.07 -33.89
N GLY B 142 40.13 -20.10 -33.41
CA GLY B 142 38.87 -20.45 -32.72
C GLY B 142 38.08 -19.49 -31.79
N GLN B 143 37.64 -20.01 -30.62
CA GLN B 143 36.97 -19.31 -29.51
C GLN B 143 37.58 -20.06 -28.29
N LYS B 144 38.60 -19.45 -27.65
CA LYS B 144 39.56 -20.09 -26.72
C LYS B 144 39.69 -19.27 -25.37
N ARG B 145 40.13 -17.98 -25.39
CA ARG B 145 40.80 -17.29 -26.50
C ARG B 145 42.31 -16.88 -26.25
N LEU B 146 43.26 -17.75 -26.66
CA LEU B 146 44.76 -17.58 -26.73
C LEU B 146 45.54 -17.39 -25.43
N ALA B 147 46.32 -16.32 -25.41
CA ALA B 147 46.76 -15.63 -24.14
C ALA B 147 48.05 -14.89 -24.44
N THR B 148 48.03 -13.59 -24.21
CA THR B 148 49.26 -12.85 -24.10
C THR B 148 49.37 -12.96 -22.61
N LEU B 149 50.59 -12.96 -22.12
CA LEU B 149 50.83 -13.21 -20.73
C LEU B 149 52.20 -12.73 -20.29
N HIS B 150 52.34 -12.52 -18.99
CA HIS B 150 53.66 -12.31 -18.43
C HIS B 150 53.86 -13.15 -17.17
N LEU B 151 55.08 -13.15 -16.69
CA LEU B 151 55.51 -14.12 -15.71
C LEU B 151 55.92 -13.39 -14.46
N SER B 152 55.28 -13.74 -13.35
CA SER B 152 55.67 -13.23 -12.04
C SER B 152 56.28 -14.36 -11.21
N LEU B 153 57.28 -14.00 -10.41
CA LEU B 153 58.02 -14.95 -9.61
C LEU B 153 58.15 -14.50 -8.16
N SER B 154 58.26 -15.46 -7.24
CA SER B 154 58.51 -15.18 -5.83
C SER B 154 59.20 -16.33 -5.09
N ASP B 155 59.73 -16.00 -3.92
CA ASP B 155 60.74 -16.77 -3.16
C ASP B 155 60.33 -17.03 -1.75
N SER B 156 61.05 -17.93 -1.11
CA SER B 156 60.93 -18.11 0.33
C SER B 156 61.59 -16.97 1.08
N SER B 157 62.48 -16.26 0.40
CA SER B 157 63.08 -15.05 0.97
C SER B 157 62.16 -13.84 0.87
N GLY B 158 61.01 -13.99 0.22
CA GLY B 158 60.10 -12.84 -0.02
C GLY B 158 60.43 -11.98 -1.24
N ASP B 159 61.43 -12.40 -2.01
CA ASP B 159 61.87 -11.67 -3.19
C ASP B 159 60.80 -11.81 -4.26
N SER B 160 60.76 -10.85 -5.19
CA SER B 160 59.79 -10.85 -6.29
C SER B 160 60.40 -10.38 -7.58
N ALA B 161 59.87 -10.84 -8.69
CA ALA B 161 60.26 -10.34 -9.98
C ALA B 161 59.12 -10.51 -10.95
N ILE B 162 59.14 -9.73 -12.01
CA ILE B 162 58.21 -9.91 -13.12
C ILE B 162 58.98 -9.76 -14.43
N ILE B 163 58.58 -10.58 -15.40
CA ILE B 163 59.22 -10.59 -16.70
C ILE B 163 58.15 -10.40 -17.75
N GLU B 164 58.35 -9.40 -18.62
CA GLU B 164 57.42 -9.12 -19.72
C GLU B 164 58.16 -9.00 -21.03
N TYR B 165 57.39 -9.04 -22.11
CA TYR B 165 57.89 -8.77 -23.45
C TYR B 165 57.16 -7.57 -24.05
N ILE B 166 57.88 -6.47 -24.15
CA ILE B 166 57.35 -5.21 -24.64
C ILE B 166 58.16 -4.82 -25.86
N ASP B 167 57.46 -4.52 -26.95
CA ASP B 167 58.10 -4.26 -28.26
C ASP B 167 59.11 -5.35 -28.62
N GLY B 168 58.74 -6.60 -28.38
CA GLY B 168 59.62 -7.73 -28.69
C GLY B 168 60.81 -7.90 -27.78
N LYS B 169 61.00 -7.00 -26.80
CA LYS B 169 62.16 -7.05 -25.91
C LYS B 169 61.79 -7.55 -24.50
N GLN B 170 62.69 -8.34 -23.91
CA GLN B 170 62.52 -8.85 -22.57
C GLN B 170 62.76 -7.73 -21.56
N VAL B 171 61.75 -7.45 -20.74
CA VAL B 171 61.86 -6.44 -19.68
C VAL B 171 61.67 -7.09 -18.32
N ILE B 172 62.65 -6.92 -17.45
CA ILE B 172 62.62 -7.52 -16.13
C ILE B 172 62.64 -6.48 -15.02
N HIS B 173 61.68 -6.57 -14.10
CA HIS B 173 61.72 -5.80 -12.86
C HIS B 173 61.90 -6.78 -11.70
N HIS B 174 62.94 -6.54 -10.90
CA HIS B 174 63.31 -7.44 -9.83
C HIS B 174 63.56 -6.69 -8.53
N SER B 175 62.70 -6.91 -7.53
CA SER B 175 62.84 -6.27 -6.25
C SER B 175 61.84 -6.83 -5.25
N LYS B 176 62.28 -6.97 -4.01
CA LYS B 176 61.41 -7.35 -2.91
C LYS B 176 60.26 -6.37 -2.69
N ASN B 177 60.42 -5.14 -3.20
CA ASN B 177 59.36 -4.15 -3.09
C ASN B 177 58.22 -4.35 -4.04
N TYR B 178 58.40 -5.15 -5.08
CA TYR B 178 57.34 -5.37 -6.06
C TYR B 178 56.34 -6.45 -5.59
N GLN B 179 55.55 -6.10 -4.58
CA GLN B 179 54.65 -7.04 -3.91
C GLN B 179 53.41 -7.35 -4.67
N VAL B 180 52.98 -6.44 -5.53
CA VAL B 180 51.74 -6.59 -6.24
C VAL B 180 51.92 -6.47 -7.76
N MET B 181 51.23 -7.35 -8.49
CA MET B 181 51.32 -7.43 -9.94
C MET B 181 49.98 -7.83 -10.49
N THR B 182 49.53 -7.10 -11.50
CA THR B 182 48.32 -7.45 -12.22
C THR B 182 48.70 -7.76 -13.65
N ASN B 183 47.73 -8.24 -14.40
CA ASN B 183 47.97 -8.63 -15.80
C ASN B 183 48.17 -7.44 -16.73
N SER B 184 47.66 -6.30 -16.32
CA SER B 184 47.66 -5.10 -17.11
C SER B 184 47.68 -3.94 -16.13
N PRO B 185 48.19 -2.80 -16.54
CA PRO B 185 48.92 -2.40 -17.73
C PRO B 185 50.32 -2.92 -17.56
N THR B 186 51.25 -2.45 -18.35
CA THR B 186 52.63 -2.93 -18.19
C THR B 186 53.14 -2.56 -16.80
N PHE B 187 54.14 -3.28 -16.34
CA PHE B 187 54.56 -3.08 -14.99
C PHE B 187 55.14 -1.68 -14.71
N ASP B 188 55.80 -1.08 -15.69
CA ASP B 188 56.29 0.31 -15.53
C ASP B 188 55.16 1.22 -15.12
N GLN B 189 54.01 1.02 -15.76
CA GLN B 189 52.85 1.82 -15.46
C GLN B 189 52.29 1.40 -14.12
N GLN B 190 52.26 0.10 -13.85
CA GLN B 190 51.75 -0.39 -12.56
C GLN B 190 52.43 0.28 -11.38
N LEU B 191 53.73 0.48 -11.50
CA LEU B 191 54.53 1.11 -10.47
C LEU B 191 54.11 2.51 -10.03
N THR B 192 53.30 3.20 -10.81
CA THR B 192 52.93 4.57 -10.50
C THR B 192 51.47 4.64 -10.00
N LEU B 193 50.73 3.53 -10.07
CA LEU B 193 49.28 3.56 -9.89
C LEU B 193 48.84 3.85 -8.47
N ASN B 194 49.65 3.48 -7.50
CA ASN B 194 49.35 3.75 -6.11
C ASN B 194 49.52 5.16 -5.61
N ALA B 195 50.39 5.91 -6.27
CA ALA B 195 50.85 7.16 -5.70
C ALA B 195 49.66 7.98 -5.23
N TYR B 196 48.67 8.18 -6.10
CA TYR B 196 47.59 9.08 -5.73
C TYR B 196 46.96 8.56 -4.45
N TRP B 197 46.70 7.26 -4.45
CA TRP B 197 45.95 6.65 -3.38
C TRP B 197 46.75 6.60 -2.08
N ASP B 198 48.08 6.56 -2.16
CA ASP B 198 48.92 6.69 -0.97
C ASP B 198 48.80 8.07 -0.36
N GLN B 199 48.69 9.08 -1.21
CA GLN B 199 48.57 10.45 -0.78
C GLN B 199 47.36 10.68 0.06
N ILE B 200 46.21 10.29 -0.44
CA ILE B 200 45.00 10.32 0.37
C ILE B 200 45.03 8.99 1.12
N GLY B 201 44.25 8.79 2.16
CA GLY B 201 44.26 7.42 2.72
C GLY B 201 43.57 6.34 1.88
N GLY B 202 44.03 5.11 1.95
CA GLY B 202 43.23 3.99 1.43
C GLY B 202 42.01 3.74 2.31
N ASN B 203 42.12 4.15 3.58
CA ASN B 203 40.99 4.12 4.53
C ASN B 203 39.99 5.22 4.21
N VAL B 204 40.44 6.21 3.45
CA VAL B 204 39.60 7.32 3.01
C VAL B 204 38.80 6.94 1.77
N MET B 205 39.47 6.47 0.74
CA MET B 205 38.76 5.90 -0.40
C MET B 205 39.63 4.93 -1.15
N LEU B 206 38.98 4.00 -1.84
CA LEU B 206 39.63 3.13 -2.83
C LEU B 206 38.70 2.95 -4.01
N PRO B 207 39.27 2.68 -5.19
CA PRO B 207 38.45 2.40 -6.38
C PRO B 207 37.96 0.99 -6.29
N GLY B 208 36.70 0.76 -6.59
CA GLY B 208 36.11 -0.55 -6.41
C GLY B 208 35.61 -1.32 -7.65
N THR B 209 36.21 -1.13 -8.79
CA THR B 209 35.80 -1.86 -10.00
C THR B 209 36.68 -3.09 -10.22
N ASN B 210 36.39 -3.87 -11.26
CA ASN B 210 37.24 -4.99 -11.66
C ASN B 210 38.39 -4.64 -12.59
N ARG B 211 38.56 -3.36 -12.87
CA ARG B 211 39.68 -2.90 -13.67
C ARG B 211 40.97 -3.34 -13.05
N ALA B 212 41.92 -3.72 -13.89
CA ALA B 212 43.21 -4.09 -13.38
C ALA B 212 43.81 -3.00 -12.52
N ALA B 213 43.65 -1.74 -12.92
CA ALA B 213 44.21 -0.66 -12.06
C ALA B 213 43.59 -0.65 -10.67
N ASP B 214 42.30 -0.87 -10.59
CA ASP B 214 41.62 -0.85 -9.30
C ASP B 214 42.08 -2.03 -8.43
N ARG B 215 42.17 -3.22 -9.02
CA ARG B 215 42.55 -4.42 -8.32
C ARG B 215 43.96 -4.22 -7.80
N PHE B 216 44.82 -3.65 -8.62
CA PHE B 216 46.20 -3.40 -8.20
C PHE B 216 46.23 -2.51 -6.98
N VAL B 217 45.43 -1.46 -7.05
CA VAL B 217 45.41 -0.44 -5.99
C VAL B 217 44.86 -1.00 -4.67
N ARG B 218 43.77 -1.75 -4.77
CA ARG B 218 43.13 -2.33 -3.60
C ARG B 218 44.08 -3.31 -2.92
N ALA B 219 44.71 -4.13 -3.72
CA ALA B 219 45.56 -5.14 -3.20
C ALA B 219 46.78 -4.54 -2.61
N SER B 220 47.31 -3.50 -3.26
CA SER B 220 48.49 -2.82 -2.71
C SER B 220 48.16 -2.20 -1.35
N PHE B 221 46.98 -1.61 -1.22
CA PHE B 221 46.65 -1.03 0.04
C PHE B 221 46.56 -2.09 1.13
N TYR B 222 45.79 -3.13 0.90
CA TYR B 222 45.54 -4.11 1.98
C TYR B 222 46.83 -4.84 2.37
N VAL B 223 47.67 -5.11 1.40
CA VAL B 223 48.93 -5.80 1.65
C VAL B 223 49.84 -4.98 2.57
N LYS B 224 49.77 -3.66 2.49
CA LYS B 224 50.59 -2.81 3.35
C LYS B 224 49.92 -2.43 4.65
N ASN B 225 48.61 -2.48 4.73
CA ASN B 225 47.93 -1.92 5.87
C ASN B 225 47.22 -2.92 6.77
N VAL B 226 47.19 -4.18 6.43
CA VAL B 226 46.52 -5.15 7.24
C VAL B 226 47.51 -5.93 8.06
N ASN B 227 47.46 -5.83 9.39
CA ASN B 227 48.24 -6.75 10.25
C ASN B 227 47.35 -7.54 11.18
N PRO B 228 47.17 -8.82 10.88
CA PRO B 228 46.34 -9.66 11.73
C PRO B 228 47.03 -10.10 13.03
N ASN B 229 48.33 -9.83 13.15
CA ASN B 229 49.12 -10.23 14.31
C ASN B 229 49.62 -9.04 15.10
N LYS B 230 48.89 -7.93 15.03
CA LYS B 230 49.11 -6.80 15.92
C LYS B 230 49.11 -7.30 17.37
N LEU B 231 50.03 -6.78 18.19
CA LEU B 231 49.98 -7.03 19.62
C LEU B 231 48.82 -6.28 20.22
N ILE B 232 48.06 -6.97 21.05
CA ILE B 232 46.97 -6.36 21.81
C ILE B 232 47.47 -6.27 23.23
N PRO B 233 47.48 -5.05 23.83
CA PRO B 233 47.87 -4.88 25.25
C PRO B 233 47.10 -5.81 26.16
N GLY B 234 47.80 -6.64 26.94
CA GLY B 234 47.16 -7.44 28.00
C GLY B 234 46.77 -8.86 27.62
N VAL B 235 47.19 -9.31 26.43
CA VAL B 235 46.73 -10.57 25.86
C VAL B 235 47.92 -11.24 25.15
N ALA B 236 48.18 -12.50 25.48
CA ALA B 236 49.40 -13.15 25.05
C ALA B 236 49.55 -13.00 23.54
N GLU B 237 50.76 -12.68 23.11
CA GLU B 237 51.11 -12.82 21.71
C GLU B 237 50.78 -14.25 21.26
N LYS B 238 50.28 -14.41 20.03
CA LYS B 238 49.94 -15.76 19.55
C LYS B 238 51.21 -16.53 19.31
N GLY B 239 51.06 -17.84 19.25
CA GLY B 239 52.15 -18.73 18.88
C GLY B 239 52.42 -18.65 17.40
N LYS B 240 53.62 -19.08 17.02
CA LYS B 240 54.04 -19.14 15.64
C LYS B 240 52.97 -19.71 14.73
N ILE B 241 52.36 -20.81 15.14
CA ILE B 241 51.44 -21.51 14.23
C ILE B 241 50.19 -20.69 14.01
N GLU B 242 49.69 -20.07 15.09
CA GLU B 242 48.50 -19.23 14.99
C GLU B 242 48.76 -17.95 14.19
N LYS B 243 49.98 -17.44 14.26
CA LYS B 243 50.35 -16.30 13.47
C LYS B 243 50.42 -16.63 11.99
N ASP B 244 51.01 -17.78 11.69
CA ASP B 244 51.12 -18.29 10.34
C ASP B 244 49.73 -18.42 9.76
N LYS B 245 48.83 -19.05 10.48
CA LYS B 245 47.47 -19.25 10.01
C LYS B 245 46.74 -17.97 9.76
N ALA B 246 47.00 -16.97 10.60
CA ALA B 246 46.33 -15.67 10.48
C ALA B 246 46.83 -14.93 9.23
N ASP B 247 48.12 -15.01 8.97
CA ASP B 247 48.66 -14.50 7.73
C ASP B 247 48.03 -15.17 6.49
N LEU B 248 47.83 -16.46 6.59
CA LEU B 248 47.22 -17.20 5.52
C LEU B 248 45.81 -16.70 5.30
N ALA B 249 45.05 -16.50 6.36
CA ALA B 249 43.67 -15.98 6.24
C ALA B 249 43.62 -14.56 5.64
N THR B 250 44.61 -13.74 6.01
CA THR B 250 44.70 -12.41 5.49
C THR B 250 44.96 -12.46 3.97
N ALA B 251 45.98 -13.21 3.56
CA ALA B 251 46.29 -13.36 2.14
C ALA B 251 45.08 -13.86 1.35
N PHE B 252 44.41 -14.87 1.86
CA PHE B 252 43.21 -15.34 1.17
C PHE B 252 42.18 -14.24 1.01
N SER B 253 42.02 -13.42 2.06
CA SER B 253 40.90 -12.47 2.02
C SER B 253 41.21 -11.33 1.04
N ILE B 254 42.49 -11.03 0.89
CA ILE B 254 42.90 -9.96 0.01
C ILE B 254 42.80 -10.39 -1.47
N ILE B 255 43.24 -11.60 -1.77
CA ILE B 255 43.08 -12.11 -3.12
C ILE B 255 41.61 -12.30 -3.45
N ARG B 256 40.79 -12.66 -2.48
CA ARG B 256 39.33 -12.72 -2.76
C ARG B 256 38.74 -11.35 -3.04
N ASN B 257 39.20 -10.34 -2.28
CA ASN B 257 38.79 -8.98 -2.52
C ASN B 257 39.16 -8.48 -3.93
N ALA B 258 40.31 -8.89 -4.45
CA ALA B 258 40.78 -8.49 -5.77
C ALA B 258 40.25 -9.39 -6.88
N SER B 259 39.40 -10.35 -6.54
CA SER B 259 38.85 -11.20 -7.60
C SER B 259 37.76 -10.49 -8.34
N VAL B 260 37.43 -11.04 -9.50
CA VAL B 260 36.36 -10.55 -10.32
C VAL B 260 35.16 -11.48 -10.20
N PRO B 261 34.01 -10.94 -9.81
CA PRO B 261 32.82 -11.77 -9.65
C PRO B 261 32.57 -12.65 -10.83
N TYR B 262 32.07 -13.83 -10.55
CA TYR B 262 31.80 -14.83 -11.57
C TYR B 262 30.59 -14.47 -12.41
N GLY B 263 30.85 -14.29 -13.72
CA GLY B 263 29.83 -13.98 -14.71
C GLY B 263 29.98 -12.59 -15.24
N TYR B 264 30.79 -11.79 -14.55
CA TYR B 264 30.93 -10.39 -14.92
C TYR B 264 31.72 -10.27 -16.22
N SER B 265 31.26 -9.42 -17.12
CA SER B 265 32.00 -9.11 -18.36
C SER B 265 31.61 -7.73 -18.87
N LEU B 266 32.57 -7.08 -19.48
CA LEU B 266 32.37 -5.74 -20.03
C LEU B 266 32.91 -5.68 -21.48
N PRO B 267 32.00 -5.56 -22.47
CA PRO B 267 32.42 -5.66 -23.88
C PRO B 267 33.55 -4.69 -24.24
N ASP B 268 33.48 -3.45 -23.75
CA ASP B 268 34.55 -2.48 -23.96
C ASP B 268 35.93 -2.92 -23.44
N MET B 269 35.96 -3.73 -22.38
CA MET B 269 37.21 -4.19 -21.77
C MET B 269 37.26 -5.71 -21.68
N PRO B 270 37.71 -6.33 -22.77
CA PRO B 270 37.77 -7.79 -22.85
C PRO B 270 38.84 -8.40 -21.96
N ASN B 271 39.73 -7.58 -21.41
CA ASN B 271 40.80 -8.06 -20.51
C ASN B 271 40.38 -8.16 -19.00
N ILE B 272 39.09 -7.99 -18.74
CA ILE B 272 38.50 -8.28 -17.46
C ILE B 272 37.65 -9.54 -17.60
N ALA B 273 37.85 -10.50 -16.69
CA ALA B 273 37.07 -11.74 -16.70
C ALA B 273 36.90 -12.35 -15.34
N SER B 274 35.87 -13.18 -15.23
CA SER B 274 35.62 -13.95 -14.05
C SER B 274 36.85 -14.58 -13.46
N THR B 275 37.08 -14.40 -12.19
CA THR B 275 38.04 -15.21 -11.47
C THR B 275 37.47 -16.63 -11.31
N ARG B 276 38.26 -17.63 -11.75
CA ARG B 276 37.83 -19.02 -11.74
C ARG B 276 38.44 -19.78 -10.61
N TRP B 277 39.65 -19.39 -10.23
CA TRP B 277 40.28 -20.04 -9.09
C TRP B 277 41.39 -19.17 -8.56
N ARG B 278 41.89 -19.58 -7.40
CA ARG B 278 42.92 -18.87 -6.73
C ARG B 278 43.91 -19.89 -6.19
N THR B 279 45.18 -19.52 -6.15
CA THR B 279 46.14 -20.30 -5.43
C THR B 279 46.83 -19.44 -4.40
N VAL B 280 47.29 -20.09 -3.33
CA VAL B 280 48.08 -19.45 -2.32
C VAL B 280 49.27 -20.34 -1.96
N VAL B 281 50.46 -19.75 -1.94
CA VAL B 281 51.67 -20.47 -1.65
C VAL B 281 52.22 -20.04 -0.30
N ASP B 282 52.34 -20.98 0.63
CA ASP B 282 53.06 -20.76 1.85
C ASP B 282 54.45 -21.28 1.63
N HIS B 283 55.38 -20.37 1.40
CA HIS B 283 56.71 -20.75 0.99
C HIS B 283 57.47 -21.55 2.05
N LYS B 284 57.42 -21.11 3.30
CA LYS B 284 58.19 -21.77 4.36
C LYS B 284 57.73 -23.16 4.62
N SER B 285 56.42 -23.37 4.66
CA SER B 285 55.89 -24.71 4.88
C SER B 285 55.86 -25.54 3.60
N LEU B 286 56.17 -24.90 2.48
CA LEU B 286 56.01 -25.47 1.15
C LEU B 286 54.65 -26.08 0.95
N GLN B 287 53.61 -25.29 1.20
CA GLN B 287 52.22 -25.73 1.01
C GLN B 287 51.54 -24.92 -0.08
N TYR B 288 50.93 -25.63 -1.02
CA TYR B 288 50.31 -25.02 -2.18
C TYR B 288 48.81 -25.22 -2.05
N PHE B 289 48.07 -24.12 -1.87
CA PHE B 289 46.62 -24.16 -1.73
C PHE B 289 45.95 -23.87 -3.05
N PHE B 290 44.85 -24.55 -3.30
CA PHE B 290 44.04 -24.31 -4.46
C PHE B 290 42.59 -24.19 -4.04
N GLU B 291 41.91 -23.25 -4.66
CA GLU B 291 40.56 -22.84 -4.30
C GLU B 291 39.83 -22.59 -5.62
N SER B 292 38.72 -23.27 -5.84
CA SER B 292 37.93 -23.00 -7.02
C SER B 292 36.96 -21.91 -6.70
N ALA B 293 36.71 -21.01 -7.65
CA ALA B 293 35.62 -20.03 -7.53
C ALA B 293 34.37 -20.47 -8.27
N VAL B 294 34.45 -21.63 -8.92
CA VAL B 294 33.35 -22.15 -9.74
C VAL B 294 32.61 -23.26 -9.00
N SER B 295 33.34 -24.05 -8.25
CA SER B 295 32.77 -25.13 -7.45
C SER B 295 33.30 -25.00 -6.03
N PRO B 296 32.56 -25.48 -5.04
CA PRO B 296 33.11 -25.54 -3.69
C PRO B 296 34.24 -26.55 -3.57
N ASN B 297 35.46 -26.06 -3.40
CA ASN B 297 36.62 -26.89 -3.40
C ASN B 297 37.79 -26.05 -2.94
N ILE B 298 38.28 -26.33 -1.74
CA ILE B 298 39.52 -25.76 -1.24
C ILE B 298 40.32 -26.83 -0.49
N PHE B 299 41.61 -26.89 -0.79
CA PHE B 299 42.47 -27.90 -0.21
C PHE B 299 43.91 -27.47 -0.46
N TRP B 300 44.88 -28.21 0.08
CA TRP B 300 46.27 -27.88 -0.18
C TRP B 300 47.12 -29.10 -0.39
N VAL B 301 48.32 -28.85 -0.88
CA VAL B 301 49.28 -29.87 -1.18
C VAL B 301 50.61 -29.56 -0.47
N ASP B 302 51.05 -30.48 0.38
CA ASP B 302 52.23 -30.30 1.17
C ASP B 302 53.41 -30.92 0.45
N LEU B 303 54.27 -30.08 -0.10
CA LEU B 303 55.43 -30.57 -0.84
C LEU B 303 56.43 -31.33 0.05
N LYS B 304 56.43 -31.07 1.34
CA LYS B 304 57.24 -31.89 2.23
C LYS B 304 56.78 -33.36 2.32
N LYS B 305 55.57 -33.68 1.88
CA LYS B 305 55.09 -35.04 2.00
C LYS B 305 55.19 -35.77 0.68
N ILE B 306 55.81 -35.14 -0.30
CA ILE B 306 55.88 -35.72 -1.63
C ILE B 306 57.32 -36.09 -1.89
N ASN B 307 57.52 -37.27 -2.46
CA ASN B 307 58.85 -37.68 -2.90
C ASN B 307 59.04 -37.25 -4.35
N PHE B 308 59.98 -36.33 -4.54
CA PHE B 308 60.21 -35.75 -5.86
C PHE B 308 61.29 -36.48 -6.66
N ALA B 309 61.78 -37.62 -6.14
CA ALA B 309 62.79 -38.39 -6.82
C ALA B 309 62.21 -38.90 -8.13
N PRO B 310 63.09 -39.10 -9.13
CA PRO B 310 62.65 -39.50 -10.48
C PRO B 310 61.76 -40.73 -10.46
N ARG B 311 60.82 -40.79 -11.40
CA ARG B 311 59.92 -41.95 -11.52
C ARG B 311 59.95 -42.53 -12.94
N GLY B 312 61.16 -42.63 -13.50
CA GLY B 312 61.34 -43.12 -14.85
C GLY B 312 60.52 -42.36 -15.89
N GLY B 313 60.42 -41.05 -15.71
CA GLY B 313 59.78 -40.17 -16.69
C GLY B 313 58.28 -40.02 -16.54
N SER B 314 57.70 -40.66 -15.54
CA SER B 314 56.27 -40.47 -15.29
C SER B 314 56.10 -39.35 -14.25
N ALA B 315 54.85 -38.99 -14.03
CA ALA B 315 54.50 -37.86 -13.18
C ALA B 315 53.23 -38.25 -12.45
N ALA B 316 52.61 -37.31 -11.76
CA ALA B 316 51.32 -37.58 -11.15
C ALA B 316 50.36 -36.40 -11.34
N LYS B 317 49.07 -36.71 -11.29
CA LYS B 317 48.04 -35.76 -11.57
C LYS B 317 46.93 -35.87 -10.54
N LEU B 318 46.42 -34.70 -10.13
CA LEU B 318 45.24 -34.60 -9.31
C LEU B 318 44.11 -34.10 -10.19
N ASP B 319 43.19 -35.00 -10.51
CA ASP B 319 42.12 -34.67 -11.44
C ASP B 319 41.03 -33.92 -10.70
N LEU B 320 40.79 -32.68 -11.14
CA LEU B 320 39.83 -31.81 -10.49
C LEU B 320 38.47 -31.88 -11.14
N GLY B 321 38.38 -32.61 -12.23
CA GLY B 321 37.09 -32.85 -12.88
C GLY B 321 36.51 -31.66 -13.62
N PRO B 322 35.31 -31.86 -14.20
CA PRO B 322 34.64 -30.73 -14.86
C PRO B 322 34.39 -29.56 -13.91
N ASN B 323 34.75 -28.36 -14.36
CA ASN B 323 34.60 -27.16 -13.56
C ASN B 323 35.25 -27.21 -12.18
N GLN B 324 36.28 -28.02 -12.07
CA GLN B 324 37.02 -28.21 -10.84
C GLN B 324 36.11 -28.60 -9.67
N SER B 325 35.10 -29.42 -9.97
CA SER B 325 34.09 -29.85 -9.02
C SER B 325 34.44 -31.10 -8.25
N THR B 326 35.55 -31.75 -8.57
CA THR B 326 35.87 -32.98 -7.87
C THR B 326 36.51 -32.61 -6.54
N ILE B 327 35.81 -32.90 -5.46
CA ILE B 327 36.15 -32.38 -4.15
C ILE B 327 37.31 -33.08 -3.52
N TYR B 328 38.28 -32.30 -3.05
CA TYR B 328 39.30 -32.78 -2.15
C TYR B 328 39.39 -31.84 -0.96
N SER B 329 39.83 -32.36 0.16
CA SER B 329 39.82 -31.64 1.41
C SER B 329 41.07 -31.95 2.20
N GLY B 330 41.60 -30.95 2.91
CA GLY B 330 42.81 -31.13 3.66
C GLY B 330 44.00 -31.31 2.75
N GLN B 331 45.04 -31.95 3.27
CA GLN B 331 46.28 -32.16 2.51
C GLN B 331 46.06 -33.30 1.52
N ALA B 332 46.21 -33.00 0.23
CA ALA B 332 45.72 -33.86 -0.83
C ALA B 332 46.78 -34.60 -1.65
N SER B 333 48.04 -34.63 -1.22
CA SER B 333 49.07 -35.25 -2.05
C SER B 333 48.81 -36.72 -2.32
N GLY B 334 48.18 -37.39 -1.36
CA GLY B 334 47.82 -38.79 -1.49
C GLY B 334 46.82 -39.10 -2.59
N HIS B 335 46.04 -38.11 -3.02
CA HIS B 335 45.06 -38.34 -4.06
C HIS B 335 45.61 -38.17 -5.46
N PHE B 336 46.86 -37.76 -5.61
CA PHE B 336 47.46 -37.65 -6.93
C PHE B 336 47.66 -39.06 -7.49
N LYS B 337 47.45 -39.23 -8.78
CA LYS B 337 47.57 -40.54 -9.41
C LYS B 337 48.58 -40.49 -10.53
N PRO B 338 49.31 -41.60 -10.75
CA PRO B 338 50.32 -41.62 -11.81
C PRO B 338 49.78 -41.24 -13.15
N ALA B 339 50.59 -40.52 -13.92
CA ALA B 339 50.23 -40.18 -15.30
C ALA B 339 51.44 -39.64 -16.03
N GLN B 340 51.39 -39.74 -17.36
CA GLN B 340 52.47 -39.22 -18.18
C GLN B 340 52.31 -37.71 -18.30
N PRO B 341 53.44 -36.97 -18.29
CA PRO B 341 53.38 -35.53 -18.48
C PRO B 341 52.68 -35.15 -19.76
N PHE B 342 51.71 -34.25 -19.68
CA PHE B 342 50.98 -33.76 -20.85
C PHE B 342 51.97 -33.06 -21.74
N GLU B 343 51.64 -32.95 -23.01
CA GLU B 343 52.52 -32.28 -23.98
C GLU B 343 52.18 -30.76 -23.97
N PHE B 344 53.21 -29.91 -23.90
CA PHE B 344 52.99 -28.45 -23.96
C PHE B 344 52.57 -28.01 -25.36
N ALA B 345 51.60 -27.11 -25.42
CA ALA B 345 51.21 -26.53 -26.69
C ALA B 345 52.39 -25.79 -27.33
N GLY B 346 52.37 -25.71 -28.66
CA GLY B 346 53.40 -25.00 -29.43
C GLY B 346 53.38 -25.41 -30.89
N LEU B 347 54.48 -25.17 -31.58
CA LEU B 347 54.51 -25.36 -33.02
C LEU B 347 54.93 -26.80 -33.41
N CYS C 1 27.00 -8.59 9.02
CA CYS C 1 27.19 -7.26 8.25
C CYS C 1 26.92 -6.98 6.66
N THR C 2 26.97 -7.89 5.69
CA THR C 2 26.34 -7.67 4.33
C THR C 2 25.45 -8.86 3.95
N ARG C 3 24.26 -8.60 3.41
CA ARG C 3 23.38 -9.66 2.92
C ARG C 3 22.73 -9.29 1.61
N PHE C 4 22.55 -10.29 0.75
CA PHE C 4 21.78 -10.05 -0.44
C PHE C 4 21.03 -11.26 -0.96
N VAL C 5 20.05 -11.01 -1.79
CA VAL C 5 19.36 -12.03 -2.49
C VAL C 5 19.69 -11.84 -3.96
N TYR C 6 20.25 -12.88 -4.58
CA TYR C 6 20.61 -12.85 -5.99
C TYR C 6 19.58 -13.55 -6.88
N LEU C 7 19.10 -12.85 -7.90
CA LEU C 7 18.13 -13.37 -8.85
C LEU C 7 18.73 -13.23 -10.25
N ASP C 8 18.88 -14.35 -10.94
CA ASP C 8 19.35 -14.41 -12.31
C ASP C 8 18.15 -14.34 -13.25
N PRO C 9 18.09 -13.31 -14.11
CA PRO C 9 17.01 -13.23 -15.11
C PRO C 9 16.95 -14.44 -16.05
N HIS C 10 18.09 -15.05 -16.36
CA HIS C 10 18.15 -16.23 -17.22
C HIS C 10 18.00 -17.55 -16.49
N ASN C 11 17.72 -17.50 -15.19
CA ASN C 11 17.45 -18.69 -14.42
C ASN C 11 16.46 -18.36 -13.33
N PRO C 12 15.24 -18.02 -13.71
CA PRO C 12 14.19 -17.65 -12.77
C PRO C 12 13.77 -18.76 -11.79
N ASP C 13 13.05 -18.33 -10.73
CA ASP C 13 12.57 -19.20 -9.64
C ASP C 13 13.70 -20.01 -9.02
N TYR C 14 14.82 -19.33 -8.80
CA TYR C 14 16.01 -19.92 -8.20
C TYR C 14 16.81 -18.87 -7.41
N PRO C 15 16.20 -18.33 -6.37
CA PRO C 15 16.83 -17.30 -5.56
C PRO C 15 17.90 -17.87 -4.67
N ILE C 16 18.94 -17.10 -4.45
CA ILE C 16 20.01 -17.45 -3.57
C ILE C 16 20.27 -16.28 -2.62
N THR C 17 20.30 -16.58 -1.32
CA THR C 17 20.62 -15.57 -0.30
C THR C 17 22.05 -15.77 0.15
N ALA C 18 22.76 -14.69 0.37
CA ALA C 18 24.14 -14.75 0.83
C ALA C 18 24.33 -13.73 1.89
N ARG C 19 25.15 -14.06 2.88
CA ARG C 19 25.46 -13.13 3.95
C ARG C 19 26.89 -13.26 4.44
N SER C 20 27.43 -12.16 4.91
CA SER C 20 28.74 -12.15 5.52
C SER C 20 28.56 -11.77 6.97
N MET C 21 29.33 -12.36 7.86
CA MET C 21 29.31 -11.99 9.27
C MET C 21 30.62 -11.25 9.54
N ASP C 22 30.49 -10.02 9.99
CA ASP C 22 31.63 -9.19 10.26
C ASP C 22 31.72 -8.90 11.79
N TRP C 23 32.85 -9.28 12.36
CA TRP C 23 33.10 -9.09 13.78
C TRP C 23 34.59 -9.18 14.03
N ALA C 24 35.06 -8.41 14.98
CA ALA C 24 36.50 -8.29 15.21
C ALA C 24 37.09 -9.48 15.97
N ASP C 25 36.25 -10.29 16.59
CA ASP C 25 36.70 -11.41 17.42
C ASP C 25 36.05 -12.70 16.94
N ASP C 26 36.62 -13.82 17.36
CA ASP C 26 36.02 -15.13 17.12
C ASP C 26 34.57 -15.12 17.64
N THR C 27 33.64 -15.61 16.84
CA THR C 27 32.26 -15.74 17.25
C THR C 27 31.91 -17.11 17.75
N GLU C 28 32.87 -18.02 17.72
CA GLU C 28 32.66 -19.35 18.29
C GLU C 28 31.39 -19.96 17.71
N THR C 29 31.26 -19.79 16.40
CA THR C 29 30.08 -20.21 15.70
C THR C 29 30.12 -21.71 15.45
N ASN C 30 28.94 -22.33 15.57
CA ASN C 30 28.71 -23.71 15.19
C ASN C 30 27.39 -23.77 14.44
N LEU C 31 27.10 -24.90 13.83
CA LEU C 31 25.85 -25.12 13.18
C LEU C 31 24.96 -26.02 14.04
N TRP C 32 23.64 -25.85 13.89
CA TRP C 32 22.68 -26.59 14.69
C TRP C 32 21.48 -27.01 13.87
N ILE C 33 21.04 -28.25 14.08
CA ILE C 33 19.78 -28.71 13.55
C ILE C 33 18.78 -28.66 14.69
N PHE C 34 17.66 -28.00 14.44
CA PHE C 34 16.63 -27.85 15.45
C PHE C 34 15.35 -28.44 14.89
N PRO C 35 14.93 -29.58 15.44
CA PRO C 35 13.76 -30.26 14.91
C PRO C 35 12.47 -29.53 15.21
N GLN C 36 11.40 -30.05 14.60
CA GLN C 36 10.06 -29.58 14.86
C GLN C 36 9.64 -29.82 16.32
N GLU C 37 8.78 -28.94 16.82
CA GLU C 37 8.12 -29.09 18.11
C GLU C 37 9.00 -28.87 19.32
N LEU C 38 10.09 -28.13 19.15
CA LEU C 38 10.83 -27.70 20.32
C LEU C 38 10.04 -26.66 21.07
N LYS C 39 9.98 -26.80 22.39
CA LYS C 39 9.30 -25.82 23.22
C LYS C 39 10.31 -24.77 23.61
N ARG C 40 9.98 -23.50 23.32
CA ARG C 40 10.95 -22.43 23.56
C ARG C 40 10.35 -21.27 24.33
N SER C 41 11.24 -20.61 25.07
CA SER C 41 10.90 -19.47 25.90
C SER C 41 11.70 -18.27 25.41
N GLY C 42 11.09 -17.10 25.39
CA GLY C 42 11.71 -15.89 24.87
C GLY C 42 12.93 -15.33 25.59
N GLY C 43 13.24 -15.80 26.79
CA GLY C 43 14.44 -15.33 27.49
C GLY C 43 14.37 -13.87 27.93
N ALA C 44 13.17 -13.42 28.30
CA ALA C 44 12.97 -12.02 28.71
C ALA C 44 12.48 -11.88 30.17
N GLY C 45 12.96 -12.76 31.04
CA GLY C 45 12.64 -12.78 32.47
C GLY C 45 11.26 -13.25 32.81
N GLN C 46 10.64 -12.60 33.78
CA GLN C 46 9.20 -12.65 33.98
C GLN C 46 8.58 -12.18 32.66
N TYR C 47 7.52 -12.85 32.22
CA TYR C 47 6.85 -12.57 30.93
C TYR C 47 7.63 -12.77 29.63
N SER C 48 8.22 -13.95 29.49
CA SER C 48 8.88 -14.32 28.25
C SER C 48 7.87 -14.94 27.29
N LEU C 49 7.98 -14.60 26.02
CA LEU C 49 7.12 -15.17 24.98
C LEU C 49 7.40 -16.65 24.88
N GLU C 50 6.38 -17.41 24.55
CA GLU C 50 6.52 -18.86 24.50
C GLU C 50 5.96 -19.40 23.22
N TRP C 51 6.63 -20.39 22.66
CA TRP C 51 6.11 -21.04 21.47
C TRP C 51 6.70 -22.44 21.32
N THR C 52 6.06 -23.20 20.45
CA THR C 52 6.49 -24.52 20.08
C THR C 52 6.79 -24.50 18.59
N SER C 53 8.03 -24.82 18.21
CA SER C 53 8.45 -24.63 16.83
C SER C 53 7.60 -25.48 15.93
N LYS C 54 7.21 -24.91 14.80
CA LYS C 54 6.41 -25.60 13.80
C LYS C 54 7.28 -26.18 12.69
N TYR C 55 8.35 -25.47 12.34
CA TYR C 55 9.28 -25.92 11.31
C TYR C 55 10.71 -26.12 11.82
N GLY C 56 11.36 -27.13 11.27
CA GLY C 56 12.73 -27.40 11.61
C GLY C 56 13.66 -26.47 10.84
N SER C 57 14.87 -26.31 11.37
CA SER C 57 15.79 -25.33 10.81
C SER C 57 17.22 -25.81 10.95
N VAL C 58 18.08 -25.25 10.13
CA VAL C 58 19.51 -25.37 10.31
C VAL C 58 19.96 -23.93 10.52
N ILE C 59 20.77 -23.70 11.54
CA ILE C 59 21.16 -22.33 11.87
C ILE C 59 22.62 -22.21 12.24
N ALA C 60 23.12 -20.99 12.24
CA ALA C 60 24.49 -20.72 12.64
C ALA C 60 24.43 -19.88 13.89
N SER C 61 25.13 -20.35 14.90
CA SER C 61 25.03 -19.81 16.24
C SER C 61 26.21 -18.91 16.45
N ALA C 62 26.17 -18.17 17.55
CA ALA C 62 27.35 -17.45 18.02
C ALA C 62 27.42 -17.61 19.53
N PHE C 63 28.64 -17.83 20.02
CA PHE C 63 28.87 -17.96 21.46
C PHE C 63 27.89 -18.92 22.15
N ASP C 64 27.57 -20.03 21.51
CA ASP C 64 26.53 -20.91 22.03
C ASP C 64 26.92 -21.59 23.35
N GLY C 65 28.20 -21.58 23.68
CA GLY C 65 28.68 -22.10 24.95
C GLY C 65 28.73 -21.10 26.08
N ARG C 66 28.16 -19.92 25.91
CA ARG C 66 28.20 -18.87 26.95
C ARG C 66 26.79 -18.35 27.28
N LYS C 67 26.36 -18.61 28.50
CA LYS C 67 25.03 -18.16 28.99
C LYS C 67 24.74 -16.73 28.64
N GLY C 68 25.76 -15.90 28.83
CA GLY C 68 25.62 -14.50 28.60
C GLY C 68 25.34 -14.04 27.18
N MET C 69 25.71 -14.82 26.17
CA MET C 69 25.77 -14.31 24.80
C MET C 69 25.25 -15.21 23.69
N ALA C 70 24.71 -16.35 24.02
CA ALA C 70 24.38 -17.31 22.98
C ALA C 70 23.23 -16.82 22.10
N SER C 71 23.40 -16.87 20.78
CA SER C 71 22.31 -16.51 19.86
C SER C 71 22.27 -17.38 18.60
N THR C 72 21.10 -17.39 17.98
CA THR C 72 20.99 -17.76 16.58
C THR C 72 21.24 -16.50 15.71
N THR C 73 22.22 -16.55 14.82
CA THR C 73 22.59 -15.40 13.97
C THR C 73 22.15 -15.50 12.52
N ASP C 74 21.87 -16.70 12.06
CA ASP C 74 21.66 -16.95 10.66
C ASP C 74 21.05 -18.31 10.51
N GLY C 75 20.21 -18.50 9.51
CA GLY C 75 19.70 -19.83 9.28
C GLY C 75 18.66 -19.94 8.18
N VAL C 76 18.24 -21.16 7.90
CA VAL C 76 17.16 -21.42 6.98
C VAL C 76 16.34 -22.57 7.53
N ASN C 77 15.01 -22.50 7.34
CA ASN C 77 14.11 -23.55 7.77
C ASN C 77 13.63 -24.42 6.61
N GLU C 78 12.93 -25.50 6.95
CA GLU C 78 12.61 -26.53 5.96
C GLU C 78 11.65 -26.05 4.88
N LYS C 79 11.12 -24.84 5.03
CA LYS C 79 10.23 -24.26 3.99
C LYS C 79 10.94 -23.33 3.03
N GLY C 80 12.21 -23.08 3.26
CA GLY C 80 12.96 -22.13 2.45
C GLY C 80 13.01 -20.71 2.99
N LEU C 81 12.44 -20.46 4.17
CA LEU C 81 12.58 -19.14 4.78
C LEU C 81 13.96 -19.02 5.35
N ALA C 82 14.67 -17.99 4.98
CA ALA C 82 15.99 -17.71 5.55
C ALA C 82 15.97 -16.44 6.42
N ALA C 83 16.76 -16.43 7.49
CA ALA C 83 16.81 -15.26 8.37
C ALA C 83 18.24 -14.94 8.69
N ASN C 84 18.55 -13.64 8.75
CA ASN C 84 19.89 -13.20 9.13
C ASN C 84 19.83 -12.07 10.10
N VAL C 85 20.64 -12.18 11.14
CA VAL C 85 20.72 -11.15 12.14
C VAL C 85 21.98 -10.40 11.87
N LEU C 86 21.82 -9.17 11.41
CA LEU C 86 22.98 -8.39 11.06
C LEU C 86 23.47 -7.58 12.26
N TRP C 87 24.74 -7.75 12.61
CA TRP C 87 25.33 -7.10 13.77
C TRP C 87 25.85 -5.69 13.48
N LEU C 88 26.23 -4.98 14.55
CA LEU C 88 26.75 -3.59 14.47
C LEU C 88 25.76 -2.69 13.78
N ALA C 89 24.48 -2.85 14.10
CA ALA C 89 23.42 -1.99 13.57
C ALA C 89 23.26 -0.78 14.50
N GLU C 90 22.37 0.13 14.11
CA GLU C 90 22.10 1.31 14.90
C GLU C 90 20.64 1.26 15.21
N SER C 91 20.28 0.32 16.08
CA SER C 91 18.89 0.16 16.50
C SER C 91 18.71 0.67 17.96
N GLU C 92 17.52 1.18 18.25
CA GLU C 92 17.09 1.53 19.59
C GLU C 92 15.81 0.77 19.84
N TYR C 93 15.84 -0.19 20.77
CA TYR C 93 14.71 -1.08 20.99
C TYR C 93 13.66 -0.43 21.89
N PRO C 94 12.44 -0.99 21.94
CA PRO C 94 11.38 -0.35 22.71
C PRO C 94 11.74 -0.07 24.19
N LYS C 95 11.20 1.04 24.71
CA LYS C 95 11.34 1.36 26.14
C LYS C 95 10.33 0.55 26.95
N THR C 96 9.15 0.37 26.36
CA THR C 96 8.02 -0.31 27.04
C THR C 96 8.43 -1.69 27.60
N LYS C 97 7.98 -2.01 28.81
CA LYS C 97 8.37 -3.27 29.49
C LYS C 97 7.48 -4.40 29.04
N PRO C 98 8.04 -5.62 29.02
CA PRO C 98 7.19 -6.76 28.72
C PRO C 98 6.10 -7.01 29.78
N THR C 99 4.91 -7.37 29.30
CA THR C 99 3.73 -7.65 30.11
C THR C 99 3.14 -8.98 29.68
N ALA C 100 2.35 -9.60 30.53
CA ALA C 100 1.84 -10.94 30.22
C ALA C 100 1.05 -10.97 28.91
N LYS C 101 0.29 -9.91 28.64
CA LYS C 101 -0.44 -9.81 27.40
C LYS C 101 0.51 -9.57 26.23
N LYS C 102 1.51 -8.71 26.43
CA LYS C 102 2.57 -8.46 25.43
C LYS C 102 3.96 -8.87 25.97
N PRO C 103 4.30 -10.16 25.87
CA PRO C 103 5.53 -10.65 26.49
C PRO C 103 6.84 -10.39 25.70
N GLY C 104 7.96 -10.66 26.36
CA GLY C 104 9.25 -10.30 25.84
C GLY C 104 9.88 -11.39 25.00
N LEU C 105 10.63 -10.97 23.98
CA LEU C 105 11.45 -11.87 23.17
C LEU C 105 12.88 -11.35 23.10
N SER C 106 13.83 -12.12 23.59
CA SER C 106 15.22 -11.70 23.55
C SER C 106 15.70 -11.55 22.10
N VAL C 107 16.58 -10.58 21.90
CA VAL C 107 17.18 -10.40 20.60
C VAL C 107 17.90 -11.63 20.13
N ALA C 108 18.51 -12.34 21.06
CA ALA C 108 19.27 -13.54 20.73
C ALA C 108 18.42 -14.64 20.07
N ALA C 109 17.09 -14.59 20.29
CA ALA C 109 16.21 -15.63 19.75
C ALA C 109 15.32 -15.12 18.65
N TRP C 110 15.52 -13.85 18.32
CA TRP C 110 14.65 -13.19 17.36
C TRP C 110 14.56 -13.97 16.04
N ALA C 111 15.71 -14.27 15.42
CA ALA C 111 15.72 -15.01 14.16
C ALA C 111 15.15 -16.41 14.30
N GLN C 112 15.45 -17.04 15.41
CA GLN C 112 14.99 -18.40 15.65
C GLN C 112 13.50 -18.46 15.72
N TYR C 113 12.94 -17.48 16.40
CA TYR C 113 11.48 -17.38 16.51
C TYR C 113 10.87 -17.33 15.13
N VAL C 114 11.43 -16.52 14.25
CA VAL C 114 10.88 -16.39 12.90
C VAL C 114 11.03 -17.69 12.07
N LEU C 115 12.23 -18.26 12.06
CA LEU C 115 12.48 -19.52 11.39
C LEU C 115 11.56 -20.63 11.93
N ASP C 116 11.29 -20.63 13.24
CA ASP C 116 10.52 -21.69 13.85
C ASP C 116 9.06 -21.65 13.45
N ASN C 117 8.54 -20.46 13.12
CA ASN C 117 7.09 -20.27 13.03
C ASN C 117 6.49 -19.97 11.67
N PHE C 118 7.30 -19.50 10.72
CA PHE C 118 6.74 -19.03 9.49
C PHE C 118 7.39 -19.69 8.31
N ALA C 119 6.62 -19.82 7.24
CA ALA C 119 7.09 -20.49 6.02
C ALA C 119 7.54 -19.52 4.91
N THR C 120 7.07 -18.27 4.97
CA THR C 120 7.42 -17.29 3.96
C THR C 120 7.66 -15.92 4.59
N VAL C 121 8.25 -15.03 3.82
CA VAL C 121 8.54 -13.70 4.31
C VAL C 121 7.20 -13.01 4.63
N ASP C 122 6.25 -13.15 3.71
CA ASP C 122 4.94 -12.55 3.82
C ASP C 122 4.23 -12.97 5.09
N GLU C 123 4.19 -14.27 5.34
CA GLU C 123 3.62 -14.82 6.57
C GLU C 123 4.26 -14.18 7.78
N ALA C 124 5.58 -14.10 7.77
CA ALA C 124 6.34 -13.55 8.90
C ALA C 124 6.06 -12.08 9.10
N VAL C 125 5.97 -11.35 7.99
CA VAL C 125 5.75 -9.92 8.06
C VAL C 125 4.38 -9.65 8.64
N LYS C 126 3.37 -10.38 8.17
CA LYS C 126 2.00 -10.22 8.71
C LYS C 126 1.97 -10.44 10.20
N SER C 127 2.65 -11.47 10.68
CA SER C 127 2.68 -11.75 12.13
C SER C 127 3.50 -10.73 12.92
N LEU C 128 4.60 -10.26 12.34
CA LEU C 128 5.42 -9.29 13.05
C LEU C 128 4.73 -7.93 13.16
N GLN C 129 3.94 -7.59 12.14
CA GLN C 129 3.20 -6.33 12.13
C GLN C 129 2.24 -6.23 13.31
N GLN C 130 1.69 -7.36 13.75
CA GLN C 130 0.79 -7.36 14.90
C GLN C 130 1.48 -7.00 16.23
N GLU C 131 2.81 -6.86 16.21
CA GLU C 131 3.55 -6.53 17.43
C GLU C 131 3.12 -7.40 18.65
N LYS C 132 3.15 -8.72 18.50
CA LYS C 132 2.71 -9.67 19.57
C LYS C 132 3.67 -9.76 20.75
N PHE C 133 4.81 -9.09 20.66
CA PHE C 133 5.82 -9.22 21.67
C PHE C 133 6.68 -7.98 21.67
N ILE C 134 7.47 -7.83 22.72
CA ILE C 134 8.38 -6.74 22.85
C ILE C 134 9.77 -7.34 22.71
N LEU C 135 10.58 -6.79 21.81
CA LEU C 135 11.95 -7.25 21.68
C LEU C 135 12.77 -6.60 22.81
N VAL C 136 13.58 -7.40 23.47
CA VAL C 136 14.41 -6.87 24.53
C VAL C 136 15.85 -7.23 24.24
N THR C 137 16.74 -6.38 24.67
CA THR C 137 18.10 -6.59 24.37
C THR C 137 18.80 -6.71 25.72
N LYS C 138 20.09 -6.91 25.67
CA LYS C 138 20.93 -7.13 26.81
C LYS C 138 22.08 -6.20 26.80
N GLN C 139 22.74 -6.17 27.95
CA GLN C 139 23.96 -5.45 28.10
C GLN C 139 24.88 -6.56 27.66
N VAL C 140 25.88 -6.24 26.85
CA VAL C 140 26.67 -7.27 26.18
C VAL C 140 27.82 -7.42 27.13
N GLU C 141 27.56 -8.10 28.24
CA GLU C 141 28.55 -8.22 29.33
C GLU C 141 29.78 -8.97 28.86
N GLY C 142 30.98 -8.49 29.21
CA GLY C 142 31.21 -7.49 30.30
C GLY C 142 30.75 -6.03 30.11
N GLN C 143 30.95 -5.49 28.92
CA GLN C 143 30.66 -4.05 28.71
C GLN C 143 29.27 -3.53 29.16
N LYS C 144 29.20 -2.22 29.43
CA LYS C 144 27.95 -1.50 29.68
C LYS C 144 27.11 -1.11 28.40
N ARG C 145 27.60 -1.41 27.19
CA ARG C 145 26.92 -1.08 25.89
C ARG C 145 25.77 -2.08 25.55
N LEU C 146 24.88 -1.65 24.67
CA LEU C 146 23.60 -2.31 24.34
C LEU C 146 23.84 -3.18 23.07
N ALA C 147 23.36 -4.43 22.98
CA ALA C 147 23.65 -5.25 21.77
C ALA C 147 22.73 -4.71 20.69
N THR C 148 23.35 -4.28 19.57
CA THR C 148 22.60 -3.93 18.31
C THR C 148 22.64 -4.69 16.96
N LEU C 149 21.43 -4.90 16.46
CA LEU C 149 21.23 -5.68 15.27
C LEU C 149 19.86 -5.50 14.64
N HIS C 150 19.75 -5.85 13.35
CA HIS C 150 18.44 -5.96 12.72
C HIS C 150 18.31 -7.27 11.92
N LEU C 151 17.10 -7.55 11.50
CA LEU C 151 16.75 -8.83 11.01
C LEU C 151 16.33 -8.70 9.55
N SER C 152 17.01 -9.46 8.70
CA SER C 152 16.65 -9.56 7.29
C SER C 152 16.09 -10.95 7.02
N LEU C 153 15.12 -11.00 6.10
CA LEU C 153 14.44 -12.26 5.76
C LEU C 153 14.33 -12.46 4.27
N SER C 154 14.30 -13.73 3.85
CA SER C 154 14.11 -14.09 2.43
C SER C 154 13.50 -15.47 2.23
N ASP C 155 12.97 -15.68 1.02
CA ASP C 155 12.01 -16.74 0.65
C ASP C 155 12.48 -17.56 -0.50
N SER C 156 11.82 -18.68 -0.71
CA SER C 156 11.98 -19.44 -1.94
C SER C 156 11.27 -18.73 -3.10
N SER C 157 10.33 -17.84 -2.80
CA SER C 157 9.70 -17.02 -3.84
C SER C 157 10.55 -15.83 -4.23
N GLY C 158 11.70 -15.65 -3.58
CA GLY C 158 12.57 -14.48 -3.84
C GLY C 158 12.14 -13.18 -3.13
N ASP C 159 11.16 -13.29 -2.26
CA ASP C 159 10.69 -12.16 -1.49
C ASP C 159 11.75 -11.78 -0.44
N SER C 160 11.73 -10.53 0.00
CA SER C 160 12.66 -10.02 1.01
C SER C 160 11.98 -9.08 1.97
N ALA C 161 12.50 -9.03 3.18
CA ALA C 161 12.06 -8.04 4.15
C ALA C 161 13.15 -7.75 5.14
N ILE C 162 13.09 -6.56 5.76
CA ILE C 162 14.01 -6.21 6.86
C ILE C 162 13.18 -5.57 7.95
N ILE C 163 13.55 -5.89 9.19
CA ILE C 163 12.87 -5.39 10.37
C ILE C 163 13.89 -4.73 11.27
N GLU C 164 13.65 -3.47 11.61
CA GLU C 164 14.54 -2.72 12.50
C GLU C 164 13.76 -2.11 13.62
N TYR C 165 14.49 -1.65 14.63
CA TYR C 165 13.93 -0.87 15.71
C TYR C 165 14.61 0.49 15.75
N ILE C 166 13.86 1.50 15.36
CA ILE C 166 14.35 2.86 15.30
C ILE C 166 13.50 3.66 16.25
N ASP C 167 14.17 4.38 17.14
CA ASP C 167 13.47 5.20 18.06
C ASP C 167 12.43 4.39 18.89
N GLY C 168 12.83 3.19 19.25
CA GLY C 168 11.95 2.26 19.99
C GLY C 168 10.80 1.68 19.20
N LYS C 169 10.66 2.04 17.92
CA LYS C 169 9.54 1.55 17.11
C LYS C 169 9.96 0.54 16.07
N GLN C 170 9.09 -0.45 15.86
CA GLN C 170 9.31 -1.47 14.86
C GLN C 170 9.10 -0.89 13.47
N VAL C 171 10.14 -0.93 12.64
CA VAL C 171 10.04 -0.47 11.25
C VAL C 171 10.30 -1.63 10.29
N ILE C 172 9.34 -1.87 9.40
CA ILE C 172 9.42 -2.97 8.46
C ILE C 172 9.41 -2.50 7.01
N HIS C 173 10.39 -2.95 6.24
CA HIS C 173 10.39 -2.78 4.80
C HIS C 173 10.27 -4.12 4.17
N HIS C 174 9.28 -4.28 3.32
CA HIS C 174 8.95 -5.58 2.71
C HIS C 174 8.71 -5.47 1.23
N SER C 175 9.62 -6.04 0.45
CA SER C 175 9.49 -6.00 -1.00
C SER C 175 10.53 -6.90 -1.65
N LYS C 176 10.11 -7.56 -2.71
CA LYS C 176 11.02 -8.34 -3.53
C LYS C 176 12.15 -7.47 -4.12
N ASN C 177 11.95 -6.17 -4.18
CA ASN C 177 12.97 -5.28 -4.68
C ASN C 177 14.12 -5.03 -3.73
N TYR C 178 13.95 -5.37 -2.45
CA TYR C 178 14.97 -5.06 -1.45
C TYR C 178 16.01 -6.17 -1.39
N GLN C 179 16.80 -6.24 -2.44
CA GLN C 179 17.73 -7.33 -2.61
C GLN C 179 18.95 -7.24 -1.76
N VAL C 180 19.35 -6.03 -1.40
CA VAL C 180 20.60 -5.83 -0.68
C VAL C 180 20.35 -5.09 0.65
N MET C 181 21.04 -5.55 1.68
CA MET C 181 20.92 -5.01 3.02
C MET C 181 22.27 -5.08 3.70
N THR C 182 22.67 -3.98 4.31
CA THR C 182 23.88 -3.93 5.13
C THR C 182 23.48 -3.63 6.55
N ASN C 183 24.43 -3.71 7.46
CA ASN C 183 24.16 -3.50 8.88
C ASN C 183 23.91 -2.04 9.22
N SER C 184 24.44 -1.18 8.40
CA SER C 184 24.38 0.26 8.60
C SER C 184 24.33 0.91 7.21
N PRO C 185 23.77 2.09 7.11
CA PRO C 185 22.99 2.90 8.00
C PRO C 185 21.58 2.29 8.06
N THR C 186 20.59 3.01 8.58
CA THR C 186 19.24 2.46 8.59
C THR C 186 18.76 2.19 7.17
N PHE C 187 17.80 1.32 7.03
CA PHE C 187 17.40 0.91 5.71
C PHE C 187 16.77 2.02 4.88
N ASP C 188 16.09 2.96 5.51
CA ASP C 188 15.58 4.13 4.77
C ASP C 188 16.71 4.84 4.05
N GLN C 189 17.83 4.97 4.72
CA GLN C 189 18.97 5.61 4.15
C GLN C 189 19.59 4.70 3.10
N GLN C 190 19.66 3.41 3.39
CA GLN C 190 20.23 2.45 2.44
C GLN C 190 19.57 2.58 1.07
N LEU C 191 18.26 2.76 1.08
CA LEU C 191 17.47 2.86 -0.12
C LEU C 191 17.82 4.01 -1.09
N THR C 192 18.59 4.98 -0.63
CA THR C 192 18.94 6.12 -1.47
C THR C 192 20.44 6.08 -1.87
N LEU C 193 21.20 5.13 -1.33
CA LEU C 193 22.64 5.07 -1.54
C LEU C 193 23.10 4.79 -2.98
N ASN C 194 22.32 4.02 -3.72
CA ASN C 194 22.66 3.69 -5.12
C ASN C 194 22.46 4.80 -6.13
N ALA C 195 21.58 5.75 -5.83
CA ALA C 195 21.11 6.68 -6.86
C ALA C 195 22.26 7.31 -7.61
N TYR C 196 23.22 7.87 -6.89
CA TYR C 196 24.34 8.52 -7.57
C TYR C 196 25.03 7.54 -8.51
N TRP C 197 25.29 6.35 -7.98
CA TRP C 197 26.05 5.37 -8.72
C TRP C 197 25.26 4.80 -9.90
N ASP C 198 23.92 4.77 -9.81
CA ASP C 198 23.10 4.38 -10.95
C ASP C 198 23.20 5.41 -12.08
N GLN C 199 23.29 6.68 -11.72
CA GLN C 199 23.42 7.78 -12.66
C GLN C 199 24.64 7.66 -13.51
N ILE C 200 25.80 7.52 -12.89
CA ILE C 200 27.00 7.18 -13.64
C ILE C 200 27.00 5.64 -13.76
N GLY C 201 27.79 5.03 -14.60
CA GLY C 201 27.78 3.55 -14.55
C GLY C 201 28.48 2.91 -13.34
N GLY C 202 28.04 1.75 -12.90
CA GLY C 202 28.85 0.94 -11.98
C GLY C 202 30.07 0.36 -12.68
N ASN C 203 29.96 0.20 -14.00
CA ASN C 203 31.10 -0.18 -14.83
C ASN C 203 32.11 0.96 -14.94
N VAL C 204 31.64 2.17 -14.67
CA VAL C 204 32.47 3.36 -14.77
C VAL C 204 33.26 3.53 -13.50
N MET C 205 32.58 3.53 -12.36
CA MET C 205 33.27 3.54 -11.12
C MET C 205 32.41 2.99 -10.01
N LEU C 206 33.08 2.44 -8.99
CA LEU C 206 32.44 2.03 -7.74
C LEU C 206 33.34 2.38 -6.60
N PRO C 207 32.76 2.66 -5.42
CA PRO C 207 33.55 2.90 -4.23
C PRO C 207 34.09 1.58 -3.70
N GLY C 208 35.36 1.53 -3.34
CA GLY C 208 35.97 0.27 -2.97
C GLY C 208 36.44 0.04 -1.55
N THR C 209 35.86 0.69 -0.55
CA THR C 209 36.38 0.53 0.81
C THR C 209 35.49 -0.48 1.52
N ASN C 210 35.77 -0.69 2.81
CA ASN C 210 34.94 -1.57 3.65
C ASN C 210 33.78 -0.89 4.35
N ARG C 211 33.55 0.40 4.07
CA ARG C 211 32.42 1.10 4.62
C ARG C 211 31.14 0.39 4.27
N ALA C 212 30.19 0.35 5.18
CA ALA C 212 28.91 -0.21 4.84
C ALA C 212 28.30 0.40 3.56
N ALA C 213 28.41 1.71 3.39
CA ALA C 213 27.79 2.31 2.20
C ALA C 213 28.44 1.75 0.92
N ASP C 214 29.76 1.55 0.93
CA ASP C 214 30.46 1.05 -0.23
C ASP C 214 30.08 -0.39 -0.53
N ARG C 215 29.99 -1.21 0.51
CA ARG C 215 29.64 -2.62 0.37
C ARG C 215 28.24 -2.71 -0.20
N PHE C 216 27.33 -1.89 0.31
CA PHE C 216 25.95 -1.89 -0.17
C PHE C 216 25.91 -1.55 -1.66
N VAL C 217 26.69 -0.55 -2.04
CA VAL C 217 26.72 -0.08 -3.43
C VAL C 217 27.31 -1.11 -4.38
N ARG C 218 28.42 -1.70 -3.98
CA ARG C 218 29.10 -2.72 -4.78
C ARG C 218 28.22 -3.94 -4.99
N ALA C 219 27.59 -4.37 -3.92
CA ALA C 219 26.77 -5.55 -3.98
C ALA C 219 25.54 -5.29 -4.80
N SER C 220 24.98 -4.09 -4.66
CA SER C 220 23.78 -3.74 -5.44
C SER C 220 24.11 -3.78 -6.92
N PHE C 221 25.26 -3.24 -7.27
CA PHE C 221 25.62 -3.20 -8.64
C PHE C 221 25.80 -4.63 -9.21
N TYR C 222 26.59 -5.45 -8.56
CA TYR C 222 26.88 -6.76 -9.09
C TYR C 222 25.64 -7.63 -9.16
N VAL C 223 24.78 -7.49 -8.18
CA VAL C 223 23.57 -8.28 -8.14
C VAL C 223 22.64 -8.00 -9.32
N LYS C 224 22.65 -6.76 -9.81
CA LYS C 224 21.80 -6.40 -10.93
C LYS C 224 22.48 -6.59 -12.25
N ASN C 225 23.79 -6.62 -12.29
CA ASN C 225 24.49 -6.56 -13.55
C ASN C 225 25.29 -7.78 -13.94
N VAL C 226 25.36 -8.79 -13.10
CA VAL C 226 26.15 -9.98 -13.40
C VAL C 226 25.23 -11.10 -13.80
N ASN C 227 25.34 -11.57 -15.05
CA ASN C 227 24.59 -12.77 -15.47
C ASN C 227 25.55 -13.83 -15.96
N PRO C 228 25.78 -14.88 -15.17
CA PRO C 228 26.65 -15.96 -15.57
C PRO C 228 26.01 -16.91 -16.60
N ASN C 229 24.70 -16.75 -16.85
CA ASN C 229 23.95 -17.62 -17.74
C ASN C 229 23.49 -16.86 -18.96
N LYS C 230 24.24 -15.81 -19.30
CA LYS C 230 24.09 -15.09 -20.54
C LYS C 230 24.17 -16.11 -21.57
N LEU C 231 23.14 -16.00 -22.35
CA LEU C 231 23.05 -16.74 -23.56
C LEU C 231 24.03 -16.13 -24.53
N ILE C 232 24.79 -17.00 -25.15
CA ILE C 232 25.86 -16.64 -26.00
C ILE C 232 25.49 -17.50 -27.24
N PRO C 233 24.62 -16.95 -28.17
CA PRO C 233 24.27 -17.65 -29.43
C PRO C 233 25.50 -18.03 -30.22
N GLY C 234 25.66 -19.30 -30.61
CA GLY C 234 24.72 -20.37 -30.31
C GLY C 234 25.11 -21.48 -29.28
N VAL C 235 26.34 -21.48 -28.64
CA VAL C 235 26.84 -22.51 -27.41
C VAL C 235 25.55 -22.84 -26.70
N ALA C 236 25.16 -24.10 -26.73
CA ALA C 236 23.85 -24.48 -26.20
C ALA C 236 23.67 -23.87 -24.81
N GLU C 237 22.47 -23.32 -24.50
CA GLU C 237 22.14 -22.90 -23.11
C GLU C 237 22.50 -24.11 -22.30
N LYS C 238 23.02 -23.79 -21.12
CA LYS C 238 23.38 -24.80 -20.16
C LYS C 238 22.11 -25.42 -19.66
N GLY C 239 22.27 -26.61 -19.09
CA GLY C 239 21.17 -27.31 -18.45
C GLY C 239 20.84 -26.61 -17.15
N LYS C 240 19.63 -26.85 -16.67
CA LYS C 240 19.17 -26.34 -15.39
C LYS C 240 20.22 -26.48 -14.29
N ILE C 241 20.83 -27.65 -14.19
CA ILE C 241 21.74 -27.90 -13.07
C ILE C 241 22.97 -27.01 -13.20
N GLU C 242 23.49 -26.86 -14.41
CA GLU C 242 24.68 -26.05 -14.60
C GLU C 242 24.39 -24.57 -14.38
N LYS C 243 23.17 -24.17 -14.68
CA LYS C 243 22.77 -22.79 -14.47
C LYS C 243 22.68 -22.49 -12.99
N ASP C 244 22.11 -23.44 -12.27
CA ASP C 244 21.98 -23.37 -10.82
C ASP C 244 23.34 -23.21 -10.17
N LYS C 245 24.26 -24.07 -10.54
CA LYS C 245 25.61 -24.02 -10.01
C LYS C 245 26.31 -22.72 -10.32
N ALA C 246 26.04 -22.16 -11.49
CA ALA C 246 26.70 -20.93 -11.93
C ALA C 246 26.17 -19.76 -11.09
N ASP C 247 24.87 -19.76 -10.85
CA ASP C 247 24.27 -18.77 -9.96
C ASP C 247 24.88 -18.85 -8.57
N LEU C 248 25.11 -20.07 -8.11
CA LEU C 248 25.72 -20.27 -6.81
C LEU C 248 27.12 -19.64 -6.80
N ALA C 249 27.89 -19.89 -7.86
CA ALA C 249 29.24 -19.32 -7.95
C ALA C 249 29.22 -17.78 -7.98
N THR C 250 28.24 -17.23 -8.67
CA THR C 250 28.08 -15.78 -8.76
C THR C 250 27.78 -15.15 -7.39
N ALA C 251 26.80 -15.72 -6.70
CA ALA C 251 26.46 -15.27 -5.37
C ALA C 251 27.68 -15.35 -4.46
N PHE C 252 28.38 -16.47 -4.47
CA PHE C 252 29.57 -16.56 -3.63
C PHE C 252 30.55 -15.45 -3.95
N SER C 253 30.74 -15.15 -5.23
CA SER C 253 31.79 -14.23 -5.58
C SER C 253 31.43 -12.80 -5.12
N ILE C 254 30.13 -12.51 -5.11
CA ILE C 254 29.67 -11.18 -4.80
C ILE C 254 29.76 -10.93 -3.30
N ILE C 255 29.32 -11.92 -2.53
CA ILE C 255 29.49 -11.80 -1.09
C ILE C 255 30.96 -11.78 -0.69
N ARG C 256 31.83 -12.48 -1.40
CA ARG C 256 33.25 -12.37 -1.13
C ARG C 256 33.79 -10.96 -1.44
N ASN C 257 33.32 -10.39 -2.56
CA ASN C 257 33.70 -9.05 -2.94
C ASN C 257 33.28 -8.02 -1.88
N ALA C 258 32.13 -8.22 -1.23
CA ALA C 258 31.63 -7.33 -0.22
C ALA C 258 32.19 -7.63 1.17
N SER C 259 33.06 -8.61 1.28
CA SER C 259 33.60 -8.95 2.58
C SER C 259 34.70 -8.01 2.93
N VAL C 260 35.02 -8.00 4.21
CA VAL C 260 36.04 -7.14 4.76
C VAL C 260 37.25 -8.00 5.01
N PRO C 261 38.36 -7.68 4.38
CA PRO C 261 39.59 -8.42 4.65
C PRO C 261 39.86 -8.69 6.11
N TYR C 262 40.41 -9.87 6.36
CA TYR C 262 40.71 -10.33 7.71
C TYR C 262 41.89 -9.61 8.29
N GLY C 263 41.64 -8.93 9.42
CA GLY C 263 42.66 -8.18 10.12
C GLY C 263 42.54 -6.70 9.92
N TYR C 264 41.69 -6.29 9.00
CA TYR C 264 41.46 -4.89 8.79
C TYR C 264 40.68 -4.32 9.96
N SER C 265 41.10 -3.16 10.41
CA SER C 265 40.33 -2.38 11.39
C SER C 265 40.64 -0.89 11.27
N LEU C 266 39.66 -0.07 11.56
CA LEU C 266 39.81 1.38 11.49
C LEU C 266 39.27 2.00 12.78
N PRO C 267 40.17 2.54 13.62
CA PRO C 267 39.76 3.05 14.97
C PRO C 267 38.60 4.04 14.90
N ASP C 268 38.65 4.95 13.93
CA ASP C 268 37.56 5.91 13.72
C ASP C 268 36.19 5.25 13.44
N MET C 269 36.18 4.08 12.80
CA MET C 269 34.93 3.40 12.46
C MET C 269 34.93 1.99 13.03
N PRO C 270 34.53 1.87 14.31
CA PRO C 270 34.41 0.57 14.95
C PRO C 270 33.30 -0.37 14.39
N ASN C 271 32.39 0.15 13.56
CA ASN C 271 31.34 -0.68 12.97
C ASN C 271 31.78 -1.42 11.65
N ILE C 272 33.10 -1.32 11.35
CA ILE C 272 33.75 -2.09 10.29
C ILE C 272 34.64 -3.14 10.93
N ALA C 273 34.46 -4.40 10.50
CA ALA C 273 35.24 -5.48 11.06
C ALA C 273 35.47 -6.60 10.06
N SER C 274 36.53 -7.35 10.32
CA SER C 274 36.83 -8.57 9.57
C SER C 274 35.61 -9.41 9.33
N THR C 275 35.40 -9.80 8.10
CA THR C 275 34.47 -10.89 7.79
C THR C 275 35.07 -12.18 8.29
N ARG C 276 34.32 -12.89 9.10
CA ARG C 276 34.77 -14.15 9.67
C ARG C 276 34.20 -15.35 8.96
N TRP C 277 32.99 -15.21 8.44
CA TRP C 277 32.39 -16.29 7.68
C TRP C 277 31.28 -15.80 6.83
N ARG C 278 30.83 -16.69 5.94
CA ARG C 278 29.77 -16.37 5.00
C ARG C 278 28.84 -17.54 4.93
N THR C 279 27.55 -17.28 4.75
CA THR C 279 26.64 -18.34 4.43
C THR C 279 25.95 -18.03 3.14
N VAL C 280 25.56 -19.09 2.43
CA VAL C 280 24.78 -18.99 1.22
C VAL C 280 23.64 -19.98 1.27
N VAL C 281 22.44 -19.50 0.97
CA VAL C 281 21.24 -20.33 1.00
C VAL C 281 20.75 -20.52 -0.41
N ASP C 282 20.67 -21.78 -0.85
CA ASP C 282 19.98 -22.14 -2.08
C ASP C 282 18.60 -22.59 -1.71
N HIS C 283 17.63 -21.70 -1.88
CA HIS C 283 16.29 -21.92 -1.36
C HIS C 283 15.59 -23.12 -2.00
N LYS C 284 15.69 -23.26 -3.31
CA LYS C 284 14.99 -24.35 -4.02
C LYS C 284 15.52 -25.72 -3.68
N SER C 285 16.84 -25.86 -3.60
CA SER C 285 17.45 -27.13 -3.20
C SER C 285 17.47 -27.33 -1.69
N LEU C 286 17.07 -26.31 -0.95
CA LEU C 286 17.20 -26.27 0.49
C LEU C 286 18.59 -26.67 0.94
N GLN C 287 19.61 -26.02 0.40
CA GLN C 287 20.99 -26.25 0.80
C GLN C 287 21.56 -25.01 1.48
N TYR C 288 22.20 -25.22 2.63
CA TYR C 288 22.78 -24.16 3.44
C TYR C 288 24.27 -24.33 3.44
N PHE C 289 24.96 -23.41 2.80
CA PHE C 289 26.42 -23.43 2.72
C PHE C 289 27.04 -22.57 3.82
N PHE C 290 28.17 -23.05 4.34
CA PHE C 290 28.94 -22.30 5.30
C PHE C 290 30.38 -22.28 4.84
N GLU C 291 31.01 -21.11 4.99
CA GLU C 291 32.36 -20.86 4.53
C GLU C 291 33.06 -20.04 5.62
N SER C 292 34.17 -20.53 6.14
CA SER C 292 34.90 -19.78 7.09
C SER C 292 35.85 -18.88 6.34
N ALA C 293 36.05 -17.66 6.81
CA ALA C 293 37.10 -16.79 6.27
C ALA C 293 38.35 -16.84 7.10
N VAL C 294 38.31 -17.59 8.18
CA VAL C 294 39.42 -17.64 9.13
C VAL C 294 40.23 -18.92 8.90
N SER C 295 39.54 -20.00 8.59
CA SER C 295 40.14 -21.30 8.40
C SER C 295 39.61 -21.81 7.06
N PRO C 296 40.37 -22.67 6.37
CA PRO C 296 39.89 -23.29 5.11
C PRO C 296 38.83 -24.31 5.39
N ASN C 297 37.60 -23.96 5.10
CA ASN C 297 36.45 -24.74 5.52
C ASN C 297 35.25 -24.25 4.73
N ILE C 298 34.81 -25.04 3.77
CA ILE C 298 33.59 -24.79 3.05
C ILE C 298 32.87 -26.09 2.82
N PHE C 299 31.59 -26.08 3.09
CA PHE C 299 30.79 -27.28 3.04
C PHE C 299 29.33 -26.86 3.06
N TRP C 300 28.42 -27.80 2.87
CA TRP C 300 27.01 -27.44 2.92
C TRP C 300 26.19 -28.48 3.62
N VAL C 301 24.95 -28.11 3.92
CA VAL C 301 24.02 -28.94 4.65
C VAL C 301 22.75 -29.00 3.82
N ASP C 302 22.37 -30.22 3.46
CA ASP C 302 21.21 -30.44 2.63
C ASP C 302 20.00 -30.75 3.52
N LEU C 303 19.09 -29.79 3.66
CA LEU C 303 17.92 -29.98 4.52
C LEU C 303 17.01 -31.11 4.04
N LYS C 304 17.06 -31.45 2.76
CA LYS C 304 16.31 -32.59 2.28
C LYS C 304 16.86 -33.93 2.82
N LYS C 305 18.06 -33.94 3.37
CA LYS C 305 18.61 -35.19 3.87
C LYS C 305 18.52 -35.27 5.38
N ILE C 306 17.80 -34.35 5.99
CA ILE C 306 17.68 -34.33 7.43
C ILE C 306 16.25 -34.65 7.78
N ASN C 307 16.06 -35.47 8.80
CA ASN C 307 14.73 -35.71 9.36
C ASN C 307 14.45 -34.71 10.49
N PHE C 308 13.48 -33.84 10.26
CA PHE C 308 13.18 -32.77 11.20
C PHE C 308 12.07 -33.14 12.20
N ALA C 309 11.67 -34.41 12.20
CA ALA C 309 10.67 -34.88 13.15
C ALA C 309 11.21 -34.75 14.57
N PRO C 310 10.31 -34.57 15.56
CA PRO C 310 10.67 -34.32 16.93
C PRO C 310 11.58 -35.41 17.49
N ARG C 311 12.48 -35.02 18.38
CA ARG C 311 13.44 -35.95 18.99
C ARG C 311 13.38 -35.84 20.52
N GLY C 312 12.15 -35.75 21.03
CA GLY C 312 11.92 -35.61 22.45
C GLY C 312 12.64 -34.45 23.09
N GLY C 313 12.74 -33.34 22.36
CA GLY C 313 13.31 -32.10 22.91
C GLY C 313 14.82 -31.94 22.74
N SER C 314 15.46 -32.92 22.10
CA SER C 314 16.87 -32.76 21.83
C SER C 314 17.05 -32.18 20.41
N ALA C 315 18.30 -31.89 20.07
CA ALA C 315 18.66 -31.23 18.84
C ALA C 315 20.01 -31.78 18.42
N ALA C 316 20.63 -31.18 17.42
CA ALA C 316 21.92 -31.64 16.97
C ALA C 316 22.81 -30.48 16.64
N LYS C 317 24.10 -30.72 16.75
CA LYS C 317 25.11 -29.69 16.63
C LYS C 317 26.30 -30.15 15.81
N LEU C 318 26.78 -29.26 14.94
CA LEU C 318 27.96 -29.49 14.15
C LEU C 318 29.04 -28.63 14.71
N ASP C 319 29.97 -29.24 15.42
CA ASP C 319 30.98 -28.50 16.10
C ASP C 319 32.07 -28.09 15.13
N LEU C 320 32.28 -26.79 15.00
CA LEU C 320 33.22 -26.23 14.02
C LEU C 320 34.53 -25.89 14.65
N GLY C 321 34.60 -26.04 15.96
CA GLY C 321 35.89 -25.96 16.67
C GLY C 321 36.45 -24.55 16.80
N PRO C 322 37.65 -24.42 17.39
CA PRO C 322 38.25 -23.10 17.55
C PRO C 322 38.49 -22.46 16.20
N ASN C 323 38.08 -21.22 16.05
CA ASN C 323 38.18 -20.47 14.79
C ASN C 323 37.55 -21.14 13.56
N GLN C 324 36.57 -21.98 13.82
CA GLN C 324 35.89 -22.74 12.81
C GLN C 324 36.85 -23.55 11.94
N SER C 325 37.89 -24.06 12.58
CA SER C 325 38.95 -24.83 11.92
C SER C 325 38.66 -26.33 11.80
N THR C 326 37.58 -26.84 12.38
CA THR C 326 37.29 -28.25 12.25
C THR C 326 36.69 -28.52 10.88
N ILE C 327 37.46 -29.20 10.04
CA ILE C 327 37.15 -29.30 8.60
C ILE C 327 36.06 -30.30 8.28
N TYR C 328 35.07 -29.84 7.53
CA TYR C 328 34.09 -30.72 6.94
C TYR C 328 34.03 -30.40 5.48
N SER C 329 33.64 -31.40 4.70
CA SER C 329 33.64 -31.28 3.27
C SER C 329 32.40 -31.89 2.69
N GLY C 330 31.87 -31.33 1.61
CA GLY C 330 30.68 -31.89 0.95
C GLY C 330 29.48 -31.70 1.81
N GLN C 331 28.48 -32.56 1.63
CA GLN C 331 27.24 -32.44 2.38
C GLN C 331 27.41 -33.05 3.76
N ALA C 332 27.21 -32.24 4.80
CA ALA C 332 27.73 -32.53 6.15
C ALA C 332 26.68 -32.88 7.19
N SER C 333 25.44 -33.13 6.79
CA SER C 333 24.40 -33.35 7.78
C SER C 333 24.74 -34.52 8.66
N GLY C 334 25.42 -35.51 8.10
CA GLY C 334 25.78 -36.73 8.86
C GLY C 334 26.69 -36.48 10.03
N HIS C 335 27.42 -35.37 10.01
CA HIS C 335 28.41 -35.11 11.05
C HIS C 335 27.82 -34.39 12.21
N PHE C 336 26.55 -34.01 12.12
CA PHE C 336 25.89 -33.35 13.26
C PHE C 336 25.70 -34.39 14.39
N LYS C 337 25.88 -33.97 15.64
CA LYS C 337 25.81 -34.89 16.78
C LYS C 337 24.76 -34.43 17.75
N PRO C 338 24.08 -35.37 18.41
CA PRO C 338 23.01 -34.99 19.37
C PRO C 338 23.49 -34.04 20.45
N ALA C 339 22.62 -33.10 20.82
CA ALA C 339 22.88 -32.19 21.89
C ALA C 339 21.63 -31.47 22.28
N GLN C 340 21.63 -30.97 23.51
CA GLN C 340 20.50 -30.20 24.00
C GLN C 340 20.61 -28.78 23.45
N PRO C 341 19.46 -28.18 23.12
CA PRO C 341 19.48 -26.80 22.62
C PRO C 341 20.14 -25.87 23.62
N PHE C 342 21.08 -25.04 23.18
CA PHE C 342 21.73 -24.07 24.03
C PHE C 342 20.70 -23.07 24.48
N GLU C 343 20.97 -22.43 25.60
CA GLU C 343 20.06 -21.45 26.15
C GLU C 343 20.34 -20.11 25.50
N PHE C 344 19.29 -19.41 25.11
CA PHE C 344 19.46 -18.07 24.55
C PHE C 344 19.82 -17.05 25.62
N ALA C 345 20.75 -16.16 25.31
CA ALA C 345 21.05 -15.05 26.19
C ALA C 345 19.80 -14.18 26.44
N GLY C 346 19.77 -13.55 27.60
CA GLY C 346 18.69 -12.62 27.99
C GLY C 346 18.63 -12.47 29.51
N LEU C 347 17.41 -12.30 30.00
CA LEU C 347 17.02 -12.92 31.29
C LEU C 347 15.55 -12.84 31.36
N CYS D 1 -44.95 10.23 -6.93
CA CYS D 1 -43.88 9.17 -7.02
C CYS D 1 -43.66 8.70 -5.56
N THR D 2 -43.21 9.56 -4.65
CA THR D 2 -43.69 9.44 -3.26
C THR D 2 -44.27 10.78 -2.85
N ARG D 3 -45.43 10.74 -2.18
CA ARG D 3 -46.00 11.94 -1.62
C ARG D 3 -46.53 11.70 -0.22
N PHE D 4 -46.43 12.72 0.64
CA PHE D 4 -47.08 12.61 1.92
C PHE D 4 -47.51 13.93 2.49
N VAL D 5 -48.41 13.87 3.45
CA VAL D 5 -48.79 15.02 4.26
C VAL D 5 -48.33 14.77 5.68
N TYR D 6 -47.50 15.65 6.21
CA TYR D 6 -46.98 15.54 7.55
C TYR D 6 -47.74 16.42 8.53
N LEU D 7 -48.19 15.83 9.64
CA LEU D 7 -48.95 16.51 10.70
C LEU D 7 -48.28 16.26 12.03
N ASP D 8 -47.82 17.34 12.69
CA ASP D 8 -47.15 17.30 13.99
C ASP D 8 -48.21 17.49 15.04
N PRO D 9 -48.40 16.50 15.91
CA PRO D 9 -49.35 16.66 17.01
C PRO D 9 -49.04 17.87 17.92
N HIS D 10 -47.76 18.19 18.10
CA HIS D 10 -47.35 19.33 18.97
C HIS D 10 -47.33 20.67 18.24
N ASN D 11 -47.75 20.68 16.98
CA ASN D 11 -47.83 21.91 16.20
C ASN D 11 -48.99 21.85 15.25
N PRO D 12 -50.21 21.85 15.80
CA PRO D 12 -51.41 21.66 15.01
C PRO D 12 -51.70 22.82 14.09
N ASP D 13 -52.63 22.57 13.16
CA ASP D 13 -53.03 23.50 12.10
C ASP D 13 -51.84 24.03 11.32
N TYR D 14 -50.94 23.12 10.97
CA TYR D 14 -49.75 23.43 10.19
C TYR D 14 -49.29 22.22 9.31
N PRO D 15 -50.13 21.81 8.37
CA PRO D 15 -49.82 20.66 7.51
C PRO D 15 -48.79 21.01 6.47
N ILE D 16 -47.96 20.04 6.11
CA ILE D 16 -46.94 20.19 5.14
C ILE D 16 -46.99 19.02 4.18
N THR D 17 -47.06 19.33 2.89
CA THR D 17 -47.11 18.28 1.85
C THR D 17 -45.73 18.18 1.22
N ALA D 18 -45.27 16.97 0.95
CA ALA D 18 -43.97 16.79 0.34
C ALA D 18 -44.11 15.73 -0.76
N ARG D 19 -43.36 15.91 -1.83
CA ARG D 19 -43.40 14.96 -2.92
C ARG D 19 -42.06 14.80 -3.59
N SER D 20 -41.83 13.59 -4.10
CA SER D 20 -40.61 13.35 -4.85
C SER D 20 -41.06 13.08 -6.28
N MET D 21 -40.30 13.53 -7.25
CA MET D 21 -40.52 13.16 -8.65
C MET D 21 -39.45 12.18 -9.12
N ASP D 22 -39.91 11.00 -9.53
CA ASP D 22 -38.98 9.93 -9.92
C ASP D 22 -39.11 9.63 -11.43
N TRP D 23 -38.01 9.80 -12.14
CA TRP D 23 -37.98 9.61 -13.56
C TRP D 23 -36.55 9.39 -14.02
N ALA D 24 -36.37 8.54 -15.01
CA ALA D 24 -35.03 8.14 -15.44
C ALA D 24 -34.32 9.21 -16.26
N ASP D 25 -35.05 10.18 -16.80
CA ASP D 25 -34.50 11.20 -17.73
C ASP D 25 -34.84 12.60 -17.23
N ASP D 26 -34.07 13.60 -17.69
CA ASP D 26 -34.31 15.01 -17.36
C ASP D 26 -35.77 15.33 -17.69
N THR D 27 -36.45 15.97 -16.76
CA THR D 27 -37.83 16.29 -16.92
C THR D 27 -37.99 17.74 -17.39
N GLU D 28 -36.86 18.45 -17.51
CA GLU D 28 -36.87 19.84 -18.09
C GLU D 28 -37.89 20.69 -17.36
N THR D 29 -37.90 20.51 -16.06
CA THR D 29 -38.88 21.14 -15.21
C THR D 29 -38.50 22.62 -14.97
N ASN D 30 -39.53 23.46 -14.98
CA ASN D 30 -39.44 24.85 -14.60
C ASN D 30 -40.65 25.14 -13.68
N LEU D 31 -40.66 26.33 -13.08
CA LEU D 31 -41.76 26.76 -12.26
C LEU D 31 -42.52 27.85 -12.98
N TRP D 32 -43.80 27.97 -12.67
CA TRP D 32 -44.70 28.84 -13.41
C TRP D 32 -45.68 29.47 -12.46
N ILE D 33 -45.88 30.77 -12.63
CA ILE D 33 -46.98 31.45 -12.00
C ILE D 33 -48.08 31.56 -13.03
N PHE D 34 -49.29 31.14 -12.66
CA PHE D 34 -50.43 31.24 -13.51
C PHE D 34 -51.45 32.11 -12.81
N PRO D 35 -51.73 33.30 -13.34
CA PRO D 35 -52.70 34.15 -12.73
C PRO D 35 -54.15 33.68 -12.87
N GLN D 36 -55.02 34.38 -12.15
CA GLN D 36 -56.45 34.16 -12.24
C GLN D 36 -56.94 34.50 -13.64
N GLU D 37 -58.02 33.82 -14.01
CA GLU D 37 -58.81 34.12 -15.23
C GLU D 37 -58.09 33.77 -16.53
N LEU D 38 -57.14 32.84 -16.48
CA LEU D 38 -56.66 32.26 -17.71
C LEU D 38 -57.75 31.40 -18.33
N LYS D 39 -57.93 31.55 -19.63
CA LYS D 39 -58.90 30.72 -20.37
C LYS D 39 -58.17 29.49 -20.85
N ARG D 40 -58.70 28.33 -20.52
CA ARG D 40 -57.99 27.10 -20.86
C ARG D 40 -58.88 26.11 -21.54
N SER D 41 -58.23 25.27 -22.35
CA SER D 41 -58.89 24.19 -23.09
C SER D 41 -58.31 22.86 -22.66
N GLY D 42 -59.14 21.85 -22.53
CA GLY D 42 -58.71 20.51 -22.08
C GLY D 42 -57.69 19.72 -22.94
N GLY D 43 -57.45 20.13 -24.18
CA GLY D 43 -56.49 19.41 -25.02
C GLY D 43 -56.89 18.00 -25.42
N ALA D 44 -58.19 17.79 -25.65
CA ALA D 44 -58.73 16.45 -25.99
C ALA D 44 -59.39 16.37 -27.38
N GLY D 45 -58.83 17.13 -28.31
CA GLY D 45 -59.34 17.23 -29.67
C GLY D 45 -60.67 17.95 -29.76
N GLN D 46 -61.69 17.26 -30.23
CA GLN D 46 -62.88 17.92 -30.77
C GLN D 46 -63.75 18.52 -29.66
N TYR D 47 -64.03 17.71 -28.67
CA TYR D 47 -64.79 18.08 -27.49
C TYR D 47 -63.85 18.18 -26.28
N SER D 48 -63.03 19.23 -26.26
CA SER D 48 -62.18 19.50 -25.11
C SER D 48 -62.94 20.32 -24.05
N LEU D 49 -62.75 19.97 -22.78
CA LEU D 49 -63.34 20.70 -21.66
C LEU D 49 -62.75 22.09 -21.62
N GLU D 50 -63.57 23.06 -21.21
CA GLU D 50 -63.13 24.45 -21.21
C GLU D 50 -63.43 25.10 -19.88
N TRP D 51 -62.51 25.93 -19.43
CA TRP D 51 -62.73 26.66 -18.19
C TRP D 51 -61.87 27.90 -18.13
N THR D 52 -62.25 28.77 -17.20
CA THR D 52 -61.51 29.98 -16.92
C THR D 52 -61.04 29.89 -15.46
N SER D 53 -59.74 29.96 -15.25
CA SER D 53 -59.19 29.68 -13.90
C SER D 53 -59.76 30.68 -12.92
N LYS D 54 -60.13 30.18 -11.75
CA LYS D 54 -60.66 31.01 -10.68
C LYS D 54 -59.56 31.40 -9.69
N TYR D 55 -58.61 30.50 -9.45
CA TYR D 55 -57.49 30.75 -8.53
C TYR D 55 -56.12 30.65 -9.21
N GLY D 56 -55.23 31.50 -8.79
CA GLY D 56 -53.88 31.50 -9.30
C GLY D 56 -53.07 30.42 -8.62
N SER D 57 -51.96 30.03 -9.26
CA SER D 57 -51.20 28.89 -8.80
C SER D 57 -49.76 29.07 -9.13
N VAL D 58 -48.92 28.34 -8.39
CA VAL D 58 -47.52 28.19 -8.72
C VAL D 58 -47.38 26.71 -8.93
N ILE D 59 -46.76 26.30 -10.04
CA ILE D 59 -46.71 24.92 -10.38
C ILE D 59 -45.37 24.54 -10.91
N ALA D 60 -45.13 23.24 -10.98
CA ALA D 60 -43.89 22.73 -11.55
C ALA D 60 -44.28 21.95 -12.78
N SER D 61 -43.60 22.27 -13.86
CA SER D 61 -43.95 21.74 -15.16
C SER D 61 -43.00 20.62 -15.50
N ALA D 62 -43.32 19.92 -16.57
CA ALA D 62 -42.38 18.96 -17.18
C ALA D 62 -42.45 19.09 -18.68
N PHE D 63 -41.30 19.09 -19.31
CA PHE D 63 -41.22 19.20 -20.77
C PHE D 63 -42.06 20.36 -21.34
N ASP D 64 -42.04 21.52 -20.69
CA ASP D 64 -42.95 22.58 -21.07
C ASP D 64 -42.61 23.21 -22.43
N GLY D 65 -41.40 22.96 -22.92
CA GLY D 65 -41.00 23.39 -24.25
C GLY D 65 -41.29 22.41 -25.38
N ARG D 66 -42.06 21.35 -25.13
CA ARG D 66 -42.35 20.33 -26.17
C ARG D 66 -43.85 20.09 -26.31
N LYS D 67 -44.37 20.46 -27.47
CA LYS D 67 -45.77 20.31 -27.80
C LYS D 67 -46.32 18.94 -27.41
N GLY D 68 -45.52 17.93 -27.70
CA GLY D 68 -45.90 16.57 -27.45
C GLY D 68 -46.07 16.15 -26.01
N MET D 69 -45.42 16.82 -25.06
CA MET D 69 -45.32 16.29 -23.69
C MET D 69 -45.53 17.25 -22.53
N ALA D 70 -45.90 18.49 -22.79
CA ALA D 70 -45.88 19.48 -21.73
C ALA D 70 -46.99 19.20 -20.71
N SER D 71 -46.65 19.20 -19.42
CA SER D 71 -47.67 19.02 -18.37
C SER D 71 -47.37 19.82 -17.10
N THR D 72 -48.45 20.08 -16.35
CA THR D 72 -48.31 20.46 -14.98
C THR D 72 -48.22 19.16 -14.16
N THR D 73 -47.13 18.99 -13.41
CA THR D 73 -46.89 17.82 -12.57
C THR D 73 -47.14 18.00 -11.07
N ASP D 74 -47.17 19.24 -10.61
CA ASP D 74 -47.14 19.51 -9.20
C ASP D 74 -47.47 20.96 -9.00
N GLY D 75 -48.13 21.30 -7.92
CA GLY D 75 -48.33 22.71 -7.62
C GLY D 75 -49.19 23.01 -6.42
N VAL D 76 -49.31 24.31 -6.11
CA VAL D 76 -50.21 24.76 -5.06
C VAL D 76 -50.84 26.04 -5.52
N ASN D 77 -52.11 26.22 -5.16
CA ASN D 77 -52.84 27.43 -5.52
C ASN D 77 -53.00 28.38 -4.34
N GLU D 78 -53.51 29.58 -4.61
CA GLU D 78 -53.52 30.63 -3.62
C GLU D 78 -54.43 30.36 -2.44
N LYS D 79 -55.22 29.29 -2.50
CA LYS D 79 -56.06 28.90 -1.36
C LYS D 79 -55.45 27.81 -0.48
N GLY D 80 -54.27 27.33 -0.85
CA GLY D 80 -53.61 26.23 -0.10
C GLY D 80 -53.93 24.82 -0.60
N LEU D 81 -54.70 24.69 -1.69
CA LEU D 81 -54.88 23.38 -2.30
C LEU D 81 -53.62 23.00 -3.05
N ALA D 82 -53.08 21.84 -2.72
CA ALA D 82 -51.93 21.32 -3.43
C ALA D 82 -52.28 20.10 -4.29
N ALA D 83 -51.62 19.93 -5.43
CA ALA D 83 -51.90 18.79 -6.29
C ALA D 83 -50.62 18.18 -6.78
N ASN D 84 -50.58 16.85 -6.83
CA ASN D 84 -49.44 16.16 -7.39
C ASN D 84 -49.84 15.07 -8.32
N VAL D 85 -49.16 15.04 -9.44
CA VAL D 85 -49.39 14.02 -10.44
C VAL D 85 -48.28 13.04 -10.30
N LEU D 86 -48.62 11.87 -9.81
CA LEU D 86 -47.61 10.86 -9.60
C LEU D 86 -47.43 10.03 -10.84
N TRP D 87 -46.23 9.95 -11.33
CA TRP D 87 -45.92 9.19 -12.57
C TRP D 87 -45.64 7.71 -12.31
N LEU D 88 -45.55 6.94 -13.40
CA LEU D 88 -45.34 5.47 -13.37
C LEU D 88 -46.39 4.77 -12.53
N ALA D 89 -47.65 5.18 -12.71
CA ALA D 89 -48.76 4.53 -12.02
C ALA D 89 -49.28 3.38 -12.90
N GLU D 90 -50.30 2.67 -12.41
CA GLU D 90 -50.88 1.58 -13.13
C GLU D 90 -52.35 1.90 -13.30
N SER D 91 -52.63 2.87 -14.17
CA SER D 91 -54.03 3.22 -14.48
C SER D 91 -54.46 2.71 -15.78
N GLU D 92 -55.77 2.50 -15.91
CA GLU D 92 -56.44 2.26 -17.18
C GLU D 92 -57.54 3.30 -17.28
N TYR D 93 -57.39 4.25 -18.20
CA TYR D 93 -58.33 5.38 -18.31
C TYR D 93 -59.60 4.98 -19.08
N PRO D 94 -60.68 5.79 -19.01
CA PRO D 94 -61.95 5.37 -19.59
C PRO D 94 -61.88 5.03 -21.08
N LYS D 95 -62.70 4.07 -21.49
CA LYS D 95 -62.80 3.67 -22.89
C LYS D 95 -63.74 4.65 -23.60
N THR D 96 -64.77 5.08 -22.88
CA THR D 96 -65.80 6.00 -23.35
C THR D 96 -65.16 7.23 -24.02
N LYS D 97 -65.72 7.65 -25.17
CA LYS D 97 -65.15 8.75 -25.97
C LYS D 97 -65.69 10.07 -25.46
N PRO D 98 -64.86 11.14 -25.50
CA PRO D 98 -65.42 12.43 -25.14
C PRO D 98 -66.56 12.88 -26.06
N THR D 99 -67.58 13.47 -25.46
CA THR D 99 -68.77 14.00 -26.12
C THR D 99 -69.00 15.44 -25.67
N ALA D 100 -69.73 16.22 -26.46
CA ALA D 100 -69.92 17.63 -26.13
C ALA D 100 -70.52 17.82 -24.73
N LYS D 101 -71.45 16.95 -24.35
CA LYS D 101 -72.06 16.99 -23.02
C LYS D 101 -71.03 16.58 -21.95
N LYS D 102 -70.25 15.54 -22.24
CA LYS D 102 -69.14 15.07 -21.37
C LYS D 102 -67.76 15.17 -22.06
N PRO D 103 -67.15 16.35 -22.03
CA PRO D 103 -65.96 16.59 -22.84
C PRO D 103 -64.67 16.05 -22.23
N GLY D 104 -63.62 16.08 -23.04
CA GLY D 104 -62.34 15.48 -22.66
C GLY D 104 -61.39 16.43 -21.93
N LEU D 105 -60.62 15.87 -21.00
CA LEU D 105 -59.56 16.60 -20.31
C LEU D 105 -58.28 15.81 -20.42
N SER D 106 -57.26 16.39 -21.02
CA SER D 106 -55.98 15.70 -21.13
C SER D 106 -55.38 15.46 -19.77
N VAL D 107 -54.67 14.35 -19.65
CA VAL D 107 -53.96 14.04 -18.43
C VAL D 107 -52.95 15.08 -18.07
N ALA D 108 -52.33 15.69 -19.07
CA ALA D 108 -51.32 16.73 -18.85
C ALA D 108 -51.85 17.98 -18.12
N ALA D 109 -53.16 18.20 -18.18
CA ALA D 109 -53.75 19.35 -17.56
C ALA D 109 -54.59 19.01 -16.34
N TRP D 110 -54.60 17.73 -16.01
CA TRP D 110 -55.46 17.23 -14.94
C TRP D 110 -55.24 18.01 -13.61
N ALA D 111 -54.00 18.09 -13.15
CA ALA D 111 -53.71 18.81 -11.90
C ALA D 111 -53.99 20.28 -12.01
N GLN D 112 -53.66 20.86 -13.17
CA GLN D 112 -53.91 22.29 -13.39
C GLN D 112 -55.38 22.64 -13.31
N TYR D 113 -56.20 21.79 -13.88
CA TYR D 113 -57.63 21.97 -13.81
C TYR D 113 -58.07 22.05 -12.35
N VAL D 114 -57.57 21.12 -11.53
CA VAL D 114 -57.99 21.10 -10.12
C VAL D 114 -57.50 22.33 -9.33
N LEU D 115 -56.24 22.66 -9.50
CA LEU D 115 -55.69 23.83 -8.88
C LEU D 115 -56.39 25.10 -9.32
N ASP D 116 -56.80 25.17 -10.59
CA ASP D 116 -57.42 26.38 -11.13
C ASP D 116 -58.81 26.62 -10.57
N ASN D 117 -59.51 25.56 -10.15
CA ASN D 117 -60.93 25.68 -9.88
C ASN D 117 -61.41 25.50 -8.47
N PHE D 118 -60.62 24.86 -7.62
CA PHE D 118 -61.12 24.48 -6.30
C PHE D 118 -60.20 24.99 -5.21
N ALA D 119 -60.80 25.26 -4.06
CA ALA D 119 -60.07 25.82 -2.94
C ALA D 119 -59.69 24.78 -1.89
N THR D 120 -60.39 23.64 -1.86
CA THR D 120 -60.12 22.61 -0.86
C THR D 120 -60.24 21.23 -1.49
N VAL D 121 -59.73 20.24 -0.78
CA VAL D 121 -59.79 18.88 -1.25
C VAL D 121 -61.26 18.46 -1.40
N ASP D 122 -62.04 18.80 -0.38
CA ASP D 122 -63.45 18.47 -0.33
C ASP D 122 -64.20 19.02 -1.54
N GLU D 123 -64.03 20.32 -1.79
CA GLU D 123 -64.63 21.00 -2.96
C GLU D 123 -64.28 20.26 -4.22
N ALA D 124 -63.00 19.90 -4.36
CA ALA D 124 -62.50 19.22 -5.56
C ALA D 124 -63.09 17.81 -5.69
N VAL D 125 -63.19 17.10 -4.58
CA VAL D 125 -63.70 15.76 -4.60
C VAL D 125 -65.15 15.81 -5.03
N LYS D 126 -65.92 16.73 -4.47
CA LYS D 126 -67.35 16.84 -4.81
C LYS D 126 -67.53 17.07 -6.29
N SER D 127 -66.70 17.94 -6.86
CA SER D 127 -66.79 18.22 -8.29
C SER D 127 -66.31 17.06 -9.16
N LEU D 128 -65.26 16.38 -8.72
CA LEU D 128 -64.76 15.27 -9.50
C LEU D 128 -65.74 14.10 -9.51
N GLN D 129 -66.46 13.92 -8.40
CA GLN D 129 -67.42 12.83 -8.27
C GLN D 129 -68.51 12.92 -9.31
N GLN D 130 -68.86 14.15 -9.71
CA GLN D 130 -69.87 14.35 -10.74
C GLN D 130 -69.43 13.92 -12.14
N GLU D 131 -68.18 13.54 -12.29
CA GLU D 131 -67.70 13.03 -13.55
C GLU D 131 -68.07 13.96 -14.71
N LYS D 132 -67.76 15.24 -14.59
CA LYS D 132 -68.10 16.25 -15.61
C LYS D 132 -67.27 16.15 -16.89
N PHE D 133 -66.29 15.25 -16.91
CA PHE D 133 -65.40 15.15 -18.05
C PHE D 133 -64.84 13.75 -18.14
N ILE D 134 -64.23 13.44 -19.26
CA ILE D 134 -63.55 12.20 -19.46
C ILE D 134 -62.07 12.53 -19.49
N LEU D 135 -61.29 11.81 -18.71
CA LEU D 135 -59.85 11.95 -18.77
C LEU D 135 -59.29 11.17 -19.97
N VAL D 136 -58.41 11.79 -20.74
CA VAL D 136 -57.85 11.11 -21.86
C VAL D 136 -56.35 11.18 -21.78
N THR D 137 -55.70 10.18 -22.33
CA THR D 137 -54.29 10.14 -22.22
C THR D 137 -53.75 10.13 -23.65
N LYS D 138 -52.44 10.07 -23.77
CA LYS D 138 -51.73 10.17 -25.02
C LYS D 138 -50.64 9.08 -25.08
N GLN D 139 -49.92 8.99 -26.20
CA GLN D 139 -48.73 8.07 -26.28
C GLN D 139 -47.36 8.59 -25.69
N VAL D 140 -46.79 9.65 -26.25
CA VAL D 140 -46.73 9.83 -27.70
C VAL D 140 -45.33 10.43 -27.93
N GLU D 141 -44.35 9.58 -27.67
CA GLU D 141 -42.96 9.98 -27.80
C GLU D 141 -42.12 8.78 -28.19
N GLY D 142 -42.32 8.41 -29.43
CA GLY D 142 -41.61 7.30 -30.01
C GLY D 142 -41.93 6.08 -29.16
N GLN D 143 -43.21 5.82 -28.90
CA GLN D 143 -43.63 4.53 -28.35
C GLN D 143 -45.14 4.36 -28.41
N LYS D 144 -45.59 3.12 -28.46
CA LYS D 144 -47.02 2.80 -28.36
C LYS D 144 -47.59 2.83 -26.93
N ARG D 145 -46.74 3.00 -25.90
CA ARG D 145 -47.17 2.91 -24.49
C ARG D 145 -47.96 4.17 -24.08
N LEU D 146 -48.85 3.97 -23.13
CA LEU D 146 -49.83 4.93 -22.73
C LEU D 146 -49.24 5.69 -21.48
N ALA D 147 -49.44 7.01 -21.35
CA ALA D 147 -48.86 7.75 -20.20
C ALA D 147 -49.73 7.37 -19.05
N THR D 148 -49.10 6.83 -18.00
CA THR D 148 -49.78 6.62 -16.67
C THR D 148 -49.42 7.37 -15.37
N LEU D 149 -50.49 7.80 -14.71
CA LEU D 149 -50.37 8.59 -13.51
C LEU D 149 -51.66 8.66 -12.71
N HIS D 150 -51.55 9.04 -11.44
CA HIS D 150 -52.73 9.39 -10.66
C HIS D 150 -52.50 10.68 -9.88
N LEU D 151 -53.58 11.18 -9.30
CA LEU D 151 -53.60 12.51 -8.80
C LEU D 151 -53.84 12.47 -7.32
N SER D 152 -52.91 13.06 -6.56
CA SER D 152 -53.06 13.24 -5.13
C SER D 152 -53.27 14.71 -4.79
N LEU D 153 -54.11 14.96 -3.79
CA LEU D 153 -54.52 16.31 -3.38
C LEU D 153 -54.39 16.52 -1.89
N SER D 154 -54.13 17.76 -1.49
CA SER D 154 -54.08 18.14 -0.06
C SER D 154 -54.38 19.61 0.19
N ASP D 155 -54.71 19.92 1.44
CA ASP D 155 -55.40 21.15 1.90
C ASP D 155 -54.65 21.85 2.98
N SER D 156 -55.06 23.08 3.26
CA SER D 156 -54.60 23.78 4.46
C SER D 156 -55.27 23.24 5.71
N SER D 157 -56.37 22.55 5.54
CA SER D 157 -57.01 21.83 6.64
C SER D 157 -56.39 20.47 6.92
N GLY D 158 -55.39 20.07 6.14
CA GLY D 158 -54.73 18.77 6.32
C GLY D 158 -55.47 17.60 5.67
N ASP D 159 -56.53 17.90 4.93
CA ASP D 159 -57.31 16.89 4.25
C ASP D 159 -56.50 16.35 3.10
N SER D 160 -56.81 15.12 2.69
CA SER D 160 -56.11 14.44 1.59
C SER D 160 -57.10 13.67 0.73
N ALA D 161 -56.75 13.51 -0.55
CA ALA D 161 -57.49 12.64 -1.43
C ALA D 161 -56.61 12.14 -2.54
N ILE D 162 -56.97 11.02 -3.13
CA ILE D 162 -56.28 10.49 -4.30
C ILE D 162 -57.34 10.03 -5.29
N ILE D 163 -57.07 10.28 -6.55
CA ILE D 163 -57.96 9.93 -7.61
C ILE D 163 -57.21 9.06 -8.59
N GLU D 164 -57.75 7.88 -8.89
CA GLU D 164 -57.15 6.98 -9.88
C GLU D 164 -58.18 6.54 -10.91
N TYR D 165 -57.68 5.95 -11.99
CA TYR D 165 -58.52 5.29 -12.99
C TYR D 165 -58.16 3.82 -13.12
N ILE D 166 -59.05 2.99 -12.61
CA ILE D 166 -58.84 1.55 -12.56
C ILE D 166 -59.98 0.93 -13.35
N ASP D 167 -59.62 0.05 -14.28
CA ASP D 167 -60.60 -0.57 -15.20
C ASP D 167 -61.48 0.49 -15.85
N GLY D 168 -60.88 1.60 -16.25
CA GLY D 168 -61.62 2.68 -16.89
C GLY D 168 -62.54 3.48 -15.99
N LYS D 169 -62.63 3.13 -14.72
CA LYS D 169 -63.51 3.84 -13.79
C LYS D 169 -62.74 4.75 -12.82
N GLN D 170 -63.33 5.90 -12.53
CA GLN D 170 -62.78 6.84 -11.58
C GLN D 170 -62.94 6.31 -10.17
N VAL D 171 -61.82 6.13 -9.47
CA VAL D 171 -61.85 5.68 -8.07
C VAL D 171 -61.24 6.77 -7.17
N ILE D 172 -62.02 7.20 -6.18
CA ILE D 172 -61.59 8.25 -5.28
C ILE D 172 -61.51 7.78 -3.84
N HIS D 173 -60.37 8.00 -3.20
CA HIS D 173 -60.23 7.82 -1.79
C HIS D 173 -59.98 9.17 -1.16
N HIS D 174 -60.81 9.52 -0.18
CA HIS D 174 -60.80 10.85 0.43
C HIS D 174 -60.87 10.76 1.94
N SER D 175 -59.78 11.13 2.61
CA SER D 175 -59.74 11.08 4.05
C SER D 175 -58.48 11.72 4.55
N LYS D 176 -58.61 12.46 5.65
CA LYS D 176 -57.47 13.04 6.33
C LYS D 176 -56.47 11.97 6.80
N ASN D 177 -56.94 10.74 6.95
CA ASN D 177 -56.05 9.62 7.31
C ASN D 177 -55.13 9.14 6.20
N TYR D 178 -55.40 9.50 4.95
CA TYR D 178 -54.55 9.04 3.82
C TYR D 178 -53.32 9.94 3.64
N GLN D 179 -52.41 9.83 4.58
CA GLN D 179 -51.26 10.73 4.65
C GLN D 179 -50.17 10.40 3.64
N VAL D 180 -50.08 9.15 3.21
CA VAL D 180 -48.99 8.71 2.37
C VAL D 180 -49.54 8.04 1.11
N MET D 181 -48.92 8.38 -0.02
CA MET D 181 -49.30 7.89 -1.33
C MET D 181 -48.07 7.71 -2.18
N THR D 182 -47.95 6.54 -2.80
CA THR D 182 -46.88 6.26 -3.75
C THR D 182 -47.51 6.08 -5.12
N ASN D 183 -46.68 6.01 -6.13
CA ASN D 183 -47.17 5.83 -7.51
C ASN D 183 -47.76 4.46 -7.79
N SER D 184 -47.33 3.49 -7.01
CA SER D 184 -47.70 2.11 -7.19
C SER D 184 -47.70 1.48 -5.81
N PRO D 185 -48.50 0.45 -5.61
CA PRO D 185 -49.52 -0.20 -6.40
C PRO D 185 -50.77 0.64 -6.27
N THR D 186 -51.93 0.14 -6.67
CA THR D 186 -53.14 0.94 -6.54
C THR D 186 -53.38 1.28 -5.06
N PHE D 187 -54.12 2.34 -4.82
CA PHE D 187 -54.25 2.82 -3.47
C PHE D 187 -54.97 1.83 -2.54
N ASP D 188 -55.91 1.05 -3.07
CA ASP D 188 -56.54 -0.01 -2.26
C ASP D 188 -55.51 -0.95 -1.68
N GLN D 189 -54.52 -1.29 -2.49
CA GLN D 189 -53.45 -2.12 -2.04
C GLN D 189 -52.53 -1.37 -1.11
N GLN D 190 -52.24 -0.11 -1.43
CA GLN D 190 -51.39 0.70 -0.55
C GLN D 190 -51.88 0.69 0.87
N LEU D 191 -53.19 0.77 1.03
CA LEU D 191 -53.81 0.84 2.33
C LEU D 191 -53.53 -0.33 3.27
N THR D 192 -53.03 -1.44 2.74
CA THR D 192 -52.83 -2.63 3.55
C THR D 192 -51.33 -2.88 3.78
N LEU D 193 -50.46 -2.10 3.13
CA LEU D 193 -49.02 -2.38 3.14
C LEU D 193 -48.34 -2.21 4.49
N ASN D 194 -48.85 -1.32 5.31
CA ASN D 194 -48.28 -1.08 6.64
C ASN D 194 -48.56 -2.14 7.69
N ALA D 195 -49.65 -2.88 7.53
CA ALA D 195 -50.15 -3.71 8.61
C ALA D 195 -49.05 -4.55 9.22
N TYR D 196 -48.32 -5.29 8.40
CA TYR D 196 -47.30 -6.17 8.95
C TYR D 196 -46.31 -5.36 9.76
N TRP D 197 -45.89 -4.24 9.20
CA TRP D 197 -44.87 -3.41 9.83
C TRP D 197 -45.38 -2.71 11.07
N ASP D 198 -46.67 -2.43 11.15
CA ASP D 198 -47.25 -1.89 12.40
C ASP D 198 -47.21 -2.92 13.52
N GLN D 199 -47.45 -4.18 13.16
CA GLN D 199 -47.44 -5.27 14.10
C GLN D 199 -46.11 -5.40 14.81
N ILE D 200 -45.03 -5.47 14.05
CA ILE D 200 -43.70 -5.42 14.63
C ILE D 200 -43.37 -3.94 14.71
N GLY D 201 -42.38 -3.51 15.44
CA GLY D 201 -42.10 -2.04 15.38
C GLY D 201 -41.46 -1.56 14.08
N GLY D 202 -41.71 -0.34 13.69
CA GLY D 202 -40.87 0.30 12.67
C GLY D 202 -39.47 0.61 13.21
N ASN D 203 -39.38 0.75 14.53
CA ASN D 203 -38.08 0.89 15.21
C ASN D 203 -37.33 -0.43 15.24
N VAL D 204 -38.07 -1.52 15.06
CA VAL D 204 -37.49 -2.85 15.05
C VAL D 204 -36.91 -3.14 13.68
N MET D 205 -37.70 -2.95 12.62
CA MET D 205 -37.18 -3.08 11.29
C MET D 205 -38.04 -2.35 10.30
N LEU D 206 -37.43 -1.94 9.20
CA LEU D 206 -38.14 -1.42 8.03
C LEU D 206 -37.47 -1.93 6.78
N PRO D 207 -38.23 -2.07 5.70
CA PRO D 207 -37.65 -2.45 4.43
C PRO D 207 -36.94 -1.27 3.83
N GLY D 208 -35.75 -1.48 3.27
CA GLY D 208 -34.93 -0.34 2.82
C GLY D 208 -34.58 -0.23 1.35
N THR D 209 -35.41 -0.75 0.45
CA THR D 209 -35.07 -0.65 -0.99
C THR D 209 -35.84 0.52 -1.59
N ASN D 210 -35.72 0.68 -2.89
CA ASN D 210 -36.45 1.71 -3.63
C ASN D 210 -37.80 1.31 -4.14
N ARG D 211 -38.24 0.11 -3.81
CA ARG D 211 -39.54 -0.35 -4.23
C ARG D 211 -40.59 0.61 -3.72
N ALA D 212 -41.63 0.82 -4.50
CA ALA D 212 -42.73 1.63 -4.03
C ALA D 212 -43.28 1.14 -2.70
N ALA D 213 -43.42 -0.17 -2.53
CA ALA D 213 -43.96 -0.63 -1.25
C ALA D 213 -43.07 -0.25 -0.07
N ASP D 214 -41.75 -0.34 -0.24
CA ASP D 214 -40.84 0.00 0.82
C ASP D 214 -40.91 1.50 1.14
N ARG D 215 -40.91 2.32 0.11
CA ARG D 215 -40.96 3.76 0.29
C ARG D 215 -42.24 4.13 1.04
N PHE D 216 -43.34 3.49 0.67
CA PHE D 216 -44.64 3.78 1.29
C PHE D 216 -44.57 3.45 2.77
N VAL D 217 -43.95 2.31 3.07
CA VAL D 217 -43.83 1.83 4.43
C VAL D 217 -42.94 2.71 5.29
N ARG D 218 -41.79 3.08 4.73
CA ARG D 218 -40.84 3.94 5.44
C ARG D 218 -41.45 5.29 5.75
N ALA D 219 -42.10 5.87 4.75
CA ALA D 219 -42.66 7.18 4.89
C ALA D 219 -43.81 7.16 5.85
N SER D 220 -44.62 6.11 5.80
CA SER D 220 -45.73 5.96 6.74
C SER D 220 -45.20 5.90 8.16
N PHE D 221 -44.11 5.16 8.36
CA PHE D 221 -43.58 5.03 9.71
C PHE D 221 -43.07 6.37 10.24
N TYR D 222 -42.23 7.04 9.47
CA TYR D 222 -41.66 8.27 9.95
C TYR D 222 -42.72 9.38 10.18
N VAL D 223 -43.70 9.43 9.32
CA VAL D 223 -44.72 10.44 9.41
C VAL D 223 -45.53 10.32 10.71
N LYS D 224 -45.70 9.09 11.21
CA LYS D 224 -46.45 8.87 12.43
C LYS D 224 -45.57 8.87 13.64
N ASN D 225 -44.27 8.64 13.51
CA ASN D 225 -43.45 8.46 14.67
C ASN D 225 -42.41 9.51 14.94
N VAL D 226 -42.26 10.50 14.08
CA VAL D 226 -41.25 11.53 14.30
C VAL D 226 -41.92 12.80 14.81
N ASN D 227 -41.60 13.23 16.04
CA ASN D 227 -42.03 14.55 16.52
C ASN D 227 -40.84 15.42 16.89
N PRO D 228 -40.51 16.41 16.06
CA PRO D 228 -39.35 17.27 16.30
C PRO D 228 -39.65 18.33 17.35
N ASN D 229 -40.92 18.45 17.76
CA ASN D 229 -41.36 19.45 18.71
C ASN D 229 -41.81 18.81 20.01
N LYS D 230 -41.28 17.62 20.30
CA LYS D 230 -41.42 17.00 21.62
C LYS D 230 -40.83 17.97 22.63
N LEU D 231 -41.42 18.09 23.81
CA LEU D 231 -40.70 18.78 24.91
C LEU D 231 -39.55 17.90 25.35
N ILE D 232 -38.37 18.50 25.35
CA ILE D 232 -37.13 17.77 25.52
C ILE D 232 -36.47 18.38 26.76
N PRO D 233 -36.35 17.61 27.87
CA PRO D 233 -35.76 18.13 29.12
C PRO D 233 -34.38 18.73 28.89
N GLY D 234 -34.18 20.03 29.14
CA GLY D 234 -32.89 20.74 28.90
C GLY D 234 -32.76 21.65 27.60
N VAL D 235 -33.85 21.84 26.81
CA VAL D 235 -33.92 22.75 25.65
C VAL D 235 -35.21 23.56 25.80
N ALA D 236 -35.11 24.87 25.74
CA ALA D 236 -36.29 25.73 25.88
C ALA D 236 -37.41 25.25 24.95
N GLU D 237 -38.65 25.22 25.42
CA GLU D 237 -39.81 25.02 24.53
C GLU D 237 -39.69 26.04 23.42
N LYS D 238 -40.09 25.66 22.19
CA LYS D 238 -39.94 26.58 21.08
C LYS D 238 -41.16 27.44 20.79
N GLY D 239 -40.87 28.57 20.16
CA GLY D 239 -41.91 29.46 19.62
C GLY D 239 -42.52 28.88 18.36
N LYS D 240 -43.71 29.37 18.01
CA LYS D 240 -44.43 28.98 16.80
C LYS D 240 -43.53 28.92 15.59
N ILE D 241 -42.71 29.94 15.40
CA ILE D 241 -41.92 30.00 14.18
C ILE D 241 -40.89 28.86 14.15
N GLU D 242 -40.25 28.62 15.29
CA GLU D 242 -39.23 27.59 15.38
C GLU D 242 -39.87 26.18 15.20
N LYS D 243 -41.09 26.03 15.67
CA LYS D 243 -41.77 24.78 15.54
C LYS D 243 -42.11 24.52 14.08
N ASP D 244 -42.59 25.57 13.41
CA ASP D 244 -42.91 25.51 12.00
C ASP D 244 -41.68 25.06 11.27
N LYS D 245 -40.56 25.69 11.53
CA LYS D 245 -39.32 25.40 10.81
C LYS D 245 -38.85 23.95 11.03
N ALA D 246 -39.11 23.43 12.22
CA ALA D 246 -38.70 22.10 12.57
C ALA D 246 -39.57 21.05 11.88
N ASP D 247 -40.87 21.32 11.82
CA ASP D 247 -41.74 20.55 10.98
C ASP D 247 -41.30 20.53 9.51
N LEU D 248 -40.89 21.68 9.01
CA LEU D 248 -40.41 21.76 7.64
C LEU D 248 -39.17 20.87 7.48
N ALA D 249 -38.24 20.94 8.43
CA ALA D 249 -37.03 20.11 8.36
C ALA D 249 -37.34 18.60 8.42
N THR D 250 -38.33 18.25 9.23
CA THR D 250 -38.77 16.88 9.36
C THR D 250 -39.32 16.38 8.00
N ALA D 251 -40.23 17.15 7.43
CA ALA D 251 -40.83 16.77 6.17
C ALA D 251 -39.77 16.61 5.11
N PHE D 252 -38.85 17.56 5.04
CA PHE D 252 -37.80 17.43 4.06
C PHE D 252 -37.02 16.15 4.25
N SER D 253 -36.73 15.81 5.52
CA SER D 253 -35.84 14.66 5.76
C SER D 253 -36.53 13.35 5.40
N ILE D 254 -37.84 13.30 5.58
CA ILE D 254 -38.61 12.09 5.32
C ILE D 254 -38.77 11.86 3.83
N ILE D 255 -39.11 12.92 3.09
CA ILE D 255 -39.13 12.81 1.62
C ILE D 255 -37.74 12.48 1.04
N ARG D 256 -36.68 12.98 1.66
CA ARG D 256 -35.36 12.60 1.20
C ARG D 256 -35.08 11.13 1.47
N ASN D 257 -35.51 10.66 2.62
CA ASN D 257 -35.34 9.26 2.97
C ASN D 257 -36.09 8.36 1.98
N ALA D 258 -37.25 8.78 1.49
CA ALA D 258 -38.04 7.99 0.55
C ALA D 258 -37.61 8.21 -0.91
N SER D 259 -36.58 8.99 -1.13
CA SER D 259 -36.15 9.21 -2.51
C SER D 259 -35.35 8.04 -3.00
N VAL D 260 -35.18 7.99 -4.30
CA VAL D 260 -34.42 6.96 -4.97
C VAL D 260 -33.09 7.54 -5.44
N PRO D 261 -31.98 6.95 -5.01
CA PRO D 261 -30.68 7.49 -5.37
C PRO D 261 -30.55 7.73 -6.85
N TYR D 262 -29.83 8.78 -7.20
CA TYR D 262 -29.64 9.18 -8.54
C TYR D 262 -28.69 8.24 -9.28
N GLY D 263 -29.21 7.66 -10.36
CA GLY D 263 -28.48 6.73 -11.18
C GLY D 263 -28.94 5.30 -11.00
N TYR D 264 -29.73 5.06 -9.97
CA TYR D 264 -30.17 3.72 -9.66
C TYR D 264 -31.19 3.31 -10.69
N SER D 265 -31.04 2.08 -11.17
CA SER D 265 -32.06 1.48 -12.03
C SER D 265 -32.02 -0.03 -11.94
N LEU D 266 -33.20 -0.64 -12.10
CA LEU D 266 -33.34 -2.09 -12.00
C LEU D 266 -34.15 -2.58 -13.21
N PRO D 267 -33.49 -3.27 -14.16
CA PRO D 267 -34.17 -3.69 -15.40
C PRO D 267 -35.50 -4.45 -15.14
N ASP D 268 -35.50 -5.35 -14.16
CA ASP D 268 -36.71 -6.09 -13.76
C ASP D 268 -37.89 -5.17 -13.34
N MET D 269 -37.57 -3.99 -12.77
CA MET D 269 -38.60 -3.05 -12.29
C MET D 269 -38.37 -1.67 -12.90
N PRO D 270 -38.89 -1.46 -14.11
CA PRO D 270 -38.82 -0.15 -14.76
C PRO D 270 -39.63 1.00 -14.08
N ASN D 271 -40.53 0.68 -13.14
CA ASN D 271 -41.29 1.72 -12.42
C ASN D 271 -40.53 2.33 -11.20
N ILE D 272 -39.25 1.98 -11.06
CA ILE D 272 -38.34 2.58 -10.11
C ILE D 272 -37.35 3.43 -10.86
N ALA D 273 -37.21 4.69 -10.45
CA ALA D 273 -36.30 5.59 -11.09
C ALA D 273 -35.74 6.65 -10.16
N SER D 274 -34.60 7.20 -10.57
CA SER D 274 -33.96 8.30 -9.89
C SER D 274 -34.92 9.42 -9.50
N THR D 275 -34.84 9.84 -8.26
CA THR D 275 -35.55 11.03 -7.82
C THR D 275 -34.78 12.19 -8.38
N ARG D 276 -35.49 13.06 -9.09
CA ARG D 276 -34.86 14.19 -9.72
C ARG D 276 -35.08 15.50 -9.00
N TRP D 277 -36.21 15.60 -8.32
CA TRP D 277 -36.46 16.73 -7.51
C TRP D 277 -37.55 16.43 -6.49
N ARG D 278 -37.71 17.38 -5.56
CA ARG D 278 -38.68 17.30 -4.50
C ARG D 278 -39.34 18.64 -4.30
N THR D 279 -40.62 18.63 -3.96
CA THR D 279 -41.27 19.84 -3.58
C THR D 279 -41.83 19.67 -2.21
N VAL D 280 -41.91 20.78 -1.50
CA VAL D 280 -42.57 20.83 -0.22
C VAL D 280 -43.51 22.02 -0.16
N VAL D 281 -44.74 21.79 0.27
CA VAL D 281 -45.73 22.83 0.41
C VAL D 281 -46.02 23.09 1.87
N ASP D 282 -45.79 24.34 2.29
CA ASP D 282 -46.25 24.84 3.57
C ASP D 282 -47.55 25.55 3.31
N HIS D 283 -48.64 24.88 3.60
CA HIS D 283 -49.96 25.37 3.29
C HIS D 283 -50.33 26.66 4.01
N LYS D 284 -50.07 26.75 5.30
CA LYS D 284 -50.45 27.96 6.05
C LYS D 284 -49.73 29.19 5.60
N SER D 285 -48.42 29.07 5.37
CA SER D 285 -47.64 30.23 4.91
C SER D 285 -47.76 30.43 3.40
N LEU D 286 -48.44 29.50 2.73
CA LEU D 286 -48.48 29.43 1.26
C LEU D 286 -47.11 29.54 0.64
N GLN D 287 -46.17 28.72 1.10
CA GLN D 287 -44.82 28.72 0.53
C GLN D 287 -44.55 27.38 -0.16
N TYR D 288 -44.05 27.47 -1.38
CA TYR D 288 -43.80 26.32 -2.22
C TYR D 288 -42.31 26.17 -2.42
N PHE D 289 -41.73 25.11 -1.85
CA PHE D 289 -40.30 24.86 -1.94
C PHE D 289 -40.01 23.91 -3.10
N PHE D 290 -38.88 24.14 -3.74
CA PHE D 290 -38.40 23.26 -4.78
C PHE D 290 -36.95 22.95 -4.50
N GLU D 291 -36.57 21.69 -4.71
CA GLU D 291 -35.24 21.17 -4.43
C GLU D 291 -34.85 20.25 -5.57
N SER D 292 -33.72 20.50 -6.22
CA SER D 292 -33.28 19.62 -7.28
C SER D 292 -32.43 18.55 -6.65
N ALA D 293 -32.55 17.32 -7.12
CA ALA D 293 -31.66 16.25 -6.72
C ALA D 293 -30.56 16.02 -7.74
N VAL D 294 -30.60 16.79 -8.83
CA VAL D 294 -29.61 16.68 -9.90
C VAL D 294 -28.53 17.76 -9.80
N SER D 295 -28.95 18.96 -9.39
CA SER D 295 -28.07 20.10 -9.25
C SER D 295 -28.30 20.68 -7.88
N PRO D 296 -27.31 21.37 -7.34
CA PRO D 296 -27.50 22.05 -6.05
C PRO D 296 -28.38 23.27 -6.24
N ASN D 297 -29.59 23.18 -5.74
CA ASN D 297 -30.61 24.18 -5.95
C ASN D 297 -31.77 23.91 -5.02
N ILE D 298 -31.90 24.75 -4.02
CA ILE D 298 -33.07 24.75 -3.16
C ILE D 298 -33.51 26.18 -2.86
N PHE D 299 -34.82 26.42 -2.95
CA PHE D 299 -35.36 27.75 -2.80
C PHE D 299 -36.84 27.62 -2.63
N TRP D 300 -37.51 28.72 -2.33
CA TRP D 300 -38.98 28.67 -2.24
C TRP D 300 -39.67 29.86 -2.87
N VAL D 301 -40.97 29.76 -3.01
CA VAL D 301 -41.80 30.76 -3.62
C VAL D 301 -42.95 31.06 -2.70
N ASP D 302 -43.05 32.33 -2.32
CA ASP D 302 -44.06 32.77 -1.38
C ASP D 302 -45.25 33.33 -2.12
N LEU D 303 -46.34 32.58 -2.13
CA LEU D 303 -47.53 33.00 -2.85
C LEU D 303 -48.13 34.30 -2.30
N LYS D 304 -47.83 34.63 -1.03
CA LYS D 304 -48.31 35.89 -0.48
C LYS D 304 -47.61 37.05 -1.10
N LYS D 305 -46.51 36.82 -1.81
CA LYS D 305 -45.77 37.92 -2.41
C LYS D 305 -45.96 38.03 -3.89
N ILE D 306 -46.93 37.28 -4.40
CA ILE D 306 -47.24 37.31 -5.82
C ILE D 306 -48.63 37.91 -6.02
N ASN D 307 -48.76 38.75 -7.05
CA ASN D 307 -50.07 39.27 -7.44
C ASN D 307 -50.65 38.35 -8.49
N PHE D 308 -51.76 37.70 -8.13
CA PHE D 308 -52.37 36.69 -9.01
C PHE D 308 -53.47 37.28 -9.90
N ALA D 309 -53.65 38.60 -9.85
CA ALA D 309 -54.68 39.25 -10.67
C ALA D 309 -54.34 39.03 -12.15
N PRO D 310 -55.35 39.07 -13.01
CA PRO D 310 -55.20 38.77 -14.45
C PRO D 310 -54.18 39.65 -15.13
N ARG D 311 -53.47 39.09 -16.10
CA ARG D 311 -52.44 39.81 -16.82
C ARG D 311 -52.70 39.73 -18.34
N GLY D 312 -53.97 39.85 -18.71
CA GLY D 312 -54.38 39.80 -20.11
C GLY D 312 -53.98 38.52 -20.81
N GLY D 313 -54.00 37.42 -20.08
CA GLY D 313 -53.71 36.11 -20.64
C GLY D 313 -52.26 35.68 -20.64
N SER D 314 -51.37 36.51 -20.11
CA SER D 314 -49.98 36.10 -19.97
C SER D 314 -49.75 35.48 -18.56
N ALA D 315 -48.55 34.94 -18.36
CA ALA D 315 -48.20 34.21 -17.16
C ALA D 315 -46.75 34.51 -16.88
N ALA D 316 -46.16 33.80 -15.93
CA ALA D 316 -44.75 33.98 -15.66
C ALA D 316 -44.06 32.64 -15.41
N LYS D 317 -42.76 32.62 -15.69
CA LYS D 317 -41.98 31.41 -15.66
C LYS D 317 -40.64 31.65 -14.95
N LEU D 318 -40.25 30.70 -14.12
CA LEU D 318 -38.96 30.67 -13.50
C LEU D 318 -38.13 29.60 -14.20
N ASP D 319 -37.17 30.02 -14.99
CA ASP D 319 -36.41 29.10 -15.81
C ASP D 319 -35.34 28.49 -14.97
N LEU D 320 -35.41 27.17 -14.84
CA LEU D 320 -34.46 26.42 -14.00
C LEU D 320 -33.31 25.86 -14.77
N GLY D 321 -33.36 26.03 -16.07
CA GLY D 321 -32.21 25.71 -16.93
C GLY D 321 -31.99 24.21 -17.14
N PRO D 322 -30.94 23.86 -17.90
CA PRO D 322 -30.65 22.46 -18.11
C PRO D 322 -30.37 21.76 -16.79
N ASN D 323 -31.00 20.60 -16.59
CA ASN D 323 -30.87 19.82 -15.36
C ASN D 323 -31.21 20.56 -14.07
N GLN D 324 -32.04 21.58 -14.21
CA GLN D 324 -32.42 22.44 -13.10
C GLN D 324 -31.21 23.03 -12.35
N SER D 325 -30.18 23.38 -13.11
CA SER D 325 -28.93 23.90 -12.59
C SER D 325 -28.90 25.40 -12.42
N THR D 326 -29.93 26.12 -12.87
CA THR D 326 -29.88 27.58 -12.75
C THR D 326 -30.25 27.95 -11.32
N ILE D 327 -29.27 28.45 -10.59
CA ILE D 327 -29.41 28.59 -9.15
C ILE D 327 -30.31 29.76 -8.74
N TYR D 328 -31.28 29.50 -7.87
CA TYR D 328 -31.96 30.53 -7.13
C TYR D 328 -31.92 30.21 -5.65
N SER D 329 -32.00 31.23 -4.82
CA SER D 329 -31.84 31.09 -3.41
C SER D 329 -32.87 31.92 -2.71
N GLY D 330 -33.36 31.48 -1.56
CA GLY D 330 -34.30 32.25 -0.78
C GLY D 330 -35.63 32.31 -1.50
N GLN D 331 -36.42 33.32 -1.18
CA GLN D 331 -37.75 33.50 -1.77
C GLN D 331 -37.59 34.08 -3.17
N ALA D 332 -38.06 33.33 -4.17
CA ALA D 332 -37.66 33.55 -5.56
C ALA D 332 -38.72 34.14 -6.49
N SER D 333 -39.84 34.62 -5.96
CA SER D 333 -40.92 35.05 -6.83
C SER D 333 -40.48 36.17 -7.74
N GLY D 334 -39.56 37.00 -7.27
CA GLY D 334 -39.05 38.11 -8.05
C GLY D 334 -38.30 37.73 -9.30
N HIS D 335 -37.79 36.51 -9.36
CA HIS D 335 -37.04 36.08 -10.53
C HIS D 335 -37.90 35.47 -11.62
N PHE D 336 -39.20 35.33 -11.38
CA PHE D 336 -40.09 34.83 -12.44
C PHE D 336 -40.15 35.90 -13.55
N LYS D 337 -40.18 35.47 -14.81
CA LYS D 337 -40.23 36.41 -15.95
C LYS D 337 -41.47 36.16 -16.81
N PRO D 338 -42.05 37.22 -17.40
CA PRO D 338 -43.27 37.06 -18.21
C PRO D 338 -43.11 36.05 -19.31
N ALA D 339 -44.17 35.30 -19.57
CA ALA D 339 -44.21 34.34 -20.66
C ALA D 339 -45.62 33.86 -20.90
N GLN D 340 -45.87 33.37 -22.10
CA GLN D 340 -47.16 32.85 -22.46
C GLN D 340 -47.29 31.44 -21.92
N PRO D 341 -48.46 31.09 -21.43
CA PRO D 341 -48.66 29.73 -20.95
C PRO D 341 -48.34 28.70 -22.00
N PHE D 342 -47.56 27.70 -21.65
CA PHE D 342 -47.21 26.63 -22.57
C PHE D 342 -48.48 25.87 -22.90
N GLU D 343 -48.49 25.17 -24.02
CA GLU D 343 -49.66 24.42 -24.45
C GLU D 343 -49.57 23.02 -23.83
N PHE D 344 -50.68 22.52 -23.28
CA PHE D 344 -50.71 21.19 -22.72
C PHE D 344 -50.70 20.13 -23.80
N ALA D 345 -49.94 19.05 -23.58
CA ALA D 345 -49.95 17.92 -24.48
C ALA D 345 -51.35 17.30 -24.57
N GLY D 346 -51.66 16.72 -25.72
CA GLY D 346 -52.93 16.04 -25.96
C GLY D 346 -53.19 15.73 -27.41
N LEU D 347 -54.44 15.37 -27.72
CA LEU D 347 -54.73 14.55 -28.91
C LEU D 347 -56.10 13.96 -28.69
N CYS E 1 -28.05 -30.87 3.12
CA CYS E 1 -28.09 -29.34 3.14
C CYS E 1 -28.11 -28.36 4.46
N THR E 2 -28.56 -28.71 5.68
CA THR E 2 -28.16 -27.94 6.90
C THR E 2 -27.65 -28.90 7.96
N ARG E 3 -26.56 -28.55 8.65
CA ARG E 3 -26.12 -29.33 9.79
C ARG E 3 -25.73 -28.42 10.96
N PHE E 4 -25.95 -28.92 12.18
CA PHE E 4 -25.38 -28.22 13.32
C PHE E 4 -25.01 -29.13 14.46
N VAL E 5 -24.21 -28.60 15.37
CA VAL E 5 -23.95 -29.24 16.64
C VAL E 5 -24.52 -28.35 17.72
N TYR E 6 -25.40 -28.92 18.54
CA TYR E 6 -26.04 -28.17 19.62
C TYR E 6 -25.37 -28.48 20.96
N LEU E 7 -25.02 -27.44 21.70
CA LEU E 7 -24.42 -27.55 23.04
C LEU E 7 -25.23 -26.73 24.04
N ASP E 8 -25.77 -27.38 25.08
CA ASP E 8 -26.54 -26.76 26.14
C ASP E 8 -25.61 -26.40 27.29
N PRO E 9 -25.53 -25.10 27.64
CA PRO E 9 -24.70 -24.69 28.78
C PRO E 9 -25.12 -25.37 30.10
N HIS E 10 -26.41 -25.61 30.29
CA HIS E 10 -26.90 -26.23 31.51
C HIS E 10 -26.89 -27.74 31.48
N ASN E 11 -26.34 -28.33 30.43
CA ASN E 11 -26.23 -29.79 30.34
C ASN E 11 -24.96 -30.15 29.57
N PRO E 12 -23.82 -29.82 30.14
CA PRO E 12 -22.52 -29.97 29.46
C PRO E 12 -22.17 -31.44 29.18
N ASP E 13 -21.17 -31.63 28.30
CA ASP E 13 -20.68 -32.94 27.84
C ASP E 13 -21.79 -33.82 27.30
N TYR E 14 -22.66 -33.19 26.52
CA TYR E 14 -23.77 -33.84 25.89
C TYR E 14 -24.08 -33.17 24.53
N PRO E 15 -23.12 -33.21 23.59
CA PRO E 15 -23.35 -32.66 22.25
C PRO E 15 -24.29 -33.49 21.42
N ILE E 16 -25.07 -32.81 20.59
CA ILE E 16 -26.00 -33.43 19.68
C ILE E 16 -25.81 -32.82 18.28
N THR E 17 -25.62 -33.68 17.29
CA THR E 17 -25.47 -33.25 15.90
C THR E 17 -26.77 -33.50 15.18
N ALA E 18 -27.18 -32.57 14.33
CA ALA E 18 -28.40 -32.72 13.58
C ALA E 18 -28.11 -32.30 12.14
N ARG E 19 -28.76 -32.98 11.21
CA ARG E 19 -28.63 -32.63 9.82
C ARG E 19 -29.92 -32.80 9.05
N SER E 20 -30.11 -31.97 8.04
CA SER E 20 -31.23 -32.12 7.12
C SER E 20 -30.67 -32.51 5.75
N MET E 21 -31.33 -33.43 5.05
CA MET E 21 -30.93 -33.78 3.69
C MET E 21 -31.93 -33.14 2.73
N ASP E 22 -31.41 -32.28 1.85
CA ASP E 22 -32.25 -31.54 0.93
C ASP E 22 -31.98 -31.97 -0.51
N TRP E 23 -33.01 -32.46 -1.18
CA TRP E 23 -32.91 -32.99 -2.54
C TRP E 23 -34.28 -33.03 -3.17
N ALA E 24 -34.35 -32.74 -4.46
CA ALA E 24 -35.63 -32.61 -5.14
C ALA E 24 -36.33 -33.96 -5.42
N ASP E 25 -35.58 -35.06 -5.35
CA ASP E 25 -36.09 -36.40 -5.71
C ASP E 25 -35.89 -37.39 -4.58
N ASP E 26 -36.61 -38.50 -4.63
CA ASP E 26 -36.40 -39.60 -3.67
C ASP E 26 -34.93 -40.00 -3.67
N THR E 27 -34.33 -40.11 -2.50
CA THR E 27 -32.94 -40.54 -2.39
C THR E 27 -32.81 -42.04 -2.13
N GLU E 28 -33.93 -42.73 -1.95
CA GLU E 28 -33.94 -44.20 -1.83
C GLU E 28 -33.00 -44.58 -0.70
N THR E 29 -33.11 -43.81 0.37
CA THR E 29 -32.24 -43.94 1.52
C THR E 29 -32.65 -45.14 2.39
N ASN E 30 -31.64 -45.86 2.87
CA ASN E 30 -31.81 -46.92 3.82
C ASN E 30 -30.71 -46.76 4.84
N LEU E 31 -30.82 -47.49 5.93
CA LEU E 31 -29.79 -47.48 6.96
C LEU E 31 -28.97 -48.76 6.90
N TRP E 32 -27.70 -48.66 7.29
CA TRP E 32 -26.78 -49.77 7.17
C TRP E 32 -25.91 -49.87 8.41
N ILE E 33 -25.72 -51.10 8.87
CA ILE E 33 -24.72 -51.39 9.85
C ILE E 33 -23.54 -51.95 9.11
N PHE E 34 -22.36 -51.39 9.34
CA PHE E 34 -21.14 -51.86 8.74
C PHE E 34 -20.20 -52.26 9.87
N PRO E 35 -19.93 -53.57 10.00
CA PRO E 35 -19.04 -54.02 11.05
C PRO E 35 -17.59 -53.65 10.83
N GLN E 36 -16.81 -53.93 11.88
CA GLN E 36 -15.36 -53.78 11.83
C GLN E 36 -14.72 -54.71 10.81
N GLU E 37 -13.62 -54.25 10.26
CA GLU E 37 -12.75 -55.05 9.40
C GLU E 37 -13.31 -55.35 8.01
N LEU E 38 -14.21 -54.51 7.52
CA LEU E 38 -14.58 -54.60 6.11
C LEU E 38 -13.43 -54.09 5.24
N LYS E 39 -13.11 -54.84 4.21
CA LYS E 39 -12.07 -54.43 3.29
C LYS E 39 -12.74 -53.60 2.22
N ARG E 40 -12.20 -52.41 2.00
CA ARG E 40 -12.84 -51.48 1.05
C ARG E 40 -11.84 -50.89 0.08
N SER E 41 -12.38 -50.58 -1.09
CA SER E 41 -11.62 -50.01 -2.19
C SER E 41 -12.24 -48.65 -2.53
N GLY E 42 -11.39 -47.68 -2.84
CA GLY E 42 -11.85 -46.31 -3.08
C GLY E 42 -12.75 -46.04 -4.27
N GLY E 43 -12.89 -47.00 -5.17
CA GLY E 43 -13.78 -46.81 -6.33
C GLY E 43 -13.29 -45.76 -7.32
N ALA E 44 -11.99 -45.65 -7.50
CA ALA E 44 -11.39 -44.63 -8.38
C ALA E 44 -10.57 -45.23 -9.54
N GLY E 45 -11.03 -46.37 -10.05
CA GLY E 45 -10.42 -47.08 -11.18
C GLY E 45 -9.12 -47.81 -10.88
N GLN E 46 -8.20 -47.75 -11.82
CA GLN E 46 -6.79 -48.01 -11.56
C GLN E 46 -6.36 -47.01 -10.47
N TYR E 47 -5.57 -47.46 -9.50
CA TYR E 47 -5.17 -46.66 -8.34
C TYR E 47 -6.26 -46.15 -7.35
N SER E 48 -7.10 -47.07 -6.89
CA SER E 48 -8.06 -46.77 -5.85
C SER E 48 -7.41 -46.93 -4.48
N LEU E 49 -7.72 -46.03 -3.55
CA LEU E 49 -7.26 -46.14 -2.16
C LEU E 49 -7.89 -47.37 -1.52
N GLU E 50 -7.16 -48.00 -0.62
CA GLU E 50 -7.63 -49.24 0.00
C GLU E 50 -7.46 -49.18 1.49
N TRP E 51 -8.44 -49.73 2.20
CA TRP E 51 -8.36 -49.79 3.65
C TRP E 51 -9.25 -50.87 4.19
N THR E 52 -9.00 -51.19 5.44
CA THR E 52 -9.79 -52.12 6.20
C THR E 52 -10.39 -51.37 7.39
N SER E 53 -11.71 -51.35 7.50
CA SER E 53 -12.38 -50.51 8.51
C SER E 53 -11.95 -50.94 9.89
N LYS E 54 -11.66 -49.95 10.73
CA LYS E 54 -11.25 -50.18 12.09
C LYS E 54 -12.44 -50.08 13.02
N TYR E 55 -13.38 -49.17 12.72
CA TYR E 55 -14.57 -48.97 13.55
C TYR E 55 -15.88 -49.23 12.79
N GLY E 56 -16.83 -49.80 13.49
CA GLY E 56 -18.12 -50.07 12.93
C GLY E 56 -18.95 -48.80 12.95
N SER E 57 -19.97 -48.76 12.09
CA SER E 57 -20.74 -47.57 11.91
C SER E 57 -22.16 -47.91 11.59
N VAL E 58 -23.04 -46.95 11.83
CA VAL E 58 -24.39 -46.97 11.32
C VAL E 58 -24.50 -45.76 10.39
N ILE E 59 -24.98 -45.95 9.18
CA ILE E 59 -24.98 -44.87 8.21
C ILE E 59 -26.25 -44.81 7.44
N ALA E 60 -26.47 -43.69 6.76
CA ALA E 60 -27.63 -43.52 5.90
C ALA E 60 -27.12 -43.40 4.49
N SER E 61 -27.68 -44.23 3.63
CA SER E 61 -27.19 -44.37 2.30
C SER E 61 -28.06 -43.53 1.37
N ALA E 62 -27.62 -43.39 0.14
CA ALA E 62 -28.48 -42.89 -0.92
C ALA E 62 -28.30 -43.75 -2.17
N PHE E 63 -29.40 -44.08 -2.84
CA PHE E 63 -29.36 -44.84 -4.09
C PHE E 63 -28.49 -46.12 -3.99
N ASP E 64 -28.59 -46.83 -2.88
CA ASP E 64 -27.70 -47.94 -2.63
C ASP E 64 -27.95 -49.13 -3.55
N GLY E 65 -29.10 -49.15 -4.21
CA GLY E 65 -29.39 -50.17 -5.20
C GLY E 65 -28.99 -49.83 -6.64
N ARG E 66 -28.23 -48.74 -6.86
CA ARG E 66 -27.81 -48.34 -8.20
C ARG E 66 -26.30 -48.19 -8.32
N LYS E 67 -25.69 -49.04 -9.16
CA LYS E 67 -24.24 -49.06 -9.40
C LYS E 67 -23.71 -47.65 -9.62
N GLY E 68 -24.46 -46.90 -10.42
CA GLY E 68 -24.03 -45.57 -10.80
C GLY E 68 -23.98 -44.51 -9.71
N MET E 69 -24.74 -44.67 -8.63
CA MET E 69 -24.97 -43.57 -7.68
C MET E 69 -24.89 -43.88 -6.18
N ALA E 70 -24.54 -45.09 -5.80
CA ALA E 70 -24.66 -45.45 -4.40
C ALA E 70 -23.64 -44.70 -3.53
N SER E 71 -24.09 -44.09 -2.43
CA SER E 71 -23.16 -43.42 -1.48
C SER E 71 -23.57 -43.54 -0.03
N THR E 72 -22.58 -43.35 0.83
CA THR E 72 -22.84 -43.07 2.23
C THR E 72 -22.96 -41.53 2.35
N THR E 73 -24.10 -41.05 2.85
CA THR E 73 -24.37 -39.62 2.99
C THR E 73 -24.26 -39.09 4.41
N ASP E 74 -24.30 -39.95 5.41
CA ASP E 74 -24.47 -39.52 6.76
C ASP E 74 -24.25 -40.71 7.66
N GLY E 75 -23.70 -40.49 8.86
CA GLY E 75 -23.54 -41.61 9.77
C GLY E 75 -22.77 -41.31 11.02
N VAL E 76 -22.73 -42.29 11.91
CA VAL E 76 -21.95 -42.19 13.14
C VAL E 76 -21.30 -43.52 13.38
N ASN E 77 -20.09 -43.50 13.90
CA ASN E 77 -19.38 -44.73 14.23
C ASN E 77 -19.39 -45.04 15.70
N GLU E 78 -18.88 -46.21 16.06
CA GLU E 78 -18.96 -46.67 17.46
C GLU E 78 -18.15 -45.84 18.48
N LYS E 79 -17.35 -44.90 18.00
CA LYS E 79 -16.59 -44.00 18.90
C LYS E 79 -17.25 -42.65 19.11
N GLY E 80 -18.35 -42.40 18.41
CA GLY E 80 -19.03 -41.10 18.49
C GLY E 80 -18.65 -40.07 17.42
N LEU E 81 -17.81 -40.45 16.48
CA LEU E 81 -17.53 -39.58 15.34
C LEU E 81 -18.70 -39.63 14.39
N ALA E 82 -19.25 -38.45 14.05
CA ALA E 82 -20.32 -38.36 13.09
C ALA E 82 -19.84 -37.67 11.81
N ALA E 83 -20.35 -38.10 10.67
CA ALA E 83 -19.98 -37.48 9.42
C ALA E 83 -21.20 -37.19 8.59
N ASN E 84 -21.20 -36.03 7.92
CA ASN E 84 -22.27 -35.70 7.01
C ASN E 84 -21.72 -35.19 5.70
N VAL E 85 -22.30 -35.69 4.62
CA VAL E 85 -21.97 -35.24 3.31
C VAL E 85 -23.08 -34.31 2.90
N LEU E 86 -22.75 -33.04 2.83
CA LEU E 86 -23.73 -32.06 2.44
C LEU E 86 -23.80 -31.88 0.94
N TRP E 87 -24.98 -32.09 0.37
CA TRP E 87 -25.15 -32.00 -1.10
C TRP E 87 -25.38 -30.58 -1.60
N LEU E 88 -25.33 -30.42 -2.92
CA LEU E 88 -25.53 -29.11 -3.60
C LEU E 88 -24.54 -28.07 -3.09
N ALA E 89 -23.28 -28.48 -2.95
CA ALA E 89 -22.23 -27.55 -2.56
C ALA E 89 -21.63 -26.90 -3.83
N GLU E 90 -20.64 -26.03 -3.65
CA GLU E 90 -19.97 -25.36 -4.76
C GLU E 90 -18.52 -25.74 -4.58
N SER E 91 -18.22 -27.00 -4.77
CA SER E 91 -16.84 -27.48 -4.65
C SER E 91 -16.28 -27.70 -6.07
N GLU E 92 -14.98 -27.52 -6.21
CA GLU E 92 -14.28 -27.92 -7.44
C GLU E 92 -13.15 -28.84 -7.00
N TYR E 93 -13.27 -30.11 -7.35
CA TYR E 93 -12.33 -31.14 -6.87
C TYR E 93 -11.02 -31.11 -7.62
N PRO E 94 -9.99 -31.78 -7.10
CA PRO E 94 -8.70 -31.68 -7.75
C PRO E 94 -8.70 -32.09 -9.23
N LYS E 95 -7.85 -31.45 -10.01
CA LYS E 95 -7.66 -31.82 -11.40
C LYS E 95 -6.71 -33.00 -11.48
N THR E 96 -5.71 -32.99 -10.60
CA THR E 96 -4.63 -33.97 -10.54
C THR E 96 -5.21 -35.39 -10.56
N LYS E 97 -4.59 -36.28 -11.35
CA LYS E 97 -5.08 -37.64 -11.51
C LYS E 97 -4.54 -38.53 -10.40
N PRO E 98 -5.31 -39.57 -10.03
CA PRO E 98 -4.80 -40.48 -9.01
C PRO E 98 -3.59 -41.30 -9.50
N THR E 99 -2.63 -41.45 -8.59
CA THR E 99 -1.39 -42.17 -8.84
C THR E 99 -1.18 -43.19 -7.73
N ALA E 100 -0.37 -44.20 -7.98
CA ALA E 100 -0.21 -45.27 -7.00
C ALA E 100 0.24 -44.75 -5.63
N LYS E 101 1.13 -43.76 -5.65
CA LYS E 101 1.61 -43.15 -4.40
C LYS E 101 0.50 -42.33 -3.75
N LYS E 102 -0.25 -41.59 -4.56
CA LYS E 102 -1.42 -40.81 -4.11
C LYS E 102 -2.73 -41.30 -4.80
N PRO E 103 -3.35 -42.39 -4.28
CA PRO E 103 -4.47 -43.02 -4.96
C PRO E 103 -5.81 -42.29 -4.81
N GLY E 104 -6.78 -42.73 -5.59
CA GLY E 104 -8.09 -42.07 -5.61
C GLY E 104 -9.12 -42.58 -4.61
N LEU E 105 -9.96 -41.67 -4.13
CA LEU E 105 -11.09 -42.01 -3.27
C LEU E 105 -12.36 -41.39 -3.85
N SER E 106 -13.32 -42.22 -4.20
CA SER E 106 -14.56 -41.72 -4.73
C SER E 106 -15.29 -40.87 -3.69
N VAL E 107 -15.98 -39.86 -4.19
CA VAL E 107 -16.72 -38.96 -3.35
C VAL E 107 -17.84 -39.69 -2.61
N ALA E 108 -18.35 -40.72 -3.23
CA ALA E 108 -19.39 -41.54 -2.65
C ALA E 108 -18.97 -42.26 -1.35
N ALA E 109 -17.66 -42.46 -1.17
CA ALA E 109 -17.16 -43.21 -0.04
C ALA E 109 -16.44 -42.33 0.94
N TRP E 110 -16.41 -41.06 0.63
CA TRP E 110 -15.63 -40.09 1.41
C TRP E 110 -15.97 -40.15 2.90
N ALA E 111 -17.26 -40.04 3.25
CA ALA E 111 -17.69 -40.09 4.66
C ALA E 111 -17.45 -41.43 5.28
N GLN E 112 -17.69 -42.48 4.51
CA GLN E 112 -17.47 -43.84 4.99
C GLN E 112 -16.03 -44.08 5.38
N TYR E 113 -15.13 -43.60 4.54
CA TYR E 113 -13.72 -43.69 4.82
C TYR E 113 -13.43 -43.08 6.18
N VAL E 114 -13.96 -41.89 6.43
CA VAL E 114 -13.67 -41.19 7.69
C VAL E 114 -14.26 -41.93 8.89
N LEU E 115 -15.51 -42.34 8.79
CA LEU E 115 -16.18 -43.08 9.85
C LEU E 115 -15.51 -44.43 10.12
N ASP E 116 -14.99 -45.06 9.06
CA ASP E 116 -14.31 -46.34 9.19
C ASP E 116 -12.96 -46.25 9.92
N ASN E 117 -12.28 -45.11 9.87
CA ASN E 117 -10.87 -45.05 10.30
C ASN E 117 -10.52 -44.21 11.50
N PHE E 118 -11.36 -43.29 11.87
CA PHE E 118 -10.98 -42.34 12.91
C PHE E 118 -12.01 -42.29 14.02
N ALA E 119 -11.56 -41.96 15.21
CA ALA E 119 -12.39 -41.94 16.38
C ALA E 119 -12.80 -40.54 16.80
N THR E 120 -12.06 -39.52 16.37
CA THR E 120 -12.39 -38.15 16.73
C THR E 120 -12.17 -37.22 15.55
N VAL E 121 -12.68 -36.00 15.66
CA VAL E 121 -12.57 -35.02 14.59
C VAL E 121 -11.10 -34.70 14.40
N ASP E 122 -10.44 -34.49 15.53
CA ASP E 122 -9.01 -34.17 15.55
C ASP E 122 -8.16 -35.23 14.82
N GLU E 123 -8.36 -36.49 15.17
CA GLU E 123 -7.69 -37.61 14.52
C GLU E 123 -7.91 -37.57 13.02
N ALA E 124 -9.17 -37.36 12.64
CA ALA E 124 -9.55 -37.32 11.21
C ALA E 124 -8.92 -36.12 10.48
N VAL E 125 -8.88 -34.97 11.14
CA VAL E 125 -8.31 -33.79 10.53
C VAL E 125 -6.82 -34.01 10.31
N LYS E 126 -6.11 -34.54 11.32
CA LYS E 126 -4.66 -34.78 11.19
C LYS E 126 -4.39 -35.66 9.98
N SER E 127 -5.18 -36.71 9.80
CA SER E 127 -4.98 -37.63 8.69
C SER E 127 -5.34 -37.00 7.36
N LEU E 128 -6.42 -36.22 7.32
CA LEU E 128 -6.83 -35.63 6.07
C LEU E 128 -5.83 -34.59 5.60
N GLN E 129 -5.21 -33.90 6.56
CA GLN E 129 -4.23 -32.86 6.24
C GLN E 129 -3.07 -33.41 5.46
N GLN E 130 -2.72 -34.66 5.71
CA GLN E 130 -1.61 -35.29 4.97
C GLN E 130 -1.94 -35.61 3.52
N GLU E 131 -3.17 -35.37 3.10
CA GLU E 131 -3.51 -35.51 1.71
C GLU E 131 -3.06 -36.85 1.14
N LYS E 132 -3.43 -37.93 1.82
CA LYS E 132 -3.03 -39.30 1.41
C LYS E 132 -3.73 -39.80 0.15
N PHE E 133 -4.70 -39.04 -0.38
CA PHE E 133 -5.49 -39.51 -1.50
C PHE E 133 -6.04 -38.34 -2.26
N ILE E 134 -6.54 -38.63 -3.45
CA ILE E 134 -7.15 -37.64 -4.29
C ILE E 134 -8.61 -37.98 -4.31
N LEU E 135 -9.45 -36.99 -4.02
CA LEU E 135 -10.88 -37.19 -4.10
C LEU E 135 -11.32 -37.08 -5.57
N VAL E 136 -12.12 -38.03 -6.04
CA VAL E 136 -12.58 -38.00 -7.42
C VAL E 136 -14.09 -38.16 -7.50
N THR E 137 -14.66 -37.69 -8.61
CA THR E 137 -16.06 -37.86 -8.89
C THR E 137 -16.22 -38.36 -10.30
N LYS E 138 -17.43 -38.76 -10.64
CA LYS E 138 -17.71 -39.50 -11.83
C LYS E 138 -18.19 -38.53 -12.83
N GLN E 139 -18.42 -39.04 -14.04
CA GLN E 139 -19.23 -38.32 -15.05
C GLN E 139 -20.75 -38.68 -15.09
N VAL E 140 -21.21 -39.65 -14.27
CA VAL E 140 -22.68 -39.89 -14.08
C VAL E 140 -23.20 -38.81 -13.11
N GLU E 141 -24.04 -37.88 -13.60
CA GLU E 141 -24.98 -37.11 -12.80
C GLU E 141 -26.43 -37.38 -13.34
N GLY E 142 -26.60 -38.52 -14.01
CA GLY E 142 -27.90 -38.92 -14.59
C GLY E 142 -28.42 -37.79 -15.47
N GLN E 143 -29.68 -37.40 -15.25
CA GLN E 143 -30.24 -36.13 -15.78
C GLN E 143 -29.53 -34.76 -15.44
N LYS E 144 -29.88 -33.76 -16.25
CA LYS E 144 -29.10 -32.51 -16.40
C LYS E 144 -28.80 -31.75 -15.08
N ARG E 145 -27.53 -31.76 -14.70
CA ARG E 145 -27.13 -31.33 -13.35
C ARG E 145 -25.59 -31.42 -13.24
N LEU E 146 -25.01 -30.66 -12.31
CA LEU E 146 -23.63 -30.86 -11.83
C LEU E 146 -23.62 -30.88 -10.28
N ALA E 147 -22.98 -31.88 -9.66
CA ALA E 147 -23.32 -32.40 -8.33
C ALA E 147 -22.10 -32.54 -7.39
N THR E 148 -22.16 -31.79 -6.31
CA THR E 148 -21.00 -31.42 -5.55
C THR E 148 -21.38 -31.50 -4.10
N LEU E 149 -20.38 -31.64 -3.24
CA LEU E 149 -20.61 -31.80 -1.83
C LEU E 149 -19.41 -31.48 -0.99
N HIS E 150 -19.65 -31.22 0.29
CA HIS E 150 -18.55 -31.16 1.25
C HIS E 150 -18.87 -31.94 2.52
N LEU E 151 -17.86 -32.06 3.37
CA LEU E 151 -17.91 -33.02 4.44
C LEU E 151 -17.81 -32.29 5.75
N SER E 152 -18.80 -32.50 6.62
CA SER E 152 -18.77 -31.98 7.96
C SER E 152 -18.63 -33.13 8.94
N LEU E 153 -17.90 -32.86 10.03
CA LEU E 153 -17.59 -33.87 11.05
C LEU E 153 -17.83 -33.35 12.45
N SER E 154 -18.19 -34.26 13.37
CA SER E 154 -18.36 -33.91 14.78
C SER E 154 -18.11 -35.10 15.71
N ASP E 155 -17.92 -34.79 16.99
CA ASP E 155 -17.32 -35.64 18.04
C ASP E 155 -18.18 -35.76 19.26
N SER E 156 -17.85 -36.72 20.11
CA SER E 156 -18.42 -36.79 21.47
C SER E 156 -17.85 -35.69 22.39
N SER E 157 -16.70 -35.16 22.01
CA SER E 157 -16.14 -33.99 22.68
C SER E 157 -16.75 -32.67 22.23
N GLY E 158 -17.65 -32.70 21.25
CA GLY E 158 -18.30 -31.47 20.73
C GLY E 158 -17.50 -30.73 19.68
N ASP E 159 -16.40 -31.33 19.27
CA ASP E 159 -15.51 -30.74 18.30
C ASP E 159 -16.21 -30.80 16.94
N SER E 160 -15.82 -29.89 16.04
CA SER E 160 -16.38 -29.82 14.68
C SER E 160 -15.32 -29.53 13.65
N ALA E 161 -15.56 -30.01 12.43
CA ALA E 161 -14.69 -29.62 11.33
C ALA E 161 -15.46 -29.72 10.04
N ILE E 162 -15.01 -28.99 9.03
CA ILE E 162 -15.57 -29.09 7.68
C ILE E 162 -14.42 -29.12 6.68
N ILE E 163 -14.60 -29.94 5.63
CA ILE E 163 -13.59 -30.12 4.63
C ILE E 163 -14.23 -29.84 3.31
N GLU E 164 -13.65 -28.92 2.55
CA GLU E 164 -14.15 -28.58 1.22
C GLU E 164 -13.02 -28.66 0.20
N TYR E 165 -13.41 -28.65 -1.08
CA TYR E 165 -12.48 -28.54 -2.20
C TYR E 165 -12.80 -27.30 -3.00
N ILE E 166 -11.92 -26.32 -2.87
CA ILE E 166 -12.07 -25.02 -3.53
C ILE E 166 -10.87 -24.83 -4.44
N ASP E 167 -11.14 -24.48 -5.70
CA ASP E 167 -10.10 -24.40 -6.73
C ASP E 167 -9.21 -25.64 -6.75
N GLY E 168 -9.82 -26.81 -6.65
CA GLY E 168 -9.07 -28.06 -6.64
C GLY E 168 -8.24 -28.34 -5.38
N LYS E 169 -8.23 -27.42 -4.42
CA LYS E 169 -7.44 -27.60 -3.20
C LYS E 169 -8.28 -27.92 -1.96
N GLN E 170 -7.74 -28.77 -1.10
CA GLN E 170 -8.39 -29.17 0.12
C GLN E 170 -8.32 -28.04 1.12
N VAL E 171 -9.48 -27.59 1.58
CA VAL E 171 -9.56 -26.54 2.59
C VAL E 171 -10.28 -27.09 3.84
N ILE E 172 -9.63 -26.97 4.97
CA ILE E 172 -10.17 -27.48 6.21
C ILE E 172 -10.34 -26.39 7.26
N HIS E 173 -11.54 -26.30 7.82
CA HIS E 173 -11.78 -25.49 9.00
C HIS E 173 -12.11 -26.40 10.18
N HIS E 174 -11.38 -26.24 11.26
CA HIS E 174 -11.49 -27.12 12.41
C HIS E 174 -11.56 -26.32 13.70
N SER E 175 -12.71 -26.37 14.36
CA SER E 175 -12.88 -25.68 15.61
C SER E 175 -14.21 -26.02 16.25
N LYS E 176 -14.20 -26.16 17.58
CA LYS E 176 -15.42 -26.39 18.34
C LYS E 176 -16.41 -25.25 18.16
N ASN E 177 -15.92 -24.09 17.75
CA ASN E 177 -16.79 -22.94 17.48
C ASN E 177 -17.61 -23.05 16.21
N TYR E 178 -17.23 -23.94 15.29
CA TYR E 178 -17.96 -24.08 14.03
C TYR E 178 -19.21 -24.99 14.18
N GLN E 179 -20.20 -24.48 14.87
CA GLN E 179 -21.38 -25.24 15.23
C GLN E 179 -22.37 -25.43 14.11
N VAL E 180 -22.39 -24.53 13.15
CA VAL E 180 -23.36 -24.55 12.08
C VAL E 180 -22.68 -24.54 10.72
N MET E 181 -23.20 -25.37 9.81
CA MET E 181 -22.69 -25.53 8.47
C MET E 181 -23.85 -25.79 7.53
N THR E 182 -23.86 -25.06 6.42
CA THR E 182 -24.84 -25.29 5.36
C THR E 182 -24.09 -25.75 4.13
N ASN E 183 -24.82 -26.16 3.12
CA ASN E 183 -24.21 -26.62 1.89
C ASN E 183 -23.53 -25.50 1.12
N SER E 184 -23.67 -24.24 1.58
CA SER E 184 -24.01 -23.23 0.64
C SER E 184 -23.29 -22.03 0.21
N PRO E 185 -22.89 -21.08 1.11
CA PRO E 185 -21.76 -20.75 0.24
C PRO E 185 -20.57 -21.41 0.87
N THR E 186 -19.37 -21.11 0.41
CA THR E 186 -18.20 -21.76 1.00
C THR E 186 -18.10 -21.36 2.46
N PHE E 187 -17.42 -22.19 3.22
CA PHE E 187 -17.44 -21.96 4.64
C PHE E 187 -16.79 -20.62 5.06
N ASP E 188 -15.78 -20.17 4.31
CA ASP E 188 -15.17 -18.87 4.60
C ASP E 188 -16.20 -17.78 4.57
N GLN E 189 -17.11 -17.88 3.61
CA GLN E 189 -18.20 -16.95 3.52
C GLN E 189 -19.24 -17.20 4.64
N GLN E 190 -19.53 -18.47 4.91
CA GLN E 190 -20.48 -18.79 5.97
C GLN E 190 -20.12 -18.10 7.28
N LEU E 191 -18.82 -18.08 7.58
CA LEU E 191 -18.31 -17.50 8.80
C LEU E 191 -18.60 -16.02 9.04
N THR E 192 -19.04 -15.30 8.02
CA THR E 192 -19.27 -13.87 8.14
C THR E 192 -20.77 -13.55 8.08
N LEU E 193 -21.60 -14.55 7.81
CA LEU E 193 -23.02 -14.31 7.57
C LEU E 193 -23.79 -13.79 8.77
N ASN E 194 -23.40 -14.21 9.96
CA ASN E 194 -24.11 -13.84 11.19
C ASN E 194 -23.88 -12.42 11.64
N ALA E 195 -22.77 -11.82 11.24
CA ALA E 195 -22.32 -10.56 11.83
C ALA E 195 -23.44 -9.52 11.85
N TYR E 196 -24.07 -9.27 10.69
CA TYR E 196 -25.14 -8.28 10.65
C TYR E 196 -26.25 -8.61 11.67
N TRP E 197 -26.66 -9.87 11.66
CA TRP E 197 -27.73 -10.31 12.52
C TRP E 197 -27.34 -10.32 14.02
N ASP E 198 -26.07 -10.50 14.34
CA ASP E 198 -25.60 -10.37 15.73
C ASP E 198 -25.70 -8.93 16.19
N GLN E 199 -25.40 -7.99 15.30
CA GLN E 199 -25.46 -6.53 15.59
C GLN E 199 -26.87 -6.14 16.00
N ILE E 200 -27.88 -6.52 15.24
CA ILE E 200 -29.26 -6.33 15.67
C ILE E 200 -29.63 -7.59 16.41
N GLY E 201 -30.71 -7.66 17.17
CA GLY E 201 -31.01 -8.97 17.79
C GLY E 201 -31.55 -10.04 16.83
N GLY E 202 -31.29 -11.32 17.08
CA GLY E 202 -32.06 -12.37 16.41
C GLY E 202 -33.51 -12.42 16.90
N ASN E 203 -33.72 -11.92 18.13
CA ASN E 203 -35.08 -11.74 18.69
C ASN E 203 -35.79 -10.56 18.02
N VAL E 204 -35.00 -9.68 17.41
CA VAL E 204 -35.52 -8.54 16.71
C VAL E 204 -35.97 -8.94 15.32
N MET E 205 -35.10 -9.57 14.56
CA MET E 205 -35.50 -10.09 13.27
C MET E 205 -34.58 -11.19 12.83
N LEU E 206 -35.12 -12.09 12.01
CA LEU E 206 -34.35 -13.10 11.29
C LEU E 206 -34.88 -13.26 9.88
N PRO E 207 -34.02 -13.67 8.94
CA PRO E 207 -34.46 -13.91 7.58
C PRO E 207 -35.14 -15.24 7.52
N GLY E 208 -36.27 -15.33 6.85
CA GLY E 208 -37.11 -16.54 6.91
C GLY E 208 -37.33 -17.33 5.63
N THR E 209 -36.39 -17.30 4.68
CA THR E 209 -36.58 -18.07 3.43
C THR E 209 -35.79 -19.36 3.50
N ASN E 210 -35.82 -20.13 2.43
CA ASN E 210 -35.08 -21.39 2.35
C ASN E 210 -33.68 -21.25 1.79
N ARG E 211 -33.25 -20.03 1.55
CA ARG E 211 -31.89 -19.77 1.14
C ARG E 211 -30.93 -20.35 2.14
N ALA E 212 -29.84 -20.89 1.66
CA ALA E 212 -28.83 -21.36 2.56
C ALA E 212 -28.38 -20.30 3.55
N ALA E 213 -28.23 -19.05 3.11
CA ALA E 213 -27.77 -18.03 4.04
C ALA E 213 -28.79 -17.83 5.17
N ASP E 214 -30.07 -17.91 4.86
CA ASP E 214 -31.09 -17.72 5.85
C ASP E 214 -31.08 -18.88 6.85
N ARG E 215 -30.97 -20.09 6.34
CA ARG E 215 -31.00 -21.27 7.19
C ARG E 215 -29.82 -21.22 8.14
N PHE E 216 -28.67 -20.83 7.62
CA PHE E 216 -27.47 -20.77 8.42
C PHE E 216 -27.69 -19.78 9.55
N VAL E 217 -28.26 -18.64 9.23
CA VAL E 217 -28.44 -17.56 10.20
C VAL E 217 -29.46 -17.93 11.29
N ARG E 218 -30.57 -18.51 10.86
CA ARG E 218 -31.61 -18.97 11.78
C ARG E 218 -31.07 -20.05 12.74
N ALA E 219 -30.38 -21.04 12.18
CA ALA E 219 -29.87 -22.12 12.98
C ALA E 219 -28.79 -21.64 13.93
N SER E 220 -27.94 -20.72 13.46
CA SER E 220 -26.91 -20.14 14.33
C SER E 220 -27.57 -19.42 15.49
N PHE E 221 -28.63 -18.68 15.21
CA PHE E 221 -29.24 -17.96 16.30
C PHE E 221 -29.79 -18.94 17.33
N TYR E 222 -30.59 -19.90 16.89
CA TYR E 222 -31.33 -20.74 17.84
C TYR E 222 -30.37 -21.63 18.65
N VAL E 223 -29.30 -22.06 18.00
CA VAL E 223 -28.32 -22.88 18.65
C VAL E 223 -27.64 -22.14 19.80
N LYS E 224 -27.48 -20.82 19.69
CA LYS E 224 -26.81 -20.05 20.74
C LYS E 224 -27.78 -19.49 21.73
N ASN E 225 -29.04 -19.38 21.40
CA ASN E 225 -29.98 -18.67 22.26
C ASN E 225 -31.10 -19.48 22.88
N VAL E 226 -31.20 -20.77 22.59
CA VAL E 226 -32.25 -21.59 23.14
C VAL E 226 -31.71 -22.47 24.24
N ASN E 227 -32.20 -22.29 25.46
CA ASN E 227 -31.83 -23.18 26.55
C ASN E 227 -33.09 -23.82 27.17
N PRO E 228 -33.36 -25.11 26.88
CA PRO E 228 -34.54 -25.79 27.41
C PRO E 228 -34.39 -26.22 28.87
N ASN E 229 -33.18 -26.10 29.42
CA ASN E 229 -32.87 -26.56 30.77
C ASN E 229 -32.57 -25.39 31.68
N LYS E 230 -33.13 -24.22 31.33
CA LYS E 230 -33.20 -23.04 32.21
C LYS E 230 -34.00 -23.41 33.44
N LEU E 231 -33.63 -22.90 34.61
CA LEU E 231 -34.45 -23.09 35.79
C LEU E 231 -35.72 -22.28 35.68
N ILE E 232 -36.83 -22.95 35.93
CA ILE E 232 -38.13 -22.35 36.01
C ILE E 232 -38.57 -22.68 37.44
N PRO E 233 -38.40 -21.76 38.41
CA PRO E 233 -38.96 -21.96 39.78
C PRO E 233 -40.46 -22.53 39.92
N GLY E 234 -40.77 -23.60 40.76
CA GLY E 234 -42.14 -24.33 40.87
C GLY E 234 -42.25 -25.72 40.22
N VAL E 235 -41.19 -26.07 39.49
CA VAL E 235 -41.00 -27.33 38.78
C VAL E 235 -39.57 -27.80 39.09
N ALA E 236 -39.45 -29.03 39.60
CA ALA E 236 -38.15 -29.51 40.05
C ALA E 236 -37.10 -29.31 38.94
N GLU E 237 -35.89 -28.86 39.31
CA GLU E 237 -34.73 -28.92 38.38
C GLU E 237 -34.72 -30.35 37.85
N LYS E 238 -34.46 -30.53 36.56
CA LYS E 238 -34.60 -31.86 35.98
C LYS E 238 -33.39 -32.74 36.22
N GLY E 239 -33.64 -34.05 36.16
CA GLY E 239 -32.60 -35.04 36.23
C GLY E 239 -31.85 -35.08 34.93
N LYS E 240 -30.66 -35.64 34.97
CA LYS E 240 -29.82 -35.83 33.79
C LYS E 240 -30.61 -36.36 32.59
N ILE E 241 -31.44 -37.36 32.81
CA ILE E 241 -32.11 -38.01 31.67
C ILE E 241 -33.11 -37.08 31.04
N GLU E 242 -33.84 -36.35 31.87
CA GLU E 242 -34.82 -35.41 31.39
C GLU E 242 -34.13 -34.21 30.65
N LYS E 243 -32.94 -33.85 31.09
CA LYS E 243 -32.21 -32.77 30.46
C LYS E 243 -31.73 -33.18 29.10
N ASP E 244 -31.23 -34.42 29.03
CA ASP E 244 -30.78 -35.02 27.80
C ASP E 244 -31.91 -35.02 26.80
N LYS E 245 -33.06 -35.51 27.21
CA LYS E 245 -34.21 -35.56 26.32
C LYS E 245 -34.65 -34.18 25.83
N ALA E 246 -34.54 -33.18 26.68
CA ALA E 246 -34.95 -31.84 26.33
C ALA E 246 -34.00 -31.22 25.30
N ASP E 247 -32.71 -31.43 25.52
CA ASP E 247 -31.76 -31.11 24.50
C ASP E 247 -32.09 -31.76 23.14
N LEU E 248 -32.49 -33.02 23.18
CA LEU E 248 -32.78 -33.75 21.97
C LEU E 248 -33.96 -33.07 21.29
N ALA E 249 -34.96 -32.68 22.07
CA ALA E 249 -36.14 -32.03 21.51
C ALA E 249 -35.82 -30.65 20.91
N THR E 250 -34.91 -29.94 21.56
CA THR E 250 -34.43 -28.67 21.06
C THR E 250 -33.74 -28.83 19.70
N ALA E 251 -32.79 -29.75 19.64
CA ALA E 251 -32.06 -30.00 18.40
C ALA E 251 -33.03 -30.37 17.30
N PHE E 252 -33.95 -31.27 17.57
CA PHE E 252 -34.92 -31.64 16.54
C PHE E 252 -35.70 -30.42 16.06
N SER E 253 -36.09 -29.54 16.99
CA SER E 253 -36.96 -28.42 16.59
C SER E 253 -36.19 -27.41 15.72
N ILE E 254 -34.89 -27.26 15.98
CA ILE E 254 -34.07 -26.31 15.26
C ILE E 254 -33.80 -26.82 13.86
N ILE E 255 -33.46 -28.09 13.72
CA ILE E 255 -33.24 -28.65 12.38
C ILE E 255 -34.55 -28.63 11.59
N ARG E 256 -35.66 -28.82 12.25
CA ARG E 256 -36.94 -28.74 11.54
C ARG E 256 -37.16 -27.32 11.08
N ASN E 257 -36.80 -26.36 11.93
CA ASN E 257 -36.96 -24.94 11.57
C ASN E 257 -36.11 -24.57 10.37
N ALA E 258 -34.96 -25.18 10.23
CA ALA E 258 -34.07 -24.94 9.12
C ALA E 258 -34.36 -25.82 7.88
N SER E 259 -35.39 -26.64 7.95
CA SER E 259 -35.68 -27.46 6.81
C SER E 259 -36.40 -26.64 5.76
N VAL E 260 -36.46 -27.21 4.58
CA VAL E 260 -37.14 -26.66 3.43
C VAL E 260 -38.43 -27.43 3.17
N PRO E 261 -39.56 -26.74 3.16
CA PRO E 261 -40.84 -27.40 3.03
C PRO E 261 -40.85 -28.31 1.83
N TYR E 262 -41.58 -29.42 1.96
CA TYR E 262 -41.65 -30.41 0.93
C TYR E 262 -42.48 -29.93 -0.25
N GLY E 263 -41.84 -29.90 -1.41
CA GLY E 263 -42.48 -29.52 -2.65
C GLY E 263 -42.05 -28.16 -3.10
N TYR E 264 -41.35 -27.44 -2.23
CA TYR E 264 -40.87 -26.13 -2.60
C TYR E 264 -39.75 -26.25 -3.61
N SER E 265 -39.78 -25.41 -4.64
CA SER E 265 -38.64 -25.29 -5.58
C SER E 265 -38.64 -23.90 -6.24
N LEU E 266 -37.43 -23.41 -6.52
CA LEU E 266 -37.27 -22.08 -7.10
C LEU E 266 -36.35 -22.21 -8.30
N PRO E 267 -36.89 -22.08 -9.53
CA PRO E 267 -36.08 -22.26 -10.76
C PRO E 267 -34.76 -21.45 -10.76
N ASP E 268 -34.82 -20.19 -10.33
CA ASP E 268 -33.62 -19.30 -10.21
C ASP E 268 -32.54 -19.87 -9.27
N MET E 269 -32.93 -20.63 -8.25
CA MET E 269 -31.98 -21.21 -7.29
C MET E 269 -32.18 -22.72 -7.17
N PRO E 270 -31.52 -23.47 -8.08
CA PRO E 270 -31.62 -24.92 -8.07
C PRO E 270 -30.93 -25.60 -6.86
N ASN E 271 -30.13 -24.85 -6.08
CA ASN E 271 -29.46 -25.41 -4.90
C ASN E 271 -30.33 -25.37 -3.61
N ILE E 272 -31.60 -25.04 -3.78
CA ILE E 272 -32.62 -25.14 -2.74
C ILE E 272 -33.56 -26.29 -3.09
N ALA E 273 -33.77 -27.21 -2.16
CA ALA E 273 -34.64 -28.34 -2.38
C ALA E 273 -35.34 -28.82 -1.12
N SER E 274 -36.46 -29.50 -1.33
CA SER E 274 -37.17 -30.17 -0.27
C SER E 274 -36.26 -30.92 0.67
N THR E 275 -36.44 -30.69 1.96
CA THR E 275 -35.87 -31.58 2.94
C THR E 275 -36.64 -32.90 2.91
N ARG E 276 -35.91 -33.98 2.75
CA ARG E 276 -36.51 -35.32 2.66
C ARG E 276 -36.38 -36.09 3.94
N TRP E 277 -35.31 -35.86 4.68
CA TRP E 277 -35.17 -36.49 5.99
C TRP E 277 -34.19 -35.72 6.84
N ARG E 278 -34.15 -36.10 8.11
CA ARG E 278 -33.27 -35.49 9.09
C ARG E 278 -32.66 -36.58 9.98
N THR E 279 -31.41 -36.40 10.37
CA THR E 279 -30.84 -37.29 11.33
C THR E 279 -30.44 -36.46 12.52
N VAL E 280 -30.45 -37.10 13.70
CA VAL E 280 -29.90 -36.54 14.88
C VAL E 280 -29.01 -37.54 15.63
N VAL E 281 -27.81 -37.11 15.99
CA VAL E 281 -26.86 -37.99 16.66
C VAL E 281 -26.71 -37.54 18.09
N ASP E 282 -27.03 -38.44 19.03
CA ASP E 282 -26.69 -38.26 20.42
C ASP E 282 -25.38 -38.98 20.70
N HIS E 283 -24.30 -38.22 20.74
CA HIS E 283 -22.95 -38.80 20.76
C HIS E 283 -22.68 -39.62 22.04
N LYS E 284 -23.08 -39.11 23.19
CA LYS E 284 -22.80 -39.79 24.47
C LYS E 284 -23.52 -41.09 24.59
N SER E 285 -24.79 -41.12 24.21
CA SER E 285 -25.56 -42.38 24.25
C SER E 285 -25.31 -43.26 23.02
N LEU E 286 -24.56 -42.75 22.06
CA LEU E 286 -24.38 -43.38 20.75
C LEU E 286 -25.68 -43.81 20.12
N GLN E 287 -26.62 -42.88 20.03
CA GLN E 287 -27.90 -43.16 19.43
C GLN E 287 -28.05 -42.32 18.15
N TYR E 288 -28.43 -42.98 17.08
CA TYR E 288 -28.60 -42.35 15.78
C TYR E 288 -30.05 -42.32 15.40
N PHE E 289 -30.63 -41.13 15.31
CA PHE E 289 -32.06 -40.97 15.01
C PHE E 289 -32.24 -40.68 13.54
N PHE E 290 -33.30 -41.23 12.99
CA PHE E 290 -33.69 -40.92 11.65
C PHE E 290 -35.17 -40.55 11.62
N GLU E 291 -35.48 -39.58 10.78
CA GLU E 291 -36.79 -39.00 10.66
C GLU E 291 -37.03 -38.74 9.17
N SER E 292 -38.09 -39.30 8.63
CA SER E 292 -38.46 -38.98 7.26
C SER E 292 -39.34 -37.76 7.24
N ALA E 293 -39.15 -36.90 6.25
CA ALA E 293 -40.04 -35.76 6.03
C ALA E 293 -41.02 -36.06 4.92
N VAL E 294 -40.93 -37.25 4.34
CA VAL E 294 -41.80 -37.67 3.25
C VAL E 294 -42.89 -38.59 3.74
N SER E 295 -42.55 -39.44 4.68
CA SER E 295 -43.47 -40.40 5.27
C SER E 295 -43.38 -40.29 6.78
N PRO E 296 -44.44 -40.65 7.51
CA PRO E 296 -44.37 -40.62 8.97
C PRO E 296 -43.51 -41.76 9.47
N ASN E 297 -42.33 -41.44 9.97
CA ASN E 297 -41.34 -42.42 10.34
C ASN E 297 -40.25 -41.73 11.13
N ILE E 298 -40.22 -42.01 12.43
CA ILE E 298 -39.16 -41.57 13.28
C ILE E 298 -38.78 -42.67 14.27
N PHE E 299 -37.49 -42.91 14.40
CA PHE E 299 -37.00 -44.02 15.20
C PHE E 299 -35.52 -43.84 15.39
N TRP E 300 -34.91 -44.64 16.24
CA TRP E 300 -33.48 -44.52 16.44
C TRP E 300 -32.76 -45.86 16.52
N VAL E 301 -31.44 -45.80 16.43
CA VAL E 301 -30.60 -46.98 16.44
C VAL E 301 -29.53 -46.80 17.50
N ASP E 302 -29.51 -47.72 18.46
CA ASP E 302 -28.63 -47.65 19.62
C ASP E 302 -27.37 -48.48 19.36
N LEU E 303 -26.27 -47.80 19.08
CA LEU E 303 -25.03 -48.48 18.72
C LEU E 303 -24.52 -49.36 19.86
N LYS E 304 -24.94 -49.07 21.09
CA LYS E 304 -24.56 -49.92 22.20
C LYS E 304 -25.22 -51.29 22.14
N LYS E 305 -26.24 -51.44 21.30
CA LYS E 305 -26.95 -52.70 21.25
C LYS E 305 -26.62 -53.48 20.01
N ILE E 306 -25.60 -53.03 19.29
CA ILE E 306 -25.20 -53.70 18.09
C ILE E 306 -23.83 -54.32 18.32
N ASN E 307 -23.65 -55.53 17.78
CA ASN E 307 -22.33 -56.15 17.76
C ASN E 307 -21.60 -55.83 16.48
N PHE E 308 -20.51 -55.07 16.60
CA PHE E 308 -19.79 -54.58 15.43
C PHE E 308 -18.65 -55.49 15.02
N ALA E 309 -18.52 -56.62 15.69
CA ALA E 309 -17.43 -57.56 15.38
C ALA E 309 -17.61 -58.06 13.96
N PRO E 310 -16.51 -58.48 13.33
CA PRO E 310 -16.52 -58.86 11.91
C PRO E 310 -17.48 -59.98 11.62
N ARG E 311 -18.09 -59.96 10.44
CA ARG E 311 -19.08 -60.96 10.06
C ARG E 311 -18.68 -61.59 8.71
N GLY E 312 -17.38 -61.84 8.58
CA GLY E 312 -16.85 -62.42 7.36
C GLY E 312 -17.16 -61.64 6.11
N GLY E 313 -17.18 -60.32 6.22
CA GLY E 313 -17.37 -59.44 5.07
C GLY E 313 -18.81 -59.09 4.73
N SER E 314 -19.76 -59.58 5.52
CA SER E 314 -21.14 -59.17 5.32
C SER E 314 -21.47 -57.96 6.23
N ALA E 315 -22.67 -57.42 6.04
CA ALA E 315 -23.11 -56.22 6.73
C ALA E 315 -24.60 -56.38 6.99
N ALA E 316 -25.26 -55.32 7.43
CA ALA E 316 -26.71 -55.38 7.63
C ALA E 316 -27.37 -54.11 7.14
N LYS E 317 -28.64 -54.23 6.79
CA LYS E 317 -29.38 -53.17 6.19
C LYS E 317 -30.77 -53.07 6.81
N LEU E 318 -31.20 -51.84 7.06
CA LEU E 318 -32.54 -51.53 7.48
C LEU E 318 -33.29 -50.93 6.30
N ASP E 319 -34.19 -51.72 5.70
CA ASP E 319 -34.85 -51.31 4.50
C ASP E 319 -35.98 -50.38 4.86
N LEU E 320 -35.90 -49.15 4.35
CA LEU E 320 -36.89 -48.11 4.66
C LEU E 320 -37.96 -48.02 3.63
N GLY E 321 -37.81 -48.78 2.56
CA GLY E 321 -38.86 -48.90 1.54
C GLY E 321 -39.04 -47.68 0.65
N PRO E 322 -40.02 -47.73 -0.24
CA PRO E 322 -40.27 -46.60 -1.14
C PRO E 322 -40.64 -45.36 -0.35
N ASN E 323 -39.99 -44.25 -0.67
CA ASN E 323 -40.18 -43.00 0.04
C ASN E 323 -39.98 -43.06 1.57
N GLN E 324 -39.17 -44.01 2.01
CA GLN E 324 -38.89 -44.22 3.42
C GLN E 324 -40.16 -44.42 4.25
N SER E 325 -41.11 -45.09 3.65
CA SER E 325 -42.42 -45.33 4.23
C SER E 325 -42.53 -46.59 5.08
N THR E 326 -41.49 -47.41 5.12
CA THR E 326 -41.57 -48.61 5.91
C THR E 326 -41.32 -48.25 7.37
N ILE E 327 -42.37 -48.38 8.17
CA ILE E 327 -42.36 -47.83 9.52
C ILE E 327 -41.56 -48.65 10.51
N TYR E 328 -40.67 -48.00 11.23
CA TYR E 328 -40.07 -48.55 12.43
C TYR E 328 -40.21 -47.57 13.57
N SER E 329 -40.23 -48.11 14.77
CA SER E 329 -40.54 -47.34 15.95
C SER E 329 -39.64 -47.75 17.09
N GLY E 330 -39.25 -46.80 17.93
CA GLY E 330 -38.35 -47.09 19.03
C GLY E 330 -36.97 -47.44 18.56
N GLN E 331 -36.25 -48.20 19.38
CA GLN E 331 -34.87 -48.61 19.03
C GLN E 331 -34.92 -49.79 18.05
N ALA E 332 -34.34 -49.59 16.86
CA ALA E 332 -34.62 -50.42 15.69
C ALA E 332 -33.48 -51.35 15.22
N SER E 333 -32.43 -51.52 16.02
CA SER E 333 -31.28 -52.27 15.55
C SER E 333 -31.67 -53.68 15.24
N GLY E 334 -32.67 -54.20 15.95
CA GLY E 334 -33.12 -55.58 15.72
C GLY E 334 -33.72 -55.83 14.35
N HIS E 335 -34.18 -54.77 13.69
CA HIS E 335 -34.85 -54.92 12.40
C HIS E 335 -33.90 -54.83 11.24
N PHE E 336 -32.62 -54.60 11.49
CA PHE E 336 -31.62 -54.70 10.43
C PHE E 336 -31.45 -56.16 9.99
N LYS E 337 -31.30 -56.38 8.69
CA LYS E 337 -31.18 -57.74 8.16
C LYS E 337 -29.88 -57.89 7.40
N PRO E 338 -29.26 -59.08 7.46
CA PRO E 338 -28.00 -59.31 6.77
C PRO E 338 -28.05 -58.95 5.30
N ALA E 339 -26.95 -58.40 4.79
CA ALA E 339 -26.79 -58.09 3.38
C ALA E 339 -25.36 -57.74 3.07
N GLN E 340 -25.01 -57.86 1.81
CA GLN E 340 -23.67 -57.57 1.35
C GLN E 340 -23.55 -56.05 1.18
N PRO E 341 -22.41 -55.48 1.55
CA PRO E 341 -22.21 -54.07 1.34
C PRO E 341 -22.42 -53.68 -0.10
N PHE E 342 -23.22 -52.65 -0.32
CA PHE E 342 -23.43 -52.13 -1.67
C PHE E 342 -22.12 -51.58 -2.17
N GLU E 343 -22.00 -51.48 -3.49
CA GLU E 343 -20.78 -50.97 -4.10
C GLU E 343 -20.89 -49.46 -4.19
N PHE E 344 -19.83 -48.75 -3.84
CA PHE E 344 -19.79 -47.32 -4.00
C PHE E 344 -19.68 -46.89 -5.47
N ALA E 345 -20.43 -45.86 -5.84
CA ALA E 345 -20.32 -45.30 -7.17
C ALA E 345 -18.90 -44.79 -7.42
N GLY E 346 -18.48 -44.83 -8.68
CA GLY E 346 -17.13 -44.40 -9.11
C GLY E 346 -16.75 -45.19 -10.37
N LEU E 347 -15.45 -45.27 -10.68
CA LEU E 347 -14.99 -46.37 -11.63
C LEU E 347 -13.91 -47.27 -11.00
N CYS F 1 -49.85 -20.31 18.79
CA CYS F 1 -50.34 -21.36 17.94
C CYS F 1 -50.48 -20.88 16.50
N THR F 2 -50.40 -21.86 15.61
CA THR F 2 -50.60 -21.62 14.21
C THR F 2 -51.51 -22.69 13.69
N ARG F 3 -52.43 -22.31 12.79
CA ARG F 3 -53.27 -23.27 12.11
C ARG F 3 -53.43 -22.90 10.65
N PHE F 4 -53.54 -23.91 9.80
CA PHE F 4 -53.85 -23.64 8.43
C PHE F 4 -54.58 -24.76 7.74
N VAL F 5 -55.20 -24.43 6.62
CA VAL F 5 -55.80 -25.41 5.75
C VAL F 5 -55.03 -25.36 4.45
N TYR F 6 -54.51 -26.51 4.02
CA TYR F 6 -53.73 -26.63 2.80
C TYR F 6 -54.54 -27.25 1.69
N LEU F 7 -54.57 -26.57 0.53
CA LEU F 7 -55.31 -27.00 -0.68
C LEU F 7 -54.34 -27.05 -1.82
N ASP F 8 -54.20 -28.22 -2.44
CA ASP F 8 -53.31 -28.46 -3.57
C ASP F 8 -54.16 -28.31 -4.83
N PRO F 9 -53.81 -27.37 -5.70
CA PRO F 9 -54.51 -27.24 -6.99
C PRO F 9 -54.47 -28.51 -7.85
N HIS F 10 -53.39 -29.29 -7.78
CA HIS F 10 -53.27 -30.51 -8.57
C HIS F 10 -53.81 -31.74 -7.87
N ASN F 11 -54.42 -31.57 -6.71
CA ASN F 11 -55.08 -32.66 -6.01
C ASN F 11 -56.32 -32.14 -5.28
N PRO F 12 -57.32 -31.71 -6.06
CA PRO F 12 -58.51 -31.06 -5.48
C PRO F 12 -59.36 -32.00 -4.65
N ASP F 13 -60.28 -31.40 -3.88
CA ASP F 13 -61.15 -32.11 -2.91
C ASP F 13 -60.39 -33.00 -1.96
N TYR F 14 -59.30 -32.45 -1.45
CA TYR F 14 -58.45 -33.14 -0.51
C TYR F 14 -57.79 -32.12 0.43
N PRO F 15 -58.61 -31.38 1.18
CA PRO F 15 -58.08 -30.46 2.17
C PRO F 15 -57.42 -31.13 3.36
N ILE F 16 -56.41 -30.48 3.89
CA ILE F 16 -55.69 -30.92 5.06
C ILE F 16 -55.51 -29.75 6.04
N THR F 17 -55.92 -29.96 7.29
CA THR F 17 -55.78 -28.92 8.31
C THR F 17 -54.61 -29.28 9.20
N ALA F 18 -53.84 -28.30 9.62
CA ALA F 18 -52.70 -28.55 10.46
C ALA F 18 -52.65 -27.48 11.52
N ARG F 19 -52.20 -27.85 12.71
CA ARG F 19 -52.12 -26.90 13.80
C ARG F 19 -50.95 -27.20 14.70
N SER F 20 -50.41 -26.13 15.30
CA SER F 20 -49.34 -26.25 16.25
C SER F 20 -49.89 -25.77 17.57
N MET F 21 -49.54 -26.44 18.67
CA MET F 21 -49.91 -25.98 20.01
C MET F 21 -48.67 -25.42 20.66
N ASP F 22 -48.76 -24.14 21.01
CA ASP F 22 -47.61 -23.42 21.59
C ASP F 22 -47.91 -23.05 23.05
N TRP F 23 -47.08 -23.55 23.96
CA TRP F 23 -47.28 -23.33 25.40
C TRP F 23 -45.98 -23.61 26.13
N ALA F 24 -45.69 -22.82 27.15
CA ALA F 24 -44.40 -22.87 27.81
C ALA F 24 -44.24 -24.10 28.72
N ASP F 25 -45.35 -24.76 29.06
CA ASP F 25 -45.34 -25.87 30.01
C ASP F 25 -46.01 -27.11 29.43
N ASP F 26 -45.76 -28.27 30.04
CA ASP F 26 -46.44 -29.51 29.66
C ASP F 26 -47.96 -29.30 29.71
N THR F 27 -48.66 -29.72 28.67
CA THR F 27 -50.10 -29.59 28.62
C THR F 27 -50.79 -30.85 29.04
N GLU F 28 -50.00 -31.90 29.29
CA GLU F 28 -50.56 -33.17 29.82
C GLU F 28 -51.66 -33.63 28.90
N THR F 29 -51.37 -33.50 27.61
CA THR F 29 -52.33 -33.82 26.56
C THR F 29 -52.46 -35.35 26.38
N ASN F 30 -53.70 -35.78 26.16
CA ASN F 30 -54.01 -37.15 25.74
C ASN F 30 -55.05 -37.04 24.64
N LEU F 31 -55.33 -38.16 23.99
CA LEU F 31 -56.36 -38.22 22.99
C LEU F 31 -57.60 -38.94 23.55
N TRP F 32 -58.76 -38.59 23.01
CA TRP F 32 -60.00 -39.14 23.47
C TRP F 32 -60.94 -39.44 22.31
N ILE F 33 -61.61 -40.59 22.38
CA ILE F 33 -62.73 -40.88 21.52
C ILE F 33 -63.98 -40.59 22.31
N PHE F 34 -64.86 -39.79 21.72
CA PHE F 34 -66.13 -39.46 22.35
C PHE F 34 -67.26 -39.92 21.46
N PRO F 35 -68.03 -40.92 21.89
CA PRO F 35 -69.07 -41.46 21.04
C PRO F 35 -70.27 -40.52 20.92
N GLN F 36 -71.17 -40.91 20.03
CA GLN F 36 -72.43 -40.23 19.86
C GLN F 36 -73.26 -40.32 21.14
N GLU F 37 -74.07 -39.29 21.35
CA GLU F 37 -75.14 -39.26 22.37
C GLU F 37 -74.63 -39.10 23.79
N LEU F 38 -73.46 -38.52 23.95
CA LEU F 38 -73.04 -38.15 25.28
C LEU F 38 -73.85 -36.97 25.72
N LYS F 39 -74.33 -37.01 26.95
CA LYS F 39 -75.07 -35.91 27.53
C LYS F 39 -74.06 -34.99 28.20
N ARG F 40 -74.09 -33.71 27.82
CA ARG F 40 -73.07 -32.77 28.32
C ARG F 40 -73.67 -31.48 28.86
N SER F 41 -72.96 -30.93 29.83
CA SER F 41 -73.34 -29.71 30.48
C SER F 41 -72.25 -28.67 30.23
N GLY F 42 -72.64 -27.43 29.99
CA GLY F 42 -71.70 -26.35 29.68
C GLY F 42 -70.66 -25.94 30.73
N GLY F 43 -70.81 -26.38 31.97
CA GLY F 43 -69.83 -26.03 33.02
C GLY F 43 -69.82 -24.56 33.41
N ALA F 44 -70.98 -23.91 33.39
CA ALA F 44 -71.08 -22.47 33.68
C ALA F 44 -71.96 -22.17 34.90
N GLY F 45 -71.88 -23.05 35.90
CA GLY F 45 -72.62 -22.92 37.16
C GLY F 45 -74.11 -23.18 37.07
N GLN F 46 -74.89 -22.40 37.78
CA GLN F 46 -76.30 -22.44 37.45
C GLN F 46 -76.44 -21.76 36.07
N TYR F 47 -77.42 -22.22 35.32
CA TYR F 47 -77.60 -21.90 33.90
C TYR F 47 -76.48 -22.30 32.92
N SER F 48 -76.08 -23.57 32.99
CA SER F 48 -75.16 -24.13 32.02
C SER F 48 -75.93 -24.64 30.81
N LEU F 49 -75.38 -24.39 29.62
CA LEU F 49 -75.95 -24.92 28.39
C LEU F 49 -75.88 -26.45 28.39
N GLU F 50 -76.87 -27.09 27.79
CA GLU F 50 -76.94 -28.54 27.81
C GLU F 50 -77.19 -29.07 26.43
N TRP F 51 -76.54 -30.19 26.11
CA TRP F 51 -76.75 -30.83 24.83
C TRP F 51 -76.36 -32.29 24.88
N THR F 52 -76.82 -33.00 23.87
CA THR F 52 -76.52 -34.38 23.68
C THR F 52 -75.79 -34.47 22.35
N SER F 53 -74.57 -34.98 22.36
CA SER F 53 -73.73 -34.98 21.16
C SER F 53 -74.39 -35.77 20.05
N LYS F 54 -74.33 -35.23 18.85
CA LYS F 54 -74.92 -35.87 17.68
C LYS F 54 -73.88 -36.64 16.89
N TYR F 55 -72.65 -36.11 16.86
CA TYR F 55 -71.53 -36.75 16.17
C TYR F 55 -70.35 -37.11 17.09
N GLY F 56 -69.75 -38.26 16.79
CA GLY F 56 -68.60 -38.70 17.55
C GLY F 56 -67.35 -37.96 17.09
N SER F 57 -66.35 -37.91 17.95
CA SER F 57 -65.16 -37.13 17.69
C SER F 57 -63.93 -37.78 18.27
N VAL F 58 -62.78 -37.42 17.72
CA VAL F 58 -61.50 -37.75 18.33
C VAL F 58 -60.88 -36.40 18.62
N ILE F 59 -60.40 -36.21 19.83
CA ILE F 59 -59.94 -34.89 20.24
C ILE F 59 -58.67 -34.97 21.05
N ALA F 60 -58.00 -33.82 21.19
CA ALA F 60 -56.79 -33.72 21.99
C ALA F 60 -57.09 -32.83 23.14
N SER F 61 -56.81 -33.33 24.32
CA SER F 61 -57.20 -32.69 25.55
C SER F 61 -56.02 -31.96 26.12
N ALA F 62 -56.26 -31.13 27.12
CA ALA F 62 -55.20 -30.54 27.91
C ALA F 62 -55.59 -30.61 29.38
N PHE F 63 -54.64 -30.97 30.23
CA PHE F 63 -54.85 -31.06 31.68
C PHE F 63 -56.11 -31.88 32.07
N ASP F 64 -56.39 -32.97 31.38
CA ASP F 64 -57.67 -33.66 31.54
C ASP F 64 -57.81 -34.32 32.90
N GLY F 65 -56.70 -34.46 33.61
CA GLY F 65 -56.74 -34.98 34.98
C GLY F 65 -56.86 -33.92 36.06
N ARG F 66 -57.15 -32.67 35.71
CA ARG F 66 -57.27 -31.58 36.73
C ARG F 66 -58.62 -30.85 36.62
N LYS F 67 -59.45 -30.98 37.67
CA LYS F 67 -60.79 -30.37 37.78
C LYS F 67 -60.72 -28.91 37.33
N GLY F 68 -59.67 -28.23 37.78
CA GLY F 68 -59.52 -26.81 37.49
C GLY F 68 -59.31 -26.39 36.05
N MET F 69 -58.77 -27.28 35.20
CA MET F 69 -58.22 -26.87 33.90
C MET F 69 -58.54 -27.73 32.68
N ALA F 70 -59.34 -28.77 32.82
CA ALA F 70 -59.45 -29.73 31.75
C ALA F 70 -60.20 -29.16 30.56
N SER F 71 -59.64 -29.30 29.35
CA SER F 71 -60.29 -28.82 28.12
C SER F 71 -60.08 -29.71 26.90
N THR F 72 -61.00 -29.60 25.96
CA THR F 72 -60.75 -30.03 24.60
C THR F 72 -60.10 -28.86 23.85
N THR F 73 -58.90 -29.09 23.31
CA THR F 73 -58.11 -28.08 22.58
C THR F 73 -58.14 -28.23 21.06
N ASP F 74 -58.49 -29.41 20.56
CA ASP F 74 -58.29 -29.71 19.15
C ASP F 74 -59.02 -30.99 18.85
N GLY F 75 -59.55 -31.13 17.65
CA GLY F 75 -60.17 -32.37 17.28
C GLY F 75 -60.84 -32.41 15.93
N VAL F 76 -61.32 -33.57 15.55
CA VAL F 76 -62.10 -33.74 14.36
C VAL F 76 -63.22 -34.74 14.63
N ASN F 77 -64.39 -34.51 14.04
CA ASN F 77 -65.53 -35.38 14.22
C ASN F 77 -65.78 -36.25 13.01
N GLU F 78 -66.71 -37.17 13.13
CA GLU F 78 -66.89 -38.17 12.11
C GLU F 78 -67.39 -37.62 10.77
N LYS F 79 -67.78 -36.35 10.74
CA LYS F 79 -68.23 -35.73 9.49
C LYS F 79 -67.15 -34.92 8.79
N GLY F 80 -65.97 -34.84 9.39
CA GLY F 80 -64.87 -34.11 8.82
C GLY F 80 -64.76 -32.66 9.27
N LEU F 81 -65.62 -32.25 10.19
CA LEU F 81 -65.45 -30.97 10.81
C LEU F 81 -64.28 -31.03 11.78
N ALA F 82 -63.31 -30.12 11.62
CA ALA F 82 -62.20 -29.99 12.57
C ALA F 82 -62.30 -28.69 13.38
N ALA F 83 -61.88 -28.72 14.64
CA ALA F 83 -61.92 -27.52 15.45
C ALA F 83 -60.62 -27.38 16.18
N ASN F 84 -60.14 -26.13 16.28
CA ASN F 84 -58.92 -25.85 17.05
C ASN F 84 -59.12 -24.64 17.95
N VAL F 85 -58.70 -24.81 19.18
CA VAL F 85 -58.73 -23.75 20.13
C VAL F 85 -57.32 -23.20 20.22
N LEU F 86 -57.14 -22.00 19.70
CA LEU F 86 -55.83 -21.40 19.71
C LEU F 86 -55.58 -20.62 20.97
N TRP F 87 -54.51 -20.96 21.69
CA TRP F 87 -54.20 -20.34 22.96
C TRP F 87 -53.35 -19.06 22.82
N LEU F 88 -53.22 -18.34 23.94
CA LEU F 88 -52.54 -17.03 23.97
C LEU F 88 -53.15 -16.05 22.97
N ALA F 89 -54.48 -15.98 22.91
CA ALA F 89 -55.15 -14.99 22.07
C ALA F 89 -55.36 -13.69 22.84
N GLU F 90 -55.95 -12.69 22.19
CA GLU F 90 -56.27 -11.44 22.84
C GLU F 90 -57.77 -11.28 22.71
N SER F 91 -58.51 -12.11 23.44
CA SER F 91 -59.94 -12.02 23.44
C SER F 91 -60.42 -11.38 24.76
N GLU F 92 -61.56 -10.69 24.70
CA GLU F 92 -62.27 -10.22 25.92
C GLU F 92 -63.69 -10.76 25.79
N TYR F 93 -64.02 -11.70 26.68
CA TYR F 93 -65.29 -12.41 26.59
C TYR F 93 -66.44 -11.56 27.13
N PRO F 94 -67.70 -11.96 26.84
CA PRO F 94 -68.82 -11.10 27.24
C PRO F 94 -68.85 -10.76 28.75
N LYS F 95 -69.34 -9.56 29.07
CA LYS F 95 -69.56 -9.12 30.45
C LYS F 95 -70.86 -9.76 30.94
N THR F 96 -71.84 -9.79 30.04
CA THR F 96 -73.21 -10.25 30.35
C THR F 96 -73.21 -11.64 31.01
N LYS F 97 -74.05 -11.81 32.03
CA LYS F 97 -74.08 -13.03 32.82
C LYS F 97 -74.99 -14.07 32.18
N PRO F 98 -74.71 -15.36 32.38
CA PRO F 98 -75.58 -16.38 31.80
C PRO F 98 -76.95 -16.39 32.47
N THR F 99 -77.96 -16.58 31.63
CA THR F 99 -79.36 -16.56 32.02
C THR F 99 -80.05 -17.81 31.45
N ALA F 100 -81.14 -18.24 32.05
CA ALA F 100 -81.77 -19.49 31.63
C ALA F 100 -82.10 -19.49 30.12
N LYS F 101 -82.53 -18.34 29.60
CA LYS F 101 -82.84 -18.21 28.16
C LYS F 101 -81.55 -18.30 27.40
N LYS F 102 -80.53 -17.62 27.90
CA LYS F 102 -79.21 -17.63 27.27
C LYS F 102 -78.12 -18.17 28.20
N PRO F 103 -77.99 -19.50 28.26
CA PRO F 103 -77.14 -20.12 29.25
C PRO F 103 -75.64 -20.09 28.91
N GLY F 104 -74.84 -20.45 29.90
CA GLY F 104 -73.39 -20.37 29.79
C GLY F 104 -72.71 -21.61 29.22
N LEU F 105 -71.63 -21.38 28.46
CA LEU F 105 -70.78 -22.46 27.93
C LEU F 105 -69.34 -22.16 28.29
N SER F 106 -68.73 -23.04 29.07
CA SER F 106 -67.32 -22.85 29.45
C SER F 106 -66.42 -22.89 28.24
N VAL F 107 -65.37 -22.09 28.31
CA VAL F 107 -64.41 -21.97 27.25
C VAL F 107 -63.71 -23.31 27.01
N ALA F 108 -63.55 -24.07 28.08
CA ALA F 108 -62.97 -25.39 28.01
C ALA F 108 -63.74 -26.38 27.11
N ALA F 109 -65.03 -26.15 26.89
CA ALA F 109 -65.85 -27.07 26.14
C ALA F 109 -66.25 -26.51 24.82
N TRP F 110 -65.77 -25.32 24.52
CA TRP F 110 -66.22 -24.58 23.35
C TRP F 110 -66.05 -25.39 22.06
N ALA F 111 -64.85 -25.91 21.83
CA ALA F 111 -64.60 -26.75 20.63
C ALA F 111 -65.38 -28.04 20.64
N GLN F 112 -65.49 -28.65 21.81
CA GLN F 112 -66.23 -29.89 21.94
C GLN F 112 -67.68 -29.73 21.54
N TYR F 113 -68.26 -28.62 22.00
CA TYR F 113 -69.65 -28.31 21.67
C TYR F 113 -69.80 -28.28 20.17
N VAL F 114 -68.89 -27.60 19.48
CA VAL F 114 -68.99 -27.50 18.02
C VAL F 114 -68.84 -28.85 17.32
N LEU F 115 -67.80 -29.59 17.70
CA LEU F 115 -67.55 -30.92 17.13
C LEU F 115 -68.70 -31.86 17.39
N ASP F 116 -69.35 -31.72 18.54
CA ASP F 116 -70.45 -32.60 18.91
C ASP F 116 -71.71 -32.38 18.09
N ASN F 117 -71.91 -31.16 17.59
CA ASN F 117 -73.22 -30.78 17.07
C ASN F 117 -73.33 -30.50 15.58
N PHE F 118 -72.22 -30.20 14.93
CA PHE F 118 -72.32 -29.73 13.56
C PHE F 118 -71.45 -30.55 12.66
N ALA F 119 -71.87 -30.65 11.41
CA ALA F 119 -71.18 -31.45 10.41
C ALA F 119 -70.28 -30.63 9.51
N THR F 120 -70.55 -29.34 9.39
CA THR F 120 -69.78 -28.49 8.48
C THR F 120 -69.53 -27.14 9.11
N VAL F 121 -68.59 -26.39 8.55
CA VAL F 121 -68.26 -25.07 9.07
C VAL F 121 -69.51 -24.19 8.95
N ASP F 122 -70.16 -24.28 7.80
CA ASP F 122 -71.34 -23.48 7.50
C ASP F 122 -72.44 -23.71 8.54
N GLU F 123 -72.77 -24.97 8.78
CA GLU F 123 -73.75 -25.36 9.82
C GLU F 123 -73.41 -24.73 11.13
N ALA F 124 -72.14 -24.82 11.50
CA ALA F 124 -71.67 -24.33 12.79
C ALA F 124 -71.74 -22.82 12.87
N VAL F 125 -71.40 -22.18 11.76
CA VAL F 125 -71.43 -20.71 11.73
C VAL F 125 -72.87 -20.22 11.88
N LYS F 126 -73.79 -20.83 11.15
CA LYS F 126 -75.20 -20.46 11.25
C LYS F 126 -75.72 -20.57 12.68
N SER F 127 -75.36 -21.65 13.36
CA SER F 127 -75.82 -21.83 14.73
C SER F 127 -75.12 -20.86 15.71
N LEU F 128 -73.84 -20.61 15.49
CA LEU F 128 -73.11 -19.73 16.40
C LEU F 128 -73.60 -18.29 16.27
N GLN F 129 -74.00 -17.91 15.05
CA GLN F 129 -74.51 -16.57 14.80
C GLN F 129 -75.75 -16.25 15.62
N GLN F 130 -76.56 -17.26 15.91
CA GLN F 130 -77.75 -17.09 16.75
C GLN F 130 -77.43 -16.83 18.21
N GLU F 131 -76.17 -16.88 18.59
CA GLU F 131 -75.78 -16.50 19.94
C GLU F 131 -76.63 -17.19 20.98
N LYS F 132 -76.77 -18.51 20.88
CA LYS F 132 -77.59 -19.29 21.80
C LYS F 132 -77.04 -19.42 23.20
N PHE F 133 -75.83 -18.92 23.44
CA PHE F 133 -75.17 -19.10 24.72
C PHE F 133 -74.16 -18.02 24.96
N ILE F 134 -73.72 -17.90 26.20
CA ILE F 134 -72.71 -16.96 26.58
C ILE F 134 -71.48 -17.76 26.90
N LEU F 135 -70.36 -17.37 26.30
CA LEU F 135 -69.10 -18.03 26.59
C LEU F 135 -68.55 -17.47 27.89
N VAL F 136 -68.12 -18.34 28.79
CA VAL F 136 -67.58 -17.89 30.05
C VAL F 136 -66.24 -18.53 30.33
N THR F 137 -65.47 -17.88 31.17
CA THR F 137 -64.22 -18.42 31.67
C THR F 137 -64.16 -18.22 33.17
N LYS F 138 -63.26 -18.88 33.88
CA LYS F 138 -62.75 -18.21 35.11
C LYS F 138 -61.83 -19.06 35.94
N GLN F 139 -60.86 -18.43 36.60
CA GLN F 139 -59.86 -19.15 37.39
C GLN F 139 -59.23 -18.33 38.54
N VAL F 140 -58.70 -19.03 39.57
CA VAL F 140 -57.98 -18.43 40.74
C VAL F 140 -56.45 -18.73 40.76
N GLU F 141 -55.58 -17.73 40.56
CA GLU F 141 -54.14 -17.95 40.33
C GLU F 141 -53.32 -16.68 40.66
N GLY F 142 -52.03 -16.88 40.99
CA GLY F 142 -50.94 -15.88 40.96
C GLY F 142 -49.97 -15.92 39.76
N GLN F 143 -49.39 -14.76 39.42
CA GLN F 143 -48.57 -14.52 38.18
C GLN F 143 -49.36 -14.43 36.84
N LYS F 144 -50.67 -14.19 36.91
CA LYS F 144 -51.59 -14.16 35.73
C LYS F 144 -52.77 -13.21 35.91
N ARG F 145 -53.17 -12.57 34.81
CA ARG F 145 -54.35 -11.74 34.68
C ARG F 145 -55.48 -12.49 33.93
N LEU F 146 -55.11 -13.33 32.96
CA LEU F 146 -56.09 -14.13 32.18
C LEU F 146 -55.51 -15.30 31.33
N ALA F 147 -56.38 -16.23 30.94
CA ALA F 147 -56.15 -17.26 29.89
C ALA F 147 -57.17 -17.12 28.73
N THR F 148 -56.66 -16.87 27.52
CA THR F 148 -57.49 -16.44 26.37
C THR F 148 -57.26 -17.23 25.10
N LEU F 149 -58.30 -17.31 24.27
CA LEU F 149 -58.26 -18.16 23.11
C LEU F 149 -59.32 -17.83 22.11
N HIS F 150 -59.12 -18.27 20.87
CA HIS F 150 -60.20 -18.25 19.88
C HIS F 150 -60.31 -19.56 19.12
N LEU F 151 -61.37 -19.68 18.34
CA LEU F 151 -61.75 -20.95 17.80
C LEU F 151 -61.68 -20.88 16.29
N SER F 152 -60.91 -21.79 15.69
CA SER F 152 -60.86 -21.94 14.26
C SER F 152 -61.49 -23.24 13.84
N LEU F 153 -62.14 -23.23 12.68
CA LEU F 153 -62.88 -24.39 12.20
C LEU F 153 -62.55 -24.69 10.75
N SER F 154 -62.67 -25.97 10.37
CA SER F 154 -62.51 -26.37 8.95
C SER F 154 -63.23 -27.68 8.60
N ASP F 155 -63.39 -27.91 7.30
CA ASP F 155 -64.37 -28.84 6.69
C ASP F 155 -63.71 -29.81 5.76
N SER F 156 -64.45 -30.84 5.39
CA SER F 156 -64.08 -31.65 4.26
C SER F 156 -64.28 -30.94 2.91
N SER F 157 -65.09 -29.90 2.90
CA SER F 157 -65.25 -29.07 1.71
C SER F 157 -64.17 -28.03 1.60
N GLY F 158 -63.26 -27.96 2.57
CA GLY F 158 -62.18 -26.97 2.56
C GLY F 158 -62.56 -25.62 3.13
N ASP F 159 -63.78 -25.51 3.64
CA ASP F 159 -64.30 -24.26 4.16
C ASP F 159 -63.58 -23.96 5.47
N SER F 160 -63.54 -22.69 5.86
CA SER F 160 -62.86 -22.25 7.08
C SER F 160 -63.63 -21.15 7.76
N ALA F 161 -63.47 -21.05 9.08
CA ALA F 161 -64.03 -19.97 9.84
C ALA F 161 -63.25 -19.78 11.09
N ILE F 162 -63.34 -18.58 11.65
CA ILE F 162 -62.76 -18.29 12.95
C ILE F 162 -63.75 -17.46 13.75
N ILE F 163 -63.79 -17.73 15.05
CA ILE F 163 -64.69 -17.06 15.96
C ILE F 163 -63.88 -16.49 17.09
N GLU F 164 -64.02 -15.18 17.32
CA GLU F 164 -63.33 -14.50 18.41
C GLU F 164 -64.30 -13.69 19.24
N TYR F 165 -63.83 -13.28 20.41
CA TYR F 165 -64.57 -12.37 21.28
C TYR F 165 -63.75 -11.12 21.49
N ILE F 166 -64.19 -10.03 20.86
CA ILE F 166 -63.52 -8.73 20.89
C ILE F 166 -64.48 -7.72 21.52
N ASP F 167 -64.01 -7.00 22.53
CA ASP F 167 -64.85 -6.10 23.33
C ASP F 167 -66.15 -6.79 23.81
N GLY F 168 -66.03 -8.02 24.27
CA GLY F 168 -67.17 -8.78 24.72
C GLY F 168 -68.14 -9.26 23.64
N LYS F 169 -67.87 -8.95 22.37
CA LYS F 169 -68.79 -9.32 21.29
C LYS F 169 -68.24 -10.44 20.42
N GLN F 170 -69.13 -11.33 19.97
CA GLN F 170 -68.78 -12.44 19.10
C GLN F 170 -68.51 -11.94 17.70
N VAL F 171 -67.30 -12.18 17.20
CA VAL F 171 -66.92 -11.79 15.85
C VAL F 171 -66.58 -13.02 15.05
N ILE F 172 -67.25 -13.19 13.92
CA ILE F 172 -67.05 -14.34 13.07
C ILE F 172 -66.55 -13.96 11.68
N HIS F 173 -65.46 -14.58 11.25
CA HIS F 173 -65.04 -14.51 9.85
C HIS F 173 -65.17 -15.90 9.24
N HIS F 174 -65.89 -15.98 8.13
CA HIS F 174 -66.20 -17.24 7.50
C HIS F 174 -65.96 -17.19 5.99
N SER F 175 -64.96 -17.94 5.53
CA SER F 175 -64.67 -17.99 4.11
C SER F 175 -63.64 -19.06 3.82
N LYS F 176 -63.80 -19.73 2.69
CA LYS F 176 -62.80 -20.67 2.22
C LYS F 176 -61.45 -20.02 1.97
N ASN F 177 -61.43 -18.70 1.82
CA ASN F 177 -60.16 -18.00 1.62
C ASN F 177 -59.36 -17.81 2.87
N TYR F 178 -59.96 -18.01 4.03
CA TYR F 178 -59.23 -17.83 5.30
C TYR F 178 -58.45 -19.10 5.67
N GLN F 179 -57.38 -19.35 4.92
CA GLN F 179 -56.61 -20.57 5.04
C GLN F 179 -55.70 -20.59 6.25
N VAL F 180 -55.27 -19.42 6.73
CA VAL F 180 -54.27 -19.34 7.76
C VAL F 180 -54.77 -18.49 8.90
N MET F 181 -54.50 -18.95 10.12
CA MET F 181 -54.92 -18.32 11.36
C MET F 181 -53.89 -18.55 12.43
N THR F 182 -53.53 -17.49 13.12
CA THR F 182 -52.61 -17.55 14.23
C THR F 182 -53.35 -17.13 15.43
N ASN F 183 -52.71 -17.26 16.58
CA ASN F 183 -53.34 -16.87 17.83
C ASN F 183 -53.52 -15.35 17.97
N SER F 184 -52.97 -14.56 17.03
CA SER F 184 -52.19 -13.47 17.47
C SER F 184 -52.37 -12.01 17.24
N PRO F 185 -52.48 -11.50 15.98
CA PRO F 185 -53.30 -10.43 16.55
C PRO F 185 -54.71 -10.84 16.20
N THR F 186 -55.67 -9.96 16.36
CA THR F 186 -57.03 -10.32 15.98
C THR F 186 -57.10 -10.62 14.50
N PHE F 187 -58.09 -11.36 14.10
CA PHE F 187 -58.13 -11.78 12.73
C PHE F 187 -58.28 -10.64 11.73
N ASP F 188 -58.97 -9.57 12.10
CA ASP F 188 -59.11 -8.40 11.20
C ASP F 188 -57.74 -7.87 10.84
N GLN F 189 -56.86 -7.83 11.83
CA GLN F 189 -55.49 -7.44 11.59
C GLN F 189 -54.72 -8.52 10.80
N GLN F 190 -54.94 -9.79 11.14
CA GLN F 190 -54.28 -10.88 10.41
C GLN F 190 -54.49 -10.78 8.92
N LEU F 191 -55.70 -10.43 8.53
CA LEU F 191 -56.06 -10.30 7.13
C LEU F 191 -55.24 -9.34 6.28
N THR F 192 -54.50 -8.44 6.90
CA THR F 192 -53.80 -7.41 6.18
C THR F 192 -52.30 -7.71 6.22
N LEU F 193 -51.88 -8.72 6.98
CA LEU F 193 -50.45 -8.94 7.25
C LEU F 193 -49.65 -9.38 6.04
N ASN F 194 -50.29 -10.09 5.12
CA ASN F 194 -49.61 -10.55 3.90
C ASN F 194 -49.35 -9.51 2.83
N ALA F 195 -50.14 -8.45 2.82
CA ALA F 195 -50.13 -7.53 1.68
C ALA F 195 -48.71 -7.12 1.31
N TYR F 196 -47.94 -6.64 2.27
CA TYR F 196 -46.59 -6.16 1.95
C TYR F 196 -45.81 -7.28 1.28
N TRP F 197 -45.88 -8.45 1.89
CA TRP F 197 -45.10 -9.59 1.43
C TRP F 197 -45.57 -10.12 0.09
N ASP F 198 -46.85 -9.97 -0.23
CA ASP F 198 -47.36 -10.32 -1.56
C ASP F 198 -46.78 -9.40 -2.62
N GLN F 199 -46.64 -8.13 -2.26
CA GLN F 199 -46.08 -7.12 -3.16
C GLN F 199 -44.69 -7.45 -3.61
N ILE F 200 -43.80 -7.72 -2.68
CA ILE F 200 -42.49 -8.23 -3.02
C ILE F 200 -42.68 -9.74 -3.11
N GLY F 201 -41.77 -10.50 -3.67
CA GLY F 201 -42.00 -11.97 -3.55
C GLY F 201 -41.79 -12.59 -2.15
N GLY F 202 -42.51 -13.66 -1.83
CA GLY F 202 -42.12 -14.50 -0.69
C GLY F 202 -40.84 -15.28 -0.99
N ASN F 203 -40.56 -15.52 -2.27
CA ASN F 203 -39.28 -16.08 -2.71
C ASN F 203 -38.14 -15.09 -2.56
N VAL F 204 -38.50 -13.81 -2.47
CA VAL F 204 -37.53 -12.75 -2.34
C VAL F 204 -37.13 -12.61 -0.89
N MET F 205 -38.11 -12.47 -0.01
CA MET F 205 -37.81 -12.48 1.41
C MET F 205 -39.03 -12.85 2.21
N LEU F 206 -38.79 -13.40 3.40
CA LEU F 206 -39.83 -13.63 4.41
C LEU F 206 -39.27 -13.33 5.76
N PRO F 207 -40.13 -12.91 6.68
CA PRO F 207 -39.68 -12.69 8.05
C PRO F 207 -39.51 -14.03 8.74
N GLY F 208 -38.42 -14.22 9.49
CA GLY F 208 -38.13 -15.53 10.07
C GLY F 208 -38.11 -15.71 11.59
N THR F 209 -38.87 -14.93 12.35
CA THR F 209 -38.87 -15.08 13.81
C THR F 209 -40.08 -15.91 14.24
N ASN F 210 -40.25 -16.08 15.52
CA ASN F 210 -41.39 -16.78 16.08
C ASN F 210 -42.61 -15.92 16.33
N ARG F 211 -42.56 -14.64 15.93
CA ARG F 211 -43.66 -13.73 16.15
C ARG F 211 -44.84 -14.26 15.44
N ALA F 212 -46.03 -14.09 16.01
CA ALA F 212 -47.22 -14.54 15.34
C ALA F 212 -47.36 -13.94 13.95
N ALA F 213 -47.04 -12.67 13.78
CA ALA F 213 -47.12 -12.10 12.45
C ALA F 213 -46.21 -12.84 11.45
N ASP F 214 -45.00 -13.20 11.89
CA ASP F 214 -44.05 -13.85 11.00
C ASP F 214 -44.58 -15.23 10.60
N ARG F 215 -45.12 -15.95 11.58
CA ARG F 215 -45.60 -17.33 11.38
C ARG F 215 -46.74 -17.30 10.43
N PHE F 216 -47.60 -16.33 10.61
CA PHE F 216 -48.76 -16.13 9.72
C PHE F 216 -48.32 -15.89 8.29
N VAL F 217 -47.30 -15.05 8.14
CA VAL F 217 -46.79 -14.67 6.82
C VAL F 217 -46.09 -15.84 6.11
N ARG F 218 -45.26 -16.56 6.87
CA ARG F 218 -44.55 -17.71 6.33
C ARG F 218 -45.51 -18.81 5.89
N ALA F 219 -46.47 -19.09 6.72
CA ALA F 219 -47.39 -20.16 6.45
C ALA F 219 -48.29 -19.78 5.31
N SER F 220 -48.71 -18.51 5.24
CA SER F 220 -49.52 -18.06 4.12
C SER F 220 -48.76 -18.24 2.82
N PHE F 221 -47.49 -17.89 2.82
CA PHE F 221 -46.73 -17.99 1.60
C PHE F 221 -46.64 -19.44 1.16
N TYR F 222 -46.23 -20.33 2.06
CA TYR F 222 -45.97 -21.69 1.63
C TYR F 222 -47.23 -22.37 1.19
N VAL F 223 -48.32 -22.07 1.87
CA VAL F 223 -49.60 -22.71 1.57
C VAL F 223 -50.06 -22.37 0.15
N LYS F 224 -49.73 -21.18 -0.34
CA LYS F 224 -50.15 -20.78 -1.68
C LYS F 224 -49.12 -21.14 -2.73
N ASN F 225 -47.86 -21.33 -2.36
CA ASN F 225 -46.80 -21.46 -3.36
C ASN F 225 -46.09 -22.81 -3.44
N VAL F 226 -46.46 -23.77 -2.59
CA VAL F 226 -45.85 -25.08 -2.65
C VAL F 226 -46.77 -26.09 -3.31
N ASN F 227 -46.39 -26.65 -4.46
CA ASN F 227 -47.15 -27.77 -5.07
C ASN F 227 -46.29 -28.99 -5.24
N PRO F 228 -46.48 -29.98 -4.38
CA PRO F 228 -45.70 -31.20 -4.47
C PRO F 228 -46.13 -32.14 -5.60
N ASN F 229 -47.27 -31.84 -6.23
CA ASN F 229 -47.86 -32.69 -7.27
C ASN F 229 -47.85 -31.98 -8.62
N LYS F 230 -46.92 -31.05 -8.80
CA LYS F 230 -46.65 -30.46 -10.12
C LYS F 230 -46.40 -31.58 -11.12
N LEU F 231 -46.91 -31.45 -12.33
CA LEU F 231 -46.53 -32.35 -13.42
C LEU F 231 -45.13 -32.02 -13.89
N ILE F 232 -44.33 -33.04 -14.07
CA ILE F 232 -42.95 -32.89 -14.52
C ILE F 232 -42.78 -33.66 -15.86
N PRO F 233 -42.19 -33.02 -16.89
CA PRO F 233 -41.98 -33.71 -18.17
C PRO F 233 -41.19 -34.98 -17.99
N GLY F 234 -41.71 -36.12 -18.44
CA GLY F 234 -40.95 -37.39 -18.42
C GLY F 234 -41.19 -38.29 -17.22
N VAL F 235 -42.14 -37.93 -16.34
CA VAL F 235 -42.36 -38.60 -15.06
C VAL F 235 -43.86 -38.79 -14.90
N ALA F 236 -44.27 -40.03 -14.72
CA ALA F 236 -45.68 -40.35 -14.70
C ALA F 236 -46.36 -39.45 -13.68
N GLU F 237 -47.55 -38.93 -14.02
CA GLU F 237 -48.41 -38.33 -13.00
C GLU F 237 -48.56 -39.36 -11.88
N LYS F 238 -48.54 -38.94 -10.62
CA LYS F 238 -48.71 -39.90 -9.53
C LYS F 238 -50.17 -40.32 -9.42
N GLY F 239 -50.38 -41.46 -8.78
CA GLY F 239 -51.70 -41.94 -8.43
C GLY F 239 -52.27 -41.13 -7.29
N LYS F 240 -53.59 -41.18 -7.18
CA LYS F 240 -54.33 -40.50 -6.13
C LYS F 240 -53.69 -40.69 -4.77
N ILE F 241 -53.31 -41.90 -4.45
CA ILE F 241 -52.83 -42.17 -3.10
C ILE F 241 -51.48 -41.49 -2.87
N GLU F 242 -50.63 -41.52 -3.88
CA GLU F 242 -49.33 -40.89 -3.76
C GLU F 242 -49.46 -39.36 -3.67
N LYS F 243 -50.46 -38.82 -4.33
CA LYS F 243 -50.68 -37.40 -4.31
C LYS F 243 -51.15 -36.96 -2.96
N ASP F 244 -52.06 -37.76 -2.41
CA ASP F 244 -52.59 -37.55 -1.07
C ASP F 244 -51.46 -37.54 -0.04
N LYS F 245 -50.59 -38.53 -0.11
CA LYS F 245 -49.45 -38.62 0.80
C LYS F 245 -48.47 -37.46 0.69
N ALA F 246 -48.30 -36.95 -0.53
CA ALA F 246 -47.39 -35.85 -0.77
C ALA F 246 -47.96 -34.56 -0.18
N ASP F 247 -49.26 -34.36 -0.36
CA ASP F 247 -49.94 -33.25 0.30
C ASP F 247 -49.77 -33.32 1.81
N LEU F 248 -49.87 -34.52 2.35
CA LEU F 248 -49.71 -34.72 3.79
C LEU F 248 -48.31 -34.31 4.23
N ALA F 249 -47.33 -34.72 3.45
CA ALA F 249 -45.94 -34.34 3.74
C ALA F 249 -45.69 -32.82 3.65
N THR F 250 -46.32 -32.19 2.67
CA THR F 250 -46.23 -30.75 2.52
C THR F 250 -46.82 -30.03 3.75
N ALA F 251 -48.05 -30.42 4.13
CA ALA F 251 -48.72 -29.81 5.27
C ALA F 251 -47.82 -29.97 6.49
N PHE F 252 -47.30 -31.16 6.70
CA PHE F 252 -46.49 -31.39 7.90
C PHE F 252 -45.29 -30.50 7.88
N SER F 253 -44.70 -30.32 6.70
CA SER F 253 -43.46 -29.55 6.64
C SER F 253 -43.73 -28.05 6.90
N ILE F 254 -44.91 -27.56 6.49
CA ILE F 254 -45.26 -26.14 6.64
C ILE F 254 -45.59 -25.83 8.11
N ILE F 255 -46.35 -26.71 8.75
CA ILE F 255 -46.62 -26.52 10.18
C ILE F 255 -45.36 -26.65 11.01
N ARG F 256 -44.43 -27.50 10.59
CA ARG F 256 -43.14 -27.56 11.28
C ARG F 256 -42.32 -26.31 11.09
N ASN F 257 -42.35 -25.77 9.86
CA ASN F 257 -41.71 -24.48 9.59
C ASN F 257 -42.26 -23.35 10.47
N ALA F 258 -43.56 -23.37 10.77
CA ALA F 258 -44.20 -22.30 11.57
C ALA F 258 -44.13 -22.57 13.06
N SER F 259 -43.52 -23.67 13.45
CA SER F 259 -43.45 -23.98 14.86
C SER F 259 -42.36 -23.14 15.52
N VAL F 260 -42.42 -23.08 16.83
CA VAL F 260 -41.51 -22.33 17.63
C VAL F 260 -40.56 -23.32 18.31
N PRO F 261 -39.25 -23.19 18.07
CA PRO F 261 -38.29 -24.08 18.68
C PRO F 261 -38.48 -24.29 20.15
N TYR F 262 -38.24 -25.51 20.58
CA TYR F 262 -38.48 -25.94 21.96
C TYR F 262 -37.42 -25.34 22.86
N GLY F 263 -37.89 -24.53 23.82
CA GLY F 263 -37.03 -23.89 24.78
C GLY F 263 -36.91 -22.41 24.53
N TYR F 264 -37.39 -21.96 23.39
CA TYR F 264 -37.30 -20.55 23.06
C TYR F 264 -38.29 -19.78 23.89
N SER F 265 -37.84 -18.65 24.43
CA SER F 265 -38.72 -17.73 25.19
C SER F 265 -38.21 -16.32 25.19
N LEU F 266 -39.12 -15.35 25.13
CA LEU F 266 -38.76 -13.95 25.04
C LEU F 266 -39.57 -13.17 26.09
N PRO F 267 -38.90 -12.67 27.15
CA PRO F 267 -39.61 -11.99 28.26
C PRO F 267 -40.53 -10.87 27.79
N ASP F 268 -40.07 -10.04 26.86
CA ASP F 268 -40.91 -8.99 26.28
C ASP F 268 -42.19 -9.47 25.58
N MET F 269 -42.17 -10.70 25.03
CA MET F 269 -43.35 -11.25 24.34
C MET F 269 -43.73 -12.59 24.92
N PRO F 270 -44.54 -12.57 25.99
CA PRO F 270 -45.01 -13.79 26.65
C PRO F 270 -46.01 -14.60 25.82
N ASN F 271 -46.55 -14.05 24.73
CA ASN F 271 -47.44 -14.80 23.85
C ASN F 271 -46.72 -15.66 22.76
N ILE F 272 -45.40 -15.78 22.88
CA ILE F 272 -44.59 -16.70 22.09
C ILE F 272 -44.08 -17.82 22.99
N ALA F 273 -44.29 -19.07 22.56
CA ALA F 273 -43.90 -20.22 23.36
C ALA F 273 -43.59 -21.43 22.52
N SER F 274 -42.78 -22.30 23.10
CA SER F 274 -42.45 -23.57 22.51
C SER F 274 -43.64 -24.28 21.92
N THR F 275 -43.50 -24.72 20.68
CA THR F 275 -44.45 -25.68 20.13
C THR F 275 -44.22 -27.03 20.80
N ARG F 276 -45.30 -27.58 21.36
CA ARG F 276 -45.22 -28.83 22.10
C ARG F 276 -45.75 -30.01 21.29
N TRP F 277 -46.73 -29.75 20.44
CA TRP F 277 -47.22 -30.76 19.55
C TRP F 277 -47.93 -30.17 18.36
N ARG F 278 -48.21 -31.02 17.39
CA ARG F 278 -48.88 -30.64 16.15
C ARG F 278 -49.90 -31.69 15.83
N THR F 279 -51.02 -31.27 15.28
CA THR F 279 -51.95 -32.20 14.72
C THR F 279 -52.14 -31.89 13.26
N VAL F 280 -52.49 -32.92 12.49
CA VAL F 280 -52.86 -32.78 11.11
C VAL F 280 -54.12 -33.60 10.86
N VAL F 281 -55.10 -32.98 10.21
CA VAL F 281 -56.34 -33.63 9.87
C VAL F 281 -56.42 -33.85 8.38
N ASP F 282 -56.53 -35.10 7.97
CA ASP F 282 -56.87 -35.43 6.60
C ASP F 282 -58.38 -35.65 6.58
N HIS F 283 -59.11 -34.65 6.08
CA HIS F 283 -60.55 -34.67 6.16
C HIS F 283 -61.20 -35.81 5.37
N LYS F 284 -60.75 -36.04 4.15
CA LYS F 284 -61.39 -37.07 3.32
C LYS F 284 -61.19 -38.45 3.82
N SER F 285 -60.00 -38.77 4.29
CA SER F 285 -59.74 -40.09 4.86
C SER F 285 -60.18 -40.17 6.32
N LEU F 286 -60.60 -39.04 6.88
CA LEU F 286 -60.91 -38.92 8.31
C LEU F 286 -59.81 -39.48 9.18
N GLN F 287 -58.59 -39.02 8.96
CA GLN F 287 -57.45 -39.44 9.75
C GLN F 287 -56.94 -38.28 10.53
N TYR F 288 -56.72 -38.50 11.81
CA TYR F 288 -56.25 -37.47 12.73
C TYR F 288 -54.83 -37.83 13.22
N PHE F 289 -53.83 -37.04 12.81
CA PHE F 289 -52.44 -37.29 13.14
C PHE F 289 -52.05 -36.46 14.34
N PHE F 290 -51.21 -37.04 15.17
CA PHE F 290 -50.68 -36.35 16.31
C PHE F 290 -49.17 -36.56 16.33
N GLU F 291 -48.44 -35.50 16.67
CA GLU F 291 -47.00 -35.46 16.63
C GLU F 291 -46.54 -34.68 17.85
N SER F 292 -45.72 -35.29 18.68
CA SER F 292 -45.17 -34.57 19.81
C SER F 292 -43.92 -33.89 19.38
N ALA F 293 -43.71 -32.67 19.85
CA ALA F 293 -42.43 -31.98 19.65
C ALA F 293 -41.51 -32.16 20.83
N VAL F 294 -42.00 -32.80 21.87
CA VAL F 294 -41.26 -32.95 23.14
C VAL F 294 -40.64 -34.33 23.24
N SER F 295 -41.36 -35.32 22.74
CA SER F 295 -40.91 -36.69 22.73
C SER F 295 -41.05 -37.22 21.30
N PRO F 296 -40.23 -38.22 20.91
CA PRO F 296 -40.42 -38.86 19.59
C PRO F 296 -41.69 -39.70 19.56
N ASN F 297 -42.69 -39.19 18.87
CA ASN F 297 -44.00 -39.81 18.88
C ASN F 297 -44.83 -39.21 17.76
N ILE F 298 -45.10 -40.00 16.73
CA ILE F 298 -46.00 -39.61 15.67
C ILE F 298 -46.82 -40.81 15.26
N PHE F 299 -48.12 -40.60 15.11
CA PHE F 299 -49.05 -41.68 14.81
C PHE F 299 -50.36 -41.07 14.42
N TRP F 300 -51.31 -41.88 13.98
CA TRP F 300 -52.58 -41.32 13.62
C TRP F 300 -53.73 -42.17 14.03
N VAL F 301 -54.93 -41.61 13.92
CA VAL F 301 -56.16 -42.28 14.32
C VAL F 301 -57.13 -42.22 13.17
N ASP F 302 -57.56 -43.38 12.72
CA ASP F 302 -58.45 -43.49 11.60
C ASP F 302 -59.90 -43.58 12.09
N LEU F 303 -60.64 -42.50 11.92
CA LEU F 303 -62.01 -42.46 12.38
C LEU F 303 -62.93 -43.47 11.65
N LYS F 304 -62.56 -43.90 10.47
CA LYS F 304 -63.30 -44.96 9.82
C LYS F 304 -63.19 -46.30 10.52
N LYS F 305 -62.23 -46.47 11.40
CA LYS F 305 -62.07 -47.75 12.04
C LYS F 305 -62.64 -47.74 13.43
N ILE F 306 -63.32 -46.67 13.79
CA ILE F 306 -63.84 -46.52 15.15
C ILE F 306 -65.34 -46.60 15.05
N ASN F 307 -65.96 -47.31 16.00
CA ASN F 307 -67.40 -47.31 16.10
C ASN F 307 -67.85 -46.24 17.08
N PHE F 308 -68.56 -45.26 16.55
CA PHE F 308 -68.95 -44.08 17.35
C PHE F 308 -70.34 -44.22 17.97
N ALA F 309 -70.94 -45.40 17.85
CA ALA F 309 -72.23 -45.67 18.46
C ALA F 309 -72.12 -45.55 19.97
N PRO F 310 -73.22 -45.17 20.62
CA PRO F 310 -73.25 -44.89 22.07
C PRO F 310 -72.72 -46.05 22.88
N ARG F 311 -72.06 -45.74 23.99
CA ARG F 311 -71.50 -46.77 24.88
C ARG F 311 -71.99 -46.55 26.31
N GLY F 312 -73.29 -46.25 26.43
CA GLY F 312 -73.92 -46.00 27.73
C GLY F 312 -73.25 -44.91 28.54
N GLY F 313 -72.76 -43.87 27.87
CA GLY F 313 -72.17 -42.71 28.52
C GLY F 313 -70.68 -42.81 28.81
N SER F 314 -70.05 -43.91 28.42
CA SER F 314 -68.60 -43.99 28.59
C SER F 314 -67.92 -43.53 27.27
N ALA F 315 -66.60 -43.42 27.34
CA ALA F 315 -65.79 -42.90 26.24
C ALA F 315 -64.48 -43.70 26.22
N ALA F 316 -63.51 -43.24 25.45
CA ALA F 316 -62.21 -43.90 25.45
C ALA F 316 -61.09 -42.88 25.42
N LYS F 317 -59.96 -43.29 25.93
CA LYS F 317 -58.81 -42.44 26.09
C LYS F 317 -57.52 -43.14 25.65
N LEU F 318 -56.66 -42.39 24.97
CA LEU F 318 -55.34 -42.81 24.60
C LEU F 318 -54.38 -42.05 25.46
N ASP F 319 -53.79 -42.76 26.42
CA ASP F 319 -52.90 -42.12 27.37
C ASP F 319 -51.53 -41.91 26.77
N LEU F 320 -51.11 -40.66 26.66
CA LEU F 320 -49.84 -40.30 26.02
C LEU F 320 -48.72 -40.17 27.01
N GLY F 321 -49.06 -40.27 28.29
CA GLY F 321 -48.04 -40.29 29.33
C GLY F 321 -47.32 -38.97 29.57
N PRO F 322 -46.34 -38.98 30.49
CA PRO F 322 -45.68 -37.74 30.84
C PRO F 322 -44.96 -37.21 29.63
N ASN F 323 -45.10 -35.91 29.38
CA ASN F 323 -44.50 -35.26 28.21
C ASN F 323 -44.83 -35.92 26.86
N GLN F 324 -45.97 -36.59 26.80
CA GLN F 324 -46.41 -37.29 25.61
C GLN F 324 -45.36 -38.29 25.07
N SER F 325 -44.69 -38.94 26.01
CA SER F 325 -43.61 -39.86 25.71
C SER F 325 -44.06 -41.29 25.49
N THR F 326 -45.33 -41.59 25.71
CA THR F 326 -45.76 -42.98 25.57
C THR F 326 -45.96 -43.24 24.09
N ILE F 327 -45.10 -44.06 23.54
CA ILE F 327 -45.01 -44.23 22.10
C ILE F 327 -46.12 -45.07 21.50
N TYR F 328 -46.74 -44.52 20.45
CA TYR F 328 -47.62 -45.28 19.59
C TYR F 328 -47.20 -45.02 18.17
N SER F 329 -47.49 -45.98 17.31
CA SER F 329 -47.03 -45.95 15.97
C SER F 329 -48.14 -46.42 15.07
N GLY F 330 -48.24 -45.88 13.87
CA GLY F 330 -49.24 -46.33 12.92
C GLY F 330 -50.62 -45.93 13.37
N GLN F 331 -51.63 -46.65 12.90
CA GLN F 331 -53.01 -46.34 13.22
C GLN F 331 -53.34 -46.88 14.58
N ALA F 332 -53.68 -45.98 15.51
CA ALA F 332 -53.63 -46.24 16.94
C ALA F 332 -55.00 -46.35 17.63
N SER F 333 -56.09 -46.46 16.87
CA SER F 333 -57.41 -46.50 17.51
C SER F 333 -57.55 -47.68 18.45
N GLY F 334 -56.89 -48.79 18.13
CA GLY F 334 -56.92 -49.98 18.99
C GLY F 334 -56.32 -49.82 20.37
N HIS F 335 -55.46 -48.83 20.56
CA HIS F 335 -54.81 -48.64 21.85
C HIS F 335 -55.63 -47.76 22.77
N PHE F 336 -56.74 -47.21 22.31
CA PHE F 336 -57.62 -46.40 23.18
C PHE F 336 -58.29 -47.32 24.19
N LYS F 337 -58.42 -46.87 25.42
CA LYS F 337 -59.01 -47.71 26.47
C LYS F 337 -60.21 -47.03 27.08
N PRO F 338 -61.22 -47.81 27.51
CA PRO F 338 -62.43 -47.22 28.07
C PRO F 338 -62.16 -46.31 29.23
N ALA F 339 -62.92 -45.24 29.32
CA ALA F 339 -62.83 -44.32 30.43
C ALA F 339 -64.04 -43.39 30.43
N GLN F 340 -64.32 -42.82 31.59
CA GLN F 340 -65.40 -41.87 31.71
C GLN F 340 -64.91 -40.52 31.20
N PRO F 341 -65.76 -39.80 30.48
CA PRO F 341 -65.40 -38.45 30.06
C PRO F 341 -64.94 -37.58 31.21
N PHE F 342 -63.80 -36.93 31.05
CA PHE F 342 -63.29 -36.00 32.05
C PHE F 342 -64.26 -34.85 32.15
N GLU F 343 -64.22 -34.15 33.28
CA GLU F 343 -65.10 -33.01 33.49
C GLU F 343 -64.43 -31.76 32.96
N PHE F 344 -65.18 -30.93 32.25
CA PHE F 344 -64.65 -29.68 31.76
C PHE F 344 -64.47 -28.67 32.89
N ALA F 345 -63.37 -27.93 32.86
CA ALA F 345 -63.18 -26.84 33.80
C ALA F 345 -64.29 -25.79 33.65
N GLY F 346 -64.59 -25.11 34.76
CA GLY F 346 -65.61 -24.05 34.81
C GLY F 346 -66.61 -23.95 35.92
N LEU F 347 -66.62 -22.98 36.84
CA LEU F 347 -67.91 -22.67 37.47
C LEU F 347 -68.65 -21.60 36.68
N CYS G 1 -23.31 9.09 12.67
CA CYS G 1 -22.73 9.63 11.45
C CYS G 1 -22.47 8.53 10.43
N THR G 2 -22.45 8.95 9.18
CA THR G 2 -22.11 8.07 8.09
C THR G 2 -21.15 8.82 7.17
N ARG G 3 -20.13 8.11 6.68
CA ARG G 3 -19.22 8.67 5.71
C ARG G 3 -18.92 7.64 4.63
N PHE G 4 -18.72 8.12 3.41
CA PHE G 4 -18.28 7.24 2.37
C PHE G 4 -17.48 7.92 1.31
N VAL G 5 -16.75 7.12 0.56
CA VAL G 5 -16.07 7.57 -0.61
C VAL G 5 -16.71 6.88 -1.78
N TYR G 6 -17.18 7.66 -2.75
CA TYR G 6 -17.82 7.13 -3.95
C TYR G 6 -16.89 7.17 -5.15
N LEU G 7 -16.76 6.02 -5.82
CA LEU G 7 -15.88 5.86 -6.99
C LEU G 7 -16.69 5.29 -8.09
N ASP G 8 -16.75 6.02 -9.20
CA ASP G 8 -17.49 5.62 -10.38
C ASP G 8 -16.52 4.91 -11.30
N PRO G 9 -16.81 3.64 -11.64
CA PRO G 9 -15.97 2.92 -12.58
C PRO G 9 -15.89 3.57 -13.96
N HIS G 10 -16.97 4.22 -14.39
CA HIS G 10 -16.99 4.91 -15.69
C HIS G 10 -16.52 6.37 -15.63
N ASN G 11 -16.02 6.82 -14.48
CA ASN G 11 -15.43 8.14 -14.35
C ASN G 11 -14.31 8.08 -13.34
N PRO G 12 -13.26 7.33 -13.66
CA PRO G 12 -12.12 7.16 -12.78
C PRO G 12 -11.36 8.45 -12.45
N ASP G 13 -10.52 8.36 -11.42
CA ASP G 13 -9.72 9.48 -10.88
C ASP G 13 -10.58 10.68 -10.58
N TYR G 14 -11.74 10.41 -9.97
CA TYR G 14 -12.69 11.43 -9.56
C TYR G 14 -13.46 10.96 -8.31
N PRO G 15 -12.73 10.75 -7.21
CA PRO G 15 -13.37 10.38 -5.96
C PRO G 15 -14.16 11.51 -5.32
N ILE G 16 -15.22 11.15 -4.61
CA ILE G 16 -16.05 12.07 -3.89
C ILE G 16 -16.33 11.51 -2.50
N THR G 17 -16.06 12.31 -1.47
CA THR G 17 -16.30 11.91 -0.10
C THR G 17 -17.54 12.60 0.39
N ALA G 18 -18.37 11.89 1.13
CA ALA G 18 -19.60 12.46 1.65
C ALA G 18 -19.75 12.04 3.11
N ARG G 19 -20.31 12.92 3.91
CA ARG G 19 -20.51 12.61 5.31
C ARG G 19 -21.78 13.24 5.85
N SER G 20 -22.40 12.56 6.82
CA SER G 20 -23.54 13.10 7.51
C SER G 20 -23.13 13.33 8.97
N MET G 21 -23.58 14.40 9.58
CA MET G 21 -23.34 14.66 11.00
C MET G 21 -24.62 14.43 11.74
N ASP G 22 -24.57 13.50 12.69
CA ASP G 22 -25.77 13.10 13.41
C ASP G 22 -25.64 13.46 14.91
N TRP G 23 -26.54 14.30 15.38
CA TRP G 23 -26.51 14.81 16.73
C TRP G 23 -27.86 15.35 17.11
N ALA G 24 -28.25 15.14 18.35
CA ALA G 24 -29.60 15.45 18.79
C ALA G 24 -29.83 16.96 18.99
N ASP G 25 -28.76 17.75 19.08
CA ASP G 25 -28.86 19.19 19.37
C ASP G 25 -28.14 20.00 18.31
N ASP G 26 -28.42 21.30 18.27
CA ASP G 26 -27.70 22.24 17.39
C ASP G 26 -26.20 22.17 17.66
N THR G 27 -25.39 22.05 16.63
CA THR G 27 -23.96 21.98 16.78
C THR G 27 -23.30 23.31 16.54
N GLU G 28 -24.09 24.32 16.18
CA GLU G 28 -23.58 25.69 16.10
C GLU G 28 -22.38 25.69 15.19
N THR G 29 -22.55 24.97 14.10
CA THR G 29 -21.49 24.79 13.13
C THR G 29 -21.33 26.04 12.23
N ASN G 30 -20.09 26.37 11.92
CA ASN G 30 -19.72 27.38 10.96
C ASN G 30 -18.60 26.81 10.13
N LEU G 31 -18.26 27.49 9.04
CA LEU G 31 -17.13 27.11 8.21
C LEU G 31 -15.97 28.08 8.42
N TRP G 32 -14.75 27.57 8.23
CA TRP G 32 -13.54 28.31 8.56
C TRP G 32 -12.48 28.05 7.53
N ILE G 33 -11.81 29.12 7.13
CA ILE G 33 -10.64 28.99 6.30
C ILE G 33 -9.49 29.17 7.25
N PHE G 34 -8.54 28.23 7.20
CA PHE G 34 -7.35 28.30 8.00
C PHE G 34 -6.14 28.32 7.11
N PRO G 35 -5.42 29.43 7.10
CA PRO G 35 -4.29 29.54 6.17
C PRO G 35 -3.11 28.72 6.61
N GLN G 36 -2.12 28.68 5.73
CA GLN G 36 -0.84 28.07 6.03
C GLN G 36 -0.11 28.80 7.14
N GLU G 37 0.67 28.04 7.89
CA GLU G 37 1.60 28.56 8.91
C GLU G 37 0.94 29.08 10.18
N LEU G 38 -0.24 28.59 10.51
CA LEU G 38 -0.79 28.89 11.82
C LEU G 38 -0.04 28.09 12.86
N LYS G 39 0.29 28.73 13.98
CA LYS G 39 0.98 28.06 15.07
C LYS G 39 -0.09 27.52 15.99
N ARG G 40 -0.02 26.23 16.28
CA ARG G 40 -1.09 25.61 17.07
C ARG G 40 -0.55 24.76 18.21
N SER G 41 -1.34 24.68 19.27
CA SER G 41 -1.03 23.95 20.46
C SER G 41 -2.11 22.88 20.64
N GLY G 42 -1.71 21.69 21.09
CA GLY G 42 -2.62 20.55 21.23
C GLY G 42 -3.75 20.64 22.25
N GLY G 43 -3.73 21.64 23.13
CA GLY G 43 -4.80 21.79 24.10
C GLY G 43 -4.88 20.67 25.14
N ALA G 44 -3.73 20.14 25.55
CA ALA G 44 -3.68 19.03 26.50
C ALA G 44 -2.92 19.37 27.80
N GLY G 45 -3.08 20.62 28.24
CA GLY G 45 -2.47 21.11 29.47
C GLY G 45 -0.97 21.28 29.34
N GLN G 46 -0.22 20.58 30.18
CA GLN G 46 1.16 20.92 30.43
C GLN G 46 2.08 20.58 29.26
N TYR G 47 1.95 19.35 28.81
CA TYR G 47 2.69 18.82 27.65
C TYR G 47 1.76 18.72 26.44
N SER G 48 1.37 19.85 25.87
CA SER G 48 0.56 19.86 24.65
C SER G 48 1.44 19.76 23.42
N LEU G 49 1.01 18.98 22.44
CA LEU G 49 1.71 18.88 21.16
C LEU G 49 1.67 20.22 20.44
N GLU G 50 2.72 20.53 19.70
CA GLU G 50 2.79 21.82 19.02
C GLU G 50 3.17 21.64 17.57
N TRP G 51 2.56 22.45 16.71
CA TRP G 51 2.91 22.40 15.29
C TRP G 51 2.52 23.69 14.59
N THR G 52 3.10 23.84 13.41
CA THR G 52 2.81 24.95 12.54
C THR G 52 2.23 24.38 11.27
N SER G 53 1.01 24.80 10.93
CA SER G 53 0.30 24.19 9.81
C SER G 53 1.07 24.37 8.52
N LYS G 54 1.13 23.32 7.73
CA LYS G 54 1.82 23.33 6.47
C LYS G 54 0.86 23.58 5.32
N TYR G 55 -0.35 23.03 5.43
CA TYR G 55 -1.39 23.21 4.40
C TYR G 55 -2.63 23.93 4.94
N GLY G 56 -3.20 24.75 4.07
CA GLY G 56 -4.44 25.45 4.40
C GLY G 56 -5.63 24.53 4.24
N SER G 57 -6.71 24.87 4.93
CA SER G 57 -7.88 24.00 4.95
C SER G 57 -9.15 24.80 5.02
N VAL G 58 -10.24 24.16 4.63
CA VAL G 58 -11.58 24.68 4.89
C VAL G 58 -12.22 23.61 5.73
N ILE G 59 -12.84 24.01 6.83
CA ILE G 59 -13.34 23.03 7.78
C ILE G 59 -14.65 23.43 8.35
N ALA G 60 -15.33 22.47 8.98
CA ALA G 60 -16.62 22.72 9.60
C ALA G 60 -16.41 22.50 11.07
N SER G 61 -16.81 23.48 11.84
CA SER G 61 -16.57 23.53 13.23
C SER G 61 -17.83 23.12 13.98
N ALA G 62 -17.69 22.89 15.27
CA ALA G 62 -18.82 22.68 16.15
C ALA G 62 -18.57 23.46 17.44
N PHE G 63 -19.60 24.15 17.91
CA PHE G 63 -19.52 24.92 19.15
C PHE G 63 -18.29 25.85 19.22
N ASP G 64 -17.97 26.51 18.11
CA ASP G 64 -16.70 27.25 18.06
C ASP G 64 -16.70 28.46 18.97
N GLY G 65 -17.87 28.89 19.41
CA GLY G 65 -17.98 30.01 20.33
C GLY G 65 -17.97 29.62 21.78
N ARG G 66 -17.66 28.37 22.11
CA ARG G 66 -17.64 27.91 23.51
C ARG G 66 -16.28 27.27 23.88
N LYS G 67 -15.56 27.92 24.80
CA LYS G 67 -14.27 27.47 25.31
C LYS G 67 -14.28 25.97 25.61
N GLY G 68 -15.36 25.53 26.24
CA GLY G 68 -15.48 24.18 26.68
C GLY G 68 -15.57 23.11 25.60
N MET G 69 -16.02 23.46 24.39
CA MET G 69 -16.44 22.44 23.41
C MET G 69 -16.01 22.62 21.96
N ALA G 70 -15.21 23.63 21.66
CA ALA G 70 -14.99 23.96 20.26
C ALA G 70 -14.15 22.90 19.59
N SER G 71 -14.57 22.44 18.41
CA SER G 71 -13.78 21.48 17.62
C SER G 71 -13.89 21.66 16.11
N THR G 72 -12.89 21.14 15.42
CA THR G 72 -12.98 20.87 14.00
C THR G 72 -13.56 19.47 13.82
N THR G 73 -14.68 19.36 13.13
CA THR G 73 -15.39 18.09 12.92
C THR G 73 -15.24 17.50 11.55
N ASP G 74 -14.86 18.31 10.59
CA ASP G 74 -14.90 17.89 9.21
C ASP G 74 -14.12 18.89 8.38
N GLY G 75 -13.51 18.46 7.30
CA GLY G 75 -12.84 19.41 6.43
C GLY G 75 -12.04 18.83 5.31
N VAL G 76 -11.50 19.70 4.48
CA VAL G 76 -10.59 19.30 3.45
C VAL G 76 -9.49 20.32 3.34
N ASN G 77 -8.29 19.88 3.04
CA ASN G 77 -7.18 20.79 2.84
C ASN G 77 -6.81 20.99 1.38
N GLU G 78 -5.88 21.91 1.13
CA GLU G 78 -5.57 22.31 -0.25
C GLU G 78 -4.93 21.24 -1.12
N LYS G 79 -4.55 20.11 -0.52
CA LYS G 79 -4.00 18.97 -1.27
C LYS G 79 -5.04 17.91 -1.60
N GLY G 80 -6.27 18.08 -1.13
CA GLY G 80 -7.32 17.10 -1.35
C GLY G 80 -7.49 16.06 -0.24
N LEU G 81 -6.72 16.18 0.85
CA LEU G 81 -6.94 15.30 1.99
C LEU G 81 -8.17 15.77 2.72
N ALA G 82 -9.13 14.86 2.91
CA ALA G 82 -10.34 15.14 3.68
C ALA G 82 -10.35 14.39 5.01
N ALA G 83 -10.91 15.00 6.05
CA ALA G 83 -10.96 14.35 7.34
C ALA G 83 -12.30 14.51 7.94
N ASN G 84 -12.79 13.45 8.60
CA ASN G 84 -14.06 13.52 9.29
C ASN G 84 -13.96 12.91 10.67
N VAL G 85 -14.52 13.61 11.62
CA VAL G 85 -14.59 13.15 12.96
C VAL G 85 -15.99 12.65 13.18
N LEU G 86 -16.12 11.35 13.29
CA LEU G 86 -17.45 10.76 13.46
C LEU G 86 -17.83 10.64 14.91
N TRP G 87 -18.95 11.23 15.27
CA TRP G 87 -19.39 11.30 16.67
C TRP G 87 -20.19 10.07 17.09
N LEU G 88 -20.43 9.96 18.40
CA LEU G 88 -21.15 8.82 19.00
C LEU G 88 -20.46 7.48 18.63
N ALA G 89 -19.13 7.46 18.72
CA ALA G 89 -18.37 6.22 18.53
C ALA G 89 -18.24 5.50 19.88
N GLU G 90 -17.59 4.33 19.85
CA GLU G 90 -17.38 3.56 21.06
C GLU G 90 -15.88 3.40 21.16
N SER G 91 -15.21 4.52 21.44
CA SER G 91 -13.78 4.51 21.60
C SER G 91 -13.43 4.62 23.09
N GLU G 92 -12.30 4.01 23.46
CA GLU G 92 -11.75 4.18 24.79
C GLU G 92 -10.31 4.66 24.56
N TYR G 93 -10.05 5.91 24.91
CA TYR G 93 -8.76 6.57 24.60
C TYR G 93 -7.68 6.14 25.58
N PRO G 94 -6.41 6.43 25.27
CA PRO G 94 -5.35 5.90 26.12
C PRO G 94 -5.46 6.33 27.59
N LYS G 95 -5.03 5.45 28.49
CA LYS G 95 -4.98 5.74 29.90
C LYS G 95 -3.70 6.55 30.18
N THR G 96 -2.62 6.20 29.47
CA THR G 96 -1.30 6.80 29.66
C THR G 96 -1.37 8.34 29.59
N LYS G 97 -0.62 8.99 30.47
CA LYS G 97 -0.65 10.45 30.57
C LYS G 97 0.33 11.07 29.60
N PRO G 98 0.01 12.29 29.11
CA PRO G 98 0.96 12.95 28.21
C PRO G 98 2.27 13.33 28.90
N THR G 99 3.36 13.15 28.18
CA THR G 99 4.71 13.41 28.65
C THR G 99 5.44 14.27 27.63
N ALA G 100 6.48 14.97 28.05
CA ALA G 100 7.13 15.92 27.14
C ALA G 100 7.60 15.23 25.85
N LYS G 101 8.09 14.01 26.00
CA LYS G 101 8.56 13.21 24.86
C LYS G 101 7.38 12.81 24.00
N LYS G 102 6.29 12.38 24.65
CA LYS G 102 5.05 12.01 23.98
C LYS G 102 3.89 12.92 24.45
N PRO G 103 3.78 14.14 23.85
CA PRO G 103 2.80 15.11 24.33
C PRO G 103 1.35 14.86 23.91
N GLY G 104 0.45 15.63 24.52
CA GLY G 104 -0.98 15.43 24.32
C GLY G 104 -1.59 16.21 23.16
N LEU G 105 -2.59 15.61 22.52
CA LEU G 105 -3.38 16.26 21.48
C LEU G 105 -4.87 16.11 21.82
N SER G 106 -5.55 17.23 22.02
CA SER G 106 -6.98 17.19 22.29
C SER G 106 -7.77 16.63 21.13
N VAL G 107 -8.82 15.91 21.48
CA VAL G 107 -9.66 15.23 20.53
C VAL G 107 -10.30 16.26 19.58
N ALA G 108 -10.55 17.44 20.14
CA ALA G 108 -11.11 18.55 19.40
C ALA G 108 -10.26 19.03 18.23
N ALA G 109 -8.96 18.78 18.30
CA ALA G 109 -8.05 19.26 17.27
C ALA G 109 -7.51 18.13 16.40
N TRP G 110 -8.00 16.93 16.67
CA TRP G 110 -7.44 15.73 16.04
C TRP G 110 -7.48 15.82 14.51
N ALA G 111 -8.65 16.12 13.95
CA ALA G 111 -8.78 16.27 12.49
C ALA G 111 -7.99 17.44 11.93
N GLN G 112 -8.00 18.54 12.67
CA GLN G 112 -7.26 19.73 12.26
C GLN G 112 -5.77 19.46 12.14
N TYR G 113 -5.24 18.72 13.11
CA TYR G 113 -3.85 18.35 13.09
C TYR G 113 -3.54 17.62 11.81
N VAL G 114 -4.39 16.66 11.45
CA VAL G 114 -4.15 15.86 10.23
C VAL G 114 -4.25 16.70 8.96
N LEU G 115 -5.31 17.51 8.86
CA LEU G 115 -5.50 18.38 7.70
C LEU G 115 -4.36 19.40 7.57
N ASP G 116 -3.83 19.85 8.71
CA ASP G 116 -2.76 20.85 8.71
C ASP G 116 -1.43 20.32 8.19
N ASN G 117 -1.19 19.02 8.34
CA ASN G 117 0.19 18.48 8.19
C ASN G 117 0.43 17.51 7.06
N PHE G 118 -0.61 16.89 6.54
CA PHE G 118 -0.38 15.83 5.58
C PHE G 118 -1.15 16.08 4.31
N ALA G 119 -0.61 15.57 3.20
CA ALA G 119 -1.19 15.77 1.88
C ALA G 119 -1.98 14.57 1.38
N THR G 120 -1.73 13.40 1.94
CA THR G 120 -2.41 12.18 1.51
C THR G 120 -2.71 11.29 2.68
N VAL G 121 -3.59 10.31 2.47
CA VAL G 121 -3.99 9.41 3.52
C VAL G 121 -2.74 8.63 3.97
N ASP G 122 -1.99 8.17 2.99
CA ASP G 122 -0.77 7.39 3.20
C ASP G 122 0.26 8.11 4.06
N GLU G 123 0.54 9.36 3.69
CA GLU G 123 1.40 10.23 4.48
C GLU G 123 0.92 10.32 5.93
N ALA G 124 -0.38 10.53 6.09
CA ALA G 124 -0.98 10.68 7.42
C ALA G 124 -0.92 9.39 8.23
N VAL G 125 -1.15 8.28 7.55
CA VAL G 125 -1.14 7.00 8.22
C VAL G 125 0.27 6.72 8.73
N LYS G 126 1.27 6.95 7.88
CA LYS G 126 2.66 6.72 8.28
C LYS G 126 3.02 7.51 9.51
N SER G 127 2.61 8.77 9.56
CA SER G 127 2.93 9.61 10.70
C SER G 127 2.13 9.22 11.95
N LEU G 128 0.88 8.83 11.77
CA LEU G 128 0.08 8.45 12.92
C LEU G 128 0.57 7.15 13.55
N GLN G 129 1.09 6.25 12.72
CA GLN G 129 1.61 4.97 13.17
C GLN G 129 2.75 5.16 14.14
N GLN G 130 3.52 6.24 13.98
CA GLN G 130 4.60 6.56 14.91
C GLN G 130 4.16 7.01 16.30
N GLU G 131 2.87 7.19 16.50
CA GLU G 131 2.34 7.48 17.82
C GLU G 131 3.07 8.62 18.48
N LYS G 132 3.22 9.74 17.76
CA LYS G 132 3.97 10.90 18.23
C LYS G 132 3.27 11.67 19.31
N PHE G 133 2.05 11.28 19.65
CA PHE G 133 1.30 12.00 20.67
C PHE G 133 0.27 11.09 21.31
N ILE G 134 -0.29 11.56 22.41
CA ILE G 134 -1.36 10.86 23.12
C ILE G 134 -2.63 11.66 22.90
N LEU G 135 -3.68 11.01 22.45
CA LEU G 135 -4.96 11.67 22.27
C LEU G 135 -5.61 11.78 23.63
N VAL G 136 -6.13 12.94 23.96
CA VAL G 136 -6.82 13.13 25.23
C VAL G 136 -8.18 13.76 25.04
N THR G 137 -9.05 13.56 26.02
CA THR G 137 -10.34 14.24 26.09
C THR G 137 -10.52 14.83 27.49
N LYS G 138 -11.43 15.80 27.67
CA LYS G 138 -11.70 16.48 28.94
C LYS G 138 -13.22 16.82 28.97
N GLN G 139 -13.59 18.02 29.48
CA GLN G 139 -14.97 18.52 29.62
C GLN G 139 -15.80 17.69 30.62
N VAL G 140 -15.15 17.39 31.74
CA VAL G 140 -15.80 16.62 32.84
C VAL G 140 -16.69 17.56 33.68
N GLU G 141 -17.78 17.00 34.19
CA GLU G 141 -18.97 17.75 34.66
C GLU G 141 -19.86 17.69 33.46
N GLY G 142 -20.86 16.82 33.51
CA GLY G 142 -21.91 16.83 32.50
C GLY G 142 -22.68 18.13 32.57
N GLN G 143 -23.70 18.33 31.73
CA GLN G 143 -24.38 17.32 30.86
C GLN G 143 -25.13 18.13 29.76
N LYS G 144 -25.22 17.63 28.55
CA LYS G 144 -24.72 16.31 28.23
C LYS G 144 -23.59 16.43 27.24
N ARG G 145 -22.53 15.70 27.53
CA ARG G 145 -21.53 15.45 26.55
C ARG G 145 -20.78 14.16 26.99
N LEU G 146 -20.67 13.18 26.11
CA LEU G 146 -19.78 12.01 26.33
C LEU G 146 -19.36 11.68 24.90
N ALA G 147 -18.67 12.64 24.29
CA ALA G 147 -18.40 12.57 22.85
C ALA G 147 -17.26 11.60 22.81
N THR G 148 -17.50 10.51 22.13
CA THR G 148 -16.47 9.61 21.74
C THR G 148 -16.56 9.73 20.25
N LEU G 149 -15.45 9.49 19.59
CA LEU G 149 -15.37 9.68 18.17
C LEU G 149 -14.21 8.94 17.56
N HIS G 150 -14.31 8.74 16.25
CA HIS G 150 -13.18 8.34 15.47
C HIS G 150 -12.89 9.22 14.29
N LEU G 151 -11.77 8.91 13.61
CA LEU G 151 -11.34 9.72 12.53
C LEU G 151 -11.27 8.92 11.26
N SER G 152 -11.97 9.40 10.24
CA SER G 152 -11.89 8.83 8.90
C SER G 152 -11.18 9.82 7.97
N LEU G 153 -10.42 9.29 7.03
CA LEU G 153 -9.65 10.10 6.12
C LEU G 153 -9.81 9.65 4.67
N SER G 154 -9.65 10.59 3.72
CA SER G 154 -9.68 10.26 2.30
C SER G 154 -8.91 11.26 1.43
N ASP G 155 -8.61 10.85 0.20
CA ASP G 155 -7.58 11.40 -0.70
C ASP G 155 -8.12 11.77 -2.02
N SER G 156 -7.34 12.52 -2.77
CA SER G 156 -7.60 12.71 -4.18
C SER G 156 -7.28 11.44 -4.99
N SER G 157 -6.48 10.55 -4.43
CA SER G 157 -6.20 9.25 -5.06
C SER G 157 -7.31 8.23 -4.78
N GLY G 158 -8.30 8.60 -3.99
CA GLY G 158 -9.37 7.67 -3.61
C GLY G 158 -9.06 6.77 -2.42
N ASP G 159 -7.90 7.00 -1.81
CA ASP G 159 -7.45 6.18 -0.69
C ASP G 159 -8.29 6.52 0.53
N SER G 160 -8.40 5.59 1.48
CA SER G 160 -9.21 5.75 2.70
C SER G 160 -8.49 5.16 3.88
N ALA G 161 -8.76 5.72 5.04
CA ALA G 161 -8.29 5.14 6.28
C ALA G 161 -9.20 5.55 7.39
N ILE G 162 -9.20 4.75 8.46
CA ILE G 162 -9.93 5.08 9.69
C ILE G 162 -9.04 4.77 10.88
N ILE G 163 -9.12 5.63 11.88
CA ILE G 163 -8.29 5.53 13.06
C ILE G 163 -9.20 5.55 14.25
N GLU G 164 -9.10 4.52 15.09
CA GLU G 164 -9.88 4.42 16.30
C GLU G 164 -9.01 4.15 17.49
N TYR G 165 -9.59 4.32 18.67
CA TYR G 165 -8.95 3.96 19.93
C TYR G 165 -9.81 2.93 20.62
N ILE G 166 -9.30 1.70 20.64
CA ILE G 166 -9.98 0.56 21.26
C ILE G 166 -9.07 0.06 22.37
N ASP G 167 -9.64 -0.12 23.56
CA ASP G 167 -8.88 -0.53 24.75
C ASP G 167 -7.64 0.34 24.92
N GLY G 168 -7.80 1.65 24.74
CA GLY G 168 -6.71 2.59 24.90
C GLY G 168 -5.65 2.53 23.80
N LYS G 169 -5.78 1.62 22.83
CA LYS G 169 -4.76 1.46 21.79
C LYS G 169 -5.23 1.99 20.42
N GLN G 170 -4.29 2.59 19.69
CA GLN G 170 -4.56 3.13 18.39
C GLN G 170 -4.69 2.01 17.39
N VAL G 171 -5.85 1.93 16.74
CA VAL G 171 -6.09 0.92 15.70
C VAL G 171 -6.38 1.59 14.36
N ILE G 172 -5.60 1.25 13.35
CA ILE G 172 -5.69 1.86 12.05
C ILE G 172 -6.03 0.84 10.97
N HIS G 173 -7.08 1.13 10.21
CA HIS G 173 -7.38 0.37 8.99
C HIS G 173 -7.17 1.28 7.79
N HIS G 174 -6.34 0.86 6.86
CA HIS G 174 -5.94 1.69 5.74
C HIS G 174 -6.03 0.92 4.43
N SER G 175 -6.98 1.30 3.58
CA SER G 175 -7.16 0.63 2.30
C SER G 175 -8.16 1.36 1.45
N LYS G 176 -7.86 1.43 0.16
CA LYS G 176 -8.77 2.01 -0.81
C LYS G 176 -10.11 1.27 -0.82
N ASN G 177 -10.13 0.03 -0.33
CA ASN G 177 -11.37 -0.73 -0.26
C ASN G 177 -12.32 -0.30 0.83
N TYR G 178 -11.84 0.46 1.81
CA TYR G 178 -12.68 0.85 2.93
C TYR G 178 -13.50 2.09 2.59
N GLN G 179 -14.49 1.89 1.73
CA GLN G 179 -15.25 3.00 1.16
C GLN G 179 -16.31 3.55 2.10
N VAL G 180 -16.78 2.73 3.02
CA VAL G 180 -17.87 3.12 3.89
C VAL G 180 -17.48 2.97 5.36
N MET G 181 -17.87 3.96 6.16
CA MET G 181 -17.56 4.00 7.60
C MET G 181 -18.70 4.66 8.33
N THR G 182 -19.15 4.04 9.39
CA THR G 182 -20.17 4.60 10.24
C THR G 182 -19.57 4.81 11.60
N ASN G 183 -20.30 5.46 12.47
CA ASN G 183 -19.78 5.80 13.79
C ASN G 183 -19.67 4.58 14.70
N SER G 184 -20.46 3.58 14.40
CA SER G 184 -20.60 2.40 15.22
C SER G 184 -20.96 1.26 14.28
N PRO G 185 -20.64 0.04 14.67
CA PRO G 185 -19.80 -0.47 15.73
C PRO G 185 -18.33 -0.24 15.36
N THR G 186 -17.38 -0.89 16.02
CA THR G 186 -15.99 -0.70 15.65
C THR G 186 -15.78 -1.14 14.20
N PHE G 187 -14.74 -0.62 13.58
CA PHE G 187 -14.55 -0.91 12.20
C PHE G 187 -14.29 -2.39 11.89
N ASP G 188 -13.66 -3.12 12.79
CA ASP G 188 -13.48 -4.57 12.59
C ASP G 188 -14.81 -5.26 12.40
N GLN G 189 -15.78 -4.84 13.19
CA GLN G 189 -17.10 -5.37 13.08
C GLN G 189 -17.76 -4.85 11.81
N GLN G 190 -17.58 -3.56 11.53
CA GLN G 190 -18.18 -2.99 10.30
C GLN G 190 -17.84 -3.81 9.06
N LEU G 191 -16.59 -4.24 8.99
CA LEU G 191 -16.10 -4.99 7.89
C LEU G 191 -16.83 -6.29 7.57
N THR G 192 -17.63 -6.81 8.48
CA THR G 192 -18.31 -8.09 8.28
C THR G 192 -19.82 -7.88 8.05
N LEU G 193 -20.31 -6.65 8.18
CA LEU G 193 -21.75 -6.39 8.17
C LEU G 193 -22.45 -6.63 6.83
N ASN G 194 -21.73 -6.43 5.74
CA ASN G 194 -22.27 -6.63 4.41
C ASN G 194 -22.49 -8.08 3.99
N ALA G 195 -21.74 -9.01 4.59
CA ALA G 195 -21.62 -10.36 4.02
C ALA G 195 -22.97 -10.96 3.73
N TYR G 196 -23.85 -10.93 4.72
CA TYR G 196 -25.16 -11.53 4.54
C TYR G 196 -25.86 -10.88 3.34
N TRP G 197 -25.84 -9.55 3.32
CA TRP G 197 -26.55 -8.79 2.29
C TRP G 197 -25.91 -8.95 0.90
N ASP G 198 -24.61 -9.19 0.81
CA ASP G 198 -23.99 -9.52 -0.46
C ASP G 198 -24.51 -10.84 -1.01
N GLN G 199 -24.72 -11.79 -0.11
CA GLN G 199 -25.16 -13.13 -0.46
C GLN G 199 -26.49 -13.09 -1.14
N ILE G 200 -27.46 -12.44 -0.53
CA ILE G 200 -28.72 -12.16 -1.19
C ILE G 200 -28.53 -10.85 -1.94
N GLY G 201 -29.37 -10.49 -2.89
CA GLY G 201 -29.10 -9.17 -3.52
C GLY G 201 -29.41 -7.96 -2.64
N GLY G 202 -28.70 -6.86 -2.79
CA GLY G 202 -29.18 -5.59 -2.25
C GLY G 202 -30.41 -5.06 -3.01
N ASN G 203 -30.56 -5.50 -4.27
CA ASN G 203 -31.77 -5.25 -5.05
C ASN G 203 -32.92 -6.08 -4.57
N VAL G 204 -32.61 -7.14 -3.85
CA VAL G 204 -33.61 -8.03 -3.30
C VAL G 204 -34.15 -7.45 -1.99
N MET G 205 -33.27 -7.14 -1.05
CA MET G 205 -33.70 -6.47 0.14
C MET G 205 -32.55 -5.72 0.78
N LEU G 206 -32.90 -4.67 1.52
CA LEU G 206 -31.98 -3.96 2.41
C LEU G 206 -32.69 -3.61 3.69
N PRO G 207 -31.94 -3.54 4.80
CA PRO G 207 -32.51 -3.07 6.06
C PRO G 207 -32.71 -1.58 5.98
N GLY G 208 -33.86 -1.09 6.44
CA GLY G 208 -34.18 0.32 6.30
C GLY G 208 -34.34 1.19 7.54
N THR G 209 -33.66 0.88 8.64
CA THR G 209 -33.82 1.72 9.85
C THR G 209 -32.65 2.69 9.93
N ASN G 210 -32.60 3.46 11.00
CA ASN G 210 -31.52 4.39 11.27
C ASN G 210 -30.36 3.80 12.07
N ARG G 211 -30.40 2.50 12.33
CA ARG G 211 -29.30 1.84 12.99
C ARG G 211 -28.03 2.04 12.20
N ALA G 212 -26.91 2.24 12.88
CA ALA G 212 -25.67 2.33 12.21
C ALA G 212 -25.44 1.12 11.28
N ALA G 213 -25.79 -0.08 11.71
CA ALA G 213 -25.53 -1.23 10.85
C ALA G 213 -26.33 -1.13 9.55
N ASP G 214 -27.56 -0.64 9.63
CA ASP G 214 -28.40 -0.53 8.45
C ASP G 214 -27.85 0.55 7.50
N ARG G 215 -27.44 1.66 8.05
CA ARG G 215 -26.91 2.73 7.26
C ARG G 215 -25.69 2.24 6.52
N PHE G 216 -24.85 1.52 7.23
CA PHE G 216 -23.56 1.04 6.68
C PHE G 216 -23.88 0.14 5.49
N VAL G 217 -24.88 -0.71 5.69
CA VAL G 217 -25.25 -1.69 4.67
C VAL G 217 -25.85 -1.02 3.43
N ARG G 218 -26.75 -0.07 3.66
CA ARG G 218 -27.40 0.65 2.59
C ARG G 218 -26.39 1.42 1.75
N ALA G 219 -25.50 2.11 2.42
CA ALA G 219 -24.54 2.94 1.75
C ALA G 219 -23.56 2.09 1.01
N SER G 220 -23.17 0.95 1.60
CA SER G 220 -22.22 0.03 0.94
C SER G 220 -22.82 -0.48 -0.33
N PHE G 221 -24.10 -0.82 -0.27
CA PHE G 221 -24.74 -1.32 -1.46
C PHE G 221 -24.79 -0.27 -2.57
N TYR G 222 -25.27 0.92 -2.25
CA TYR G 222 -25.46 1.93 -3.29
C TYR G 222 -24.14 2.39 -3.88
N VAL G 223 -23.15 2.47 -3.04
CA VAL G 223 -21.83 2.90 -3.50
C VAL G 223 -21.21 1.94 -4.52
N LYS G 224 -21.51 0.66 -4.40
CA LYS G 224 -20.97 -0.33 -5.33
C LYS G 224 -21.88 -0.56 -6.51
N ASN G 225 -23.15 -0.27 -6.40
CA ASN G 225 -24.08 -0.67 -7.44
C ASN G 225 -24.74 0.45 -8.23
N VAL G 226 -24.48 1.69 -7.92
CA VAL G 226 -25.08 2.79 -8.66
C VAL G 226 -24.05 3.35 -9.62
N ASN G 227 -24.30 3.25 -10.93
CA ASN G 227 -23.47 3.96 -11.91
C ASN G 227 -24.30 4.89 -12.74
N PRO G 228 -24.19 6.21 -12.46
CA PRO G 228 -24.96 7.19 -13.22
C PRO G 228 -24.38 7.47 -14.61
N ASN G 229 -23.19 6.93 -14.91
CA ASN G 229 -22.49 7.16 -16.16
C ASN G 229 -22.33 5.89 -16.96
N LYS G 230 -23.22 4.93 -16.75
CA LYS G 230 -23.32 3.74 -17.61
C LYS G 230 -23.39 4.18 -19.07
N LEU G 231 -22.68 3.48 -19.95
CA LEU G 231 -22.87 3.65 -21.38
C LEU G 231 -24.16 3.03 -21.82
N ILE G 232 -24.92 3.79 -22.61
CA ILE G 232 -26.15 3.29 -23.17
C ILE G 232 -25.82 3.05 -24.63
N PRO G 233 -26.05 1.83 -25.15
CA PRO G 233 -25.86 1.56 -26.59
C PRO G 233 -26.60 2.56 -27.47
N GLY G 234 -25.89 3.27 -28.35
CA GLY G 234 -26.54 4.15 -29.33
C GLY G 234 -26.64 5.63 -28.95
N VAL G 235 -26.03 6.03 -27.81
CA VAL G 235 -26.17 7.37 -27.23
C VAL G 235 -24.78 7.85 -26.81
N ALA G 236 -24.40 9.04 -27.25
CA ALA G 236 -23.07 9.55 -26.97
C ALA G 236 -22.80 9.46 -25.48
N GLU G 237 -21.60 9.01 -25.14
CA GLU G 237 -21.11 9.16 -23.80
C GLU G 237 -21.16 10.66 -23.38
N LYS G 238 -21.37 10.96 -22.10
CA LYS G 238 -21.38 12.35 -21.62
C LYS G 238 -19.96 12.87 -21.58
N GLY G 239 -19.85 14.18 -21.56
CA GLY G 239 -18.56 14.84 -21.38
C GLY G 239 -18.10 14.72 -19.95
N LYS G 240 -16.80 14.91 -19.75
CA LYS G 240 -16.18 14.89 -18.43
C LYS G 240 -16.97 15.69 -17.40
N ILE G 241 -17.39 16.89 -17.76
CA ILE G 241 -18.01 17.76 -16.79
C ILE G 241 -19.37 17.20 -16.37
N GLU G 242 -20.13 16.68 -17.33
CA GLU G 242 -21.44 16.11 -17.03
C GLU G 242 -21.31 14.83 -16.19
N LYS G 243 -20.24 14.07 -16.41
CA LYS G 243 -20.01 12.86 -15.66
C LYS G 243 -19.69 13.19 -14.22
N ASP G 244 -18.86 14.22 -14.05
CA ASP G 244 -18.47 14.73 -12.74
C ASP G 244 -19.69 15.16 -11.96
N LYS G 245 -20.55 15.92 -12.59
CA LYS G 245 -21.77 16.40 -11.94
C LYS G 245 -22.71 15.29 -11.57
N ALA G 246 -22.76 14.26 -12.40
CA ALA G 246 -23.63 13.13 -12.16
C ALA G 246 -23.13 12.34 -10.93
N ASP G 247 -21.83 12.17 -10.85
CA ASP G 247 -21.22 11.56 -9.69
C ASP G 247 -21.55 12.33 -8.44
N LEU G 248 -21.50 13.63 -8.53
CA LEU G 248 -21.82 14.50 -7.39
C LEU G 248 -23.25 14.31 -6.94
N ALA G 249 -24.17 14.25 -7.90
CA ALA G 249 -25.56 13.99 -7.58
C ALA G 249 -25.79 12.61 -6.93
N THR G 250 -25.04 11.62 -7.40
CA THR G 250 -25.16 10.28 -6.87
C THR G 250 -24.71 10.25 -5.41
N ALA G 251 -23.55 10.82 -5.16
CA ALA G 251 -23.03 10.89 -3.81
C ALA G 251 -24.02 11.59 -2.89
N PHE G 252 -24.55 12.72 -3.31
CA PHE G 252 -25.47 13.44 -2.47
C PHE G 252 -26.65 12.55 -2.13
N SER G 253 -27.11 11.80 -3.14
CA SER G 253 -28.37 11.09 -2.93
C SER G 253 -28.14 9.92 -1.96
N ILE G 254 -26.95 9.37 -1.98
CA ILE G 254 -26.63 8.21 -1.15
C ILE G 254 -26.46 8.64 0.31
N ILE G 255 -25.71 9.74 0.52
CA ILE G 255 -25.62 10.29 1.88
C ILE G 255 -26.96 10.75 2.43
N ARG G 256 -27.83 11.23 1.57
CA ARG G 256 -29.18 11.57 2.02
C ARG G 256 -29.95 10.35 2.42
N ASN G 257 -29.80 9.29 1.64
CA ASN G 257 -30.46 8.05 1.91
C ASN G 257 -30.01 7.47 3.25
N ALA G 258 -28.73 7.64 3.59
CA ALA G 258 -28.18 7.15 4.87
C ALA G 258 -28.42 8.12 6.03
N SER G 259 -29.09 9.23 5.80
CA SER G 259 -29.29 10.17 6.88
C SER G 259 -30.41 9.71 7.78
N VAL G 260 -30.47 10.33 8.96
CA VAL G 260 -31.46 10.04 9.95
C VAL G 260 -32.47 11.18 9.99
N PRO G 261 -33.75 10.89 9.76
CA PRO G 261 -34.77 11.93 9.73
C PRO G 261 -34.70 12.84 10.95
N TYR G 262 -34.97 14.11 10.73
CA TYR G 262 -34.86 15.13 11.74
C TYR G 262 -35.99 15.00 12.73
N GLY G 263 -35.63 14.78 13.98
CA GLY G 263 -36.57 14.63 15.09
C GLY G 263 -36.67 13.21 15.58
N TYR G 264 -36.10 12.30 14.81
CA TYR G 264 -36.19 10.90 15.19
C TYR G 264 -35.27 10.63 16.38
N SER G 265 -35.79 9.86 17.34
CA SER G 265 -35.00 9.46 18.51
C SER G 265 -35.52 8.18 19.11
N LEU G 266 -34.60 7.35 19.58
CA LEU G 266 -34.98 6.07 20.17
C LEU G 266 -34.28 5.92 21.53
N PRO G 267 -35.03 6.00 22.64
CA PRO G 267 -34.42 5.97 23.98
C PRO G 267 -33.47 4.78 24.18
N ASP G 268 -33.86 3.59 23.73
CA ASP G 268 -32.99 2.42 23.84
C ASP G 268 -31.66 2.57 23.13
N MET G 269 -31.61 3.37 22.05
CA MET G 269 -30.37 3.56 21.28
C MET G 269 -30.04 5.03 21.18
N PRO G 270 -29.35 5.57 22.20
CA PRO G 270 -28.95 6.97 22.21
C PRO G 270 -27.87 7.34 21.18
N ASN G 271 -27.25 6.34 20.53
CA ASN G 271 -26.24 6.62 19.50
C ASN G 271 -26.83 6.81 18.09
N ILE G 272 -28.16 6.89 18.01
CA ILE G 272 -28.87 7.29 16.81
C ILE G 272 -29.43 8.71 17.02
N ALA G 273 -29.15 9.60 16.08
CA ALA G 273 -29.65 10.97 16.19
C ALA G 273 -29.91 11.60 14.83
N SER G 274 -30.75 12.62 14.85
CA SER G 274 -31.01 13.46 13.69
C SER G 274 -29.76 13.86 12.93
N THR G 275 -29.78 13.66 11.62
CA THR G 275 -28.77 14.26 10.76
C THR G 275 -29.03 15.75 10.69
N ARG G 276 -28.02 16.54 11.02
CA ARG G 276 -28.17 17.97 11.04
C ARG G 276 -27.58 18.62 9.81
N TRP G 277 -26.55 18.00 9.25
CA TRP G 277 -25.96 18.50 8.03
C TRP G 277 -25.15 17.46 7.35
N ARG G 278 -24.78 17.75 6.09
CA ARG G 278 -23.98 16.86 5.27
C ARG G 278 -22.91 17.66 4.56
N THR G 279 -21.75 17.06 4.37
CA THR G 279 -20.76 17.65 3.54
C THR G 279 -20.41 16.69 2.45
N VAL G 280 -19.99 17.26 1.33
CA VAL G 280 -19.48 16.49 0.22
C VAL G 280 -18.20 17.15 -0.31
N VAL G 281 -17.15 16.34 -0.48
CA VAL G 281 -15.87 16.79 -0.97
C VAL G 281 -15.60 16.26 -2.36
N ASP G 282 -15.45 17.17 -3.33
CA ASP G 282 -14.99 16.81 -4.64
C ASP G 282 -13.50 17.07 -4.62
N HIS G 283 -12.74 16.00 -4.51
CA HIS G 283 -11.30 16.10 -4.31
C HIS G 283 -10.56 16.71 -5.49
N LYS G 284 -10.88 16.31 -6.71
CA LYS G 284 -10.18 16.83 -7.91
C LYS G 284 -10.42 18.30 -8.16
N SER G 285 -11.65 18.77 -8.01
CA SER G 285 -11.96 20.20 -8.15
C SER G 285 -11.69 20.98 -6.88
N LEU G 286 -11.31 20.27 -5.80
CA LEU G 286 -11.15 20.87 -4.46
C LEU G 286 -12.34 21.72 -4.08
N GLN G 287 -13.53 21.15 -4.17
CA GLN G 287 -14.74 21.85 -3.78
C GLN G 287 -15.36 21.19 -2.60
N TYR G 288 -15.74 22.00 -1.61
CA TYR G 288 -16.29 21.52 -0.37
C TYR G 288 -17.71 22.00 -0.28
N PHE G 289 -18.66 21.07 -0.32
CA PHE G 289 -20.07 21.38 -0.23
C PHE G 289 -20.56 21.25 1.22
N PHE G 290 -21.47 22.14 1.60
CA PHE G 290 -22.15 22.05 2.87
C PHE G 290 -23.65 22.17 2.64
N GLU G 291 -24.41 21.37 3.36
CA GLU G 291 -25.84 21.24 3.22
C GLU G 291 -26.42 21.13 4.62
N SER G 292 -27.33 22.01 4.98
CA SER G 292 -27.96 21.90 6.27
C SER G 292 -29.15 21.03 6.11
N ALA G 293 -29.41 20.18 7.08
CA ALA G 293 -30.68 19.46 7.14
C ALA G 293 -31.72 20.12 8.04
N VAL G 294 -31.35 21.23 8.67
CA VAL G 294 -32.19 21.92 9.63
C VAL G 294 -32.79 23.16 9.00
N SER G 295 -32.02 23.82 8.15
CA SER G 295 -32.47 24.99 7.42
C SER G 295 -32.21 24.77 5.95
N PRO G 296 -33.00 25.40 5.05
CA PRO G 296 -32.67 25.36 3.61
C PRO G 296 -31.40 26.13 3.28
N ASN G 297 -30.33 25.41 2.98
CA ASN G 297 -29.02 25.99 2.84
C ASN G 297 -28.09 24.96 2.24
N ILE G 298 -27.75 25.17 0.96
CA ILE G 298 -26.75 24.38 0.31
C ILE G 298 -25.88 25.30 -0.53
N PHE G 299 -24.58 25.09 -0.44
CA PHE G 299 -23.61 25.91 -1.16
C PHE G 299 -22.27 25.23 -1.09
N TRP G 300 -21.27 25.77 -1.77
CA TRP G 300 -19.97 25.16 -1.73
C TRP G 300 -18.87 26.17 -1.68
N VAL G 301 -17.66 25.68 -1.42
CA VAL G 301 -16.48 26.51 -1.27
C VAL G 301 -15.40 25.93 -2.15
N ASP G 302 -14.91 26.76 -3.06
CA ASP G 302 -13.92 26.35 -4.03
C ASP G 302 -12.53 26.73 -3.53
N LEU G 303 -11.77 25.73 -3.08
CA LEU G 303 -10.45 25.96 -2.52
C LEU G 303 -9.48 26.53 -3.54
N LYS G 304 -9.74 26.32 -4.83
CA LYS G 304 -8.92 26.99 -5.85
C LYS G 304 -9.11 28.50 -5.90
N LYS G 305 -10.14 29.03 -5.29
CA LYS G 305 -10.38 30.46 -5.35
C LYS G 305 -9.96 31.14 -4.06
N ILE G 306 -9.30 30.39 -3.17
CA ILE G 306 -8.90 30.93 -1.89
C ILE G 306 -7.39 31.02 -1.88
N ASN G 307 -6.88 32.13 -1.36
CA ASN G 307 -5.46 32.25 -1.11
C ASN G 307 -5.14 31.78 0.30
N PHE G 308 -4.37 30.71 0.38
CA PHE G 308 -4.07 30.10 1.68
C PHE G 308 -2.76 30.60 2.29
N ALA G 309 -2.16 31.60 1.67
CA ALA G 309 -0.92 32.17 2.19
C ALA G 309 -1.16 32.76 3.56
N PRO G 310 -0.12 32.84 4.39
CA PRO G 310 -0.24 33.27 5.81
C PRO G 310 -0.84 34.66 5.91
N ARG G 311 -1.61 34.89 6.95
CA ARG G 311 -2.25 36.18 7.18
C ARG G 311 -1.90 36.71 8.59
N GLY G 312 -0.63 36.57 8.95
CA GLY G 312 -0.16 37.00 10.25
C GLY G 312 -0.93 36.40 11.41
N GLY G 313 -1.33 35.15 11.27
CA GLY G 313 -1.98 34.42 12.37
C GLY G 313 -3.49 34.59 12.47
N SER G 314 -4.08 35.32 11.53
CA SER G 314 -5.52 35.40 11.48
C SER G 314 -6.07 34.34 10.49
N ALA G 315 -7.39 34.21 10.47
CA ALA G 315 -8.08 33.19 9.71
C ALA G 315 -9.38 33.80 9.20
N ALA G 316 -10.26 33.01 8.63
CA ALA G 316 -11.54 33.54 8.17
C ALA G 316 -12.66 32.59 8.50
N LYS G 317 -13.84 33.16 8.65
CA LYS G 317 -15.00 32.42 9.12
C LYS G 317 -16.22 32.76 8.30
N LEU G 318 -17.01 31.72 8.01
CA LEU G 318 -18.29 31.86 7.35
C LEU G 318 -19.36 31.58 8.36
N ASP G 319 -20.03 32.62 8.80
CA ASP G 319 -20.99 32.48 9.87
C ASP G 319 -22.30 31.98 9.35
N LEU G 320 -22.72 30.81 9.83
CA LEU G 320 -23.91 30.13 9.33
C LEU G 320 -25.11 30.43 10.17
N GLY G 321 -24.90 31.15 11.26
CA GLY G 321 -26.01 31.63 12.07
C GLY G 321 -26.69 30.57 12.91
N PRO G 322 -27.71 31.00 13.67
CA PRO G 322 -28.48 30.01 14.43
C PRO G 322 -29.08 28.94 13.54
N ASN G 323 -28.91 27.68 13.94
CA ASN G 323 -29.43 26.54 13.19
C ASN G 323 -28.98 26.48 11.72
N GLN G 324 -27.84 27.10 11.46
CA GLN G 324 -27.29 27.15 10.13
C GLN G 324 -28.27 27.71 9.10
N SER G 325 -29.04 28.71 9.53
CA SER G 325 -30.08 29.33 8.74
C SER G 325 -29.61 30.50 7.90
N THR G 326 -28.37 30.93 8.06
CA THR G 326 -27.90 32.07 7.28
C THR G 326 -27.57 31.58 5.90
N ILE G 327 -28.37 32.02 4.94
CA ILE G 327 -28.31 31.47 3.59
C ILE G 327 -27.13 31.96 2.76
N TYR G 328 -26.41 31.02 2.16
CA TYR G 328 -25.46 31.29 1.11
C TYR G 328 -25.76 30.39 -0.05
N SER G 329 -25.42 30.84 -1.25
CA SER G 329 -25.73 30.09 -2.46
C SER G 329 -24.52 30.13 -3.36
N GLY G 330 -24.33 29.07 -4.12
CA GLY G 330 -23.23 29.03 -5.07
C GLY G 330 -21.90 28.96 -4.37
N GLN G 331 -20.84 29.40 -5.05
CA GLN G 331 -19.50 29.36 -4.48
C GLN G 331 -19.32 30.52 -3.51
N ALA G 332 -19.02 30.20 -2.25
CA ALA G 332 -19.20 31.12 -1.12
C ALA G 332 -17.94 31.63 -0.48
N SER G 333 -16.79 31.40 -1.09
CA SER G 333 -15.53 31.80 -0.44
C SER G 333 -15.47 33.28 -0.19
N GLY G 334 -16.09 34.06 -1.06
CA GLY G 334 -16.12 35.50 -0.92
C GLY G 334 -16.83 35.99 0.33
N HIS G 335 -17.73 35.18 0.91
CA HIS G 335 -18.48 35.61 2.08
C HIS G 335 -17.77 35.35 3.38
N PHE G 336 -16.62 34.68 3.34
CA PHE G 336 -15.85 34.44 4.57
C PHE G 336 -15.28 35.76 5.04
N LYS G 337 -15.27 35.97 6.35
CA LYS G 337 -14.76 37.23 6.91
C LYS G 337 -13.65 36.96 7.89
N PRO G 338 -12.66 37.88 7.96
CA PRO G 338 -11.53 37.71 8.88
C PRO G 338 -11.97 37.45 10.30
N ALA G 339 -11.22 36.59 10.99
CA ALA G 339 -11.43 36.31 12.41
C ALA G 339 -10.25 35.52 12.95
N GLN G 340 -10.09 35.60 14.27
CA GLN G 340 -9.04 34.86 14.94
C GLN G 340 -9.47 33.41 15.11
N PRO G 341 -8.53 32.46 14.94
CA PRO G 341 -8.86 31.05 15.14
C PRO G 341 -9.43 30.79 16.53
N PHE G 342 -10.55 30.10 16.61
CA PHE G 342 -11.18 29.76 17.88
C PHE G 342 -10.22 28.83 18.60
N GLU G 343 -10.36 28.77 19.92
CA GLU G 343 -9.49 27.93 20.75
C GLU G 343 -10.12 26.55 20.80
N PHE G 344 -9.30 25.52 20.65
CA PHE G 344 -9.79 24.16 20.77
C PHE G 344 -10.10 23.80 22.22
N ALA G 345 -11.19 23.09 22.44
CA ALA G 345 -11.49 22.56 23.77
C ALA G 345 -10.39 21.62 24.25
N GLY G 346 -10.21 21.56 25.57
CA GLY G 346 -9.21 20.71 26.22
C GLY G 346 -8.83 21.21 27.62
N LEU G 347 -7.76 20.64 28.17
CA LEU G 347 -7.35 20.71 29.60
C LEU G 347 -6.51 21.97 29.87
N CYS H 1 49.20 28.33 -3.98
CA CYS H 1 48.82 26.86 -3.96
C CYS H 1 48.49 25.96 -5.27
N THR H 2 47.98 26.43 -6.42
CA THR H 2 48.01 25.61 -7.70
C THR H 2 48.59 26.46 -8.83
N ARG H 3 49.48 25.88 -9.63
CA ARG H 3 50.00 26.54 -10.81
C ARG H 3 50.08 25.62 -11.99
N PHE H 4 49.87 26.19 -13.20
CA PHE H 4 50.12 25.40 -14.37
C PHE H 4 50.52 26.22 -15.57
N VAL H 5 51.08 25.54 -16.56
CA VAL H 5 51.34 26.12 -17.83
C VAL H 5 50.47 25.39 -18.83
N TYR H 6 49.68 26.15 -19.58
CA TYR H 6 48.78 25.59 -20.57
C TYR H 6 49.32 25.75 -21.98
N LEU H 7 49.36 24.65 -22.73
CA LEU H 7 49.85 24.61 -24.13
C LEU H 7 48.83 23.98 -25.02
N ASP H 8 48.34 24.75 -26.00
CA ASP H 8 47.31 24.31 -26.94
C ASP H 8 48.02 23.77 -28.16
N PRO H 9 47.80 22.49 -28.49
CA PRO H 9 48.39 21.92 -29.70
C PRO H 9 47.98 22.65 -30.98
N HIS H 10 46.76 23.19 -31.03
CA HIS H 10 46.28 23.92 -32.20
C HIS H 10 46.62 25.40 -32.19
N ASN H 11 47.39 25.84 -31.21
CA ASN H 11 47.85 27.21 -31.18
C ASN H 11 49.24 27.27 -30.54
N PRO H 12 50.23 26.71 -31.24
CA PRO H 12 51.60 26.60 -30.71
C PRO H 12 52.30 27.95 -30.51
N ASP H 13 53.39 27.91 -29.74
CA ASP H 13 54.20 29.09 -29.36
C ASP H 13 53.33 30.17 -28.73
N TYR H 14 52.46 29.74 -27.84
CA TYR H 14 51.58 30.64 -27.08
C TYR H 14 51.27 30.05 -25.70
N PRO H 15 52.30 29.85 -24.88
CA PRO H 15 52.11 29.37 -23.51
C PRO H 15 51.44 30.38 -22.59
N ILE H 16 50.64 29.86 -21.66
CA ILE H 16 49.96 30.67 -20.66
C ILE H 16 50.16 30.03 -19.29
N THR H 17 50.61 30.83 -18.34
CA THR H 17 50.80 30.34 -16.98
C THR H 17 49.68 30.86 -16.13
N ALA H 18 49.19 30.04 -15.22
CA ALA H 18 48.13 30.45 -14.31
C ALA H 18 48.44 29.95 -12.91
N ARG H 19 48.07 30.73 -11.92
CA ARG H 19 48.28 30.34 -10.57
C ARG H 19 47.17 30.79 -9.66
N SER H 20 46.95 30.02 -8.60
CA SER H 20 45.98 30.40 -7.57
C SER H 20 46.78 30.64 -6.28
N MET H 21 46.43 31.65 -5.51
CA MET H 21 47.00 31.87 -4.21
C MET H 21 46.00 31.44 -3.14
N ASP H 22 46.40 30.47 -2.33
CA ASP H 22 45.49 29.90 -1.30
C ASP H 22 46.01 30.24 0.11
N TRP H 23 45.20 30.96 0.87
CA TRP H 23 45.57 31.42 2.20
C TRP H 23 44.33 31.79 3.00
N ALA H 24 44.35 31.50 4.29
CA ALA H 24 43.15 31.60 5.10
C ALA H 24 42.83 33.06 5.48
N ASP H 25 43.79 33.96 5.32
CA ASP H 25 43.64 35.38 5.73
C ASP H 25 43.95 36.32 4.57
N ASP H 26 43.51 37.58 4.70
CA ASP H 26 43.85 38.63 3.72
C ASP H 26 45.38 38.69 3.55
N THR H 27 45.85 38.71 2.30
CA THR H 27 47.27 38.80 2.03
C THR H 27 47.68 40.20 1.73
N GLU H 28 46.73 41.13 1.68
CA GLU H 28 47.04 42.57 1.55
C GLU H 28 47.90 42.77 0.31
N THR H 29 47.52 42.05 -0.73
CA THR H 29 48.28 42.01 -1.95
C THR H 29 48.04 43.29 -2.76
N ASN H 30 49.11 43.79 -3.37
CA ASN H 30 49.09 44.88 -4.32
C ASN H 30 49.99 44.48 -5.47
N LEU H 31 49.95 45.26 -6.56
CA LEU H 31 50.83 45.03 -7.69
C LEU H 31 51.91 46.10 -7.72
N TRP H 32 53.06 45.75 -8.30
CA TRP H 32 54.22 46.61 -8.29
C TRP H 32 54.97 46.51 -9.60
N ILE H 33 55.37 47.67 -10.11
CA ILE H 33 56.28 47.72 -11.23
C ILE H 33 57.63 48.00 -10.64
N PHE H 34 58.61 47.20 -11.03
CA PHE H 34 59.95 47.38 -10.58
C PHE H 34 60.84 47.58 -11.79
N PRO H 35 61.42 48.79 -11.93
CA PRO H 35 62.24 49.04 -13.09
C PRO H 35 63.59 48.36 -13.05
N GLN H 36 64.31 48.46 -14.17
CA GLN H 36 65.66 47.97 -14.31
C GLN H 36 66.60 48.73 -13.39
N GLU H 37 67.63 48.03 -12.95
CA GLU H 37 68.75 48.61 -12.19
C GLU H 37 68.43 48.99 -10.75
N LEU H 38 67.43 48.36 -10.14
CA LEU H 38 67.25 48.52 -8.70
C LEU H 38 68.34 47.76 -7.98
N LYS H 39 68.92 48.40 -6.98
CA LYS H 39 69.95 47.78 -6.16
C LYS H 39 69.26 47.09 -5.02
N ARG H 40 69.52 45.80 -4.84
CA ARG H 40 68.79 45.04 -3.85
C ARG H 40 69.70 44.21 -2.97
N SER H 41 69.24 44.02 -1.73
CA SER H 41 69.97 43.29 -0.72
C SER H 41 69.12 42.09 -0.32
N GLY H 42 69.75 40.94 -0.10
CA GLY H 42 69.04 39.71 0.22
C GLY H 42 68.21 39.64 1.52
N GLY H 43 68.38 40.63 2.41
CA GLY H 43 67.57 40.75 3.62
C GLY H 43 68.00 39.87 4.81
N ALA H 44 69.23 39.38 4.83
CA ALA H 44 69.57 38.42 5.84
C ALA H 44 70.93 37.83 5.53
N GLY H 45 71.95 38.24 6.29
CA GLY H 45 71.78 39.22 7.40
C GLY H 45 73.02 40.11 7.35
N GLN H 46 74.05 39.68 8.06
CA GLN H 46 75.38 40.27 7.95
C GLN H 46 75.87 40.05 6.51
N TYR H 47 75.75 38.81 6.06
CA TYR H 47 76.14 38.38 4.72
C TYR H 47 74.90 38.19 3.83
N SER H 48 74.24 39.30 3.49
CA SER H 48 73.11 39.25 2.56
C SER H 48 73.63 39.29 1.14
N LEU H 49 73.03 38.49 0.26
CA LEU H 49 73.34 38.53 -1.17
C LEU H 49 72.95 39.89 -1.76
N GLU H 50 73.70 40.36 -2.73
CA GLU H 50 73.44 41.67 -3.31
C GLU H 50 73.42 41.59 -4.83
N TRP H 51 72.51 42.34 -5.43
CA TRP H 51 72.46 42.40 -6.88
C TRP H 51 71.76 43.66 -7.34
N THR H 52 71.94 43.92 -8.63
CA THR H 52 71.31 45.03 -9.29
C THR H 52 70.44 44.43 -10.40
N SER H 53 69.13 44.73 -10.37
CA SER H 53 68.21 44.08 -11.28
C SER H 53 68.56 44.40 -12.71
N LYS H 54 68.50 43.40 -13.56
CA LYS H 54 68.82 43.53 -14.97
C LYS H 54 67.56 43.71 -15.80
N TYR H 55 66.49 43.03 -15.38
CA TYR H 55 65.18 43.15 -16.02
C TYR H 55 64.08 43.70 -15.11
N GLY H 56 63.22 44.50 -15.72
CA GLY H 56 62.05 45.01 -15.02
C GLY H 56 60.94 43.94 -14.90
N SER H 57 60.07 44.11 -13.93
CA SER H 57 59.06 43.12 -13.64
C SER H 57 57.80 43.77 -13.14
N VAL H 58 56.71 43.02 -13.28
CA VAL H 58 55.45 43.36 -12.62
C VAL H 58 55.21 42.20 -11.69
N ILE H 59 54.89 42.48 -10.44
CA ILE H 59 54.75 41.43 -9.46
C ILE H 59 53.59 41.66 -8.54
N ALA H 60 53.22 40.59 -7.84
CA ALA H 60 52.15 40.66 -6.86
C ALA H 60 52.78 40.40 -5.50
N SER H 61 52.50 41.30 -4.58
CA SER H 61 53.15 41.32 -3.32
C SER H 61 52.23 40.72 -2.30
N ALA H 62 52.76 40.46 -1.12
CA ALA H 62 51.94 40.12 0.04
C ALA H 62 52.46 40.89 1.24
N PHE H 63 51.54 41.44 2.02
CA PHE H 63 51.89 42.14 3.24
C PHE H 63 52.98 43.18 3.02
N ASP H 64 52.92 43.90 1.92
CA ASP H 64 54.02 44.82 1.58
C ASP H 64 54.15 46.03 2.52
N GLY H 65 53.10 46.31 3.29
CA GLY H 65 53.14 47.34 4.31
C GLY H 65 53.62 46.89 5.70
N ARG H 66 54.16 45.67 5.83
CA ARG H 66 54.63 45.15 7.15
C ARG H 66 56.09 44.67 7.10
N LYS H 67 56.96 45.35 7.85
CA LYS H 67 58.41 45.07 7.92
C LYS H 67 58.65 43.57 8.11
N GLY H 68 57.83 42.99 8.98
CA GLY H 68 57.97 41.59 9.32
C GLY H 68 57.69 40.56 8.24
N MET H 69 56.84 40.87 7.27
CA MET H 69 56.31 39.78 6.44
C MET H 69 55.92 40.50 5.16
N ALA H 70 56.79 41.28 4.50
CA ALA H 70 56.62 41.67 3.07
C ALA H 70 57.34 40.76 2.08
N SER H 71 56.65 40.31 1.03
CA SER H 71 57.29 39.47 -0.02
C SER H 71 56.75 39.70 -1.43
N THR H 72 57.58 39.31 -2.40
CA THR H 72 57.10 39.10 -3.75
C THR H 72 56.63 37.64 -3.85
N THR H 73 55.35 37.42 -4.19
CA THR H 73 54.74 36.09 -4.29
C THR H 73 54.56 35.58 -5.72
N ASP H 74 54.57 36.47 -6.70
CA ASP H 74 54.18 36.10 -8.04
C ASP H 74 54.58 37.21 -8.96
N GLY H 75 54.94 36.89 -10.19
CA GLY H 75 55.23 37.94 -11.14
C GLY H 75 55.72 37.50 -12.49
N VAL H 76 55.90 38.46 -13.39
CA VAL H 76 56.52 38.19 -14.70
C VAL H 76 57.42 39.36 -15.03
N ASN H 77 58.53 39.07 -15.66
CA ASN H 77 59.47 40.12 -16.08
C ASN H 77 59.37 40.43 -17.58
N GLU H 78 60.07 41.46 -18.00
CA GLU H 78 59.93 41.94 -19.38
C GLU H 78 60.42 40.97 -20.45
N LYS H 79 61.06 39.87 -20.05
CA LYS H 79 61.49 38.84 -21.01
C LYS H 79 60.54 37.65 -21.11
N GLY H 80 59.48 37.66 -20.32
CA GLY H 80 58.52 36.57 -20.33
C GLY H 80 58.79 35.47 -19.31
N LEU H 81 59.80 35.62 -18.48
CA LEU H 81 59.99 34.71 -17.38
C LEU H 81 58.94 35.00 -16.32
N ALA H 82 58.19 33.99 -15.94
CA ALA H 82 57.27 34.11 -14.82
C ALA H 82 57.70 33.31 -13.60
N ALA H 83 57.42 33.82 -12.41
CA ALA H 83 57.81 33.11 -11.18
C ALA H 83 56.67 33.12 -10.20
N ASN H 84 56.50 32.00 -9.51
CA ASN H 84 55.47 31.88 -8.48
C ASN H 84 56.03 31.24 -7.25
N VAL H 85 55.68 31.84 -6.13
CA VAL H 85 56.04 31.31 -4.86
C VAL H 85 54.80 30.63 -4.32
N LEU H 86 54.86 29.30 -4.26
CA LEU H 86 53.73 28.56 -3.75
C LEU H 86 53.79 28.37 -2.26
N TRP H 87 52.78 28.82 -1.56
CA TRP H 87 52.73 28.76 -0.10
C TRP H 87 52.17 27.44 0.45
N LEU H 88 52.32 27.24 1.77
CA LEU H 88 51.97 25.99 2.46
C LEU H 88 52.65 24.78 1.84
N ALA H 89 53.94 24.91 1.54
CA ALA H 89 54.74 23.78 1.05
C ALA H 89 55.32 22.99 2.23
N GLU H 90 56.05 21.91 1.94
CA GLU H 90 56.68 21.12 2.97
C GLU H 90 58.15 21.14 2.62
N SER H 91 58.77 22.30 2.78
CA SER H 91 60.19 22.46 2.54
C SER H 91 60.94 22.51 3.89
N GLU H 92 62.17 22.02 3.88
CA GLU H 92 63.08 22.18 5.01
C GLU H 92 64.29 22.88 4.40
N TYR H 93 64.51 24.14 4.78
CA TYR H 93 65.58 24.95 4.19
C TYR H 93 66.94 24.60 4.78
N PRO H 94 68.03 25.03 4.13
CA PRO H 94 69.34 24.63 4.64
C PRO H 94 69.59 24.98 6.11
N LYS H 95 70.36 24.13 6.78
CA LYS H 95 70.80 24.38 8.15
C LYS H 95 71.96 25.37 8.11
N THR H 96 72.82 25.17 7.11
CA THR H 96 74.08 25.91 6.97
C THR H 96 73.84 27.43 7.03
N LYS H 97 74.72 28.14 7.75
CA LYS H 97 74.55 29.58 7.95
C LYS H 97 75.18 30.35 6.78
N PRO H 98 74.64 31.53 6.46
CA PRO H 98 75.23 32.33 5.38
C PRO H 98 76.63 32.84 5.71
N THR H 99 77.51 32.79 4.70
CA THR H 99 78.92 33.21 4.77
C THR H 99 79.16 34.23 3.64
N ALA H 100 79.96 35.29 3.79
CA ALA H 100 80.22 36.20 2.66
C ALA H 100 80.74 35.33 1.50
N LYS H 101 80.00 35.23 0.39
CA LYS H 101 80.29 34.18 -0.65
C LYS H 101 80.41 32.69 -0.17
N LYS H 102 79.39 32.10 0.46
CA LYS H 102 77.97 31.98 0.05
C LYS H 102 76.94 32.75 0.91
N PRO H 103 76.54 33.95 0.46
CA PRO H 103 75.65 34.81 1.28
C PRO H 103 74.17 34.41 1.27
N GLY H 104 73.41 35.04 2.15
CA GLY H 104 72.01 34.68 2.36
C GLY H 104 71.02 35.42 1.48
N LEU H 105 69.95 34.73 1.10
CA LEU H 105 68.83 35.33 0.38
C LEU H 105 67.53 35.00 1.10
N SER H 106 66.84 36.03 1.57
CA SER H 106 65.57 35.79 2.23
C SER H 106 64.53 35.16 1.29
N VAL H 107 63.69 34.30 1.87
CA VAL H 107 62.65 33.64 1.08
C VAL H 107 61.73 34.64 0.46
N ALA H 108 61.51 35.73 1.18
CA ALA H 108 60.63 36.79 0.71
C ALA H 108 61.05 37.40 -0.64
N ALA H 109 62.33 37.29 -0.97
CA ALA H 109 62.84 37.93 -2.17
C ALA H 109 63.22 36.92 -3.21
N TRP H 110 62.97 35.67 -2.90
CA TRP H 110 63.47 34.58 -3.74
C TRP H 110 62.98 34.72 -5.19
N ALA H 111 61.67 34.90 -5.38
CA ALA H 111 61.12 35.06 -6.73
C ALA H 111 61.60 36.35 -7.41
N GLN H 112 61.70 37.41 -6.62
CA GLN H 112 62.15 38.70 -7.14
C GLN H 112 63.56 38.62 -7.67
N TYR H 113 64.42 37.92 -6.95
CA TYR H 113 65.78 37.70 -7.37
C TYR H 113 65.77 37.06 -8.76
N VAL H 114 64.97 36.01 -8.93
CA VAL H 114 64.96 35.30 -10.20
C VAL H 114 64.43 36.17 -11.34
N LEU H 115 63.30 36.84 -11.09
CA LEU H 115 62.70 37.74 -12.09
C LEU H 115 63.64 38.87 -12.45
N ASP H 116 64.39 39.37 -11.48
CA ASP H 116 65.32 40.47 -11.71
C ASP H 116 66.51 40.10 -12.61
N ASN H 117 66.92 38.84 -12.60
CA ASN H 117 68.24 38.47 -13.16
C ASN H 117 68.24 37.59 -14.40
N PHE H 118 67.16 36.87 -14.65
CA PHE H 118 67.21 35.88 -15.71
C PHE H 118 66.09 36.08 -16.69
N ALA H 119 66.34 35.68 -17.93
CA ALA H 119 65.40 35.87 -19.01
C ALA H 119 64.64 34.60 -19.35
N THR H 120 65.19 33.44 -19.00
CA THR H 120 64.53 32.17 -19.30
C THR H 120 64.66 31.20 -18.14
N VAL H 121 63.85 30.15 -18.17
CA VAL H 121 63.87 29.16 -17.13
C VAL H 121 65.25 28.51 -17.11
N ASP H 122 65.73 28.17 -18.30
CA ASP H 122 67.03 27.55 -18.47
C ASP H 122 68.17 28.36 -17.85
N GLU H 123 68.22 29.64 -18.20
CA GLU H 123 69.19 30.57 -17.64
C GLU H 123 69.13 30.53 -16.12
N ALA H 124 67.92 30.61 -15.58
CA ALA H 124 67.72 30.65 -14.13
C ALA H 124 68.13 29.34 -13.46
N VAL H 125 67.84 28.23 -14.13
CA VAL H 125 68.16 26.93 -13.58
C VAL H 125 69.68 26.80 -13.53
N LYS H 126 70.37 27.18 -14.61
CA LYS H 126 71.84 27.09 -14.67
C LYS H 126 72.48 27.87 -13.53
N SER H 127 71.97 29.06 -13.27
CA SER H 127 72.49 29.87 -12.19
C SER H 127 72.14 29.31 -10.81
N LEU H 128 70.93 28.78 -10.66
CA LEU H 128 70.51 28.30 -9.35
C LEU H 128 71.29 27.05 -8.96
N GLN H 129 71.62 26.25 -9.97
CA GLN H 129 72.39 25.03 -9.76
C GLN H 129 73.74 25.31 -9.12
N GLN H 130 74.32 26.46 -9.42
CA GLN H 130 75.60 26.85 -8.82
C GLN H 130 75.52 27.19 -7.35
N GLU H 131 74.32 27.21 -6.79
CA GLU H 131 74.16 27.40 -5.37
C GLU H 131 74.94 28.59 -4.87
N LYS H 132 74.76 29.73 -5.51
CA LYS H 132 75.49 30.96 -5.16
C LYS H 132 75.08 31.59 -3.86
N PHE H 133 74.05 31.05 -3.21
CA PHE H 133 73.51 31.67 -2.02
C PHE H 133 72.79 30.63 -1.17
N ILE H 134 72.51 31.00 0.06
CA ILE H 134 71.77 30.16 0.98
C ILE H 134 70.44 30.82 1.20
N LEU H 135 69.38 30.06 1.04
CA LEU H 135 68.06 30.57 1.24
C LEU H 135 67.81 30.56 2.75
N VAL H 136 67.30 31.65 3.29
CA VAL H 136 66.97 31.71 4.71
C VAL H 136 65.54 32.17 4.96
N THR H 137 65.03 31.83 6.14
CA THR H 137 63.73 32.29 6.64
C THR H 137 63.84 32.49 8.19
N LYS H 138 62.71 32.61 8.91
CA LYS H 138 62.48 32.22 10.39
C LYS H 138 62.47 33.39 11.43
N GLN H 139 61.91 34.52 11.02
CA GLN H 139 62.06 35.75 11.79
C GLN H 139 61.00 35.99 12.91
N VAL H 140 59.75 35.51 12.76
CA VAL H 140 58.65 35.84 13.72
C VAL H 140 58.58 34.89 14.92
N GLU H 141 57.88 35.33 15.97
CA GLU H 141 57.45 34.43 17.05
C GLU H 141 56.29 33.56 16.53
N GLY H 142 55.19 34.23 16.14
CA GLY H 142 54.02 33.57 15.54
C GLY H 142 53.15 32.85 16.54
N GLN H 143 51.90 32.59 16.16
CA GLN H 143 50.92 31.89 16.99
C GLN H 143 51.37 30.43 17.14
N LYS H 144 51.73 29.76 16.03
CA LYS H 144 52.42 28.42 16.03
C LYS H 144 53.56 28.39 14.96
N ARG H 145 54.71 27.84 15.36
CA ARG H 145 56.01 28.00 14.59
C ARG H 145 56.35 27.12 13.32
N LEU H 146 55.68 27.45 12.21
CA LEU H 146 55.95 26.85 10.88
C LEU H 146 55.46 27.75 9.69
N ALA H 147 56.23 27.85 8.61
CA ALA H 147 55.76 28.45 7.34
C ALA H 147 56.63 27.98 6.12
N THR H 148 56.18 27.73 4.88
CA THR H 148 57.12 27.20 3.90
C THR H 148 56.61 27.38 2.48
N LEU H 149 57.51 27.28 1.51
CA LEU H 149 57.16 27.54 0.12
C LEU H 149 58.18 26.97 -0.84
N HIS H 150 57.76 26.80 -2.09
CA HIS H 150 58.70 26.52 -3.17
C HIS H 150 58.42 27.38 -4.40
N LEU H 151 59.33 27.32 -5.36
CA LEU H 151 59.36 28.28 -6.42
C LEU H 151 59.16 27.58 -7.72
N SER H 152 58.15 28.01 -8.46
CA SER H 152 57.92 27.49 -9.79
C SER H 152 58.21 28.58 -10.81
N LEU H 153 58.73 28.17 -11.96
CA LEU H 153 59.13 29.09 -13.02
C LEU H 153 58.61 28.68 -14.38
N SER H 154 58.38 29.66 -15.25
CA SER H 154 57.99 29.38 -16.65
C SER H 154 58.39 30.49 -17.63
N ASP H 155 58.38 30.15 -18.91
CA ASP H 155 59.04 30.86 -20.03
C ASP H 155 58.10 31.20 -21.13
N SER H 156 58.55 32.06 -22.02
CA SER H 156 57.85 32.27 -23.29
C SER H 156 58.04 31.10 -24.22
N SER H 157 59.07 30.30 -23.97
CA SER H 157 59.29 29.06 -24.75
C SER H 157 58.45 27.92 -24.23
N GLY H 158 57.69 28.14 -23.15
CA GLY H 158 56.85 27.09 -22.56
C GLY H 158 57.59 26.18 -21.59
N ASP H 159 58.85 26.50 -21.32
CA ASP H 159 59.67 25.71 -20.43
C ASP H 159 59.16 25.91 -19.01
N SER H 160 59.42 24.93 -18.15
CA SER H 160 59.01 24.96 -16.74
C SER H 160 60.10 24.43 -15.85
N ALA H 161 60.13 24.92 -14.62
CA ALA H 161 60.99 24.33 -13.60
C ALA H 161 60.39 24.59 -12.23
N ILE H 162 60.77 23.76 -11.27
CA ILE H 162 60.41 23.97 -9.88
C ILE H 162 61.65 23.73 -9.03
N ILE H 163 61.77 24.53 -7.98
CA ILE H 163 62.89 24.47 -7.07
C ILE H 163 62.38 24.33 -5.67
N GLU H 164 62.81 23.28 -4.97
CA GLU H 164 62.39 23.02 -3.59
C GLU H 164 63.59 22.79 -2.72
N TYR H 165 63.36 22.86 -1.41
CA TYR H 165 64.35 22.53 -0.41
C TYR H 165 63.86 21.37 0.44
N ILE H 166 64.48 20.20 0.22
CA ILE H 166 64.09 18.97 0.89
C ILE H 166 65.29 18.49 1.66
N ASP H 167 65.10 18.20 2.94
CA ASP H 167 66.20 17.84 3.86
C ASP H 167 67.34 18.87 3.76
N GLY H 168 67.01 20.15 3.71
CA GLY H 168 68.02 21.21 3.61
C GLY H 168 68.74 21.32 2.27
N LYS H 169 68.44 20.44 1.31
CA LYS H 169 69.12 20.44 0.03
C LYS H 169 68.24 20.99 -1.10
N GLN H 170 68.87 21.71 -2.02
CA GLN H 170 68.18 22.27 -3.17
C GLN H 170 67.89 21.17 -4.17
N VAL H 171 66.60 21.01 -4.48
CA VAL H 171 66.18 20.03 -5.48
C VAL H 171 65.49 20.75 -6.64
N ILE H 172 65.97 20.50 -7.86
CA ILE H 172 65.44 21.14 -9.04
C ILE H 172 64.91 20.14 -10.05
N HIS H 173 63.67 20.35 -10.46
CA HIS H 173 63.09 19.62 -11.58
C HIS H 173 62.84 20.58 -12.71
N HIS H 174 63.42 20.30 -13.88
CA HIS H 174 63.39 21.20 -15.00
C HIS H 174 63.00 20.46 -16.29
N SER H 175 61.82 20.78 -16.82
CA SER H 175 61.37 20.14 -18.04
C SER H 175 60.10 20.80 -18.52
N LYS H 176 60.01 20.96 -19.83
CA LYS H 176 58.80 21.45 -20.44
C LYS H 176 57.58 20.56 -20.13
N ASN H 177 57.83 19.30 -19.78
CA ASN H 177 56.76 18.39 -19.42
C ASN H 177 56.15 18.65 -18.06
N TYR H 178 56.79 19.45 -17.21
CA TYR H 178 56.27 19.70 -15.87
C TYR H 178 55.26 20.86 -15.88
N GLN H 179 54.11 20.59 -16.46
CA GLN H 179 53.12 21.61 -16.68
C GLN H 179 52.34 22.00 -15.44
N VAL H 180 52.21 21.09 -14.47
CA VAL H 180 51.39 21.33 -13.32
C VAL H 180 52.17 21.16 -12.05
N MET H 181 51.94 22.04 -11.10
CA MET H 181 52.62 22.08 -9.82
C MET H 181 51.67 22.58 -8.74
N THR H 182 51.64 21.88 -7.62
CA THR H 182 50.85 22.29 -6.48
C THR H 182 51.80 22.55 -5.36
N ASN H 183 51.28 23.08 -4.27
CA ASN H 183 52.10 23.39 -3.12
C ASN H 183 52.55 22.16 -2.34
N SER H 184 51.82 21.08 -2.46
CA SER H 184 52.07 19.86 -1.75
C SER H 184 51.58 18.72 -2.61
N PRO H 185 52.15 17.55 -2.44
CA PRO H 185 53.29 17.08 -1.70
C PRO H 185 54.56 17.48 -2.45
N THR H 186 55.72 16.91 -2.13
CA THR H 186 56.92 17.28 -2.87
C THR H 186 56.76 16.92 -4.33
N PHE H 187 57.53 17.57 -5.17
CA PHE H 187 57.32 17.38 -6.58
C PHE H 187 57.61 15.94 -7.05
N ASP H 188 58.56 15.25 -6.43
CA ASP H 188 58.83 13.85 -6.79
C ASP H 188 57.57 13.03 -6.64
N GLN H 189 56.83 13.30 -5.58
CA GLN H 189 55.57 12.62 -5.36
C GLN H 189 54.50 13.12 -6.33
N GLN H 190 54.47 14.42 -6.58
CA GLN H 190 53.52 14.98 -7.55
C GLN H 190 53.58 14.26 -8.88
N LEU H 191 54.79 13.96 -9.33
CA LEU H 191 55.01 13.31 -10.59
C LEU H 191 54.37 11.94 -10.78
N THR H 192 53.93 11.31 -9.70
CA THR H 192 53.36 9.99 -9.80
C THR H 192 51.83 10.02 -9.61
N LEU H 193 51.27 11.18 -9.27
CA LEU H 193 49.87 11.28 -8.84
C LEU H 193 48.86 11.05 -9.95
N ASN H 194 49.24 11.36 -11.18
CA ASN H 194 48.37 11.16 -12.32
C ASN H 194 48.23 9.75 -12.82
N ALA H 195 49.23 8.92 -12.57
CA ALA H 195 49.29 7.63 -13.24
C ALA H 195 47.97 6.89 -13.14
N TYR H 196 47.45 6.75 -11.93
CA TYR H 196 46.20 5.99 -11.78
C TYR H 196 45.13 6.59 -12.70
N TRP H 197 44.99 7.90 -12.62
CA TRP H 197 43.92 8.60 -13.30
C TRP H 197 44.12 8.61 -14.83
N ASP H 198 45.37 8.54 -15.30
CA ASP H 198 45.63 8.33 -16.74
C ASP H 198 45.20 6.96 -17.22
N GLN H 199 45.39 5.95 -16.39
CA GLN H 199 44.96 4.58 -16.68
C GLN H 199 43.48 4.49 -16.94
N ILE H 200 42.66 5.01 -16.02
CA ILE H 200 41.23 5.07 -16.25
C ILE H 200 41.05 6.40 -16.93
N GLY H 201 39.93 6.67 -17.56
CA GLY H 201 39.84 8.04 -18.11
C GLY H 201 39.68 9.18 -17.08
N GLY H 202 40.15 10.38 -17.37
CA GLY H 202 39.70 11.56 -16.61
C GLY H 202 38.26 11.92 -16.93
N ASN H 203 37.82 11.52 -18.13
CA ASN H 203 36.41 11.65 -18.52
C ASN H 203 35.54 10.65 -17.78
N VAL H 204 36.17 9.61 -17.26
CA VAL H 204 35.50 8.58 -16.49
C VAL H 204 35.30 9.01 -15.03
N MET H 205 36.37 9.40 -14.38
CA MET H 205 36.26 9.97 -13.07
C MET H 205 37.43 10.85 -12.74
N LEU H 206 37.19 11.85 -11.88
CA LEU H 206 38.25 12.64 -11.26
C LEU H 206 37.92 12.86 -9.79
N PRO H 207 38.95 13.02 -8.96
CA PRO H 207 38.72 13.35 -7.57
C PRO H 207 38.33 14.81 -7.45
N GLY H 208 37.32 15.13 -6.65
CA GLY H 208 36.79 16.49 -6.60
C GLY H 208 36.90 17.27 -5.31
N THR H 209 37.91 17.02 -4.52
CA THR H 209 38.08 17.70 -3.23
C THR H 209 39.07 18.87 -3.39
N ASN H 210 39.31 19.64 -2.33
CA ASN H 210 40.33 20.67 -2.33
C ASN H 210 41.74 20.21 -1.95
N ARG H 211 41.92 18.91 -1.77
CA ARG H 211 43.24 18.36 -1.47
C ARG H 211 44.19 18.71 -2.57
N ALA H 212 45.44 19.01 -2.21
CA ALA H 212 46.42 19.28 -3.22
C ALA H 212 46.52 18.17 -4.25
N ALA H 213 46.43 16.93 -3.81
CA ALA H 213 46.51 15.86 -4.80
C ALA H 213 45.38 15.96 -5.83
N ASP H 214 44.19 16.29 -5.37
CA ASP H 214 43.03 16.32 -6.25
C ASP H 214 43.18 17.46 -7.25
N ARG H 215 43.64 18.59 -6.77
CA ARG H 215 43.79 19.79 -7.58
C ARG H 215 44.82 19.53 -8.63
N PHE H 216 45.89 18.86 -8.24
CA PHE H 216 46.94 18.52 -9.17
C PHE H 216 46.38 17.62 -10.29
N VAL H 217 45.59 16.64 -9.89
CA VAL H 217 45.07 15.65 -10.81
C VAL H 217 44.07 16.29 -11.79
N ARG H 218 43.20 17.13 -11.26
CA ARG H 218 42.17 17.78 -12.07
C ARG H 218 42.82 18.70 -13.09
N ALA H 219 43.79 19.46 -12.63
CA ALA H 219 44.44 20.43 -13.48
C ALA H 219 45.25 19.73 -14.54
N SER H 220 45.91 18.64 -14.16
CA SER H 220 46.70 17.88 -15.14
C SER H 220 45.78 17.34 -16.21
N PHE H 221 44.61 16.85 -15.82
CA PHE H 221 43.73 16.30 -16.81
C PHE H 221 43.27 17.38 -17.80
N TYR H 222 42.78 18.50 -17.28
CA TYR H 222 42.19 19.51 -18.15
C TYR H 222 43.22 20.13 -19.06
N VAL H 223 44.42 20.28 -18.55
CA VAL H 223 45.49 20.89 -19.31
C VAL H 223 45.89 20.06 -20.52
N LYS H 224 45.77 18.75 -20.43
CA LYS H 224 46.11 17.86 -21.53
C LYS H 224 44.92 17.57 -22.43
N ASN H 225 43.69 17.71 -21.94
CA ASN H 225 42.55 17.23 -22.69
C ASN H 225 41.58 18.29 -23.19
N VAL H 226 41.81 19.56 -22.89
CA VAL H 226 40.93 20.57 -23.33
C VAL H 226 41.56 21.30 -24.49
N ASN H 227 40.93 21.24 -25.68
CA ASN H 227 41.35 22.10 -26.82
C ASN H 227 40.20 22.98 -27.28
N PRO H 228 40.26 24.28 -26.97
CA PRO H 228 39.22 25.21 -27.37
C PRO H 228 39.32 25.61 -28.85
N ASN H 229 40.41 25.23 -29.51
CA ASN H 229 40.67 25.59 -30.89
C ASN H 229 40.63 24.38 -31.80
N LYS H 230 39.90 23.35 -31.37
CA LYS H 230 39.58 22.20 -32.23
C LYS H 230 38.91 22.72 -33.47
N LEU H 231 39.21 22.15 -34.63
CA LEU H 231 38.42 22.44 -35.81
C LEU H 231 37.07 21.78 -35.68
N ILE H 232 36.04 22.55 -35.93
CA ILE H 232 34.69 22.07 -35.90
C ILE H 232 34.23 22.63 -37.29
N PRO H 233 34.56 21.97 -38.51
CA PRO H 233 34.42 22.60 -40.00
C PRO H 233 33.04 23.15 -40.90
N GLY H 234 32.03 24.04 -40.55
CA GLY H 234 31.01 24.15 -39.43
C GLY H 234 30.87 25.56 -38.82
N VAL H 235 31.99 25.89 -38.20
CA VAL H 235 32.32 27.20 -37.66
C VAL H 235 33.71 27.54 -38.21
N ALA H 236 33.85 28.70 -38.82
CA ALA H 236 35.12 29.08 -39.44
C ALA H 236 36.28 28.83 -38.48
N GLU H 237 37.39 28.27 -38.99
CA GLU H 237 38.64 28.23 -38.23
C GLU H 237 38.89 29.64 -37.74
N LYS H 238 39.41 29.79 -36.53
CA LYS H 238 39.61 31.12 -36.01
C LYS H 238 40.96 31.71 -36.41
N GLY H 239 41.01 33.04 -36.37
CA GLY H 239 42.25 33.78 -36.53
C GLY H 239 43.12 33.64 -35.29
N LYS H 240 44.41 33.92 -35.47
CA LYS H 240 45.37 33.93 -34.38
C LYS H 240 44.88 34.62 -33.12
N ILE H 241 44.28 35.79 -33.27
CA ILE H 241 43.88 36.56 -32.09
C ILE H 241 42.76 35.84 -31.33
N GLU H 242 41.80 35.31 -32.06
CA GLU H 242 40.69 34.61 -31.45
C GLU H 242 41.15 33.30 -30.78
N LYS H 243 42.16 32.66 -31.35
CA LYS H 243 42.71 31.46 -30.77
C LYS H 243 43.42 31.76 -29.46
N ASP H 244 44.16 32.86 -29.47
CA ASP H 244 44.84 33.35 -28.28
C ASP H 244 43.87 33.60 -27.17
N LYS H 245 42.80 34.34 -27.47
CA LYS H 245 41.80 34.66 -26.47
C LYS H 245 41.14 33.43 -25.91
N ALA H 246 40.96 32.40 -26.75
CA ALA H 246 40.27 31.20 -26.33
C ALA H 246 41.18 30.43 -25.37
N ASP H 247 42.47 30.40 -25.68
CA ASP H 247 43.43 29.79 -24.80
C ASP H 247 43.42 30.48 -23.45
N LEU H 248 43.30 31.79 -23.47
CA LEU H 248 43.24 32.55 -22.25
C LEU H 248 42.01 32.13 -21.43
N ALA H 249 40.88 32.00 -22.10
CA ALA H 249 39.66 31.60 -21.40
C ALA H 249 39.76 30.19 -20.81
N THR H 250 40.41 29.31 -21.55
CA THR H 250 40.62 27.94 -21.10
C THR H 250 41.49 27.93 -19.82
N ALA H 251 42.63 28.61 -19.88
CA ALA H 251 43.51 28.70 -18.72
C ALA H 251 42.76 29.27 -17.51
N PHE H 252 42.02 30.35 -17.70
CA PHE H 252 41.25 30.90 -16.59
C PHE H 252 40.28 29.88 -16.02
N SER H 253 39.64 29.10 -16.88
CA SER H 253 38.60 28.23 -16.38
C SER H 253 39.21 27.07 -15.56
N ILE H 254 40.41 26.65 -15.94
CA ILE H 254 41.07 25.50 -15.32
C ILE H 254 41.59 25.90 -13.95
N ILE H 255 42.20 27.08 -13.88
CA ILE H 255 42.67 27.57 -12.58
C ILE H 255 41.49 27.84 -11.64
N ARG H 256 40.38 28.28 -12.19
CA ARG H 256 39.18 28.45 -11.34
C ARG H 256 38.69 27.10 -10.83
N ASN H 257 38.73 26.09 -11.70
CA ASN H 257 38.31 24.75 -11.33
C ASN H 257 39.17 24.18 -10.23
N ALA H 258 40.45 24.54 -10.19
CA ALA H 258 41.39 24.06 -9.16
C ALA H 258 41.43 24.95 -7.94
N SER H 259 40.63 25.98 -7.92
CA SER H 259 40.63 26.82 -6.75
C SER H 259 39.85 26.20 -5.63
N VAL H 260 40.06 26.74 -4.44
CA VAL H 260 39.40 26.32 -3.24
C VAL H 260 38.34 27.33 -2.86
N PRO H 261 37.09 26.90 -2.74
CA PRO H 261 36.01 27.81 -2.39
C PRO H 261 36.30 28.68 -1.19
N TYR H 262 35.84 29.91 -1.24
CA TYR H 262 36.14 30.90 -0.23
C TYR H 262 35.36 30.66 1.07
N GLY H 263 36.11 30.50 2.15
CA GLY H 263 35.57 30.18 3.45
C GLY H 263 35.78 28.73 3.86
N TYR H 264 36.17 27.87 2.91
CA TYR H 264 36.35 26.46 3.19
C TYR H 264 37.59 26.28 4.05
N SER H 265 37.48 25.45 5.09
CA SER H 265 38.63 25.07 5.91
C SER H 265 38.39 23.73 6.58
N LEU H 266 39.47 22.99 6.74
CA LEU H 266 39.40 21.65 7.31
C LEU H 266 40.46 21.53 8.40
N PRO H 267 40.02 21.48 9.68
CA PRO H 267 40.98 21.46 10.81
C PRO H 267 42.07 20.39 10.68
N ASP H 268 41.70 19.19 10.26
CA ASP H 268 42.70 18.13 10.02
C ASP H 268 43.76 18.46 8.97
N MET H 269 43.41 19.29 7.98
CA MET H 269 44.36 19.66 6.91
C MET H 269 44.49 21.18 6.81
N PRO H 270 45.38 21.76 7.63
CA PRO H 270 45.62 23.20 7.62
C PRO H 270 46.34 23.73 6.36
N ASN H 271 46.87 22.83 5.51
CA ASN H 271 47.50 23.24 4.25
C ASN H 271 46.50 23.44 3.05
N ILE H 272 45.21 23.39 3.36
CA ILE H 272 44.13 23.72 2.43
C ILE H 272 43.51 25.02 2.88
N ALA H 273 43.42 25.98 1.97
CA ALA H 273 42.84 27.27 2.28
C ALA H 273 42.14 27.92 1.11
N SER H 274 41.21 28.81 1.42
CA SER H 274 40.56 29.64 0.46
C SER H 274 41.50 30.20 -0.58
N THR H 275 41.14 30.04 -1.85
CA THR H 275 41.80 30.79 -2.91
C THR H 275 41.35 32.23 -2.80
N ARG H 276 42.32 33.12 -2.73
CA ARG H 276 42.04 34.54 -2.58
C ARG H 276 42.20 35.30 -3.88
N TRP H 277 43.11 34.84 -4.72
CA TRP H 277 43.26 35.45 -6.02
C TRP H 277 43.95 34.53 -6.97
N ARG H 278 43.94 34.92 -8.24
CA ARG H 278 44.55 34.16 -9.30
C ARG H 278 45.30 35.13 -10.20
N THR H 279 46.41 34.68 -10.77
CA THR H 279 47.04 35.41 -11.80
C THR H 279 47.14 34.54 -13.04
N VAL H 280 47.19 35.20 -14.20
CA VAL H 280 47.43 34.51 -15.47
C VAL H 280 48.43 35.32 -16.29
N VAL H 281 49.44 34.63 -16.82
CA VAL H 281 50.49 35.26 -17.60
C VAL H 281 50.38 34.82 -19.03
N ASP H 282 50.16 35.78 -19.92
CA ASP H 282 50.27 35.54 -21.36
C ASP H 282 51.68 35.97 -21.78
N HIS H 283 52.55 34.99 -21.93
CA HIS H 283 53.96 35.26 -22.12
C HIS H 283 54.27 36.02 -23.41
N LYS H 284 53.66 35.60 -24.52
CA LYS H 284 53.92 36.23 -25.81
C LYS H 284 53.48 37.67 -25.88
N SER H 285 52.30 37.97 -25.36
CA SER H 285 51.83 39.36 -25.31
C SER H 285 52.38 40.13 -24.12
N LEU H 286 53.11 39.44 -23.24
CA LEU H 286 53.58 39.99 -21.97
C LEU H 286 52.47 40.70 -21.23
N GLN H 287 51.36 40.00 -21.02
CA GLN H 287 50.26 40.55 -20.24
C GLN H 287 50.11 39.73 -18.96
N TYR H 288 49.99 40.45 -17.85
CA TYR H 288 49.83 39.88 -16.55
C TYR H 288 48.43 40.20 -16.03
N PHE H 289 47.61 39.16 -15.86
CA PHE H 289 46.23 39.32 -15.36
C PHE H 289 46.17 39.04 -13.88
N PHE H 290 45.34 39.79 -13.20
CA PHE H 290 45.06 39.57 -11.81
C PHE H 290 43.55 39.54 -11.60
N GLU H 291 43.11 38.65 -10.73
CA GLU H 291 41.72 38.37 -10.48
C GLU H 291 41.61 38.15 -8.98
N SER H 292 40.75 38.91 -8.32
CA SER H 292 40.49 38.65 -6.92
C SER H 292 39.36 37.64 -6.81
N ALA H 293 39.48 36.72 -5.85
CA ALA H 293 38.37 35.84 -5.50
C ALA H 293 37.59 36.32 -4.31
N VAL H 294 38.01 37.43 -3.75
CA VAL H 294 37.39 38.01 -2.56
C VAL H 294 36.49 39.17 -2.92
N SER H 295 36.93 39.95 -3.89
CA SER H 295 36.16 41.08 -4.37
C SER H 295 36.03 40.96 -5.87
N PRO H 296 34.96 41.51 -6.46
CA PRO H 296 34.89 41.56 -7.91
C PRO H 296 35.93 42.49 -8.52
N ASN H 297 36.94 41.92 -9.16
CA ASN H 297 38.07 42.69 -9.65
C ASN H 297 38.88 41.81 -10.56
N ILE H 298 38.82 42.10 -11.87
CA ILE H 298 39.70 41.46 -12.84
C ILE H 298 40.20 42.48 -13.85
N PHE H 299 41.50 42.44 -14.11
CA PHE H 299 42.12 43.40 -14.99
C PHE H 299 43.48 42.88 -15.37
N TRP H 300 44.17 43.56 -16.27
CA TRP H 300 45.50 43.11 -16.62
C TRP H 300 46.47 44.24 -16.80
N VAL H 301 47.75 43.89 -16.90
CA VAL H 301 48.83 44.84 -17.01
C VAL H 301 49.69 44.45 -18.20
N ASP H 302 49.80 45.35 -19.16
CA ASP H 302 50.52 45.10 -20.38
C ASP H 302 51.95 45.62 -20.26
N LEU H 303 52.90 44.71 -20.14
CA LEU H 303 54.28 45.08 -19.94
C LEU H 303 54.85 45.82 -21.15
N LYS H 304 54.28 45.61 -22.33
CA LYS H 304 54.70 46.40 -23.49
C LYS H 304 54.33 47.87 -23.38
N LYS H 305 53.49 48.25 -22.47
CA LYS H 305 53.10 49.65 -22.34
C LYS H 305 53.79 50.33 -21.20
N ILE H 306 54.74 49.65 -20.58
CA ILE H 306 55.41 50.19 -19.42
C ILE H 306 56.83 50.46 -19.81
N ASN H 307 57.36 51.59 -19.35
CA ASN H 307 58.79 51.88 -19.51
C ASN H 307 59.57 51.39 -18.30
N PHE H 308 60.43 50.40 -18.53
CA PHE H 308 61.14 49.76 -17.42
C PHE H 308 62.52 50.36 -17.18
N ALA H 309 62.82 51.45 -17.87
CA ALA H 309 64.08 52.15 -17.68
C ALA H 309 64.16 52.67 -16.25
N PRO H 310 65.40 52.81 -15.72
CA PRO H 310 65.63 53.18 -14.33
C PRO H 310 64.93 54.47 -13.95
N ARG H 311 64.49 54.58 -12.71
CA ARG H 311 63.81 55.76 -12.22
C ARG H 311 64.47 56.28 -10.95
N GLY H 312 65.81 56.29 -10.97
CA GLY H 312 66.60 56.73 -9.82
C GLY H 312 66.28 56.00 -8.53
N GLY H 313 65.97 54.70 -8.65
CA GLY H 313 65.72 53.86 -7.47
C GLY H 313 64.29 53.83 -6.96
N SER H 314 63.39 54.53 -7.64
CA SER H 314 61.99 54.45 -7.26
C SER H 314 61.29 53.39 -8.11
N ALA H 315 60.04 53.12 -7.76
CA ALA H 315 59.27 52.05 -8.38
C ALA H 315 57.84 52.55 -8.48
N ALA H 316 56.91 51.67 -8.83
CA ALA H 316 55.50 52.03 -8.85
C ALA H 316 54.62 50.94 -8.25
N LYS H 317 53.47 51.35 -7.75
CA LYS H 317 52.58 50.48 -7.05
C LYS H 317 51.13 50.70 -7.47
N LEU H 318 50.41 49.60 -7.65
CA LEU H 318 48.99 49.61 -7.90
C LEU H 318 48.30 49.16 -6.63
N ASP H 319 47.69 50.10 -5.94
CA ASP H 319 47.06 49.81 -4.67
C ASP H 319 45.71 49.16 -4.89
N LEU H 320 45.58 47.92 -4.40
CA LEU H 320 44.36 47.13 -4.58
C LEU H 320 43.42 47.28 -3.41
N GLY H 321 43.86 47.97 -2.37
CA GLY H 321 42.99 48.30 -1.25
C GLY H 321 42.66 47.14 -0.32
N PRO H 322 41.86 47.40 0.72
CA PRO H 322 41.43 46.31 1.59
C PRO H 322 40.71 45.19 0.82
N ASN H 323 41.13 43.95 1.06
CA ASN H 323 40.56 42.77 0.42
C ASN H 323 40.60 42.79 -1.11
N GLN H 324 41.54 43.56 -1.64
CA GLN H 324 41.69 43.76 -3.08
C GLN H 324 40.39 44.26 -3.76
N SER H 325 39.66 45.11 -3.04
CA SER H 325 38.38 45.63 -3.46
C SER H 325 38.47 46.90 -4.32
N THR H 326 39.65 47.48 -4.47
CA THR H 326 39.74 48.70 -5.27
C THR H 326 39.72 48.30 -6.73
N ILE H 327 38.65 48.65 -7.40
CA ILE H 327 38.36 48.15 -8.75
C ILE H 327 39.17 48.81 -9.86
N TYR H 328 39.80 47.99 -10.69
CA TYR H 328 40.39 48.43 -11.92
C TYR H 328 39.89 47.56 -13.03
N SER H 329 39.84 48.10 -14.23
CA SER H 329 39.25 47.43 -15.38
C SER H 329 40.15 47.62 -16.57
N GLY H 330 40.27 46.62 -17.42
CA GLY H 330 41.06 46.73 -18.63
C GLY H 330 42.53 46.78 -18.32
N GLN H 331 43.31 47.37 -19.21
CA GLN H 331 44.76 47.50 -19.06
C GLN H 331 45.04 48.58 -18.06
N ALA H 332 45.71 48.23 -16.96
CA ALA H 332 45.77 49.09 -15.78
C ALA H 332 47.12 49.73 -15.48
N SER H 333 48.07 49.65 -16.40
CA SER H 333 49.42 50.17 -16.11
C SER H 333 49.39 51.64 -15.75
N GLY H 334 48.46 52.38 -16.34
CA GLY H 334 48.33 53.79 -16.08
C GLY H 334 47.94 54.15 -14.66
N HIS H 335 47.32 53.21 -13.94
CA HIS H 335 46.89 53.50 -12.58
C HIS H 335 47.98 53.23 -11.54
N PHE H 336 49.13 52.72 -11.95
CA PHE H 336 50.25 52.54 -11.01
C PHE H 336 50.80 53.91 -10.60
N LYS H 337 51.13 54.08 -9.33
CA LYS H 337 51.59 55.37 -8.81
C LYS H 337 53.03 55.19 -8.25
N PRO H 338 53.91 56.20 -8.40
CA PRO H 338 55.26 56.14 -7.86
C PRO H 338 55.32 55.80 -6.39
N ALA H 339 56.31 55.01 -6.02
CA ALA H 339 56.54 54.64 -4.63
C ALA H 339 57.89 54.00 -4.49
N GLN H 340 58.40 54.05 -3.27
CA GLN H 340 59.69 53.42 -2.96
C GLN H 340 59.47 51.91 -2.77
N PRO H 341 60.41 51.10 -3.28
CA PRO H 341 60.29 49.66 -3.10
C PRO H 341 60.16 49.30 -1.64
N PHE H 342 59.17 48.47 -1.31
CA PHE H 342 58.99 48.00 0.06
C PHE H 342 60.20 47.18 0.43
N GLU H 343 60.44 47.05 1.73
CA GLU H 343 61.57 46.26 2.23
C GLU H 343 61.14 44.81 2.35
N PHE H 344 61.98 43.89 1.88
CA PHE H 344 61.72 42.46 2.03
C PHE H 344 61.89 42.02 3.47
N ALA H 345 60.98 41.19 3.96
CA ALA H 345 61.13 40.61 5.28
C ALA H 345 62.43 39.80 5.35
N GLY H 346 62.98 39.72 6.57
CA GLY H 346 64.21 39.00 6.85
C GLY H 346 64.82 39.61 8.12
N LEU H 347 66.14 39.54 8.24
CA LEU H 347 66.87 40.05 9.41
C LEU H 347 67.73 41.32 9.15
#